data_7QCB
#
_entry.id   7QCB
#
loop_
_entity.id
_entity.type
_entity.pdbx_description
1 polymer 'Methyltransferase-like 27'
2 non-polymer S-ADENOSYL-L-HOMOCYSTEINE
#
_entity_poly.entity_id   1
_entity_poly.type   'polypeptide(L)'
_entity_poly.pdbx_seq_one_letter_code
;GAMAQEEAGRLPQVLARVGTSHGITDLACKLRFYDDWAPEYDQDVAALKYRAPRLAVDCLSRAFRGSPHDALILDVACGT
GLVAVELQARGFLQVQGVDGSPEMLKQARARGLYHHLSLCTLGQEPLPDPEGTFDAVIIVGALSEGQVPCSAIPELLRVT
KPGGLVCLTTRTNPSNLPYKETLEATLDSLERAGVWECLVTQPVDHWELATSEQETGLGTCANDGFISGIIYLYRKQETV
;
_entity_poly.pdbx_strand_id   A
#
# COMPACT_ATOMS: atom_id res chain seq x y z
N GLY A 1 8.56 19.81 7.67
CA GLY A 1 9.01 18.85 8.72
C GLY A 1 10.37 18.25 8.41
N ALA A 2 10.87 17.40 9.30
CA ALA A 2 12.16 16.77 9.12
C ALA A 2 12.04 15.26 9.03
N MET A 3 12.73 14.66 8.05
CA MET A 3 12.70 13.21 7.87
C MET A 3 11.28 12.70 7.67
N ALA A 4 10.47 13.42 6.92
CA ALA A 4 9.10 13.00 6.66
C ALA A 4 8.30 12.85 7.95
N GLN A 5 8.49 13.77 8.89
CA GLN A 5 7.78 13.72 10.16
C GLN A 5 8.10 12.41 10.90
N GLU A 6 9.40 12.15 11.07
CA GLU A 6 9.88 10.95 11.75
C GLU A 6 9.54 9.67 10.97
N GLU A 7 9.63 9.73 9.65
CA GLU A 7 9.33 8.55 8.83
C GLU A 7 7.94 8.02 9.20
N ALA A 8 6.94 8.86 8.99
CA ALA A 8 5.56 8.49 9.31
C ALA A 8 4.57 9.50 8.75
N GLY A 9 4.80 10.77 9.05
CA GLY A 9 3.90 11.80 8.58
C GLY A 9 4.27 12.39 7.23
N ARG A 10 5.25 11.80 6.52
CA ARG A 10 5.67 12.31 5.22
C ARG A 10 4.48 12.73 4.36
N LEU A 11 3.77 11.77 3.76
CA LEU A 11 2.62 12.10 2.92
C LEU A 11 1.67 13.02 3.66
N PRO A 12 1.31 12.69 4.91
CA PRO A 12 0.42 13.53 5.71
C PRO A 12 0.81 15.00 5.62
N GLN A 13 2.11 15.27 5.49
CA GLN A 13 2.61 16.63 5.35
C GLN A 13 2.01 17.27 4.10
N VAL A 14 1.91 16.49 3.02
CA VAL A 14 1.40 17.01 1.76
C VAL A 14 -0.03 17.53 1.92
N LEU A 15 -0.93 16.77 2.56
CA LEU A 15 -2.30 17.26 2.71
C LEU A 15 -2.24 18.58 3.48
N ALA A 16 -1.37 18.61 4.49
CA ALA A 16 -1.19 19.82 5.28
C ALA A 16 -0.72 20.96 4.38
N ARG A 17 0.31 20.70 3.56
CA ARG A 17 0.84 21.72 2.64
C ARG A 17 -0.12 22.03 1.49
N VAL A 18 -0.84 21.02 0.98
CA VAL A 18 -1.77 21.24 -0.13
C VAL A 18 -2.97 22.06 0.30
N GLY A 19 -3.25 22.10 1.62
CA GLY A 19 -4.39 22.86 2.10
C GLY A 19 -4.34 24.30 1.64
N THR A 20 -3.16 24.92 1.71
CA THR A 20 -3.00 26.30 1.27
C THR A 20 -3.34 26.41 -0.21
N SER A 21 -2.85 25.45 -1.00
CA SER A 21 -3.11 25.42 -2.44
C SER A 21 -2.67 26.74 -3.10
N HIS A 22 -3.15 27.01 -4.31
CA HIS A 22 -2.78 28.20 -5.04
C HIS A 22 -1.28 28.23 -5.31
N GLY A 23 -0.71 27.06 -5.59
CA GLY A 23 0.71 26.95 -5.88
C GLY A 23 0.99 25.76 -6.78
N ILE A 24 0.37 25.75 -7.95
CA ILE A 24 0.55 24.65 -8.88
C ILE A 24 2.01 24.49 -9.27
N THR A 25 2.69 25.62 -9.49
CA THR A 25 4.11 25.58 -9.88
C THR A 25 4.97 24.89 -8.81
N ASP A 26 4.84 25.30 -7.53
CA ASP A 26 5.63 24.69 -6.46
C ASP A 26 5.06 23.34 -6.02
N LEU A 27 3.75 23.21 -5.99
CA LEU A 27 3.13 21.95 -5.59
C LEU A 27 3.68 20.84 -6.50
N ALA A 28 3.91 21.20 -7.78
CA ALA A 28 4.52 20.28 -8.74
C ALA A 28 6.00 20.12 -8.38
N CYS A 29 6.59 21.24 -7.92
CA CYS A 29 8.00 21.27 -7.53
C CYS A 29 8.25 20.26 -6.41
N LYS A 30 7.40 20.30 -5.38
CA LYS A 30 7.55 19.35 -4.27
C LYS A 30 7.43 17.92 -4.76
N LEU A 31 6.41 17.65 -5.58
CA LEU A 31 6.20 16.33 -6.16
C LEU A 31 7.38 15.98 -7.06
N ARG A 32 7.87 16.99 -7.78
CA ARG A 32 9.00 16.85 -8.70
C ARG A 32 10.25 16.38 -7.97
N PHE A 33 10.42 16.84 -6.72
CA PHE A 33 11.58 16.41 -5.93
C PHE A 33 11.41 14.95 -5.54
N TYR A 34 10.17 14.57 -5.20
CA TYR A 34 9.88 13.21 -4.83
C TYR A 34 10.13 12.28 -6.02
N ASP A 35 9.74 12.73 -7.21
CA ASP A 35 9.93 11.95 -8.44
C ASP A 35 11.41 11.86 -8.83
N ASP A 36 12.24 12.77 -8.30
CA ASP A 36 13.66 12.74 -8.61
C ASP A 36 14.23 11.39 -8.16
N TRP A 37 13.95 11.04 -6.91
CA TRP A 37 14.37 9.76 -6.35
C TRP A 37 13.50 8.63 -6.91
N ALA A 38 12.25 8.95 -7.24
CA ALA A 38 11.27 7.98 -7.75
C ALA A 38 11.90 6.83 -8.55
N PRO A 39 12.67 7.13 -9.61
CA PRO A 39 13.28 6.07 -10.43
C PRO A 39 14.21 5.19 -9.60
N GLU A 40 14.82 5.76 -8.57
CA GLU A 40 15.68 5.01 -7.67
C GLU A 40 14.85 4.05 -6.83
N TYR A 41 13.61 4.44 -6.53
CA TYR A 41 12.70 3.59 -5.78
C TYR A 41 12.24 2.40 -6.62
N ASP A 42 12.03 2.61 -7.92
CA ASP A 42 11.57 1.52 -8.78
C ASP A 42 12.56 0.36 -8.72
N GLN A 43 13.82 0.62 -9.04
CA GLN A 43 14.83 -0.44 -9.01
C GLN A 43 14.92 -1.05 -7.60
N ASP A 44 14.60 -0.24 -6.59
CA ASP A 44 14.66 -0.70 -5.21
C ASP A 44 13.71 -1.88 -4.97
N VAL A 45 12.52 -1.85 -5.57
CA VAL A 45 11.57 -2.94 -5.40
C VAL A 45 12.11 -4.24 -6.01
N ALA A 46 12.77 -4.14 -7.16
CA ALA A 46 13.35 -5.33 -7.79
C ALA A 46 14.40 -5.96 -6.87
N ALA A 47 15.20 -5.10 -6.24
CA ALA A 47 16.22 -5.56 -5.30
C ALA A 47 15.57 -6.18 -4.07
N LEU A 48 14.37 -5.70 -3.75
CA LEU A 48 13.60 -6.23 -2.62
C LEU A 48 12.87 -7.52 -3.01
N LYS A 49 12.68 -7.72 -4.33
CA LYS A 49 12.00 -8.90 -4.84
C LYS A 49 10.54 -8.92 -4.40
N TYR A 50 9.82 -7.84 -4.69
CA TYR A 50 8.42 -7.76 -4.33
C TYR A 50 7.57 -8.56 -5.31
N ARG A 51 7.38 -9.84 -5.02
CA ARG A 51 6.58 -10.71 -5.86
C ARG A 51 5.10 -10.32 -5.75
N ALA A 52 4.75 -9.69 -4.63
CA ALA A 52 3.40 -9.24 -4.35
C ALA A 52 2.56 -8.98 -5.60
N PRO A 53 2.93 -8.01 -6.45
CA PRO A 53 2.17 -7.70 -7.66
C PRO A 53 1.79 -8.94 -8.48
N ARG A 54 2.70 -9.90 -8.58
CA ARG A 54 2.40 -11.11 -9.33
C ARG A 54 1.38 -11.99 -8.62
N LEU A 55 1.71 -12.42 -7.40
CA LEU A 55 0.82 -13.27 -6.59
C LEU A 55 -0.33 -12.45 -5.99
N ALA A 56 0.01 -11.24 -5.55
CA ALA A 56 -0.96 -10.33 -4.93
C ALA A 56 -2.19 -10.18 -5.81
N VAL A 57 -2.00 -9.70 -7.04
CA VAL A 57 -3.12 -9.50 -7.95
C VAL A 57 -3.84 -10.83 -8.21
N ASP A 58 -3.09 -11.89 -8.45
CA ASP A 58 -3.67 -13.19 -8.71
C ASP A 58 -4.50 -13.65 -7.50
N CYS A 59 -3.92 -13.52 -6.30
CA CYS A 59 -4.60 -13.94 -5.09
C CYS A 59 -5.91 -13.20 -4.87
N LEU A 60 -5.93 -11.90 -5.16
CA LEU A 60 -7.14 -11.11 -4.96
C LEU A 60 -8.29 -11.67 -5.80
N SER A 61 -8.05 -11.88 -7.08
CA SER A 61 -9.07 -12.43 -7.96
C SER A 61 -9.50 -13.83 -7.51
N ARG A 62 -8.54 -14.63 -7.07
CA ARG A 62 -8.85 -15.99 -6.60
C ARG A 62 -9.81 -15.94 -5.42
N ALA A 63 -9.59 -14.99 -4.51
CA ALA A 63 -10.45 -14.84 -3.34
C ALA A 63 -11.61 -13.89 -3.64
N PHE A 64 -11.44 -13.04 -4.66
CA PHE A 64 -12.46 -12.06 -5.03
C PHE A 64 -13.54 -12.71 -5.88
N ARG A 65 -14.62 -13.15 -5.24
CA ARG A 65 -15.73 -13.78 -5.94
C ARG A 65 -16.34 -12.84 -6.98
N GLY A 66 -16.45 -11.56 -6.61
CA GLY A 66 -17.00 -10.59 -7.54
C GLY A 66 -16.04 -10.30 -8.67
N SER A 67 -16.57 -9.90 -9.81
CA SER A 67 -15.72 -9.60 -10.95
C SER A 67 -15.24 -8.14 -10.91
N PRO A 68 -13.92 -7.93 -11.01
CA PRO A 68 -13.36 -6.57 -11.03
C PRO A 68 -14.00 -5.74 -12.14
N HIS A 69 -14.59 -6.43 -13.12
CA HIS A 69 -15.29 -5.78 -14.22
C HIS A 69 -16.54 -5.06 -13.70
N ASP A 70 -17.36 -5.79 -12.94
CA ASP A 70 -18.59 -5.24 -12.37
C ASP A 70 -18.34 -4.54 -11.04
N ALA A 71 -17.32 -4.98 -10.30
CA ALA A 71 -16.99 -4.37 -9.01
C ALA A 71 -16.16 -3.12 -9.23
N LEU A 72 -16.05 -2.26 -8.22
CA LEU A 72 -15.26 -1.04 -8.35
C LEU A 72 -13.98 -1.16 -7.54
N ILE A 73 -12.85 -1.21 -8.23
CA ILE A 73 -11.54 -1.37 -7.59
C ILE A 73 -10.90 -0.03 -7.23
N LEU A 74 -10.12 -0.03 -6.14
CA LEU A 74 -9.43 1.17 -5.68
C LEU A 74 -7.93 0.96 -5.58
N ASP A 75 -7.16 1.94 -6.05
CA ASP A 75 -5.70 1.88 -5.94
C ASP A 75 -5.22 3.17 -5.28
N VAL A 76 -4.15 3.07 -4.53
CA VAL A 76 -3.62 4.24 -3.85
C VAL A 76 -2.43 4.80 -4.62
N ALA A 77 -1.79 5.82 -4.05
CA ALA A 77 -0.65 6.46 -4.67
C ALA A 77 0.39 5.45 -5.14
N CYS A 78 0.41 4.30 -4.49
CA CYS A 78 1.35 3.25 -4.86
C CYS A 78 0.80 2.36 -5.97
N GLY A 79 -0.20 2.85 -6.71
CA GLY A 79 -0.74 2.09 -7.81
C GLY A 79 0.16 2.23 -9.02
N THR A 80 1.26 1.49 -9.02
CA THR A 80 2.24 1.55 -10.10
C THR A 80 1.60 1.17 -11.43
N GLY A 81 1.98 1.89 -12.48
CA GLY A 81 1.41 1.64 -13.79
C GLY A 81 1.33 0.16 -14.14
N LEU A 82 2.42 -0.57 -13.95
CA LEU A 82 2.44 -2.00 -14.30
C LEU A 82 1.40 -2.79 -13.52
N VAL A 83 1.21 -2.50 -12.24
CA VAL A 83 0.20 -3.24 -11.46
C VAL A 83 -1.17 -3.06 -12.10
N ALA A 84 -1.45 -1.84 -12.56
CA ALA A 84 -2.73 -1.56 -13.21
C ALA A 84 -2.80 -2.26 -14.58
N VAL A 85 -1.70 -2.21 -15.34
CA VAL A 85 -1.66 -2.86 -16.66
C VAL A 85 -1.89 -4.36 -16.48
N GLU A 86 -1.28 -4.92 -15.44
CA GLU A 86 -1.47 -6.32 -15.10
C GLU A 86 -2.89 -6.50 -14.58
N LEU A 87 -3.34 -5.50 -13.80
CA LEU A 87 -4.69 -5.50 -13.24
C LEU A 87 -5.73 -5.55 -14.36
N GLN A 88 -5.54 -4.75 -15.40
CA GLN A 88 -6.47 -4.71 -16.51
C GLN A 88 -6.58 -6.09 -17.16
N ALA A 89 -5.42 -6.69 -17.46
CA ALA A 89 -5.39 -8.01 -18.06
C ALA A 89 -5.95 -9.05 -17.09
N ARG A 90 -5.75 -8.81 -15.80
CA ARG A 90 -6.23 -9.70 -14.77
C ARG A 90 -7.75 -9.81 -14.87
N GLY A 91 -8.39 -8.68 -15.17
CA GLY A 91 -9.84 -8.63 -15.31
C GLY A 91 -10.46 -7.45 -14.60
N PHE A 92 -9.67 -6.39 -14.36
CA PHE A 92 -10.17 -5.22 -13.66
C PHE A 92 -10.48 -4.11 -14.66
N LEU A 93 -11.77 -3.87 -14.89
CA LEU A 93 -12.20 -2.84 -15.82
C LEU A 93 -12.77 -1.64 -15.10
N GLN A 94 -12.67 -1.62 -13.77
CA GLN A 94 -13.16 -0.50 -12.99
C GLN A 94 -12.17 -0.19 -11.88
N VAL A 95 -11.54 0.98 -11.91
CA VAL A 95 -10.59 1.32 -10.87
C VAL A 95 -10.59 2.81 -10.51
N GLN A 96 -10.50 3.07 -9.22
CA GLN A 96 -10.44 4.43 -8.68
C GLN A 96 -9.30 4.54 -7.67
N GLY A 97 -8.83 5.74 -7.39
CA GLY A 97 -7.75 5.86 -6.45
C GLY A 97 -7.19 7.26 -6.30
N VAL A 98 -6.05 7.33 -5.61
CA VAL A 98 -5.35 8.59 -5.39
C VAL A 98 -3.84 8.38 -5.45
N ASP A 99 -3.11 9.31 -6.06
CA ASP A 99 -1.66 9.19 -6.14
C ASP A 99 -1.01 10.56 -5.96
N GLY A 100 0.22 10.59 -5.43
CA GLY A 100 0.88 11.85 -5.19
C GLY A 100 1.78 12.29 -6.32
N SER A 101 2.51 11.37 -6.93
CA SER A 101 3.44 11.72 -8.00
C SER A 101 2.79 11.62 -9.38
N PRO A 102 2.80 12.74 -10.15
CA PRO A 102 2.24 12.75 -11.50
C PRO A 102 2.77 11.58 -12.32
N GLU A 103 4.06 11.28 -12.16
CA GLU A 103 4.70 10.18 -12.87
C GLU A 103 4.01 8.86 -12.51
N MET A 104 3.67 8.73 -11.23
CA MET A 104 2.93 7.56 -10.77
C MET A 104 1.50 7.63 -11.31
N LEU A 105 0.96 8.86 -11.38
CA LEU A 105 -0.38 9.11 -11.92
C LEU A 105 -0.41 8.90 -13.43
N LYS A 106 0.66 9.31 -14.10
CA LYS A 106 0.74 9.20 -15.56
C LYS A 106 0.62 7.76 -16.00
N GLN A 107 1.31 6.86 -15.31
CA GLN A 107 1.23 5.45 -15.67
C GLN A 107 -0.21 5.00 -15.52
N ALA A 108 -0.81 5.30 -14.38
CA ALA A 108 -2.19 4.90 -14.10
C ALA A 108 -3.21 5.62 -15.00
N ARG A 109 -3.20 6.96 -14.97
CA ARG A 109 -4.14 7.76 -15.76
C ARG A 109 -3.88 7.64 -17.27
N ALA A 110 -2.64 7.92 -17.71
CA ALA A 110 -2.29 7.84 -19.13
C ALA A 110 -2.54 6.43 -19.66
N ARG A 111 -2.38 5.45 -18.77
CA ARG A 111 -2.63 4.07 -19.12
C ARG A 111 -4.09 3.92 -19.55
N GLY A 112 -4.98 4.63 -18.83
CA GLY A 112 -6.39 4.58 -19.13
C GLY A 112 -7.07 3.41 -18.45
N LEU A 113 -6.42 2.87 -17.43
CA LEU A 113 -6.96 1.76 -16.68
C LEU A 113 -7.82 2.25 -15.51
N TYR A 114 -7.39 3.36 -14.90
CA TYR A 114 -8.10 3.92 -13.76
C TYR A 114 -9.19 4.89 -14.18
N HIS A 115 -10.43 4.60 -13.74
CA HIS A 115 -11.56 5.47 -14.08
C HIS A 115 -11.34 6.87 -13.54
N HIS A 116 -10.94 6.95 -12.28
CA HIS A 116 -10.71 8.25 -11.65
C HIS A 116 -9.56 8.20 -10.65
N LEU A 117 -8.56 9.04 -10.87
CA LEU A 117 -7.41 9.12 -9.98
C LEU A 117 -7.34 10.53 -9.42
N SER A 118 -7.01 10.64 -8.13
CA SER A 118 -6.93 11.94 -7.49
C SER A 118 -5.58 12.17 -6.82
N LEU A 119 -5.07 13.39 -6.95
CA LEU A 119 -3.80 13.76 -6.32
C LEU A 119 -4.08 14.22 -4.90
N CYS A 120 -3.40 13.63 -3.92
CA CYS A 120 -3.62 14.03 -2.53
C CYS A 120 -2.94 13.07 -1.56
N THR A 121 -1.69 13.33 -1.19
CA THR A 121 -1.01 12.44 -0.27
C THR A 121 -1.61 12.55 1.12
N LEU A 122 -1.51 11.47 1.87
CA LEU A 122 -2.04 11.42 3.23
C LEU A 122 -1.37 10.29 4.00
N GLY A 123 -1.75 10.11 5.25
CA GLY A 123 -1.13 9.05 6.03
C GLY A 123 -1.63 8.99 7.46
N GLN A 124 -1.65 10.13 8.14
CA GLN A 124 -2.14 10.20 9.49
C GLN A 124 -3.49 10.93 9.44
N GLU A 125 -4.09 10.87 8.25
CA GLU A 125 -5.38 11.48 7.97
C GLU A 125 -6.17 10.52 7.07
N PRO A 126 -7.50 10.66 7.01
CA PRO A 126 -8.37 9.77 6.22
C PRO A 126 -8.14 9.82 4.72
N LEU A 127 -8.44 8.71 4.04
CA LEU A 127 -8.28 8.61 2.59
C LEU A 127 -9.31 9.47 1.87
N PRO A 128 -8.97 9.92 0.64
CA PRO A 128 -9.85 10.78 -0.16
C PRO A 128 -11.21 10.19 -0.50
N ASP A 129 -11.28 8.89 -0.81
CA ASP A 129 -12.57 8.27 -1.16
C ASP A 129 -13.48 8.07 0.06
N PRO A 130 -14.79 8.00 -0.18
CA PRO A 130 -15.79 7.78 0.88
C PRO A 130 -15.87 6.31 1.28
N GLU A 131 -16.71 6.00 2.27
CA GLU A 131 -16.89 4.61 2.73
C GLU A 131 -17.86 3.86 1.83
N GLY A 132 -17.79 2.53 1.82
CA GLY A 132 -18.70 1.75 1.00
C GLY A 132 -18.67 2.16 -0.47
N THR A 133 -17.55 2.71 -0.90
CA THR A 133 -17.40 3.19 -2.28
C THR A 133 -17.01 2.06 -3.24
N PHE A 134 -15.82 1.51 -3.04
CA PHE A 134 -15.29 0.49 -3.93
C PHE A 134 -15.33 -0.92 -3.32
N ASP A 135 -15.55 -1.90 -4.19
CA ASP A 135 -15.62 -3.30 -3.79
C ASP A 135 -14.25 -3.86 -3.37
N ALA A 136 -13.17 -3.17 -3.74
CA ALA A 136 -11.83 -3.63 -3.37
C ALA A 136 -10.78 -2.55 -3.61
N VAL A 137 -9.63 -2.69 -2.96
CA VAL A 137 -8.54 -1.73 -3.11
C VAL A 137 -7.19 -2.45 -3.19
N ILE A 138 -6.29 -2.00 -4.07
CA ILE A 138 -4.99 -2.64 -4.19
C ILE A 138 -3.85 -1.61 -4.28
N ILE A 139 -3.02 -1.57 -3.24
CA ILE A 139 -1.89 -0.64 -3.18
C ILE A 139 -0.58 -1.40 -2.94
N VAL A 140 0.52 -0.93 -3.51
CA VAL A 140 1.80 -1.63 -3.33
C VAL A 140 2.97 -0.69 -2.99
N GLY A 141 3.73 -1.04 -1.96
CA GLY A 141 4.89 -0.25 -1.57
C GLY A 141 4.56 0.95 -0.68
N ALA A 142 3.44 0.89 0.04
CA ALA A 142 3.03 1.99 0.92
C ALA A 142 2.60 1.50 2.32
N LEU A 143 3.41 1.77 3.35
CA LEU A 143 3.07 1.37 4.72
C LEU A 143 3.61 2.34 5.77
N SER A 144 3.26 2.06 7.04
CA SER A 144 3.73 2.88 8.16
C SER A 144 5.24 2.98 8.13
N GLU A 145 5.75 4.06 7.58
CA GLU A 145 7.20 4.32 7.49
C GLU A 145 7.44 5.58 6.66
N GLY A 146 6.61 6.59 6.88
CA GLY A 146 6.72 7.82 6.12
C GLY A 146 5.84 7.80 4.88
N GLN A 147 5.48 6.61 4.40
CA GLN A 147 4.63 6.52 3.22
C GLN A 147 3.15 6.47 3.60
N VAL A 148 2.64 5.32 4.01
CA VAL A 148 1.24 5.19 4.40
C VAL A 148 1.08 4.60 5.80
N PRO A 149 0.92 5.48 6.81
CA PRO A 149 0.76 5.07 8.21
C PRO A 149 -0.32 4.00 8.39
N CYS A 150 0.14 2.82 8.80
CA CYS A 150 -0.72 1.65 8.97
C CYS A 150 -2.08 1.95 9.60
N SER A 151 -2.22 3.01 10.39
CA SER A 151 -3.53 3.33 10.96
C SER A 151 -4.47 3.83 9.87
N ALA A 152 -3.91 4.54 8.89
CA ALA A 152 -4.67 5.10 7.77
C ALA A 152 -5.18 4.00 6.84
N ILE A 153 -4.42 2.91 6.68
CA ILE A 153 -4.83 1.83 5.78
C ILE A 153 -6.29 1.46 6.02
N PRO A 154 -6.67 1.22 7.30
CA PRO A 154 -8.04 0.89 7.68
C PRO A 154 -9.07 1.89 7.14
N GLU A 155 -8.63 3.11 6.82
CA GLU A 155 -9.52 4.10 6.21
C GLU A 155 -9.84 3.64 4.79
N LEU A 156 -8.80 3.11 4.11
CA LEU A 156 -8.96 2.55 2.78
C LEU A 156 -9.97 1.41 2.87
N LEU A 157 -9.84 0.65 3.94
CA LEU A 157 -10.75 -0.45 4.20
C LEU A 157 -12.17 0.11 4.39
N ARG A 158 -12.26 1.23 5.10
CA ARG A 158 -13.54 1.88 5.33
C ARG A 158 -14.20 2.30 4.01
N VAL A 159 -13.39 2.72 3.04
CA VAL A 159 -13.91 3.11 1.72
C VAL A 159 -14.26 1.86 0.89
N THR A 160 -13.80 0.72 1.40
CA THR A 160 -14.08 -0.57 0.79
C THR A 160 -15.32 -1.16 1.47
N LYS A 161 -16.19 -1.79 0.70
CA LYS A 161 -17.41 -2.38 1.26
C LYS A 161 -17.15 -3.75 1.87
N PRO A 162 -18.07 -4.23 2.72
CA PRO A 162 -17.94 -5.55 3.35
C PRO A 162 -17.86 -6.64 2.29
N GLY A 163 -17.10 -7.70 2.56
CA GLY A 163 -16.94 -8.75 1.59
C GLY A 163 -15.98 -8.34 0.47
N GLY A 164 -15.32 -7.20 0.66
CA GLY A 164 -14.39 -6.69 -0.32
C GLY A 164 -12.99 -7.22 -0.11
N LEU A 165 -12.05 -6.81 -0.96
CA LEU A 165 -10.68 -7.26 -0.85
C LEU A 165 -9.69 -6.09 -0.83
N VAL A 166 -8.79 -6.09 0.14
CA VAL A 166 -7.78 -5.05 0.25
C VAL A 166 -6.39 -5.68 0.11
N CYS A 167 -5.62 -5.21 -0.87
CA CYS A 167 -4.30 -5.78 -1.11
C CYS A 167 -3.18 -4.75 -0.94
N LEU A 168 -2.17 -5.07 -0.11
CA LEU A 168 -1.07 -4.15 0.12
C LEU A 168 0.28 -4.87 0.27
N THR A 169 1.38 -4.15 -0.01
CA THR A 169 2.74 -4.70 0.12
C THR A 169 3.75 -3.60 0.48
N THR A 170 4.85 -3.98 1.15
CA THR A 170 5.90 -3.03 1.58
C THR A 170 6.88 -3.75 2.53
N ARG A 171 7.69 -3.03 3.30
CA ARG A 171 8.61 -3.67 4.22
C ARG A 171 7.89 -4.04 5.50
N THR A 172 7.79 -5.35 5.76
CA THR A 172 7.08 -5.85 6.93
C THR A 172 7.68 -5.32 8.22
N ASN A 173 8.99 -5.41 8.36
CA ASN A 173 9.64 -4.95 9.57
C ASN A 173 10.82 -4.02 9.28
N PRO A 174 10.54 -2.83 8.73
CA PRO A 174 11.57 -1.83 8.48
C PRO A 174 12.23 -1.47 9.81
N SER A 175 11.43 -1.58 10.86
CA SER A 175 11.85 -1.32 12.23
C SER A 175 10.85 -2.03 13.15
N ASN A 176 11.15 -2.14 14.44
CA ASN A 176 10.22 -2.82 15.33
C ASN A 176 9.94 -4.25 14.85
N LEU A 177 11.01 -5.00 14.60
CA LEU A 177 10.88 -6.37 14.11
C LEU A 177 9.91 -7.19 14.97
N PRO A 178 10.07 -7.17 16.30
CA PRO A 178 9.18 -7.90 17.21
C PRO A 178 7.74 -7.40 17.11
N TYR A 179 7.59 -6.12 16.79
CA TYR A 179 6.27 -5.51 16.69
C TYR A 179 5.42 -6.14 15.59
N LYS A 180 6.01 -6.89 14.66
CA LYS A 180 5.21 -7.53 13.62
C LYS A 180 4.20 -8.46 14.27
N GLU A 181 4.67 -9.32 15.17
CA GLU A 181 3.77 -10.24 15.85
C GLU A 181 2.74 -9.41 16.62
N THR A 182 3.20 -8.31 17.22
CA THR A 182 2.28 -7.40 17.90
C THR A 182 1.31 -6.82 16.86
N LEU A 183 1.86 -6.47 15.69
CA LEU A 183 1.09 -5.94 14.58
C LEU A 183 0.06 -6.96 14.10
N GLU A 184 0.49 -8.22 13.95
CA GLU A 184 -0.39 -9.27 13.49
C GLU A 184 -1.56 -9.44 14.45
N ALA A 185 -1.28 -9.33 15.74
CA ALA A 185 -2.33 -9.44 16.75
C ALA A 185 -3.36 -8.31 16.55
N THR A 186 -2.87 -7.13 16.15
CA THR A 186 -3.75 -5.99 15.92
C THR A 186 -4.78 -6.30 14.84
N LEU A 187 -4.36 -6.97 13.76
CA LEU A 187 -5.28 -7.34 12.70
C LEU A 187 -6.39 -8.23 13.26
N ASP A 188 -5.98 -9.19 14.08
CA ASP A 188 -6.93 -10.13 14.67
C ASP A 188 -7.97 -9.38 15.50
N SER A 189 -7.55 -8.35 16.24
CA SER A 189 -8.49 -7.56 17.03
C SER A 189 -9.53 -6.93 16.12
N LEU A 190 -9.10 -6.45 14.95
CA LEU A 190 -10.02 -5.85 13.98
C LEU A 190 -10.94 -6.92 13.40
N GLU A 191 -10.36 -8.09 13.12
CA GLU A 191 -11.14 -9.22 12.60
C GLU A 191 -12.22 -9.59 13.60
N ARG A 192 -11.79 -9.75 14.84
CA ARG A 192 -12.71 -10.10 15.93
C ARG A 192 -13.77 -9.03 16.08
N ALA A 193 -13.36 -7.76 15.94
CA ALA A 193 -14.28 -6.64 16.06
C ALA A 193 -15.30 -6.65 14.91
N GLY A 194 -14.93 -7.28 13.79
CA GLY A 194 -15.83 -7.35 12.66
C GLY A 194 -15.42 -6.42 11.52
N VAL A 195 -14.44 -5.56 11.74
CA VAL A 195 -14.02 -4.61 10.69
C VAL A 195 -13.54 -5.36 9.44
N TRP A 196 -12.57 -6.25 9.61
CA TRP A 196 -12.04 -7.02 8.47
C TRP A 196 -11.49 -8.38 8.90
N GLU A 197 -11.51 -9.37 8.01
CA GLU A 197 -10.99 -10.70 8.34
C GLU A 197 -9.84 -11.11 7.42
N CYS A 198 -8.67 -11.36 8.00
CA CYS A 198 -7.50 -11.75 7.21
C CYS A 198 -7.76 -13.01 6.40
N LEU A 199 -7.52 -12.93 5.10
CA LEU A 199 -7.72 -14.07 4.19
C LEU A 199 -6.47 -14.92 4.07
N VAL A 200 -5.44 -14.33 3.46
CA VAL A 200 -4.18 -15.01 3.23
C VAL A 200 -3.02 -14.02 3.22
N THR A 201 -1.81 -14.52 3.42
CA THR A 201 -0.62 -13.69 3.37
C THR A 201 0.36 -14.33 2.38
N GLN A 202 0.62 -13.65 1.28
CA GLN A 202 1.48 -14.20 0.23
C GLN A 202 2.97 -14.05 0.56
N PRO A 203 3.76 -15.12 0.29
CA PRO A 203 5.21 -15.16 0.54
C PRO A 203 5.99 -14.10 -0.21
N VAL A 204 7.09 -13.68 0.39
CA VAL A 204 7.97 -12.65 -0.16
C VAL A 204 9.43 -12.98 0.19
N ASP A 205 10.33 -11.99 0.11
CA ASP A 205 11.73 -12.21 0.47
C ASP A 205 12.02 -11.62 1.86
N HIS A 206 10.97 -11.21 2.56
CA HIS A 206 11.09 -10.58 3.87
C HIS A 206 11.78 -11.45 4.92
N TRP A 207 11.49 -12.75 4.95
CA TRP A 207 12.09 -13.63 5.95
C TRP A 207 13.62 -13.66 5.86
N GLU A 208 14.15 -13.86 4.66
CA GLU A 208 15.60 -14.00 4.46
C GLU A 208 16.42 -12.79 4.88
N LEU A 209 15.94 -11.57 4.65
CA LEU A 209 16.73 -10.40 5.01
C LEU A 209 17.03 -10.35 6.51
N ALA A 210 16.04 -10.61 7.35
CA ALA A 210 16.24 -10.61 8.79
C ALA A 210 16.94 -11.86 9.31
N THR A 211 16.63 -13.01 8.72
CA THR A 211 17.21 -14.25 9.17
C THR A 211 18.01 -14.93 8.06
N SER A 212 19.25 -15.31 8.37
CA SER A 212 20.10 -15.96 7.40
C SER A 212 20.26 -17.44 7.73
N GLU A 213 20.35 -18.25 6.68
CA GLU A 213 20.51 -19.69 6.85
C GLU A 213 21.78 -20.04 7.61
N GLN A 214 22.86 -19.29 7.34
CA GLN A 214 24.14 -19.56 7.99
C GLN A 214 24.08 -19.46 9.52
N GLU A 215 23.45 -18.39 10.05
CA GLU A 215 23.33 -18.19 11.51
C GLU A 215 23.59 -16.71 11.87
N THR A 216 23.46 -16.37 13.15
CA THR A 216 23.70 -15.00 13.61
C THR A 216 25.14 -14.59 13.30
N GLY A 217 26.10 -15.47 13.64
CA GLY A 217 27.52 -15.19 13.42
C GLY A 217 27.75 -14.11 12.37
N LEU A 218 28.71 -13.22 12.62
CA LEU A 218 29.01 -12.14 11.66
C LEU A 218 27.73 -11.59 11.05
N GLY A 219 26.79 -11.17 11.91
CA GLY A 219 25.53 -10.63 11.43
C GLY A 219 25.70 -9.39 10.60
N THR A 220 26.49 -8.42 11.09
CA THR A 220 26.71 -7.18 10.36
C THR A 220 27.34 -7.45 9.00
N CYS A 221 28.28 -8.39 8.95
CA CYS A 221 28.92 -8.75 7.68
C CYS A 221 27.93 -9.49 6.79
N ALA A 222 26.88 -10.03 7.39
CA ALA A 222 25.84 -10.73 6.67
C ALA A 222 24.75 -9.77 6.19
N ASN A 223 24.75 -8.53 6.72
CA ASN A 223 23.74 -7.55 6.34
C ASN A 223 22.34 -8.13 6.46
N ASP A 224 22.09 -8.80 7.59
CA ASP A 224 20.80 -9.41 7.84
C ASP A 224 20.31 -9.12 9.26
N GLY A 225 19.00 -9.27 9.44
CA GLY A 225 18.38 -9.01 10.73
C GLY A 225 17.18 -8.06 10.63
N PHE A 226 16.78 -7.71 9.39
CA PHE A 226 15.63 -6.84 9.17
C PHE A 226 14.69 -7.47 8.13
N ILE A 227 13.40 -7.60 8.47
CA ILE A 227 12.43 -8.22 7.56
C ILE A 227 11.70 -7.16 6.69
N SER A 228 11.76 -7.32 5.36
CA SER A 228 11.10 -6.38 4.46
C SER A 228 10.38 -7.07 3.29
N GLY A 229 9.50 -6.32 2.64
CA GLY A 229 8.73 -6.83 1.50
C GLY A 229 7.80 -7.97 1.88
N ILE A 230 6.49 -7.70 1.89
CA ILE A 230 5.48 -8.74 2.18
C ILE A 230 4.13 -8.27 1.67
N ILE A 231 3.30 -9.19 1.25
CA ILE A 231 1.99 -8.83 0.74
C ILE A 231 0.92 -9.61 1.50
N TYR A 232 -0.31 -9.11 1.48
CA TYR A 232 -1.41 -9.79 2.15
C TYR A 232 -2.76 -9.21 1.74
N LEU A 233 -3.80 -10.04 1.79
CA LEU A 233 -5.14 -9.61 1.42
C LEU A 233 -6.13 -9.88 2.55
N TYR A 234 -6.96 -8.87 2.84
CA TYR A 234 -7.95 -8.99 3.90
C TYR A 234 -9.36 -8.73 3.37
N ARG A 235 -10.36 -9.38 3.99
CA ARG A 235 -11.75 -9.17 3.62
C ARG A 235 -12.34 -8.01 4.39
N LYS A 236 -13.25 -7.27 3.76
CA LYS A 236 -13.87 -6.15 4.43
C LYS A 236 -15.09 -6.58 5.25
N GLN A 237 -15.16 -6.06 6.47
CA GLN A 237 -16.24 -6.36 7.39
C GLN A 237 -16.65 -7.84 7.33
N GLU A 238 -16.14 -8.60 8.28
CA GLU A 238 -16.46 -10.02 8.40
C GLU A 238 -16.39 -10.45 9.85
N THR A 239 -16.94 -11.61 10.16
CA THR A 239 -16.95 -12.10 11.54
C THR A 239 -15.72 -12.95 11.83
N VAL A 240 -14.91 -12.52 12.80
CA VAL A 240 -13.70 -13.26 13.20
C VAL A 240 -12.99 -13.85 12.00
N GLY A 1 -1.01 17.30 13.54
CA GLY A 1 -1.37 16.02 14.23
C GLY A 1 -0.54 15.78 15.48
N ALA A 2 -0.34 14.51 15.82
CA ALA A 2 0.45 14.16 17.00
C ALA A 2 1.87 13.77 16.60
N MET A 3 2.85 14.51 17.11
CA MET A 3 4.25 14.23 16.81
C MET A 3 4.47 14.09 15.30
N ALA A 4 3.80 14.93 14.52
CA ALA A 4 3.94 14.89 13.06
C ALA A 4 3.52 13.52 12.51
N GLN A 5 2.38 13.02 12.96
CA GLN A 5 1.89 11.71 12.49
C GLN A 5 2.91 10.63 12.83
N GLU A 6 2.99 10.28 14.12
CA GLU A 6 3.90 9.22 14.58
C GLU A 6 5.28 9.31 13.94
N GLU A 7 5.75 10.51 13.61
CA GLU A 7 7.06 10.64 12.96
C GLU A 7 7.07 9.79 11.68
N ALA A 8 6.20 10.15 10.73
CA ALA A 8 6.12 9.40 9.46
C ALA A 8 5.09 9.96 8.49
N GLY A 9 4.05 10.63 8.99
CA GLY A 9 3.03 11.16 8.12
C GLY A 9 3.49 12.27 7.18
N ARG A 10 4.60 12.09 6.47
CA ARG A 10 5.10 13.13 5.60
C ARG A 10 4.09 13.50 4.50
N LEU A 11 3.43 12.53 3.88
CA LEU A 11 2.46 12.83 2.81
C LEU A 11 1.31 13.71 3.27
N PRO A 12 0.68 13.44 4.43
CA PRO A 12 -0.44 14.26 4.90
C PRO A 12 -0.01 15.70 5.10
N GLN A 13 1.26 15.90 5.41
CA GLN A 13 1.80 17.24 5.55
C GLN A 13 1.66 17.96 4.22
N VAL A 14 1.92 17.22 3.13
CA VAL A 14 1.86 17.76 1.79
C VAL A 14 0.47 18.31 1.45
N LEU A 15 -0.60 17.55 1.71
CA LEU A 15 -1.93 18.07 1.43
C LEU A 15 -2.17 19.34 2.23
N ALA A 16 -1.74 19.32 3.49
CA ALA A 16 -1.92 20.46 4.37
C ALA A 16 -1.26 21.70 3.75
N ARG A 17 -0.07 21.52 3.17
CA ARG A 17 0.60 22.64 2.50
C ARG A 17 -0.15 23.00 1.22
N VAL A 18 -0.71 21.98 0.56
CA VAL A 18 -1.45 22.18 -0.68
C VAL A 18 -2.75 22.95 -0.42
N GLY A 19 -3.42 22.62 0.69
CA GLY A 19 -4.67 23.28 1.02
C GLY A 19 -4.59 24.79 0.96
N THR A 20 -3.46 25.37 1.35
CA THR A 20 -3.30 26.82 1.32
C THR A 20 -3.46 27.32 -0.12
N SER A 21 -2.75 26.69 -1.04
CA SER A 21 -2.81 27.06 -2.45
C SER A 21 -2.22 28.45 -2.69
N HIS A 22 -2.51 29.04 -3.86
CA HIS A 22 -1.94 30.34 -4.21
C HIS A 22 -0.44 30.18 -4.39
N GLY A 23 -0.10 29.06 -5.03
CA GLY A 23 1.29 28.69 -5.29
C GLY A 23 1.40 27.20 -5.57
N ILE A 24 0.49 26.70 -6.41
CA ILE A 24 0.45 25.28 -6.76
C ILE A 24 1.63 24.88 -7.64
N THR A 25 2.32 25.85 -8.25
CA THR A 25 3.46 25.53 -9.09
C THR A 25 4.53 24.80 -8.28
N ASP A 26 4.75 25.24 -7.04
CA ASP A 26 5.73 24.58 -6.18
C ASP A 26 5.18 23.24 -5.70
N LEU A 27 3.85 23.13 -5.62
CA LEU A 27 3.21 21.89 -5.20
C LEU A 27 3.72 20.77 -6.09
N ALA A 28 3.87 21.09 -7.38
CA ALA A 28 4.44 20.15 -8.34
C ALA A 28 5.93 19.98 -8.03
N CYS A 29 6.57 21.11 -7.69
CA CYS A 29 7.99 21.13 -7.39
C CYS A 29 8.30 20.18 -6.24
N LYS A 30 7.56 20.29 -5.12
CA LYS A 30 7.80 19.40 -3.99
C LYS A 30 7.57 17.94 -4.40
N LEU A 31 6.52 17.68 -5.19
CA LEU A 31 6.25 16.33 -5.63
C LEU A 31 7.32 15.88 -6.63
N ARG A 32 7.72 16.79 -7.51
CA ARG A 32 8.76 16.50 -8.50
C ARG A 32 10.09 16.14 -7.83
N PHE A 33 10.39 16.81 -6.72
CA PHE A 33 11.63 16.52 -6.00
C PHE A 33 11.62 15.06 -5.55
N TYR A 34 10.53 14.67 -4.92
CA TYR A 34 10.37 13.30 -4.44
C TYR A 34 10.21 12.34 -5.62
N ASP A 35 9.45 12.77 -6.63
CA ASP A 35 9.20 11.95 -7.81
C ASP A 35 10.41 11.88 -8.74
N ASP A 36 11.50 12.58 -8.40
CA ASP A 36 12.70 12.51 -9.23
C ASP A 36 13.32 11.11 -9.09
N TRP A 37 13.35 10.62 -7.86
CA TRP A 37 13.90 9.30 -7.55
C TRP A 37 12.83 8.20 -7.64
N ALA A 38 11.55 8.60 -7.67
CA ALA A 38 10.44 7.65 -7.72
C ALA A 38 10.67 6.50 -8.71
N PRO A 39 11.06 6.79 -9.97
CA PRO A 39 11.31 5.72 -10.94
C PRO A 39 12.40 4.78 -10.47
N GLU A 40 13.38 5.35 -9.77
CA GLU A 40 14.47 4.57 -9.22
C GLU A 40 13.99 3.69 -8.07
N TYR A 41 12.95 4.13 -7.36
CA TYR A 41 12.38 3.34 -6.28
C TYR A 41 11.64 2.12 -6.83
N ASP A 42 10.92 2.28 -7.94
CA ASP A 42 10.18 1.15 -8.50
C ASP A 42 11.14 0.02 -8.84
N GLN A 43 12.13 0.31 -9.69
CA GLN A 43 13.10 -0.72 -10.07
C GLN A 43 13.75 -1.32 -8.82
N ASP A 44 13.85 -0.52 -7.77
CA ASP A 44 14.44 -0.97 -6.52
C ASP A 44 13.66 -2.16 -5.95
N VAL A 45 12.33 -2.13 -6.04
CA VAL A 45 11.53 -3.23 -5.51
C VAL A 45 11.79 -4.52 -6.31
N ALA A 46 11.81 -4.42 -7.65
CA ALA A 46 12.08 -5.58 -8.49
C ALA A 46 13.46 -6.15 -8.17
N ALA A 47 14.43 -5.25 -8.03
CA ALA A 47 15.81 -5.65 -7.70
C ALA A 47 15.82 -6.41 -6.38
N LEU A 48 14.92 -6.04 -5.48
CA LEU A 48 14.79 -6.69 -4.19
C LEU A 48 14.00 -8.00 -4.30
N LYS A 49 13.40 -8.24 -5.47
CA LYS A 49 12.60 -9.45 -5.72
C LYS A 49 11.26 -9.36 -5.00
N TYR A 50 10.51 -8.30 -5.26
CA TYR A 50 9.21 -8.12 -4.62
C TYR A 50 8.15 -8.98 -5.28
N ARG A 51 7.86 -10.13 -4.66
CA ARG A 51 6.86 -11.06 -5.18
C ARG A 51 5.45 -10.48 -5.06
N ALA A 52 5.19 -9.77 -3.96
CA ALA A 52 3.89 -9.15 -3.67
C ALA A 52 3.13 -8.68 -4.93
N PRO A 53 3.69 -7.75 -5.73
CA PRO A 53 3.00 -7.23 -6.92
C PRO A 53 2.45 -8.33 -7.84
N ARG A 54 3.22 -9.40 -7.98
CA ARG A 54 2.79 -10.51 -8.81
C ARG A 54 1.56 -11.20 -8.23
N LEU A 55 1.65 -11.56 -6.96
CA LEU A 55 0.54 -12.22 -6.26
C LEU A 55 -0.50 -11.21 -5.79
N ALA A 56 -0.06 -9.97 -5.59
CA ALA A 56 -0.97 -8.92 -5.14
C ALA A 56 -2.18 -8.89 -6.07
N VAL A 57 -1.93 -8.66 -7.35
CA VAL A 57 -2.99 -8.61 -8.36
C VAL A 57 -3.71 -9.95 -8.52
N ASP A 58 -2.97 -11.05 -8.66
CA ASP A 58 -3.59 -12.37 -8.87
C ASP A 58 -4.32 -12.88 -7.64
N CYS A 59 -3.73 -12.68 -6.46
CA CYS A 59 -4.34 -13.14 -5.21
C CYS A 59 -5.60 -12.35 -4.88
N LEU A 60 -5.57 -11.04 -5.12
CA LEU A 60 -6.71 -10.20 -4.81
C LEU A 60 -7.95 -10.65 -5.59
N SER A 61 -7.81 -10.86 -6.89
CA SER A 61 -8.94 -11.31 -7.70
C SER A 61 -9.35 -12.73 -7.31
N ARG A 62 -8.36 -13.60 -7.05
CA ARG A 62 -8.66 -14.99 -6.66
C ARG A 62 -9.41 -14.98 -5.33
N ALA A 63 -8.95 -14.16 -4.39
CA ALA A 63 -9.60 -14.03 -3.10
C ALA A 63 -10.91 -13.25 -3.26
N PHE A 64 -10.90 -12.34 -4.23
CA PHE A 64 -12.07 -11.50 -4.50
C PHE A 64 -13.11 -12.25 -5.31
N ARG A 65 -14.16 -12.69 -4.62
CA ARG A 65 -15.24 -13.46 -5.23
C ARG A 65 -15.94 -12.65 -6.33
N GLY A 66 -16.21 -11.38 -6.04
CA GLY A 66 -16.87 -10.53 -7.02
C GLY A 66 -16.01 -10.32 -8.24
N SER A 67 -16.64 -10.02 -9.37
CA SER A 67 -15.90 -9.80 -10.61
C SER A 67 -15.45 -8.35 -10.72
N PRO A 68 -14.13 -8.10 -10.79
CA PRO A 68 -13.59 -6.74 -10.92
C PRO A 68 -14.20 -6.01 -12.11
N HIS A 69 -14.77 -6.79 -13.05
CA HIS A 69 -15.43 -6.23 -14.23
C HIS A 69 -16.59 -5.34 -13.79
N ASP A 70 -17.43 -5.86 -12.89
CA ASP A 70 -18.59 -5.12 -12.37
C ASP A 70 -18.28 -4.47 -11.01
N ALA A 71 -17.26 -4.97 -10.31
CA ALA A 71 -16.87 -4.42 -9.02
C ALA A 71 -16.12 -3.12 -9.21
N LEU A 72 -15.96 -2.33 -8.14
CA LEU A 72 -15.24 -1.08 -8.25
C LEU A 72 -13.95 -1.15 -7.45
N ILE A 73 -12.83 -1.31 -8.15
CA ILE A 73 -11.53 -1.45 -7.53
C ILE A 73 -10.86 -0.10 -7.25
N LEU A 74 -10.09 -0.05 -6.18
CA LEU A 74 -9.39 1.18 -5.81
C LEU A 74 -7.89 0.97 -5.80
N ASP A 75 -7.16 1.97 -6.29
CA ASP A 75 -5.72 1.93 -6.31
C ASP A 75 -5.19 3.24 -5.74
N VAL A 76 -4.09 3.17 -5.00
CA VAL A 76 -3.54 4.36 -4.37
C VAL A 76 -2.25 4.83 -5.06
N ALA A 77 -1.65 5.91 -4.54
CA ALA A 77 -0.44 6.49 -5.11
C ALA A 77 0.63 5.45 -5.38
N CYS A 78 0.56 4.33 -4.67
CA CYS A 78 1.51 3.27 -4.87
C CYS A 78 1.05 2.33 -5.99
N GLY A 79 0.20 2.85 -6.89
CA GLY A 79 -0.29 2.08 -8.01
C GLY A 79 0.72 2.07 -9.14
N THR A 80 1.71 1.20 -9.03
CA THR A 80 2.75 1.11 -10.05
C THR A 80 2.18 0.72 -11.41
N GLY A 81 2.70 1.34 -12.47
CA GLY A 81 2.21 1.09 -13.81
C GLY A 81 2.07 -0.39 -14.12
N LEU A 82 3.11 -1.19 -13.86
CA LEU A 82 3.06 -2.62 -14.15
C LEU A 82 1.92 -3.30 -13.39
N VAL A 83 1.67 -2.86 -12.17
CA VAL A 83 0.59 -3.44 -11.38
C VAL A 83 -0.73 -3.23 -12.11
N ALA A 84 -0.88 -2.04 -12.72
CA ALA A 84 -2.08 -1.75 -13.49
C ALA A 84 -2.12 -2.60 -14.77
N VAL A 85 -0.96 -2.77 -15.40
CA VAL A 85 -0.88 -3.57 -16.63
C VAL A 85 -1.29 -5.00 -16.32
N GLU A 86 -0.81 -5.52 -15.18
CA GLU A 86 -1.18 -6.85 -14.73
C GLU A 86 -2.64 -6.83 -14.31
N LEU A 87 -3.03 -5.70 -13.71
CA LEU A 87 -4.38 -5.47 -13.24
C LEU A 87 -5.35 -5.58 -14.43
N GLN A 88 -5.00 -4.92 -15.54
CA GLN A 88 -5.84 -4.94 -16.74
C GLN A 88 -6.05 -6.35 -17.27
N ALA A 89 -4.96 -7.10 -17.43
CA ALA A 89 -5.03 -8.46 -17.92
C ALA A 89 -5.69 -9.36 -16.88
N ARG A 90 -5.58 -8.97 -15.62
CA ARG A 90 -6.13 -9.76 -14.53
C ARG A 90 -7.64 -9.89 -14.70
N GLY A 91 -8.30 -8.81 -15.11
CA GLY A 91 -9.75 -8.86 -15.32
C GLY A 91 -10.51 -7.77 -14.58
N PHE A 92 -9.90 -6.60 -14.41
CA PHE A 92 -10.54 -5.50 -13.71
C PHE A 92 -10.95 -4.42 -14.70
N LEU A 93 -12.25 -4.12 -14.75
CA LEU A 93 -12.75 -3.11 -15.67
C LEU A 93 -13.22 -1.85 -14.95
N GLN A 94 -13.03 -1.78 -13.63
CA GLN A 94 -13.44 -0.60 -12.89
C GLN A 94 -12.41 -0.29 -11.80
N VAL A 95 -11.72 0.85 -11.92
CA VAL A 95 -10.74 1.21 -10.90
C VAL A 95 -10.71 2.72 -10.62
N GLN A 96 -10.63 3.04 -9.34
CA GLN A 96 -10.57 4.42 -8.86
C GLN A 96 -9.42 4.58 -7.88
N GLY A 97 -8.88 5.79 -7.72
CA GLY A 97 -7.78 5.95 -6.81
C GLY A 97 -7.20 7.36 -6.74
N VAL A 98 -6.07 7.46 -6.07
CA VAL A 98 -5.35 8.71 -5.91
C VAL A 98 -3.85 8.48 -5.87
N ASP A 99 -3.08 9.40 -6.44
CA ASP A 99 -1.62 9.27 -6.43
C ASP A 99 -0.97 10.64 -6.24
N GLY A 100 0.21 10.67 -5.62
CA GLY A 100 0.90 11.93 -5.41
C GLY A 100 1.87 12.26 -6.51
N SER A 101 2.55 11.24 -7.02
CA SER A 101 3.52 11.43 -8.09
C SER A 101 2.84 11.37 -9.44
N PRO A 102 3.07 12.36 -10.32
CA PRO A 102 2.48 12.33 -11.65
C PRO A 102 2.96 11.08 -12.38
N GLU A 103 4.20 10.68 -12.08
CA GLU A 103 4.78 9.47 -12.66
C GLU A 103 3.93 8.27 -12.26
N MET A 104 3.47 8.29 -11.01
CA MET A 104 2.58 7.25 -10.49
C MET A 104 1.20 7.40 -11.14
N LEU A 105 0.77 8.66 -11.30
CA LEU A 105 -0.52 8.98 -11.94
C LEU A 105 -0.47 8.71 -13.44
N LYS A 106 0.66 9.06 -14.05
CA LYS A 106 0.85 8.90 -15.48
C LYS A 106 0.79 7.46 -15.91
N GLN A 107 1.53 6.58 -15.21
CA GLN A 107 1.51 5.18 -15.57
C GLN A 107 0.09 4.63 -15.47
N ALA A 108 -0.53 4.81 -14.31
CA ALA A 108 -1.89 4.34 -14.09
C ALA A 108 -2.89 5.03 -15.03
N ARG A 109 -2.82 6.36 -15.10
CA ARG A 109 -3.74 7.12 -15.95
C ARG A 109 -3.48 6.87 -17.44
N ALA A 110 -2.22 7.05 -17.87
CA ALA A 110 -1.88 6.81 -19.28
C ALA A 110 -2.17 5.35 -19.66
N ARG A 111 -1.99 4.47 -18.67
CA ARG A 111 -2.25 3.06 -18.88
C ARG A 111 -3.72 2.86 -19.27
N GLY A 112 -4.61 3.61 -18.63
CA GLY A 112 -6.02 3.51 -18.91
C GLY A 112 -6.70 2.46 -18.05
N LEU A 113 -6.01 2.03 -16.99
CA LEU A 113 -6.55 1.04 -16.08
C LEU A 113 -7.42 1.72 -15.02
N TYR A 114 -6.96 2.88 -14.57
CA TYR A 114 -7.68 3.63 -13.54
C TYR A 114 -8.73 4.55 -14.15
N HIS A 115 -10.00 4.28 -13.85
CA HIS A 115 -11.09 5.10 -14.36
C HIS A 115 -10.98 6.54 -13.89
N HIS A 116 -10.65 6.72 -12.61
CA HIS A 116 -10.54 8.06 -12.04
C HIS A 116 -9.36 8.16 -11.09
N LEU A 117 -8.43 9.06 -11.38
CA LEU A 117 -7.27 9.28 -10.53
C LEU A 117 -7.14 10.75 -10.18
N SER A 118 -6.72 11.02 -8.94
CA SER A 118 -6.57 12.39 -8.48
C SER A 118 -5.31 12.56 -7.64
N LEU A 119 -4.77 13.77 -7.66
CA LEU A 119 -3.58 14.09 -6.88
C LEU A 119 -4.00 14.46 -5.47
N CYS A 120 -3.51 13.74 -4.46
CA CYS A 120 -3.91 14.05 -3.09
C CYS A 120 -3.05 13.37 -2.02
N THR A 121 -1.84 13.87 -1.82
CA THR A 121 -0.95 13.34 -0.79
C THR A 121 -1.68 13.34 0.55
N LEU A 122 -1.46 12.34 1.39
CA LEU A 122 -2.16 12.32 2.66
C LEU A 122 -1.61 11.30 3.64
N GLY A 123 -2.14 11.37 4.85
CA GLY A 123 -1.75 10.46 5.92
C GLY A 123 -2.83 10.41 6.98
N GLN A 124 -2.79 11.31 7.98
CA GLN A 124 -3.83 11.30 8.99
C GLN A 124 -5.17 11.43 8.26
N GLU A 125 -5.33 12.54 7.53
CA GLU A 125 -6.55 12.77 6.78
C GLU A 125 -6.76 11.63 5.78
N PRO A 126 -8.00 11.18 5.64
CA PRO A 126 -8.33 10.05 4.75
C PRO A 126 -8.44 10.41 3.26
N LEU A 127 -7.87 9.55 2.42
CA LEU A 127 -7.90 9.75 0.97
C LEU A 127 -9.30 10.17 0.52
N PRO A 128 -9.42 10.76 -0.69
CA PRO A 128 -10.71 11.22 -1.22
C PRO A 128 -11.69 10.08 -1.58
N ASP A 129 -11.49 8.89 -0.99
CA ASP A 129 -12.37 7.77 -1.25
C ASP A 129 -13.35 7.60 -0.09
N PRO A 130 -14.66 7.55 -0.36
CA PRO A 130 -15.69 7.38 0.67
C PRO A 130 -15.76 5.94 1.15
N GLU A 131 -16.53 5.69 2.21
CA GLU A 131 -16.70 4.33 2.73
C GLU A 131 -17.72 3.59 1.89
N GLY A 132 -17.71 2.26 1.93
CA GLY A 132 -18.67 1.50 1.14
C GLY A 132 -18.66 1.95 -0.31
N THR A 133 -17.55 2.54 -0.75
CA THR A 133 -17.41 3.04 -2.11
C THR A 133 -16.97 1.95 -3.09
N PHE A 134 -15.72 1.51 -2.94
CA PHE A 134 -15.16 0.52 -3.85
C PHE A 134 -15.20 -0.89 -3.26
N ASP A 135 -15.42 -1.88 -4.13
CA ASP A 135 -15.49 -3.27 -3.72
C ASP A 135 -14.13 -3.82 -3.28
N ALA A 136 -13.05 -3.16 -3.71
CA ALA A 136 -11.71 -3.61 -3.34
C ALA A 136 -10.66 -2.54 -3.65
N VAL A 137 -9.50 -2.64 -3.01
CA VAL A 137 -8.41 -1.69 -3.23
C VAL A 137 -7.07 -2.44 -3.25
N ILE A 138 -6.17 -2.05 -4.16
CA ILE A 138 -4.87 -2.72 -4.26
C ILE A 138 -3.72 -1.69 -4.32
N ILE A 139 -2.93 -1.62 -3.26
CA ILE A 139 -1.83 -0.65 -3.17
C ILE A 139 -0.50 -1.34 -2.87
N VAL A 140 0.60 -0.87 -3.48
CA VAL A 140 1.91 -1.49 -3.25
C VAL A 140 3.00 -0.50 -2.80
N GLY A 141 3.61 -0.76 -1.65
CA GLY A 141 4.70 0.09 -1.16
C GLY A 141 4.28 1.30 -0.33
N ALA A 142 3.01 1.39 0.08
CA ALA A 142 2.56 2.52 0.88
C ALA A 142 2.16 2.14 2.32
N LEU A 143 3.06 2.40 3.27
CA LEU A 143 2.79 2.11 4.70
C LEU A 143 3.41 3.18 5.60
N SER A 144 3.11 3.08 6.90
CA SER A 144 3.64 4.02 7.90
C SER A 144 5.16 4.03 7.81
N GLU A 145 5.71 5.08 7.19
CA GLU A 145 7.17 5.25 7.06
C GLU A 145 7.49 6.45 6.17
N GLY A 146 6.81 7.57 6.41
CA GLY A 146 7.02 8.75 5.60
C GLY A 146 6.07 8.81 4.41
N GLN A 147 5.61 7.64 3.95
CA GLN A 147 4.70 7.56 2.82
C GLN A 147 3.23 7.59 3.25
N VAL A 148 2.71 6.44 3.70
CA VAL A 148 1.30 6.35 4.12
C VAL A 148 1.16 5.85 5.57
N PRO A 149 0.87 6.77 6.52
CA PRO A 149 0.71 6.40 7.93
C PRO A 149 -0.31 5.29 8.19
N CYS A 150 0.20 4.15 8.65
CA CYS A 150 -0.62 2.95 8.91
C CYS A 150 -1.98 3.25 9.54
N SER A 151 -2.13 4.38 10.24
CA SER A 151 -3.42 4.72 10.83
C SER A 151 -4.40 5.09 9.72
N ALA A 152 -3.85 5.67 8.64
CA ALA A 152 -4.65 6.08 7.48
C ALA A 152 -5.16 4.88 6.69
N ILE A 153 -4.32 3.84 6.54
CA ILE A 153 -4.72 2.65 5.76
C ILE A 153 -6.16 2.26 6.02
N PRO A 154 -6.55 2.13 7.30
CA PRO A 154 -7.92 1.80 7.70
C PRO A 154 -8.95 2.68 6.98
N GLU A 155 -8.50 3.80 6.41
CA GLU A 155 -9.38 4.66 5.63
C GLU A 155 -9.75 3.95 4.33
N LEU A 156 -8.76 3.26 3.74
CA LEU A 156 -8.97 2.48 2.52
C LEU A 156 -9.88 1.31 2.85
N LEU A 157 -9.63 0.71 4.02
CA LEU A 157 -10.41 -0.42 4.50
C LEU A 157 -11.87 0.03 4.65
N ARG A 158 -12.05 1.25 5.13
CA ARG A 158 -13.37 1.85 5.32
C ARG A 158 -14.05 2.14 3.97
N VAL A 159 -13.23 2.46 2.95
CA VAL A 159 -13.72 2.71 1.59
C VAL A 159 -14.14 1.41 0.93
N THR A 160 -13.52 0.35 1.37
CA THR A 160 -13.83 -0.98 0.89
C THR A 160 -15.13 -1.41 1.57
N LYS A 161 -16.05 -2.01 0.84
CA LYS A 161 -17.32 -2.44 1.42
C LYS A 161 -17.14 -3.73 2.19
N PRO A 162 -18.06 -4.05 3.12
CA PRO A 162 -17.98 -5.30 3.88
C PRO A 162 -17.91 -6.47 2.93
N GLY A 163 -17.05 -7.45 3.21
CA GLY A 163 -16.90 -8.57 2.31
C GLY A 163 -16.02 -8.21 1.12
N GLY A 164 -15.36 -7.05 1.20
CA GLY A 164 -14.49 -6.60 0.13
C GLY A 164 -13.09 -7.16 0.25
N LEU A 165 -12.23 -6.87 -0.74
CA LEU A 165 -10.86 -7.36 -0.73
C LEU A 165 -9.86 -6.22 -0.87
N VAL A 166 -8.86 -6.19 -0.01
CA VAL A 166 -7.82 -5.16 -0.06
C VAL A 166 -6.44 -5.78 -0.04
N CYS A 167 -5.58 -5.36 -0.97
CA CYS A 167 -4.22 -5.88 -1.05
C CYS A 167 -3.19 -4.77 -0.86
N LEU A 168 -2.29 -4.94 0.12
CA LEU A 168 -1.27 -3.94 0.40
C LEU A 168 0.11 -4.58 0.64
N THR A 169 1.19 -3.84 0.34
CA THR A 169 2.55 -4.34 0.53
C THR A 169 3.52 -3.21 0.92
N THR A 170 4.55 -3.54 1.72
CA THR A 170 5.56 -2.56 2.18
C THR A 170 6.57 -3.26 3.09
N ARG A 171 7.45 -2.50 3.77
CA ARG A 171 8.39 -3.11 4.68
C ARG A 171 7.71 -3.33 6.02
N THR A 172 7.51 -4.61 6.35
CA THR A 172 6.81 -4.98 7.58
C THR A 172 7.42 -4.30 8.80
N ASN A 173 8.74 -4.42 8.96
CA ASN A 173 9.42 -3.78 10.10
C ASN A 173 10.79 -4.41 10.35
N PRO A 174 11.87 -3.77 9.87
CA PRO A 174 13.23 -4.27 10.08
C PRO A 174 13.46 -4.59 11.55
N SER A 175 12.94 -3.73 12.42
CA SER A 175 13.05 -3.92 13.86
C SER A 175 11.78 -4.57 14.37
N ASN A 176 11.77 -4.97 15.63
CA ASN A 176 10.58 -5.59 16.21
C ASN A 176 10.23 -6.88 15.45
N LEU A 177 11.24 -7.70 15.20
CA LEU A 177 11.02 -8.95 14.47
C LEU A 177 9.84 -9.74 15.06
N PRO A 178 9.86 -9.99 16.39
CA PRO A 178 8.77 -10.70 17.06
C PRO A 178 7.44 -9.95 16.93
N TYR A 179 7.52 -8.63 16.83
CA TYR A 179 6.34 -7.78 16.71
C TYR A 179 5.47 -8.17 15.53
N LYS A 180 6.03 -8.83 14.52
CA LYS A 180 5.22 -9.25 13.37
C LYS A 180 4.11 -10.19 13.86
N GLU A 181 4.49 -11.18 14.67
CA GLU A 181 3.52 -12.13 15.21
C GLU A 181 2.51 -11.34 16.04
N THR A 182 3.03 -10.41 16.82
CA THR A 182 2.17 -9.53 17.62
C THR A 182 1.25 -8.77 16.68
N LEU A 183 1.83 -8.30 15.56
CA LEU A 183 1.08 -7.59 14.54
C LEU A 183 -0.02 -8.48 13.98
N GLU A 184 0.33 -9.72 13.67
CA GLU A 184 -0.62 -10.67 13.11
C GLU A 184 -1.76 -10.89 14.10
N ALA A 185 -1.44 -10.97 15.39
CA ALA A 185 -2.46 -11.13 16.42
C ALA A 185 -3.40 -9.93 16.42
N THR A 186 -2.85 -8.74 16.12
CA THR A 186 -3.66 -7.52 16.09
C THR A 186 -4.78 -7.65 15.06
N LEU A 187 -4.45 -8.23 13.90
CA LEU A 187 -5.45 -8.43 12.86
C LEU A 187 -6.57 -9.32 13.39
N ASP A 188 -6.18 -10.37 14.12
CA ASP A 188 -7.16 -11.30 14.69
C ASP A 188 -8.11 -10.58 15.63
N SER A 189 -7.59 -9.64 16.43
CA SER A 189 -8.44 -8.88 17.34
C SER A 189 -9.52 -8.14 16.57
N LEU A 190 -9.13 -7.52 15.44
CA LEU A 190 -10.09 -6.80 14.60
C LEU A 190 -11.15 -7.78 14.10
N GLU A 191 -10.71 -8.98 13.72
CA GLU A 191 -11.64 -9.99 13.23
C GLU A 191 -12.64 -10.34 14.34
N ARG A 192 -12.11 -10.53 15.55
CA ARG A 192 -12.95 -10.86 16.70
C ARG A 192 -13.98 -9.76 16.96
N ALA A 193 -13.55 -8.49 16.80
CA ALA A 193 -14.46 -7.37 16.98
C ALA A 193 -15.46 -7.30 15.82
N GLY A 194 -15.14 -8.00 14.72
CA GLY A 194 -16.00 -8.01 13.56
C GLY A 194 -15.54 -7.06 12.48
N VAL A 195 -14.64 -6.13 12.84
CA VAL A 195 -14.15 -5.13 11.91
C VAL A 195 -13.68 -5.73 10.58
N TRP A 196 -13.17 -6.97 10.57
CA TRP A 196 -12.71 -7.54 9.30
C TRP A 196 -12.36 -9.04 9.39
N GLU A 197 -11.89 -9.56 8.27
CA GLU A 197 -11.48 -10.97 8.15
C GLU A 197 -10.12 -11.05 7.47
N CYS A 198 -9.41 -12.16 7.63
CA CYS A 198 -8.12 -12.33 6.98
C CYS A 198 -8.30 -13.09 5.69
N LEU A 199 -7.39 -12.93 4.75
CA LEU A 199 -7.47 -13.64 3.49
C LEU A 199 -6.26 -14.53 3.29
N VAL A 200 -5.23 -13.98 2.64
CA VAL A 200 -4.03 -14.71 2.36
C VAL A 200 -2.82 -13.78 2.44
N THR A 201 -1.68 -14.30 2.87
CA THR A 201 -0.46 -13.49 2.93
C THR A 201 0.57 -14.12 2.00
N GLN A 202 0.90 -13.38 0.94
CA GLN A 202 1.83 -13.90 -0.04
C GLN A 202 3.30 -13.67 0.32
N PRO A 203 4.16 -14.63 -0.08
CA PRO A 203 5.60 -14.61 0.19
C PRO A 203 6.33 -13.40 -0.39
N VAL A 204 7.40 -13.01 0.29
CA VAL A 204 8.22 -11.88 -0.09
C VAL A 204 9.68 -12.15 0.29
N ASP A 205 10.51 -11.11 0.34
CA ASP A 205 11.91 -11.28 0.72
C ASP A 205 12.12 -10.90 2.19
N HIS A 206 11.01 -10.70 2.90
CA HIS A 206 11.07 -10.30 4.31
C HIS A 206 11.88 -11.27 5.14
N TRP A 207 11.87 -12.56 4.80
CA TRP A 207 12.61 -13.56 5.56
C TRP A 207 14.12 -13.33 5.48
N GLU A 208 14.68 -13.35 4.26
CA GLU A 208 16.13 -13.25 4.07
C GLU A 208 16.77 -12.07 4.82
N LEU A 209 16.13 -10.91 4.83
CA LEU A 209 16.72 -9.76 5.53
C LEU A 209 16.90 -10.11 7.01
N ALA A 210 15.83 -10.61 7.64
CA ALA A 210 15.87 -11.00 9.05
C ALA A 210 16.70 -12.26 9.26
N THR A 211 16.56 -13.23 8.35
CA THR A 211 17.28 -14.47 8.44
C THR A 211 18.69 -14.34 7.86
N SER A 212 19.52 -15.35 8.08
CA SER A 212 20.88 -15.33 7.57
C SER A 212 21.20 -16.62 6.83
N GLU A 213 22.27 -16.59 6.02
CA GLU A 213 22.68 -17.76 5.25
C GLU A 213 23.46 -18.72 6.13
N GLN A 214 23.54 -19.98 5.71
CA GLN A 214 24.26 -20.99 6.48
C GLN A 214 25.73 -20.58 6.65
N GLU A 215 26.31 -20.04 5.59
CA GLU A 215 27.71 -19.59 5.63
C GLU A 215 27.82 -18.35 6.50
N THR A 216 28.93 -18.21 7.23
CA THR A 216 29.09 -17.06 8.11
C THR A 216 29.01 -15.77 7.30
N GLY A 217 29.80 -15.68 6.24
CA GLY A 217 29.77 -14.50 5.38
C GLY A 217 29.70 -13.20 6.15
N LEU A 218 30.55 -13.04 7.16
CA LEU A 218 30.56 -11.82 7.97
C LEU A 218 29.19 -11.58 8.61
N GLY A 219 28.71 -12.55 9.38
CA GLY A 219 27.44 -12.39 10.05
C GLY A 219 27.45 -11.21 11.01
N THR A 220 28.53 -11.10 11.77
CA THR A 220 28.66 -10.01 12.74
C THR A 220 28.59 -8.66 12.04
N CYS A 221 29.33 -8.52 10.94
CA CYS A 221 29.31 -7.29 10.16
C CYS A 221 27.96 -7.14 9.46
N ALA A 222 27.44 -8.26 8.95
CA ALA A 222 26.15 -8.26 8.24
C ALA A 222 25.09 -7.55 9.07
N ASN A 223 24.82 -8.08 10.27
CA ASN A 223 23.81 -7.52 11.14
C ASN A 223 22.42 -7.85 10.62
N ASP A 224 22.12 -9.14 10.54
CA ASP A 224 20.84 -9.63 10.06
C ASP A 224 19.78 -9.53 11.15
N GLY A 225 18.53 -9.76 10.77
CA GLY A 225 17.45 -9.69 11.74
C GLY A 225 16.48 -8.54 11.50
N PHE A 226 16.27 -8.19 10.23
CA PHE A 226 15.35 -7.14 9.89
C PHE A 226 14.35 -7.63 8.84
N ILE A 227 13.05 -7.51 9.14
CA ILE A 227 12.02 -7.99 8.23
C ILE A 227 11.31 -6.84 7.50
N SER A 228 11.31 -6.93 6.16
CA SER A 228 10.67 -5.92 5.33
C SER A 228 9.99 -6.56 4.11
N GLY A 229 9.33 -5.73 3.31
CA GLY A 229 8.65 -6.22 2.14
C GLY A 229 7.79 -7.43 2.46
N ILE A 230 6.47 -7.24 2.54
CA ILE A 230 5.54 -8.33 2.81
C ILE A 230 4.19 -7.95 2.22
N ILE A 231 3.42 -8.92 1.74
CA ILE A 231 2.13 -8.62 1.16
C ILE A 231 1.06 -9.39 1.92
N TYR A 232 -0.18 -8.92 1.87
CA TYR A 232 -1.26 -9.62 2.53
C TYR A 232 -2.61 -9.05 2.12
N LEU A 233 -3.65 -9.86 2.26
CA LEU A 233 -4.99 -9.42 1.90
C LEU A 233 -5.97 -9.66 3.05
N TYR A 234 -6.87 -8.73 3.26
CA TYR A 234 -7.87 -8.86 4.32
C TYR A 234 -9.26 -8.47 3.83
N ARG A 235 -10.27 -9.08 4.46
CA ARG A 235 -11.66 -8.78 4.15
C ARG A 235 -12.09 -7.57 4.94
N LYS A 236 -13.18 -6.94 4.52
CA LYS A 236 -13.65 -5.76 5.23
C LYS A 236 -14.96 -6.05 5.94
N GLN A 237 -15.00 -5.71 7.23
CA GLN A 237 -16.19 -5.93 8.05
C GLN A 237 -16.71 -7.35 7.87
N GLU A 238 -16.51 -8.17 8.89
CA GLU A 238 -16.96 -9.56 8.85
C GLU A 238 -16.85 -10.18 10.25
N THR A 239 -17.07 -11.49 10.34
CA THR A 239 -16.99 -12.16 11.64
C THR A 239 -15.90 -13.23 11.62
N VAL A 240 -15.04 -13.19 12.63
CA VAL A 240 -13.95 -14.17 12.74
C VAL A 240 -14.50 -15.58 12.93
N GLY A 1 1.28 17.47 20.60
CA GLY A 1 2.54 16.68 20.74
C GLY A 1 2.65 15.59 19.70
N ALA A 2 3.49 14.59 19.97
CA ALA A 2 3.69 13.48 19.05
C ALA A 2 4.21 13.97 17.70
N MET A 3 5.12 14.94 17.73
CA MET A 3 5.69 15.48 16.49
C MET A 3 6.42 14.38 15.71
N ALA A 4 7.12 13.51 16.43
CA ALA A 4 7.86 12.42 15.78
C ALA A 4 7.00 11.69 14.76
N GLN A 5 5.82 11.24 15.18
CA GLN A 5 4.91 10.57 14.25
C GLN A 5 4.37 11.57 13.25
N GLU A 6 3.67 12.59 13.76
CA GLU A 6 3.05 13.60 12.90
C GLU A 6 3.92 13.91 11.68
N GLU A 7 5.14 14.37 11.90
CA GLU A 7 6.05 14.64 10.77
C GLU A 7 6.38 13.34 10.05
N ALA A 8 6.65 12.29 10.84
CA ALA A 8 7.02 10.97 10.29
C ALA A 8 6.26 10.67 8.99
N GLY A 9 4.93 10.73 9.04
CA GLY A 9 4.14 10.48 7.85
C GLY A 9 4.16 11.67 6.91
N ARG A 10 5.13 11.68 5.98
CA ARG A 10 5.29 12.81 5.07
C ARG A 10 4.07 13.09 4.18
N LEU A 11 3.46 12.07 3.59
CA LEU A 11 2.32 12.31 2.69
C LEU A 11 1.20 13.14 3.31
N PRO A 12 0.73 12.80 4.52
CA PRO A 12 -0.35 13.56 5.14
C PRO A 12 0.04 15.00 5.36
N GLN A 13 1.33 15.24 5.56
CA GLN A 13 1.83 16.59 5.70
C GLN A 13 1.58 17.34 4.40
N VAL A 14 1.81 16.63 3.28
CA VAL A 14 1.65 17.21 1.96
C VAL A 14 0.22 17.70 1.74
N LEU A 15 -0.79 16.91 2.09
CA LEU A 15 -2.18 17.36 1.90
C LEU A 15 -2.39 18.64 2.70
N ALA A 16 -1.87 18.64 3.93
CA ALA A 16 -2.00 19.80 4.80
C ALA A 16 -1.44 21.04 4.09
N ARG A 17 -0.28 20.89 3.46
CA ARG A 17 0.30 21.99 2.70
C ARG A 17 -0.48 22.18 1.39
N VAL A 18 -0.98 21.08 0.83
CA VAL A 18 -1.77 21.12 -0.41
C VAL A 18 -3.04 21.94 -0.20
N GLY A 19 -3.66 21.76 0.97
CA GLY A 19 -4.89 22.47 1.27
C GLY A 19 -4.80 23.95 1.03
N THR A 20 -3.66 24.57 1.37
CA THR A 20 -3.49 25.99 1.15
C THR A 20 -3.61 26.29 -0.34
N SER A 21 -2.90 25.51 -1.16
CA SER A 21 -2.94 25.67 -2.60
C SER A 21 -2.46 27.07 -3.01
N HIS A 22 -2.84 27.53 -4.20
CA HIS A 22 -2.39 28.84 -4.68
C HIS A 22 -0.88 28.84 -4.90
N GLY A 23 -0.38 27.73 -5.43
CA GLY A 23 1.04 27.60 -5.71
C GLY A 23 1.32 26.39 -6.57
N ILE A 24 0.73 26.37 -7.76
CA ILE A 24 0.89 25.24 -8.67
C ILE A 24 2.36 25.05 -9.05
N THR A 25 3.10 26.14 -9.28
CA THR A 25 4.50 26.03 -9.66
C THR A 25 5.31 25.30 -8.58
N ASP A 26 5.17 25.72 -7.32
CA ASP A 26 5.90 25.05 -6.24
C ASP A 26 5.18 23.76 -5.83
N LEU A 27 3.89 23.67 -6.12
CA LEU A 27 3.12 22.47 -5.82
C LEU A 27 3.75 21.29 -6.56
N ALA A 28 4.20 21.58 -7.78
CA ALA A 28 4.91 20.60 -8.61
C ALA A 28 6.35 20.46 -8.11
N CYS A 29 6.89 21.57 -7.60
CA CYS A 29 8.26 21.60 -7.10
C CYS A 29 8.43 20.57 -5.99
N LYS A 30 7.54 20.59 -5.00
CA LYS A 30 7.63 19.64 -3.90
C LYS A 30 7.54 18.21 -4.42
N LEU A 31 6.52 17.93 -5.25
CA LEU A 31 6.34 16.59 -5.82
C LEU A 31 7.54 16.21 -6.68
N ARG A 32 8.06 17.17 -7.44
CA ARG A 32 9.24 16.94 -8.28
C ARG A 32 10.44 16.55 -7.42
N PHE A 33 10.55 17.16 -6.25
CA PHE A 33 11.64 16.84 -5.33
C PHE A 33 11.55 15.36 -4.96
N TYR A 34 10.36 14.94 -4.54
CA TYR A 34 10.13 13.55 -4.16
C TYR A 34 10.29 12.63 -5.36
N ASP A 35 9.79 13.06 -6.52
CA ASP A 35 9.89 12.26 -7.75
C ASP A 35 11.33 12.18 -8.27
N ASP A 36 12.22 13.01 -7.71
CA ASP A 36 13.62 12.97 -8.10
C ASP A 36 14.18 11.58 -7.81
N TRP A 37 13.92 11.10 -6.59
CA TRP A 37 14.36 9.78 -6.15
C TRP A 37 13.32 8.70 -6.46
N ALA A 38 12.07 9.13 -6.75
CA ALA A 38 10.96 8.20 -7.03
C ALA A 38 11.39 7.00 -7.87
N PRO A 39 11.96 7.21 -9.07
CA PRO A 39 12.40 6.11 -9.93
C PRO A 39 13.25 5.09 -9.18
N GLU A 40 14.12 5.60 -8.32
CA GLU A 40 15.01 4.75 -7.52
C GLU A 40 14.21 3.92 -6.52
N TYR A 41 13.04 4.44 -6.10
CA TYR A 41 12.17 3.70 -5.20
C TYR A 41 11.54 2.51 -5.91
N ASP A 42 11.14 2.70 -7.17
CA ASP A 42 10.50 1.62 -7.91
C ASP A 42 11.42 0.40 -7.98
N GLN A 43 12.67 0.60 -8.42
CA GLN A 43 13.60 -0.52 -8.49
C GLN A 43 13.82 -1.10 -7.10
N ASP A 44 13.63 -0.27 -6.06
CA ASP A 44 13.79 -0.71 -4.68
C ASP A 44 12.83 -1.84 -4.35
N VAL A 45 11.60 -1.79 -4.87
CA VAL A 45 10.64 -2.86 -4.62
C VAL A 45 11.09 -4.13 -5.33
N ALA A 46 11.60 -4.00 -6.56
CA ALA A 46 12.10 -5.16 -7.29
C ALA A 46 13.30 -5.74 -6.56
N ALA A 47 14.15 -4.85 -6.04
CA ALA A 47 15.34 -5.26 -5.30
C ALA A 47 14.97 -6.09 -4.07
N LEU A 48 13.79 -5.85 -3.51
CA LEU A 48 13.33 -6.62 -2.36
C LEU A 48 12.54 -7.86 -2.81
N LYS A 49 12.34 -8.01 -4.13
CA LYS A 49 11.60 -9.13 -4.69
C LYS A 49 10.14 -9.06 -4.25
N TYR A 50 9.54 -7.90 -4.44
CA TYR A 50 8.14 -7.71 -4.06
C TYR A 50 7.20 -8.47 -4.98
N ARG A 51 7.04 -9.76 -4.73
CA ARG A 51 6.12 -10.59 -5.50
C ARG A 51 4.68 -10.17 -5.18
N ALA A 52 4.50 -9.66 -3.95
CA ALA A 52 3.22 -9.21 -3.43
C ALA A 52 2.27 -8.69 -4.52
N PRO A 53 2.67 -7.69 -5.32
CA PRO A 53 1.81 -7.14 -6.39
C PRO A 53 1.40 -8.19 -7.44
N ARG A 54 2.28 -9.17 -7.65
CA ARG A 54 1.98 -10.25 -8.58
C ARG A 54 0.89 -11.14 -8.03
N LEU A 55 1.14 -11.66 -6.83
CA LEU A 55 0.19 -12.50 -6.12
C LEU A 55 -1.00 -11.67 -5.62
N ALA A 56 -0.73 -10.40 -5.34
CA ALA A 56 -1.76 -9.48 -4.85
C ALA A 56 -2.96 -9.52 -5.79
N VAL A 57 -2.72 -9.15 -7.06
CA VAL A 57 -3.79 -9.13 -8.04
C VAL A 57 -4.43 -10.52 -8.24
N ASP A 58 -3.60 -11.55 -8.39
CA ASP A 58 -4.12 -12.91 -8.60
C ASP A 58 -4.81 -13.47 -7.36
N CYS A 59 -4.23 -13.20 -6.19
CA CYS A 59 -4.80 -13.72 -4.94
C CYS A 59 -6.13 -13.06 -4.61
N LEU A 60 -6.23 -11.75 -4.85
CA LEU A 60 -7.46 -11.03 -4.55
C LEU A 60 -8.65 -11.59 -5.32
N SER A 61 -8.48 -11.77 -6.64
CA SER A 61 -9.56 -12.29 -7.49
C SER A 61 -9.97 -13.72 -7.12
N ARG A 62 -8.99 -14.56 -6.77
CA ARG A 62 -9.30 -15.94 -6.39
C ARG A 62 -10.22 -15.96 -5.17
N ALA A 63 -9.95 -15.07 -4.22
CA ALA A 63 -10.77 -14.95 -3.02
C ALA A 63 -11.94 -14.00 -3.24
N PHE A 64 -11.78 -13.09 -4.21
CA PHE A 64 -12.81 -12.12 -4.53
C PHE A 64 -13.91 -12.73 -5.39
N ARG A 65 -14.99 -13.14 -4.74
CA ARG A 65 -16.12 -13.77 -5.43
C ARG A 65 -16.72 -12.86 -6.48
N GLY A 66 -16.82 -11.57 -6.15
CA GLY A 66 -17.36 -10.62 -7.10
C GLY A 66 -16.44 -10.41 -8.27
N SER A 67 -16.99 -10.08 -9.43
CA SER A 67 -16.18 -9.88 -10.62
C SER A 67 -15.61 -8.46 -10.63
N PRO A 68 -14.28 -8.33 -10.75
CA PRO A 68 -13.62 -7.01 -10.81
C PRO A 68 -14.20 -6.15 -11.95
N HIS A 69 -14.86 -6.82 -12.90
CA HIS A 69 -15.50 -6.12 -14.01
C HIS A 69 -16.74 -5.38 -13.50
N ASP A 70 -17.59 -6.09 -12.75
CA ASP A 70 -18.82 -5.52 -12.20
C ASP A 70 -18.55 -4.77 -10.88
N ALA A 71 -17.51 -5.19 -10.15
CA ALA A 71 -17.15 -4.53 -8.91
C ALA A 71 -16.29 -3.31 -9.21
N LEU A 72 -16.19 -2.38 -8.27
CA LEU A 72 -15.36 -1.20 -8.50
C LEU A 72 -14.08 -1.28 -7.68
N ILE A 73 -12.95 -1.36 -8.37
CA ILE A 73 -11.65 -1.49 -7.72
C ILE A 73 -11.01 -0.13 -7.41
N LEU A 74 -10.16 -0.11 -6.38
CA LEU A 74 -9.49 1.11 -5.98
C LEU A 74 -7.99 0.89 -5.77
N ASP A 75 -7.19 1.85 -6.19
CA ASP A 75 -5.76 1.78 -5.98
C ASP A 75 -5.31 3.08 -5.34
N VAL A 76 -4.28 3.01 -4.53
CA VAL A 76 -3.80 4.20 -3.85
C VAL A 76 -2.58 4.77 -4.58
N ALA A 77 -2.01 5.81 -4.03
CA ALA A 77 -0.85 6.46 -4.64
C ALA A 77 0.17 5.44 -5.09
N CYS A 78 0.40 4.44 -4.27
CA CYS A 78 1.35 3.38 -4.60
C CYS A 78 0.81 2.46 -5.70
N GLY A 79 -0.17 2.94 -6.47
CA GLY A 79 -0.71 2.14 -7.55
C GLY A 79 0.22 2.15 -8.74
N THR A 80 1.27 1.32 -8.67
CA THR A 80 2.25 1.24 -9.75
C THR A 80 1.58 0.89 -11.07
N GLY A 81 1.93 1.64 -12.12
CA GLY A 81 1.32 1.43 -13.43
C GLY A 81 1.28 -0.02 -13.85
N LEU A 82 2.40 -0.73 -13.77
CA LEU A 82 2.47 -2.12 -14.19
C LEU A 82 1.51 -3.00 -13.41
N VAL A 83 1.34 -2.75 -12.11
CA VAL A 83 0.42 -3.56 -11.32
C VAL A 83 -0.98 -3.43 -11.90
N ALA A 84 -1.33 -2.23 -12.36
CA ALA A 84 -2.62 -2.01 -12.98
C ALA A 84 -2.67 -2.71 -14.35
N VAL A 85 -1.55 -2.66 -15.07
CA VAL A 85 -1.47 -3.32 -16.38
C VAL A 85 -1.73 -4.80 -16.18
N GLU A 86 -1.14 -5.33 -15.10
CA GLU A 86 -1.35 -6.73 -14.71
C GLU A 86 -2.78 -6.88 -14.19
N LEU A 87 -3.27 -5.82 -13.54
CA LEU A 87 -4.64 -5.80 -13.01
C LEU A 87 -5.65 -6.00 -14.13
N GLN A 88 -5.50 -5.29 -15.25
CA GLN A 88 -6.44 -5.45 -16.36
C GLN A 88 -6.44 -6.88 -16.88
N ALA A 89 -5.26 -7.46 -17.09
CA ALA A 89 -5.16 -8.83 -17.59
C ALA A 89 -5.82 -9.78 -16.59
N ARG A 90 -5.72 -9.46 -15.31
CA ARG A 90 -6.31 -10.28 -14.27
C ARG A 90 -7.83 -10.36 -14.47
N GLY A 91 -8.42 -9.23 -14.86
CA GLY A 91 -9.85 -9.17 -15.09
C GLY A 91 -10.55 -8.00 -14.39
N PHE A 92 -9.80 -6.93 -14.11
CA PHE A 92 -10.35 -5.77 -13.43
C PHE A 92 -10.65 -4.67 -14.45
N LEU A 93 -11.94 -4.45 -14.73
CA LEU A 93 -12.34 -3.44 -15.71
C LEU A 93 -12.85 -2.15 -15.06
N GLN A 94 -12.78 -2.05 -13.74
CA GLN A 94 -13.22 -0.84 -13.05
C GLN A 94 -12.20 -0.49 -11.98
N VAL A 95 -11.58 0.69 -12.06
CA VAL A 95 -10.58 1.08 -11.07
C VAL A 95 -10.58 2.58 -10.76
N GLN A 96 -10.41 2.89 -9.50
CA GLN A 96 -10.35 4.27 -9.02
C GLN A 96 -9.27 4.41 -7.96
N GLY A 97 -8.80 5.63 -7.71
CA GLY A 97 -7.76 5.78 -6.71
C GLY A 97 -7.26 7.21 -6.53
N VAL A 98 -6.19 7.32 -5.76
CA VAL A 98 -5.54 8.61 -5.49
C VAL A 98 -4.03 8.45 -5.46
N ASP A 99 -3.30 9.42 -6.00
CA ASP A 99 -1.83 9.37 -5.99
C ASP A 99 -1.25 10.77 -5.82
N GLY A 100 0.01 10.87 -5.37
CA GLY A 100 0.61 12.18 -5.16
C GLY A 100 1.70 12.55 -6.15
N SER A 101 2.44 11.56 -6.67
CA SER A 101 3.52 11.85 -7.61
C SER A 101 3.01 11.89 -9.06
N PRO A 102 3.09 13.05 -9.73
CA PRO A 102 2.64 13.16 -11.12
C PRO A 102 3.23 12.04 -11.98
N GLU A 103 4.52 11.77 -11.79
CA GLU A 103 5.21 10.69 -12.51
C GLU A 103 4.52 9.36 -12.19
N MET A 104 4.14 9.24 -10.92
CA MET A 104 3.41 8.08 -10.43
C MET A 104 1.99 8.09 -11.01
N LEU A 105 1.42 9.30 -11.08
CA LEU A 105 0.10 9.52 -11.67
C LEU A 105 0.15 9.32 -13.18
N LYS A 106 1.24 9.78 -13.80
CA LYS A 106 1.42 9.70 -15.25
C LYS A 106 1.37 8.26 -15.72
N GLN A 107 2.10 7.38 -15.03
CA GLN A 107 2.08 5.98 -15.42
C GLN A 107 0.64 5.44 -15.34
N ALA A 108 0.00 5.64 -14.20
CA ALA A 108 -1.37 5.17 -14.01
C ALA A 108 -2.37 5.87 -14.96
N ARG A 109 -2.32 7.20 -15.02
CA ARG A 109 -3.25 7.97 -15.88
C ARG A 109 -2.96 7.80 -17.38
N ALA A 110 -1.73 8.08 -17.81
CA ALA A 110 -1.38 7.95 -19.23
C ALA A 110 -1.57 6.51 -19.69
N ARG A 111 -1.31 5.58 -18.78
CA ARG A 111 -1.49 4.17 -19.08
C ARG A 111 -2.96 3.92 -19.44
N GLY A 112 -3.86 4.58 -18.72
CA GLY A 112 -5.28 4.44 -18.98
C GLY A 112 -5.91 3.25 -18.28
N LEU A 113 -5.20 2.71 -17.30
CA LEU A 113 -5.71 1.60 -16.52
C LEU A 113 -6.74 2.09 -15.51
N TYR A 114 -6.46 3.27 -14.96
CA TYR A 114 -7.32 3.86 -13.94
C TYR A 114 -8.42 4.73 -14.53
N HIS A 115 -9.67 4.33 -14.27
CA HIS A 115 -10.83 5.07 -14.75
C HIS A 115 -10.82 6.49 -14.18
N HIS A 116 -10.56 6.60 -12.88
CA HIS A 116 -10.52 7.89 -12.22
C HIS A 116 -9.42 7.95 -11.16
N LEU A 117 -8.50 8.88 -11.32
CA LEU A 117 -7.41 9.06 -10.36
C LEU A 117 -7.47 10.46 -9.78
N SER A 118 -7.17 10.59 -8.50
CA SER A 118 -7.22 11.89 -7.86
C SER A 118 -5.91 12.21 -7.13
N LEU A 119 -5.49 13.47 -7.23
CA LEU A 119 -4.28 13.90 -6.55
C LEU A 119 -4.67 14.36 -5.16
N CYS A 120 -4.10 13.75 -4.13
CA CYS A 120 -4.43 14.13 -2.77
C CYS A 120 -3.62 13.37 -1.73
N THR A 121 -2.44 13.87 -1.42
CA THR A 121 -1.58 13.23 -0.43
C THR A 121 -2.34 13.03 0.87
N LEU A 122 -1.85 12.16 1.74
CA LEU A 122 -2.52 11.91 3.02
C LEU A 122 -1.75 10.86 3.83
N GLY A 123 -2.27 10.54 5.03
CA GLY A 123 -1.59 9.56 5.87
C GLY A 123 -2.19 9.47 7.26
N GLN A 124 -2.27 10.58 7.97
CA GLN A 124 -2.85 10.63 9.29
C GLN A 124 -4.16 11.40 9.16
N GLU A 125 -4.71 11.38 7.95
CA GLU A 125 -5.95 12.04 7.60
C GLU A 125 -6.76 11.12 6.69
N PRO A 126 -8.07 11.33 6.56
CA PRO A 126 -8.94 10.49 5.73
C PRO A 126 -8.61 10.56 4.23
N LEU A 127 -8.91 9.47 3.52
CA LEU A 127 -8.66 9.39 2.08
C LEU A 127 -9.76 10.10 1.28
N PRO A 128 -9.43 10.48 0.03
CA PRO A 128 -10.35 11.20 -0.87
C PRO A 128 -11.52 10.36 -1.42
N ASP A 129 -11.58 9.06 -1.12
CA ASP A 129 -12.66 8.22 -1.62
C ASP A 129 -13.79 8.10 -0.60
N PRO A 130 -15.05 7.98 -1.07
CA PRO A 130 -16.22 7.84 -0.20
C PRO A 130 -16.25 6.47 0.48
N GLU A 131 -17.09 6.31 1.51
CA GLU A 131 -17.19 5.04 2.21
C GLU A 131 -18.02 4.05 1.39
N GLY A 132 -17.81 2.75 1.62
CA GLY A 132 -18.55 1.74 0.87
C GLY A 132 -18.62 2.08 -0.59
N THR A 133 -17.54 2.67 -1.11
CA THR A 133 -17.46 3.10 -2.49
C THR A 133 -17.06 1.97 -3.44
N PHE A 134 -15.85 1.43 -3.24
CA PHE A 134 -15.33 0.40 -4.12
C PHE A 134 -15.27 -0.98 -3.47
N ASP A 135 -15.52 -2.01 -4.27
CA ASP A 135 -15.54 -3.40 -3.82
C ASP A 135 -14.15 -3.94 -3.45
N ALA A 136 -13.09 -3.27 -3.88
CA ALA A 136 -11.73 -3.74 -3.54
C ALA A 136 -10.68 -2.66 -3.79
N VAL A 137 -9.51 -2.82 -3.16
CA VAL A 137 -8.42 -1.87 -3.32
C VAL A 137 -7.06 -2.59 -3.37
N ILE A 138 -6.16 -2.12 -4.25
CA ILE A 138 -4.83 -2.74 -4.35
C ILE A 138 -3.71 -1.69 -4.37
N ILE A 139 -2.93 -1.64 -3.29
CA ILE A 139 -1.84 -0.67 -3.15
C ILE A 139 -0.52 -1.40 -2.86
N VAL A 140 0.60 -0.88 -3.39
CA VAL A 140 1.90 -1.53 -3.19
C VAL A 140 3.03 -0.59 -2.71
N GLY A 141 3.71 -1.01 -1.65
CA GLY A 141 4.85 -0.25 -1.12
C GLY A 141 4.50 0.94 -0.24
N ALA A 142 3.24 1.08 0.15
CA ALA A 142 2.81 2.18 1.01
C ALA A 142 2.51 1.70 2.43
N LEU A 143 3.20 2.26 3.43
CA LEU A 143 2.96 1.87 4.83
C LEU A 143 3.44 2.94 5.80
N SER A 144 3.17 2.72 7.09
CA SER A 144 3.60 3.65 8.13
C SER A 144 5.12 3.72 8.15
N GLU A 145 5.67 4.76 7.54
CA GLU A 145 7.12 4.99 7.49
C GLU A 145 7.41 6.21 6.61
N GLY A 146 6.64 7.27 6.83
CA GLY A 146 6.80 8.48 6.05
C GLY A 146 5.95 8.49 4.79
N GLN A 147 5.57 7.30 4.28
CA GLN A 147 4.77 7.20 3.08
C GLN A 147 3.25 7.20 3.38
N VAL A 148 2.71 6.05 3.81
CA VAL A 148 1.29 5.94 4.12
C VAL A 148 1.05 5.36 5.53
N PRO A 149 0.84 6.23 6.52
CA PRO A 149 0.61 5.82 7.92
C PRO A 149 -0.46 4.73 8.07
N CYS A 150 -0.02 3.57 8.52
CA CYS A 150 -0.87 2.39 8.68
C CYS A 150 -2.26 2.69 9.23
N SER A 151 -2.44 3.79 9.99
CA SER A 151 -3.79 4.09 10.51
C SER A 151 -4.70 4.52 9.37
N ALA A 152 -4.13 5.16 8.35
CA ALA A 152 -4.91 5.62 7.20
C ALA A 152 -5.38 4.45 6.35
N ILE A 153 -4.54 3.42 6.19
CA ILE A 153 -4.90 2.27 5.36
C ILE A 153 -6.34 1.81 5.60
N PRO A 154 -6.73 1.61 6.88
CA PRO A 154 -8.10 1.18 7.21
C PRO A 154 -9.15 2.18 6.72
N GLU A 155 -8.73 3.39 6.37
CA GLU A 155 -9.65 4.36 5.78
C GLU A 155 -9.99 3.85 4.38
N LEU A 156 -8.97 3.33 3.69
CA LEU A 156 -9.17 2.72 2.37
C LEU A 156 -10.13 1.56 2.54
N LEU A 157 -9.94 0.84 3.65
CA LEU A 157 -10.80 -0.28 3.99
C LEU A 157 -12.21 0.25 4.18
N ARG A 158 -12.32 1.40 4.86
CA ARG A 158 -13.62 2.04 5.08
C ARG A 158 -14.26 2.39 3.73
N VAL A 159 -13.44 2.78 2.76
CA VAL A 159 -13.92 3.09 1.41
C VAL A 159 -14.29 1.80 0.66
N THR A 160 -13.89 0.67 1.23
CA THR A 160 -14.20 -0.63 0.66
C THR A 160 -15.39 -1.23 1.42
N LYS A 161 -16.31 -1.88 0.70
CA LYS A 161 -17.49 -2.47 1.34
C LYS A 161 -17.15 -3.80 2.00
N PRO A 162 -17.98 -4.24 2.97
CA PRO A 162 -17.78 -5.52 3.66
C PRO A 162 -17.80 -6.69 2.67
N GLY A 163 -16.91 -7.65 2.88
CA GLY A 163 -16.83 -8.79 1.97
C GLY A 163 -15.84 -8.53 0.83
N GLY A 164 -15.46 -7.25 0.68
CA GLY A 164 -14.53 -6.88 -0.37
C GLY A 164 -13.12 -7.36 -0.09
N LEU A 165 -12.16 -6.92 -0.91
CA LEU A 165 -10.78 -7.33 -0.75
C LEU A 165 -9.83 -6.13 -0.78
N VAL A 166 -8.85 -6.12 0.12
CA VAL A 166 -7.87 -5.03 0.17
C VAL A 166 -6.46 -5.60 0.04
N CYS A 167 -5.69 -5.08 -0.92
CA CYS A 167 -4.34 -5.57 -1.14
C CYS A 167 -3.27 -4.53 -0.79
N LEU A 168 -2.44 -4.86 0.19
CA LEU A 168 -1.36 -3.97 0.62
C LEU A 168 -0.05 -4.73 0.70
N THR A 169 1.05 -4.09 0.30
CA THR A 169 2.35 -4.73 0.32
C THR A 169 3.45 -3.72 0.68
N THR A 170 4.51 -4.19 1.33
CA THR A 170 5.63 -3.33 1.74
C THR A 170 6.64 -4.16 2.57
N ARG A 171 7.62 -3.53 3.21
CA ARG A 171 8.57 -4.28 4.01
C ARG A 171 7.88 -4.77 5.27
N THR A 172 7.80 -6.10 5.45
CA THR A 172 7.12 -6.66 6.62
C THR A 172 7.77 -6.22 7.93
N ASN A 173 9.09 -6.32 8.02
CA ASN A 173 9.79 -5.96 9.25
C ASN A 173 10.91 -4.96 9.01
N PRO A 174 10.59 -3.80 8.41
CA PRO A 174 11.57 -2.74 8.18
C PRO A 174 12.15 -2.24 9.50
N SER A 175 11.35 -2.34 10.57
CA SER A 175 11.76 -1.91 11.90
C SER A 175 11.01 -2.72 12.96
N ASN A 176 11.54 -2.76 14.19
CA ASN A 176 10.88 -3.51 15.25
C ASN A 176 10.61 -4.95 14.80
N LEU A 177 11.66 -5.59 14.27
CA LEU A 177 11.59 -6.96 13.76
C LEU A 177 10.58 -7.84 14.52
N PRO A 178 10.84 -8.17 15.80
CA PRO A 178 9.90 -9.01 16.58
C PRO A 178 8.52 -8.38 16.72
N TYR A 179 8.47 -7.06 16.81
CA TYR A 179 7.20 -6.35 16.97
C TYR A 179 6.27 -6.56 15.78
N LYS A 180 6.81 -6.83 14.60
CA LYS A 180 5.94 -7.02 13.45
C LYS A 180 5.00 -8.18 13.72
N GLU A 181 5.53 -9.25 14.34
CA GLU A 181 4.68 -10.38 14.69
C GLU A 181 3.58 -9.85 15.61
N THR A 182 4.01 -8.98 16.54
CA THR A 182 3.07 -8.33 17.44
C THR A 182 2.09 -7.52 16.60
N LEU A 183 2.62 -6.85 15.56
CA LEU A 183 1.81 -6.09 14.63
C LEU A 183 0.79 -7.00 13.94
N GLU A 184 1.26 -8.18 13.53
CA GLU A 184 0.41 -9.14 12.84
C GLU A 184 -0.76 -9.52 13.75
N ALA A 185 -0.48 -9.69 15.04
CA ALA A 185 -1.52 -10.01 16.02
C ALA A 185 -2.55 -8.88 16.05
N THR A 186 -2.08 -7.64 15.86
CA THR A 186 -2.96 -6.47 15.84
C THR A 186 -4.00 -6.61 14.74
N LEU A 187 -3.56 -7.12 13.58
CA LEU A 187 -4.48 -7.31 12.46
C LEU A 187 -5.59 -8.26 12.89
N ASP A 188 -5.20 -9.33 13.59
CA ASP A 188 -6.16 -10.34 14.05
C ASP A 188 -7.19 -9.69 14.98
N SER A 189 -6.77 -8.77 15.85
CA SER A 189 -7.71 -8.09 16.73
C SER A 189 -8.73 -7.34 15.89
N LEU A 190 -8.26 -6.72 14.81
CA LEU A 190 -9.14 -6.00 13.89
C LEU A 190 -10.05 -7.00 13.19
N GLU A 191 -9.46 -8.16 12.84
CA GLU A 191 -10.19 -9.23 12.17
C GLU A 191 -11.34 -9.73 13.04
N ARG A 192 -11.01 -10.11 14.25
CA ARG A 192 -12.00 -10.61 15.19
C ARG A 192 -13.04 -9.55 15.55
N ALA A 193 -12.60 -8.31 15.73
CA ALA A 193 -13.51 -7.23 16.06
C ALA A 193 -14.56 -7.03 14.98
N GLY A 194 -14.15 -7.13 13.71
CA GLY A 194 -15.10 -6.97 12.63
C GLY A 194 -14.61 -6.12 11.46
N VAL A 195 -13.59 -5.29 11.69
CA VAL A 195 -13.09 -4.41 10.63
C VAL A 195 -12.75 -5.18 9.33
N TRP A 196 -11.75 -6.04 9.39
CA TRP A 196 -11.32 -6.82 8.21
C TRP A 196 -10.77 -8.17 8.62
N GLU A 197 -10.89 -9.19 7.75
CA GLU A 197 -10.38 -10.51 8.10
C GLU A 197 -9.31 -10.99 7.11
N CYS A 198 -8.12 -11.28 7.62
CA CYS A 198 -7.01 -11.74 6.78
C CYS A 198 -7.30 -13.09 6.13
N LEU A 199 -7.76 -13.09 4.88
CA LEU A 199 -8.03 -14.34 4.19
C LEU A 199 -6.77 -15.19 4.07
N VAL A 200 -5.69 -14.55 3.60
CA VAL A 200 -4.44 -15.25 3.39
C VAL A 200 -3.28 -14.26 3.21
N THR A 201 -2.05 -14.78 3.33
CA THR A 201 -0.85 -13.98 3.13
C THR A 201 0.17 -14.79 2.31
N GLN A 202 0.58 -14.24 1.16
CA GLN A 202 1.50 -14.94 0.27
C GLN A 202 2.97 -14.82 0.67
N PRO A 203 3.75 -15.90 0.46
CA PRO A 203 5.18 -15.96 0.75
C PRO A 203 5.97 -14.93 -0.03
N VAL A 204 7.07 -14.48 0.56
CA VAL A 204 7.93 -13.47 -0.04
C VAL A 204 9.41 -13.83 0.18
N ASP A 205 10.32 -12.87 -0.04
CA ASP A 205 11.74 -13.12 0.19
C ASP A 205 12.16 -12.40 1.48
N HIS A 206 11.16 -11.98 2.25
CA HIS A 206 11.36 -11.27 3.49
C HIS A 206 12.18 -12.07 4.51
N TRP A 207 11.95 -13.38 4.59
CA TRP A 207 12.66 -14.23 5.55
C TRP A 207 14.19 -14.20 5.34
N GLU A 208 14.64 -14.43 4.11
CA GLU A 208 16.08 -14.50 3.81
C GLU A 208 16.85 -13.24 4.14
N LEU A 209 16.27 -12.06 3.95
CA LEU A 209 16.99 -10.83 4.21
C LEU A 209 17.44 -10.78 5.68
N ALA A 210 16.54 -11.14 6.59
CA ALA A 210 16.87 -11.16 8.00
C ALA A 210 17.76 -12.35 8.37
N THR A 211 17.47 -13.51 7.79
CA THR A 211 18.25 -14.71 8.07
C THR A 211 19.70 -14.51 7.65
N SER A 212 20.62 -14.82 8.57
CA SER A 212 22.05 -14.66 8.29
C SER A 212 22.88 -15.01 9.55
N GLU A 213 24.05 -14.39 9.72
CA GLU A 213 24.88 -14.68 10.89
C GLU A 213 24.14 -14.35 12.18
N GLN A 214 23.40 -13.24 12.19
CA GLN A 214 22.64 -12.84 13.38
C GLN A 214 23.56 -12.76 14.61
N GLU A 215 24.72 -12.14 14.45
CA GLU A 215 25.68 -12.01 15.54
C GLU A 215 26.22 -10.59 15.65
N THR A 216 26.77 -10.26 16.82
CA THR A 216 27.33 -8.94 17.04
C THR A 216 28.53 -8.72 16.10
N GLY A 217 29.33 -9.77 15.93
CA GLY A 217 30.49 -9.69 15.06
C GLY A 217 30.12 -9.20 13.67
N LEU A 218 30.97 -8.34 13.10
CA LEU A 218 30.71 -7.80 11.76
C LEU A 218 29.27 -7.32 11.62
N GLY A 219 28.75 -6.69 12.67
CA GLY A 219 27.37 -6.22 12.64
C GLY A 219 27.13 -5.22 11.51
N THR A 220 27.95 -4.18 11.46
CA THR A 220 27.79 -3.16 10.41
C THR A 220 28.04 -3.76 9.03
N CYS A 221 29.04 -4.63 8.92
CA CYS A 221 29.36 -5.26 7.64
C CYS A 221 28.26 -6.24 7.23
N ALA A 222 27.75 -7.00 8.20
CA ALA A 222 26.69 -7.97 7.93
C ALA A 222 25.38 -7.27 7.57
N ASN A 223 24.92 -6.38 8.45
CA ASN A 223 23.66 -5.68 8.21
C ASN A 223 22.55 -6.68 7.92
N ASP A 224 22.52 -7.77 8.67
CA ASP A 224 21.52 -8.81 8.47
C ASP A 224 20.57 -8.91 9.65
N GLY A 225 19.34 -9.30 9.35
CA GLY A 225 18.32 -9.43 10.38
C GLY A 225 17.16 -8.47 10.16
N PHE A 226 16.85 -8.19 8.89
CA PHE A 226 15.75 -7.32 8.54
C PHE A 226 14.86 -8.05 7.54
N ILE A 227 13.59 -8.22 7.88
CA ILE A 227 12.68 -8.95 7.01
C ILE A 227 11.79 -7.96 6.24
N SER A 228 11.71 -8.12 4.92
CA SER A 228 10.91 -7.19 4.10
C SER A 228 10.16 -7.87 2.94
N GLY A 229 9.16 -7.14 2.43
CA GLY A 229 8.36 -7.59 1.32
C GLY A 229 7.40 -8.70 1.69
N ILE A 230 6.10 -8.46 1.52
CA ILE A 230 5.06 -9.46 1.81
C ILE A 230 3.68 -8.95 1.39
N ILE A 231 2.82 -9.83 0.90
CA ILE A 231 1.49 -9.42 0.47
C ILE A 231 0.45 -9.70 1.56
N TYR A 232 -0.49 -8.78 1.73
CA TYR A 232 -1.55 -8.94 2.73
C TYR A 232 -2.94 -8.79 2.12
N LEU A 233 -3.67 -9.88 1.90
CA LEU A 233 -5.01 -9.79 1.33
C LEU A 233 -6.05 -10.02 2.43
N TYR A 234 -6.89 -9.03 2.68
CA TYR A 234 -7.89 -9.11 3.74
C TYR A 234 -9.30 -8.78 3.21
N ARG A 235 -10.31 -9.39 3.82
CA ARG A 235 -11.70 -9.09 3.46
C ARG A 235 -12.20 -7.92 4.29
N LYS A 236 -13.20 -7.22 3.78
CA LYS A 236 -13.74 -6.07 4.50
C LYS A 236 -14.89 -6.44 5.42
N GLN A 237 -14.83 -5.89 6.64
CA GLN A 237 -15.84 -6.09 7.67
C GLN A 237 -16.38 -7.52 7.69
N GLU A 238 -15.97 -8.26 8.72
CA GLU A 238 -16.42 -9.64 8.91
C GLU A 238 -16.33 -10.00 10.39
N THR A 239 -16.92 -11.13 10.78
CA THR A 239 -16.91 -11.52 12.19
C THR A 239 -16.08 -12.79 12.44
N VAL A 240 -15.34 -12.79 13.54
CA VAL A 240 -14.51 -13.94 13.91
C VAL A 240 -14.67 -14.27 15.39
N GLY A 1 14.80 13.75 9.38
CA GLY A 1 14.52 12.45 10.05
C GLY A 1 14.11 12.62 11.50
N ALA A 2 12.94 13.22 11.72
CA ALA A 2 12.45 13.44 13.08
C ALA A 2 11.42 12.37 13.46
N MET A 3 11.52 11.86 14.69
CA MET A 3 10.59 10.83 15.15
C MET A 3 9.14 11.35 15.12
N ALA A 4 8.94 12.61 15.51
CA ALA A 4 7.61 13.19 15.50
C ALA A 4 7.05 13.20 14.08
N GLN A 5 7.80 13.81 13.15
CA GLN A 5 7.36 13.91 11.77
C GLN A 5 7.03 12.54 11.19
N GLU A 6 7.83 11.53 11.52
CA GLU A 6 7.58 10.18 11.01
C GLU A 6 6.20 9.72 11.49
N GLU A 7 5.91 9.95 12.78
CA GLU A 7 4.64 9.53 13.36
C GLU A 7 3.47 10.04 12.53
N ALA A 8 3.49 11.32 12.17
CA ALA A 8 2.42 11.89 11.36
C ALA A 8 2.46 11.32 9.94
N GLY A 9 3.68 11.18 9.41
CA GLY A 9 3.85 10.66 8.07
C GLY A 9 3.99 11.77 7.06
N ARG A 10 4.97 11.65 6.15
CA ARG A 10 5.23 12.70 5.17
C ARG A 10 4.06 13.02 4.26
N LEU A 11 3.42 12.02 3.63
CA LEU A 11 2.30 12.31 2.73
C LEU A 11 1.26 13.23 3.38
N PRO A 12 0.82 12.91 4.60
CA PRO A 12 -0.18 13.71 5.33
C PRO A 12 0.18 15.19 5.30
N GLN A 13 1.47 15.47 5.45
CA GLN A 13 1.97 16.83 5.43
C GLN A 13 1.64 17.48 4.09
N VAL A 14 1.77 16.69 3.01
CA VAL A 14 1.52 17.20 1.68
C VAL A 14 0.08 17.71 1.53
N LEU A 15 -0.93 16.94 1.97
CA LEU A 15 -2.30 17.45 1.85
C LEU A 15 -2.43 18.73 2.65
N ALA A 16 -1.80 18.74 3.84
CA ALA A 16 -1.85 19.91 4.69
C ALA A 16 -1.32 21.12 3.93
N ARG A 17 -0.22 20.94 3.19
CA ARG A 17 0.34 22.03 2.39
C ARG A 17 -0.59 22.33 1.20
N VAL A 18 -1.26 21.29 0.69
CA VAL A 18 -2.19 21.45 -0.43
C VAL A 18 -3.34 22.38 -0.05
N GLY A 19 -3.84 22.25 1.18
CA GLY A 19 -4.96 23.05 1.63
C GLY A 19 -4.78 24.53 1.33
N THR A 20 -3.58 25.07 1.53
CA THR A 20 -3.36 26.49 1.25
C THR A 20 -3.63 26.77 -0.22
N SER A 21 -3.04 25.95 -1.10
CA SER A 21 -3.23 26.08 -2.54
C SER A 21 -2.66 27.42 -3.05
N HIS A 22 -3.03 27.79 -4.28
CA HIS A 22 -2.53 29.01 -4.89
C HIS A 22 -1.02 28.94 -5.09
N GLY A 23 -0.55 27.76 -5.49
CA GLY A 23 0.87 27.56 -5.73
C GLY A 23 1.15 26.16 -6.26
N ILE A 24 0.39 25.74 -7.28
CA ILE A 24 0.54 24.42 -7.86
C ILE A 24 1.90 24.22 -8.51
N THR A 25 2.57 25.31 -8.88
CA THR A 25 3.88 25.20 -9.51
C THR A 25 4.86 24.47 -8.58
N ASP A 26 4.94 24.90 -7.33
CA ASP A 26 5.82 24.25 -6.37
C ASP A 26 5.22 22.92 -5.90
N LEU A 27 3.89 22.82 -5.96
CA LEU A 27 3.22 21.58 -5.56
C LEU A 27 3.75 20.46 -6.45
N ALA A 28 3.96 20.78 -7.72
CA ALA A 28 4.56 19.84 -8.67
C ALA A 28 6.04 19.67 -8.31
N CYS A 29 6.63 20.78 -7.84
CA CYS A 29 8.04 20.80 -7.45
C CYS A 29 8.29 19.79 -6.34
N LYS A 30 7.47 19.81 -5.29
CA LYS A 30 7.62 18.86 -4.19
C LYS A 30 7.41 17.43 -4.69
N LEU A 31 6.44 17.26 -5.58
CA LEU A 31 6.15 15.94 -6.15
C LEU A 31 7.28 15.50 -7.09
N ARG A 32 7.79 16.46 -7.87
CA ARG A 32 8.91 16.21 -8.78
C ARG A 32 10.13 15.74 -8.01
N PHE A 33 10.30 16.29 -6.80
CA PHE A 33 11.40 15.88 -5.94
C PHE A 33 11.26 14.39 -5.66
N TYR A 34 10.05 14.01 -5.25
CA TYR A 34 9.74 12.63 -4.95
C TYR A 34 9.94 11.74 -6.18
N ASP A 35 9.52 12.22 -7.35
CA ASP A 35 9.65 11.46 -8.59
C ASP A 35 11.11 11.25 -8.97
N ASP A 36 12.02 11.95 -8.32
CA ASP A 36 13.44 11.78 -8.58
C ASP A 36 13.81 10.32 -8.29
N TRP A 37 13.39 9.85 -7.11
CA TRP A 37 13.67 8.48 -6.68
C TRP A 37 12.56 7.50 -7.10
N ALA A 38 11.38 8.02 -7.50
CA ALA A 38 10.26 7.15 -7.88
C ALA A 38 10.65 6.05 -8.88
N PRO A 39 11.24 6.39 -10.04
CA PRO A 39 11.64 5.38 -11.01
C PRO A 39 12.67 4.43 -10.41
N GLU A 40 13.56 4.98 -9.58
CA GLU A 40 14.56 4.20 -8.90
C GLU A 40 13.89 3.31 -7.84
N TYR A 41 12.75 3.79 -7.34
CA TYR A 41 11.95 3.06 -6.36
C TYR A 41 11.30 1.84 -7.02
N ASP A 42 10.83 2.00 -8.26
CA ASP A 42 10.17 0.90 -8.94
C ASP A 42 11.11 -0.28 -9.07
N GLN A 43 12.31 -0.07 -9.61
CA GLN A 43 13.28 -1.16 -9.74
C GLN A 43 13.61 -1.73 -8.36
N ASP A 44 13.48 -0.91 -7.33
CA ASP A 44 13.77 -1.32 -5.97
C ASP A 44 12.87 -2.48 -5.54
N VAL A 45 11.59 -2.45 -5.94
CA VAL A 45 10.69 -3.53 -5.56
C VAL A 45 11.09 -4.82 -6.30
N ALA A 46 11.46 -4.69 -7.57
CA ALA A 46 11.88 -5.85 -8.35
C ALA A 46 13.24 -6.34 -7.84
N ALA A 47 14.10 -5.38 -7.50
CA ALA A 47 15.44 -5.68 -6.99
C ALA A 47 15.38 -6.53 -5.72
N LEU A 48 14.39 -6.27 -4.87
CA LEU A 48 14.24 -7.03 -3.63
C LEU A 48 13.36 -8.28 -3.84
N LYS A 49 12.85 -8.45 -5.06
CA LYS A 49 12.01 -9.60 -5.37
C LYS A 49 10.76 -9.61 -4.48
N TYR A 50 10.02 -8.50 -4.47
CA TYR A 50 8.80 -8.43 -3.67
C TYR A 50 7.71 -9.28 -4.32
N ARG A 51 7.37 -10.39 -3.69
CA ARG A 51 6.31 -11.26 -4.21
C ARG A 51 4.98 -10.52 -4.16
N ALA A 52 4.78 -9.78 -3.07
CA ALA A 52 3.54 -9.03 -2.85
C ALA A 52 2.93 -8.48 -4.15
N PRO A 53 3.60 -7.55 -4.85
CA PRO A 53 3.09 -6.96 -6.11
C PRO A 53 2.62 -8.00 -7.13
N ARG A 54 3.37 -9.10 -7.23
CA ARG A 54 3.03 -10.17 -8.16
C ARG A 54 1.77 -10.91 -7.71
N LEU A 55 1.82 -11.41 -6.48
CA LEU A 55 0.70 -12.11 -5.87
C LEU A 55 -0.44 -11.14 -5.55
N ALA A 56 -0.08 -9.88 -5.31
CA ALA A 56 -1.07 -8.86 -5.01
C ALA A 56 -2.17 -8.85 -6.08
N VAL A 57 -1.77 -8.60 -7.33
CA VAL A 57 -2.73 -8.55 -8.42
C VAL A 57 -3.42 -9.91 -8.65
N ASP A 58 -2.64 -10.99 -8.76
CA ASP A 58 -3.22 -12.32 -9.01
C ASP A 58 -4.06 -12.82 -7.85
N CYS A 59 -3.49 -12.75 -6.64
CA CYS A 59 -4.19 -13.23 -5.46
C CYS A 59 -5.48 -12.46 -5.22
N LEU A 60 -5.45 -11.15 -5.43
CA LEU A 60 -6.64 -10.33 -5.20
C LEU A 60 -7.79 -10.80 -6.07
N SER A 61 -7.54 -11.00 -7.37
CA SER A 61 -8.60 -11.48 -8.26
C SER A 61 -9.00 -12.92 -7.91
N ARG A 62 -8.03 -13.76 -7.57
CA ARG A 62 -8.33 -15.15 -7.20
C ARG A 62 -9.12 -15.16 -5.88
N ALA A 63 -8.72 -14.28 -4.96
CA ALA A 63 -9.40 -14.15 -3.68
C ALA A 63 -10.75 -13.47 -3.87
N PHE A 64 -10.77 -12.49 -4.77
CA PHE A 64 -11.96 -11.71 -5.06
C PHE A 64 -12.89 -12.49 -6.00
N ARG A 65 -14.00 -12.98 -5.43
CA ARG A 65 -14.99 -13.75 -6.20
C ARG A 65 -15.74 -12.89 -7.20
N GLY A 66 -15.89 -11.60 -6.88
CA GLY A 66 -16.60 -10.70 -7.77
C GLY A 66 -15.77 -10.37 -9.00
N SER A 67 -16.45 -10.06 -10.10
CA SER A 67 -15.73 -9.72 -11.31
C SER A 67 -15.24 -8.28 -11.25
N PRO A 68 -13.92 -8.07 -11.35
CA PRO A 68 -13.35 -6.72 -11.35
C PRO A 68 -13.96 -5.86 -12.46
N HIS A 69 -14.59 -6.54 -13.42
CA HIS A 69 -15.27 -5.89 -14.53
C HIS A 69 -16.53 -5.17 -14.00
N ASP A 70 -17.32 -5.91 -13.23
CA ASP A 70 -18.56 -5.37 -12.64
C ASP A 70 -18.31 -4.68 -11.30
N ALA A 71 -17.29 -5.13 -10.57
CA ALA A 71 -16.96 -4.53 -9.28
C ALA A 71 -16.17 -3.25 -9.50
N LEU A 72 -16.04 -2.42 -8.47
CA LEU A 72 -15.28 -1.20 -8.60
C LEU A 72 -14.02 -1.26 -7.75
N ILE A 73 -12.87 -1.37 -8.40
CA ILE A 73 -11.59 -1.50 -7.72
C ILE A 73 -10.99 -0.13 -7.38
N LEU A 74 -10.20 -0.09 -6.32
CA LEU A 74 -9.57 1.14 -5.89
C LEU A 74 -8.05 0.98 -5.80
N ASP A 75 -7.32 2.00 -6.22
CA ASP A 75 -5.86 1.97 -6.15
C ASP A 75 -5.36 3.25 -5.51
N VAL A 76 -4.22 3.19 -4.84
CA VAL A 76 -3.67 4.35 -4.15
C VAL A 76 -2.41 4.86 -4.83
N ALA A 77 -1.90 6.00 -4.35
CA ALA A 77 -0.70 6.62 -4.89
C ALA A 77 0.36 5.58 -5.24
N CYS A 78 0.39 4.50 -4.49
CA CYS A 78 1.35 3.45 -4.73
C CYS A 78 0.89 2.50 -5.85
N GLY A 79 0.00 2.99 -6.71
CA GLY A 79 -0.47 2.21 -7.83
C GLY A 79 0.49 2.35 -8.99
N THR A 80 1.60 1.62 -8.91
CA THR A 80 2.63 1.69 -9.95
C THR A 80 2.09 1.29 -11.31
N GLY A 81 2.60 1.96 -12.35
CA GLY A 81 2.14 1.71 -13.71
C GLY A 81 2.05 0.24 -14.07
N LEU A 82 3.11 -0.53 -13.83
CA LEU A 82 3.11 -1.95 -14.19
C LEU A 82 1.99 -2.68 -13.47
N VAL A 83 1.71 -2.28 -12.23
CA VAL A 83 0.63 -2.92 -11.48
C VAL A 83 -0.68 -2.74 -12.25
N ALA A 84 -0.87 -1.55 -12.82
CA ALA A 84 -2.07 -1.26 -13.60
C ALA A 84 -2.06 -2.06 -14.91
N VAL A 85 -0.89 -2.14 -15.56
CA VAL A 85 -0.77 -2.90 -16.81
C VAL A 85 -1.12 -4.36 -16.57
N GLU A 86 -0.61 -4.88 -15.47
CA GLU A 86 -0.89 -6.25 -15.05
C GLU A 86 -2.35 -6.35 -14.62
N LEU A 87 -2.79 -5.27 -13.98
CA LEU A 87 -4.16 -5.16 -13.48
C LEU A 87 -5.13 -5.28 -14.65
N GLN A 88 -4.85 -4.58 -15.76
CA GLN A 88 -5.72 -4.62 -16.94
C GLN A 88 -5.84 -6.04 -17.51
N ALA A 89 -4.70 -6.68 -17.71
CA ALA A 89 -4.68 -8.04 -18.26
C ALA A 89 -5.32 -9.01 -17.27
N ARG A 90 -5.22 -8.68 -15.99
CA ARG A 90 -5.76 -9.53 -14.94
C ARG A 90 -7.28 -9.69 -15.13
N GLY A 91 -7.95 -8.62 -15.51
CA GLY A 91 -9.39 -8.68 -15.75
C GLY A 91 -10.18 -7.62 -15.00
N PHE A 92 -9.57 -6.46 -14.76
CA PHE A 92 -10.24 -5.38 -14.06
C PHE A 92 -10.58 -4.26 -15.03
N LEU A 93 -11.87 -3.97 -15.18
CA LEU A 93 -12.31 -2.92 -16.08
C LEU A 93 -12.88 -1.72 -15.32
N GLN A 94 -12.74 -1.71 -14.01
CA GLN A 94 -13.23 -0.60 -13.21
C GLN A 94 -12.25 -0.29 -12.08
N VAL A 95 -11.60 0.87 -12.11
CA VAL A 95 -10.67 1.21 -11.05
C VAL A 95 -10.69 2.71 -10.70
N GLN A 96 -10.69 2.97 -9.40
CA GLN A 96 -10.68 4.33 -8.88
C GLN A 96 -9.62 4.47 -7.82
N GLY A 97 -9.18 5.69 -7.54
CA GLY A 97 -8.17 5.85 -6.53
C GLY A 97 -7.60 7.26 -6.45
N VAL A 98 -6.44 7.35 -5.80
CA VAL A 98 -5.75 8.62 -5.64
C VAL A 98 -4.24 8.43 -5.58
N ASP A 99 -3.49 9.39 -6.12
CA ASP A 99 -2.04 9.33 -6.09
C ASP A 99 -1.46 10.71 -5.80
N GLY A 100 -0.27 10.76 -5.18
CA GLY A 100 0.33 12.04 -4.86
C GLY A 100 1.28 12.57 -5.91
N SER A 101 2.15 11.70 -6.42
CA SER A 101 3.11 12.11 -7.45
C SER A 101 2.51 11.96 -8.84
N PRO A 102 2.73 12.94 -9.73
CA PRO A 102 2.21 12.87 -11.09
C PRO A 102 2.75 11.65 -11.82
N GLU A 103 3.99 11.28 -11.50
CA GLU A 103 4.62 10.10 -12.10
C GLU A 103 3.79 8.86 -11.77
N MET A 104 3.28 8.81 -10.54
CA MET A 104 2.41 7.74 -10.11
C MET A 104 1.05 7.85 -10.82
N LEU A 105 0.58 9.11 -10.96
CA LEU A 105 -0.69 9.41 -11.66
C LEU A 105 -0.57 9.17 -13.16
N LYS A 106 0.58 9.57 -13.71
CA LYS A 106 0.83 9.46 -15.15
C LYS A 106 0.75 8.01 -15.61
N GLN A 107 1.45 7.11 -14.93
CA GLN A 107 1.41 5.71 -15.31
C GLN A 107 -0.02 5.18 -15.24
N ALA A 108 -0.65 5.33 -14.08
CA ALA A 108 -2.02 4.86 -13.90
C ALA A 108 -3.00 5.55 -14.85
N ARG A 109 -2.92 6.89 -14.90
CA ARG A 109 -3.81 7.67 -15.77
C ARG A 109 -3.50 7.48 -17.25
N ALA A 110 -2.23 7.68 -17.63
CA ALA A 110 -1.82 7.51 -19.03
C ALA A 110 -2.07 6.08 -19.49
N ARG A 111 -1.91 5.15 -18.56
CA ARG A 111 -2.16 3.74 -18.84
C ARG A 111 -3.62 3.56 -19.26
N GLY A 112 -4.52 4.28 -18.58
CA GLY A 112 -5.94 4.18 -18.87
C GLY A 112 -6.61 3.06 -18.13
N LEU A 113 -5.95 2.55 -17.09
CA LEU A 113 -6.51 1.48 -16.27
C LEU A 113 -7.42 2.05 -15.20
N TYR A 114 -7.04 3.22 -14.67
CA TYR A 114 -7.81 3.85 -13.61
C TYR A 114 -8.90 4.76 -14.16
N HIS A 115 -10.16 4.45 -13.83
CA HIS A 115 -11.29 5.24 -14.27
C HIS A 115 -11.16 6.67 -13.77
N HIS A 116 -10.89 6.82 -12.47
CA HIS A 116 -10.75 8.13 -11.88
C HIS A 116 -9.65 8.18 -10.83
N LEU A 117 -8.71 9.10 -11.00
CA LEU A 117 -7.62 9.30 -10.05
C LEU A 117 -7.52 10.77 -9.66
N SER A 118 -7.17 11.02 -8.41
CA SER A 118 -7.06 12.38 -7.92
C SER A 118 -5.89 12.55 -6.96
N LEU A 119 -5.25 13.71 -7.01
CA LEU A 119 -4.14 14.02 -6.13
C LEU A 119 -4.66 14.21 -4.72
N CYS A 120 -4.19 13.41 -3.77
CA CYS A 120 -4.66 13.55 -2.40
C CYS A 120 -3.74 12.89 -1.36
N THR A 121 -2.58 13.48 -1.13
CA THR A 121 -1.64 12.96 -0.14
C THR A 121 -2.32 12.83 1.21
N LEU A 122 -1.87 11.90 2.05
CA LEU A 122 -2.49 11.73 3.36
C LEU A 122 -1.79 10.63 4.17
N GLY A 123 -2.28 10.41 5.39
CA GLY A 123 -1.71 9.40 6.27
C GLY A 123 -2.35 9.40 7.63
N GLN A 124 -2.36 10.55 8.32
CA GLN A 124 -3.01 10.67 9.61
C GLN A 124 -4.34 11.40 9.39
N GLU A 125 -4.87 11.27 8.18
CA GLU A 125 -6.13 11.88 7.81
C GLU A 125 -6.87 10.89 6.91
N PRO A 126 -8.20 10.98 6.84
CA PRO A 126 -9.04 10.05 6.06
C PRO A 126 -8.76 10.05 4.55
N LEU A 127 -9.05 8.90 3.92
CA LEU A 127 -8.86 8.73 2.47
C LEU A 127 -9.87 9.56 1.69
N PRO A 128 -9.50 10.01 0.48
CA PRO A 128 -10.36 10.84 -0.37
C PRO A 128 -11.58 10.13 -0.96
N ASP A 129 -11.60 8.80 -0.98
CA ASP A 129 -12.74 8.08 -1.55
C ASP A 129 -13.88 7.98 -0.54
N PRO A 130 -15.14 7.89 -1.02
CA PRO A 130 -16.31 7.77 -0.14
C PRO A 130 -16.35 6.41 0.54
N GLU A 131 -17.16 6.27 1.58
CA GLU A 131 -17.28 5.01 2.31
C GLU A 131 -18.05 3.97 1.48
N GLY A 132 -17.76 2.68 1.71
CA GLY A 132 -18.45 1.62 0.98
C GLY A 132 -18.59 1.98 -0.49
N THR A 133 -17.55 2.59 -1.03
CA THR A 133 -17.52 3.03 -2.42
C THR A 133 -17.13 1.92 -3.39
N PHE A 134 -15.90 1.44 -3.26
CA PHE A 134 -15.38 0.42 -4.16
C PHE A 134 -15.38 -0.98 -3.55
N ASP A 135 -15.57 -1.97 -4.40
CA ASP A 135 -15.60 -3.37 -3.99
C ASP A 135 -14.22 -3.89 -3.54
N ALA A 136 -13.15 -3.17 -3.90
CA ALA A 136 -11.81 -3.60 -3.51
C ALA A 136 -10.78 -2.49 -3.72
N VAL A 137 -9.64 -2.62 -3.03
CA VAL A 137 -8.56 -1.65 -3.18
C VAL A 137 -7.21 -2.36 -3.24
N ILE A 138 -6.31 -1.90 -4.11
CA ILE A 138 -5.00 -2.54 -4.23
C ILE A 138 -3.88 -1.51 -4.29
N ILE A 139 -3.07 -1.44 -3.23
CA ILE A 139 -1.97 -0.49 -3.14
C ILE A 139 -0.64 -1.21 -2.86
N VAL A 140 0.46 -0.72 -3.42
CA VAL A 140 1.75 -1.35 -3.23
C VAL A 140 2.85 -0.38 -2.80
N GLY A 141 3.57 -0.72 -1.73
CA GLY A 141 4.67 0.13 -1.28
C GLY A 141 4.21 1.32 -0.45
N ALA A 142 3.24 1.11 0.44
CA ALA A 142 2.75 2.20 1.28
C ALA A 142 2.27 1.72 2.66
N LEU A 143 3.06 1.98 3.70
CA LEU A 143 2.71 1.60 5.07
C LEU A 143 3.23 2.63 6.08
N SER A 144 2.87 2.44 7.34
CA SER A 144 3.33 3.34 8.40
C SER A 144 4.85 3.42 8.36
N GLU A 145 5.36 4.54 7.89
CA GLU A 145 6.80 4.78 7.79
C GLU A 145 7.03 6.00 6.89
N GLY A 146 6.32 7.08 7.18
CA GLY A 146 6.42 8.29 6.38
C GLY A 146 5.59 8.23 5.10
N GLN A 147 5.24 7.01 4.64
CA GLN A 147 4.45 6.85 3.41
C GLN A 147 2.94 6.85 3.69
N VAL A 148 2.41 5.71 4.13
CA VAL A 148 0.98 5.58 4.42
C VAL A 148 0.76 4.99 5.81
N PRO A 149 0.56 5.84 6.82
CA PRO A 149 0.35 5.42 8.20
C PRO A 149 -0.67 4.29 8.34
N CYS A 150 -0.17 3.10 8.67
CA CYS A 150 -1.01 1.89 8.79
C CYS A 150 -2.36 2.14 9.45
N SER A 151 -2.51 3.18 10.27
CA SER A 151 -3.82 3.45 10.88
C SER A 151 -4.77 3.94 9.80
N ALA A 152 -4.22 4.65 8.82
CA ALA A 152 -4.99 5.19 7.71
C ALA A 152 -5.48 4.10 6.76
N ILE A 153 -4.71 3.02 6.60
CA ILE A 153 -5.10 1.95 5.68
C ILE A 153 -6.57 1.57 5.90
N PRO A 154 -6.97 1.33 7.16
CA PRO A 154 -8.36 1.03 7.51
C PRO A 154 -9.33 2.06 6.93
N GLU A 155 -8.81 3.23 6.58
CA GLU A 155 -9.62 4.29 5.95
C GLU A 155 -9.98 3.81 4.55
N LEU A 156 -8.99 3.18 3.92
CA LEU A 156 -9.16 2.59 2.60
C LEU A 156 -10.20 1.48 2.71
N LEU A 157 -10.13 0.73 3.81
CA LEU A 157 -11.08 -0.34 4.08
C LEU A 157 -12.48 0.24 4.24
N ARG A 158 -12.59 1.38 4.92
CA ARG A 158 -13.89 2.03 5.13
C ARG A 158 -14.56 2.38 3.79
N VAL A 159 -13.77 2.82 2.81
CA VAL A 159 -14.31 3.13 1.48
C VAL A 159 -14.58 1.82 0.71
N THR A 160 -14.03 0.74 1.25
CA THR A 160 -14.22 -0.59 0.68
C THR A 160 -15.44 -1.21 1.34
N LYS A 161 -16.25 -1.95 0.59
CA LYS A 161 -17.44 -2.57 1.15
C LYS A 161 -17.09 -3.88 1.85
N PRO A 162 -17.84 -4.24 2.91
CA PRO A 162 -17.61 -5.49 3.65
C PRO A 162 -17.63 -6.69 2.71
N GLY A 163 -16.69 -7.61 2.89
CA GLY A 163 -16.60 -8.76 2.02
C GLY A 163 -15.69 -8.48 0.82
N GLY A 164 -15.33 -7.20 0.64
CA GLY A 164 -14.46 -6.82 -0.45
C GLY A 164 -13.03 -7.27 -0.24
N LEU A 165 -12.12 -6.82 -1.08
CA LEU A 165 -10.72 -7.21 -0.95
C LEU A 165 -9.80 -5.98 -0.93
N VAL A 166 -8.90 -5.95 0.06
CA VAL A 166 -7.94 -4.85 0.17
C VAL A 166 -6.52 -5.40 0.10
N CYS A 167 -5.71 -4.86 -0.80
CA CYS A 167 -4.35 -5.35 -0.99
C CYS A 167 -3.28 -4.30 -0.67
N LEU A 168 -2.43 -4.60 0.32
CA LEU A 168 -1.35 -3.69 0.71
C LEU A 168 -0.02 -4.44 0.79
N THR A 169 1.07 -3.79 0.38
CA THR A 169 2.40 -4.40 0.44
C THR A 169 3.46 -3.35 0.81
N THR A 170 4.51 -3.79 1.52
CA THR A 170 5.59 -2.88 1.96
C THR A 170 6.62 -3.67 2.78
N ARG A 171 7.61 -2.99 3.37
CA ARG A 171 8.58 -3.67 4.21
C ARG A 171 7.92 -4.03 5.54
N THR A 172 7.85 -5.33 5.86
CA THR A 172 7.21 -5.76 7.10
C THR A 172 7.72 -4.97 8.29
N ASN A 173 9.04 -4.99 8.51
CA ASN A 173 9.63 -4.26 9.62
C ASN A 173 11.10 -4.60 9.79
N PRO A 174 12.01 -3.87 9.12
CA PRO A 174 13.44 -4.13 9.24
C PRO A 174 13.85 -4.19 10.71
N SER A 175 13.27 -3.30 11.50
CA SER A 175 13.52 -3.26 12.93
C SER A 175 12.33 -3.86 13.67
N ASN A 176 12.46 -4.10 14.97
CA ASN A 176 11.36 -4.66 15.75
C ASN A 176 10.96 -6.03 15.18
N LEU A 177 11.97 -6.87 14.97
CA LEU A 177 11.75 -8.22 14.43
C LEU A 177 10.65 -8.96 15.18
N PRO A 178 10.71 -9.00 16.52
CA PRO A 178 9.69 -9.67 17.33
C PRO A 178 8.33 -8.99 17.22
N TYR A 179 8.35 -7.67 17.08
CA TYR A 179 7.12 -6.89 16.98
C TYR A 179 6.27 -7.29 15.78
N LYS A 180 6.86 -7.99 14.80
CA LYS A 180 6.10 -8.40 13.62
C LYS A 180 4.95 -9.28 14.09
N GLU A 181 5.27 -10.28 14.92
CA GLU A 181 4.26 -11.16 15.46
C GLU A 181 3.27 -10.32 16.26
N THR A 182 3.79 -9.33 16.99
CA THR A 182 2.95 -8.43 17.76
C THR A 182 2.01 -7.69 16.81
N LEU A 183 2.56 -7.25 15.67
CA LEU A 183 1.79 -6.55 14.64
C LEU A 183 0.68 -7.48 14.14
N GLU A 184 1.02 -8.76 13.98
CA GLU A 184 0.07 -9.74 13.50
C GLU A 184 -1.12 -9.81 14.45
N ALA A 185 -0.85 -9.74 15.76
CA ALA A 185 -1.92 -9.75 16.75
C ALA A 185 -2.84 -8.53 16.56
N THR A 186 -2.24 -7.39 16.20
CA THR A 186 -3.01 -6.16 15.99
C THR A 186 -4.04 -6.34 14.88
N LEU A 187 -3.66 -7.03 13.80
CA LEU A 187 -4.60 -7.27 12.71
C LEU A 187 -5.79 -8.06 13.26
N ASP A 188 -5.49 -9.04 14.10
CA ASP A 188 -6.50 -9.88 14.70
C ASP A 188 -7.49 -9.05 15.51
N SER A 189 -7.01 -8.05 16.24
CA SER A 189 -7.90 -7.19 17.03
C SER A 189 -8.91 -6.51 16.12
N LEU A 190 -8.43 -5.97 14.99
CA LEU A 190 -9.31 -5.35 14.03
C LEU A 190 -10.29 -6.39 13.48
N GLU A 191 -9.78 -7.61 13.24
CA GLU A 191 -10.59 -8.70 12.72
C GLU A 191 -11.67 -9.09 13.72
N ARG A 192 -11.25 -9.36 14.96
CA ARG A 192 -12.17 -9.74 16.01
C ARG A 192 -13.18 -8.61 16.25
N ALA A 193 -12.72 -7.37 16.10
CA ALA A 193 -13.58 -6.21 16.25
C ALA A 193 -14.69 -6.19 15.20
N GLY A 194 -14.39 -6.73 14.01
CA GLY A 194 -15.38 -6.78 12.95
C GLY A 194 -15.03 -5.88 11.76
N VAL A 195 -14.03 -5.02 11.92
CA VAL A 195 -13.65 -4.09 10.84
C VAL A 195 -13.24 -4.85 9.58
N TRP A 196 -12.35 -5.82 9.73
CA TRP A 196 -11.88 -6.60 8.57
C TRP A 196 -11.30 -7.95 9.00
N GLU A 197 -11.28 -8.93 8.09
CA GLU A 197 -10.71 -10.22 8.41
C GLU A 197 -9.70 -10.66 7.35
N CYS A 198 -8.46 -10.88 7.76
CA CYS A 198 -7.41 -11.26 6.82
C CYS A 198 -7.75 -12.57 6.10
N LEU A 199 -7.80 -12.50 4.77
CA LEU A 199 -8.10 -13.69 3.97
C LEU A 199 -6.90 -14.62 3.90
N VAL A 200 -5.78 -14.07 3.40
CA VAL A 200 -4.55 -14.84 3.25
C VAL A 200 -3.33 -13.92 3.20
N THR A 201 -2.14 -14.49 3.44
CA THR A 201 -0.90 -13.72 3.39
C THR A 201 0.14 -14.46 2.54
N GLN A 202 0.55 -13.85 1.44
CA GLN A 202 1.51 -14.45 0.52
C GLN A 202 2.97 -14.29 0.96
N PRO A 203 3.77 -15.36 0.77
CA PRO A 203 5.20 -15.39 1.09
C PRO A 203 6.00 -14.33 0.33
N VAL A 204 7.07 -13.85 0.95
CA VAL A 204 7.92 -12.82 0.37
C VAL A 204 9.41 -13.13 0.64
N ASP A 205 10.29 -12.14 0.47
CA ASP A 205 11.70 -12.33 0.76
C ASP A 205 12.04 -11.73 2.12
N HIS A 206 11.00 -11.38 2.86
CA HIS A 206 11.13 -10.75 4.17
C HIS A 206 11.91 -11.61 5.17
N TRP A 207 11.79 -12.92 5.08
CA TRP A 207 12.49 -13.81 6.02
C TRP A 207 14.01 -13.75 5.84
N GLU A 208 14.48 -13.92 4.61
CA GLU A 208 15.93 -13.98 4.34
C GLU A 208 16.70 -12.73 4.78
N LEU A 209 16.10 -11.54 4.67
CA LEU A 209 16.82 -10.33 5.08
C LEU A 209 17.19 -10.42 6.56
N ALA A 210 16.28 -10.95 7.37
CA ALA A 210 16.54 -11.12 8.80
C ALA A 210 17.61 -12.17 9.02
N THR A 211 17.54 -13.24 8.24
CA THR A 211 18.47 -14.35 8.35
C THR A 211 18.26 -15.11 9.65
N SER A 212 17.23 -15.96 9.67
CA SER A 212 16.90 -16.76 10.84
C SER A 212 18.06 -17.67 11.22
N GLU A 213 18.72 -18.24 10.21
CA GLU A 213 19.85 -19.13 10.44
C GLU A 213 21.05 -18.35 10.97
N GLN A 214 21.85 -18.99 11.81
CA GLN A 214 23.03 -18.34 12.38
C GLN A 214 24.26 -18.54 11.50
N GLU A 215 24.26 -17.90 10.33
CA GLU A 215 25.39 -18.00 9.42
C GLU A 215 25.89 -16.61 9.05
N THR A 216 27.20 -16.40 9.13
CA THR A 216 27.76 -15.10 8.80
C THR A 216 27.66 -14.82 7.30
N GLY A 217 28.14 -15.75 6.48
CA GLY A 217 28.10 -15.54 5.04
C GLY A 217 28.85 -14.29 4.65
N LEU A 218 29.89 -13.95 5.41
CA LEU A 218 30.68 -12.75 5.16
C LEU A 218 29.78 -11.53 5.13
N GLY A 219 28.74 -11.53 5.96
CA GLY A 219 27.82 -10.43 6.02
C GLY A 219 27.96 -9.59 7.30
N THR A 220 29.16 -9.61 7.89
CA THR A 220 29.37 -8.86 9.13
C THR A 220 29.07 -7.39 8.91
N CYS A 221 29.48 -6.84 7.78
CA CYS A 221 29.17 -5.46 7.45
C CYS A 221 27.67 -5.34 7.17
N ALA A 222 27.15 -6.36 6.47
CA ALA A 222 25.73 -6.41 6.11
C ALA A 222 24.86 -6.19 7.34
N ASN A 223 25.00 -7.06 8.34
CA ASN A 223 24.21 -6.96 9.56
C ASN A 223 22.77 -7.37 9.29
N ASP A 224 22.54 -8.68 9.17
CA ASP A 224 21.22 -9.21 8.90
C ASP A 224 20.35 -9.22 10.15
N GLY A 225 19.07 -9.48 9.96
CA GLY A 225 18.14 -9.49 11.07
C GLY A 225 17.03 -8.47 10.90
N PHE A 226 16.74 -8.11 9.64
CA PHE A 226 15.69 -7.16 9.33
C PHE A 226 14.75 -7.78 8.31
N ILE A 227 13.45 -7.82 8.61
CA ILE A 227 12.49 -8.44 7.71
C ILE A 227 11.65 -7.40 6.97
N SER A 228 11.57 -7.54 5.64
CA SER A 228 10.80 -6.59 4.82
C SER A 228 10.08 -7.27 3.63
N GLY A 229 9.18 -6.50 3.02
CA GLY A 229 8.41 -6.96 1.88
C GLY A 229 7.50 -8.12 2.22
N ILE A 230 6.19 -7.90 2.12
CA ILE A 230 5.21 -8.95 2.39
C ILE A 230 3.83 -8.51 1.92
N ILE A 231 2.98 -9.43 1.47
CA ILE A 231 1.66 -9.06 0.98
C ILE A 231 0.59 -9.34 2.03
N TYR A 232 -0.39 -8.43 2.13
CA TYR A 232 -1.50 -8.60 3.07
C TYR A 232 -2.83 -8.43 2.37
N LEU A 233 -3.51 -9.53 2.04
CA LEU A 233 -4.82 -9.44 1.40
C LEU A 233 -5.90 -9.64 2.45
N TYR A 234 -6.72 -8.61 2.66
CA TYR A 234 -7.76 -8.66 3.68
C TYR A 234 -9.13 -8.33 3.11
N ARG A 235 -10.16 -8.81 3.78
CA ARG A 235 -11.54 -8.54 3.38
C ARG A 235 -12.13 -7.46 4.26
N LYS A 236 -13.14 -6.77 3.75
CA LYS A 236 -13.76 -5.70 4.51
C LYS A 236 -14.82 -6.23 5.47
N GLN A 237 -14.84 -5.65 6.66
CA GLN A 237 -15.78 -6.01 7.73
C GLN A 237 -16.22 -7.47 7.69
N GLU A 238 -15.72 -8.23 8.66
CA GLU A 238 -16.06 -9.63 8.79
C GLU A 238 -15.98 -10.05 10.25
N THR A 239 -16.53 -11.21 10.59
CA THR A 239 -16.51 -11.67 11.97
C THR A 239 -15.30 -12.57 12.24
N VAL A 240 -14.48 -12.17 13.22
CA VAL A 240 -13.29 -12.94 13.57
C VAL A 240 -13.14 -13.06 15.08
N GLY A 1 -4.52 14.70 18.08
CA GLY A 1 -3.60 15.31 17.07
C GLY A 1 -2.22 15.57 17.64
N ALA A 2 -1.25 14.72 17.29
CA ALA A 2 0.11 14.88 17.78
C ALA A 2 1.08 15.16 16.63
N MET A 3 1.92 16.18 16.81
CA MET A 3 2.89 16.55 15.79
C MET A 3 3.84 15.38 15.52
N ALA A 4 4.25 14.69 16.58
CA ALA A 4 5.17 13.56 16.45
C ALA A 4 4.69 12.58 15.37
N GLN A 5 3.39 12.33 15.31
CA GLN A 5 2.86 11.44 14.28
C GLN A 5 2.98 12.12 12.93
N GLU A 6 2.31 13.28 12.80
CA GLU A 6 2.31 14.03 11.54
C GLU A 6 3.65 13.91 10.80
N GLU A 7 4.76 14.08 11.52
CA GLU A 7 6.08 13.96 10.89
C GLU A 7 6.32 12.50 10.48
N ALA A 8 5.91 11.57 11.35
CA ALA A 8 6.09 10.14 11.11
C ALA A 8 5.71 9.78 9.66
N GLY A 9 4.47 10.10 9.27
CA GLY A 9 4.05 9.80 7.91
C GLY A 9 4.19 11.00 6.98
N ARG A 10 5.20 10.97 6.12
CA ARG A 10 5.49 12.10 5.23
C ARG A 10 4.34 12.45 4.29
N LEU A 11 3.72 11.47 3.62
CA LEU A 11 2.64 11.76 2.67
C LEU A 11 1.54 12.65 3.24
N PRO A 12 0.99 12.34 4.42
CA PRO A 12 -0.08 13.15 5.01
C PRO A 12 0.35 14.59 5.24
N GLN A 13 1.63 14.80 5.51
CA GLN A 13 2.14 16.15 5.68
C GLN A 13 1.89 16.93 4.39
N VAL A 14 2.11 16.25 3.26
CA VAL A 14 1.94 16.85 1.95
C VAL A 14 0.50 17.33 1.75
N LEU A 15 -0.50 16.50 2.06
CA LEU A 15 -1.90 16.95 1.90
C LEU A 15 -2.13 18.17 2.78
N ALA A 16 -1.62 18.10 4.01
CA ALA A 16 -1.79 19.18 4.96
C ALA A 16 -1.19 20.47 4.42
N ARG A 17 0.00 20.38 3.81
CA ARG A 17 0.63 21.57 3.24
C ARG A 17 -0.12 22.06 2.00
N VAL A 18 -0.58 21.13 1.17
CA VAL A 18 -1.33 21.49 -0.05
C VAL A 18 -2.73 22.02 0.29
N GLY A 19 -3.31 21.53 1.40
CA GLY A 19 -4.63 21.96 1.79
C GLY A 19 -4.79 23.48 1.79
N THR A 20 -3.75 24.20 2.20
CA THR A 20 -3.81 25.66 2.23
C THR A 20 -4.06 26.18 0.81
N SER A 21 -3.35 25.61 -0.16
CA SER A 21 -3.50 26.01 -1.56
C SER A 21 -2.87 27.37 -1.81
N HIS A 22 -3.13 27.93 -2.99
CA HIS A 22 -2.57 29.23 -3.37
C HIS A 22 -1.04 29.17 -3.38
N GLY A 23 -0.51 28.06 -3.88
CA GLY A 23 0.94 27.86 -3.96
C GLY A 23 1.29 26.52 -4.58
N ILE A 24 0.50 26.10 -5.58
CA ILE A 24 0.69 24.82 -6.26
C ILE A 24 2.03 24.73 -6.99
N THR A 25 2.61 25.87 -7.35
CA THR A 25 3.88 25.88 -8.07
C THR A 25 4.97 25.18 -7.24
N ASP A 26 5.04 25.48 -5.95
CA ASP A 26 6.02 24.84 -5.07
C ASP A 26 5.52 23.45 -4.64
N LEU A 27 4.20 23.30 -4.58
CA LEU A 27 3.60 22.03 -4.19
C LEU A 27 4.09 20.96 -5.18
N ALA A 28 4.17 21.36 -6.45
CA ALA A 28 4.71 20.49 -7.49
C ALA A 28 6.21 20.34 -7.26
N CYS A 29 6.82 21.45 -6.82
CA CYS A 29 8.25 21.49 -6.55
C CYS A 29 8.60 20.46 -5.47
N LYS A 30 7.87 20.46 -4.36
CA LYS A 30 8.11 19.48 -3.30
C LYS A 30 7.81 18.08 -3.83
N LEU A 31 6.72 17.97 -4.57
CA LEU A 31 6.31 16.72 -5.19
C LEU A 31 7.40 16.22 -6.14
N ARG A 32 7.89 17.13 -6.97
CA ARG A 32 8.95 16.85 -7.94
C ARG A 32 10.23 16.38 -7.24
N PHE A 33 10.45 16.88 -6.01
CA PHE A 33 11.63 16.45 -5.25
C PHE A 33 11.52 14.97 -4.93
N TYR A 34 10.33 14.54 -4.49
CA TYR A 34 10.12 13.13 -4.16
C TYR A 34 10.14 12.31 -5.44
N ASP A 35 9.52 12.82 -6.50
CA ASP A 35 9.48 12.12 -7.79
C ASP A 35 10.84 12.08 -8.47
N ASP A 36 11.79 12.85 -7.94
CA ASP A 36 13.15 12.84 -8.49
C ASP A 36 13.71 11.42 -8.37
N TRP A 37 13.56 10.83 -7.19
CA TRP A 37 14.04 9.47 -6.92
C TRP A 37 12.97 8.41 -7.25
N ALA A 38 11.72 8.84 -7.48
CA ALA A 38 10.61 7.91 -7.75
C ALA A 38 11.03 6.73 -8.63
N PRO A 39 11.48 6.97 -9.87
CA PRO A 39 11.87 5.90 -10.79
C PRO A 39 12.83 4.91 -10.13
N GLU A 40 13.76 5.43 -9.34
CA GLU A 40 14.73 4.59 -8.64
C GLU A 40 14.03 3.67 -7.63
N TYR A 41 12.89 4.12 -7.09
CA TYR A 41 12.11 3.30 -6.16
C TYR A 41 11.42 2.14 -6.87
N ASP A 42 10.92 2.38 -8.09
CA ASP A 42 10.22 1.33 -8.81
C ASP A 42 11.13 0.13 -9.00
N GLN A 43 12.32 0.34 -9.55
CA GLN A 43 13.27 -0.76 -9.73
C GLN A 43 13.61 -1.39 -8.39
N ASP A 44 13.53 -0.58 -7.32
CA ASP A 44 13.82 -1.06 -5.97
C ASP A 44 12.91 -2.21 -5.57
N VAL A 45 11.62 -2.14 -5.93
CA VAL A 45 10.71 -3.22 -5.57
C VAL A 45 11.04 -4.46 -6.38
N ALA A 46 11.37 -4.30 -7.67
CA ALA A 46 11.76 -5.43 -8.50
C ALA A 46 13.12 -5.96 -8.05
N ALA A 47 13.96 -5.04 -7.58
CA ALA A 47 15.30 -5.38 -7.10
C ALA A 47 15.21 -6.39 -5.97
N LEU A 48 14.15 -6.30 -5.17
CA LEU A 48 13.95 -7.23 -4.06
C LEU A 48 13.07 -8.42 -4.48
N LYS A 49 12.74 -8.51 -5.78
CA LYS A 49 11.91 -9.59 -6.28
C LYS A 49 10.52 -9.55 -5.66
N TYR A 50 9.92 -8.35 -5.70
CA TYR A 50 8.60 -8.15 -5.13
C TYR A 50 7.54 -9.02 -5.81
N ARG A 51 7.27 -10.19 -5.22
CA ARG A 51 6.26 -11.10 -5.75
C ARG A 51 4.88 -10.49 -5.51
N ALA A 52 4.78 -9.70 -4.44
CA ALA A 52 3.54 -9.02 -4.04
C ALA A 52 2.61 -8.71 -5.23
N PRO A 53 3.07 -7.90 -6.20
CA PRO A 53 2.26 -7.52 -7.37
C PRO A 53 1.82 -8.72 -8.23
N ARG A 54 2.63 -9.78 -8.24
CA ARG A 54 2.28 -10.98 -8.98
C ARG A 54 1.11 -11.67 -8.29
N LEU A 55 1.31 -11.98 -7.01
CA LEU A 55 0.31 -12.61 -6.18
C LEU A 55 -0.85 -11.66 -5.87
N ALA A 56 -0.54 -10.36 -5.81
CA ALA A 56 -1.56 -9.36 -5.49
C ALA A 56 -2.73 -9.48 -6.46
N VAL A 57 -2.45 -9.30 -7.75
CA VAL A 57 -3.49 -9.37 -8.76
C VAL A 57 -4.19 -10.74 -8.78
N ASP A 58 -3.40 -11.82 -8.83
CA ASP A 58 -3.98 -13.16 -8.88
C ASP A 58 -4.67 -13.57 -7.57
N CYS A 59 -4.07 -13.22 -6.44
CA CYS A 59 -4.64 -13.60 -5.15
C CYS A 59 -5.93 -12.84 -4.86
N LEU A 60 -5.97 -11.55 -5.19
CA LEU A 60 -7.15 -10.74 -4.92
C LEU A 60 -8.38 -11.30 -5.62
N SER A 61 -8.29 -11.57 -6.92
CA SER A 61 -9.43 -12.14 -7.65
C SER A 61 -9.72 -13.56 -7.18
N ARG A 62 -8.68 -14.30 -6.79
CA ARG A 62 -8.85 -15.67 -6.33
C ARG A 62 -9.77 -15.68 -5.11
N ALA A 63 -9.49 -14.77 -4.18
CA ALA A 63 -10.31 -14.64 -2.98
C ALA A 63 -11.51 -13.73 -3.24
N PHE A 64 -11.39 -12.87 -4.26
CA PHE A 64 -12.46 -11.94 -4.60
C PHE A 64 -13.50 -12.61 -5.49
N ARG A 65 -14.56 -13.09 -4.87
CA ARG A 65 -15.65 -13.78 -5.57
C ARG A 65 -16.32 -12.85 -6.59
N GLY A 66 -16.50 -11.58 -6.21
CA GLY A 66 -17.12 -10.64 -7.11
C GLY A 66 -16.29 -10.42 -8.35
N SER A 67 -16.94 -10.17 -9.47
CA SER A 67 -16.21 -9.95 -10.71
C SER A 67 -15.65 -8.52 -10.76
N PRO A 68 -14.34 -8.38 -10.96
CA PRO A 68 -13.69 -7.06 -11.04
C PRO A 68 -14.30 -6.20 -12.15
N HIS A 69 -15.04 -6.83 -13.07
CA HIS A 69 -15.70 -6.10 -14.14
C HIS A 69 -16.88 -5.29 -13.59
N ASP A 70 -17.81 -5.98 -12.94
CA ASP A 70 -18.99 -5.33 -12.36
C ASP A 70 -18.67 -4.66 -11.02
N ALA A 71 -17.58 -5.07 -10.37
CA ALA A 71 -17.19 -4.48 -9.10
C ALA A 71 -16.32 -3.25 -9.36
N LEU A 72 -16.22 -2.34 -8.39
CA LEU A 72 -15.39 -1.16 -8.59
C LEU A 72 -14.11 -1.29 -7.78
N ILE A 73 -12.98 -1.36 -8.47
CA ILE A 73 -11.68 -1.55 -7.83
C ILE A 73 -11.01 -0.21 -7.47
N LEU A 74 -10.18 -0.23 -6.43
CA LEU A 74 -9.48 0.97 -6.00
C LEU A 74 -7.97 0.73 -5.93
N ASP A 75 -7.19 1.70 -6.36
CA ASP A 75 -5.74 1.61 -6.29
C ASP A 75 -5.23 2.89 -5.66
N VAL A 76 -4.22 2.78 -4.82
CA VAL A 76 -3.69 3.94 -4.15
C VAL A 76 -2.48 4.51 -4.91
N ALA A 77 -1.83 5.51 -4.32
CA ALA A 77 -0.69 6.16 -4.95
C ALA A 77 0.33 5.16 -5.43
N CYS A 78 0.56 4.13 -4.64
CA CYS A 78 1.53 3.09 -5.01
C CYS A 78 0.99 2.20 -6.15
N GLY A 79 0.02 2.69 -6.91
CA GLY A 79 -0.51 1.93 -8.02
C GLY A 79 0.37 2.08 -9.24
N THR A 80 1.48 1.34 -9.26
CA THR A 80 2.43 1.41 -10.37
C THR A 80 1.77 1.03 -11.69
N GLY A 81 2.12 1.77 -12.75
CA GLY A 81 1.53 1.52 -14.05
C GLY A 81 1.47 0.06 -14.42
N LEU A 82 2.60 -0.64 -14.32
CA LEU A 82 2.65 -2.06 -14.67
C LEU A 82 1.69 -2.88 -13.83
N VAL A 83 1.54 -2.54 -12.55
CA VAL A 83 0.63 -3.28 -11.69
C VAL A 83 -0.78 -3.19 -12.26
N ALA A 84 -1.14 -2.00 -12.77
CA ALA A 84 -2.44 -1.81 -13.38
C ALA A 84 -2.53 -2.56 -14.71
N VAL A 85 -1.44 -2.55 -15.50
CA VAL A 85 -1.45 -3.26 -16.80
C VAL A 85 -1.68 -4.75 -16.55
N GLU A 86 -1.05 -5.27 -15.50
CA GLU A 86 -1.24 -6.65 -15.10
C GLU A 86 -2.65 -6.80 -14.54
N LEU A 87 -3.13 -5.70 -13.95
CA LEU A 87 -4.46 -5.63 -13.37
C LEU A 87 -5.53 -5.91 -14.44
N GLN A 88 -5.45 -5.23 -15.59
CA GLN A 88 -6.42 -5.44 -16.67
C GLN A 88 -6.43 -6.88 -17.17
N ALA A 89 -5.26 -7.49 -17.33
CA ALA A 89 -5.17 -8.85 -17.83
C ALA A 89 -5.91 -9.81 -16.92
N ARG A 90 -5.84 -9.53 -15.62
CA ARG A 90 -6.50 -10.36 -14.62
C ARG A 90 -8.02 -10.39 -14.89
N GLY A 91 -8.57 -9.24 -15.26
CA GLY A 91 -10.00 -9.15 -15.55
C GLY A 91 -10.70 -8.01 -14.83
N PHE A 92 -9.98 -6.93 -14.53
CA PHE A 92 -10.56 -5.80 -13.83
C PHE A 92 -10.89 -4.68 -14.81
N LEU A 93 -12.18 -4.44 -15.00
CA LEU A 93 -12.64 -3.41 -15.94
C LEU A 93 -13.07 -2.12 -15.25
N GLN A 94 -12.90 -2.04 -13.92
CA GLN A 94 -13.26 -0.84 -13.21
C GLN A 94 -12.23 -0.55 -12.12
N VAL A 95 -11.63 0.65 -12.12
CA VAL A 95 -10.65 0.98 -11.11
C VAL A 95 -10.63 2.48 -10.78
N GLN A 96 -10.50 2.76 -9.50
CA GLN A 96 -10.43 4.12 -8.99
C GLN A 96 -9.29 4.24 -7.99
N GLY A 97 -8.78 5.43 -7.76
CA GLY A 97 -7.68 5.55 -6.83
C GLY A 97 -7.16 6.97 -6.67
N VAL A 98 -6.02 7.06 -6.02
CA VAL A 98 -5.35 8.34 -5.79
C VAL A 98 -3.85 8.17 -5.73
N ASP A 99 -3.10 9.16 -6.24
CA ASP A 99 -1.65 9.10 -6.23
C ASP A 99 -1.06 10.50 -6.05
N GLY A 100 0.20 10.57 -5.61
CA GLY A 100 0.82 11.86 -5.39
C GLY A 100 1.79 12.29 -6.48
N SER A 101 2.49 11.34 -7.07
CA SER A 101 3.45 11.65 -8.12
C SER A 101 2.79 11.69 -9.50
N PRO A 102 2.96 12.79 -10.26
CA PRO A 102 2.40 12.89 -11.61
C PRO A 102 2.98 11.79 -12.49
N GLU A 103 4.29 11.56 -12.36
CA GLU A 103 4.96 10.49 -13.11
C GLU A 103 4.34 9.15 -12.73
N MET A 104 4.03 9.01 -11.45
CA MET A 104 3.37 7.82 -10.93
C MET A 104 1.93 7.81 -11.45
N LEU A 105 1.33 9.01 -11.49
CA LEU A 105 -0.02 9.21 -12.02
C LEU A 105 -0.02 9.02 -13.53
N LYS A 106 1.05 9.47 -14.19
CA LYS A 106 1.17 9.37 -15.64
C LYS A 106 1.11 7.92 -16.07
N GLN A 107 1.82 7.04 -15.37
CA GLN A 107 1.77 5.63 -15.71
C GLN A 107 0.33 5.15 -15.61
N ALA A 108 -0.29 5.39 -14.47
CA ALA A 108 -1.67 4.98 -14.24
C ALA A 108 -2.67 5.68 -15.18
N ARG A 109 -2.62 7.02 -15.22
CA ARG A 109 -3.53 7.79 -16.08
C ARG A 109 -3.21 7.63 -17.57
N ALA A 110 -1.96 7.89 -17.95
CA ALA A 110 -1.54 7.77 -19.35
C ALA A 110 -1.77 6.34 -19.85
N ARG A 111 -1.58 5.38 -18.94
CA ARG A 111 -1.80 3.98 -19.27
C ARG A 111 -3.26 3.81 -19.69
N GLY A 112 -4.16 4.51 -18.98
CA GLY A 112 -5.58 4.45 -19.29
C GLY A 112 -6.30 3.29 -18.63
N LEU A 113 -5.67 2.73 -17.58
CA LEU A 113 -6.26 1.62 -16.85
C LEU A 113 -7.17 2.12 -15.73
N TYR A 114 -6.76 3.20 -15.08
CA TYR A 114 -7.52 3.75 -13.97
C TYR A 114 -8.66 4.64 -14.47
N HIS A 115 -9.90 4.26 -14.14
CA HIS A 115 -11.06 5.05 -14.55
C HIS A 115 -10.98 6.46 -13.96
N HIS A 116 -10.66 6.55 -12.66
CA HIS A 116 -10.56 7.85 -12.00
C HIS A 116 -9.39 7.90 -11.01
N LEU A 117 -8.50 8.86 -11.21
CA LEU A 117 -7.36 9.05 -10.30
C LEU A 117 -7.30 10.50 -9.85
N SER A 118 -6.83 10.71 -8.63
CA SER A 118 -6.74 12.06 -8.08
C SER A 118 -5.46 12.25 -7.28
N LEU A 119 -5.06 13.51 -7.16
CA LEU A 119 -3.86 13.87 -6.41
C LEU A 119 -4.26 14.15 -4.97
N CYS A 120 -3.69 13.42 -4.02
CA CYS A 120 -4.04 13.66 -2.62
C CYS A 120 -3.16 12.86 -1.65
N THR A 121 -1.95 13.35 -1.42
CA THR A 121 -1.03 12.71 -0.49
C THR A 121 -1.73 12.52 0.85
N LEU A 122 -1.39 11.45 1.58
CA LEU A 122 -2.02 11.21 2.88
C LEU A 122 -1.31 10.11 3.65
N GLY A 123 -1.82 9.79 4.84
CA GLY A 123 -1.20 8.75 5.65
C GLY A 123 -1.82 8.61 7.02
N GLN A 124 -1.89 9.71 7.76
CA GLN A 124 -2.49 9.71 9.08
C GLN A 124 -3.81 10.48 8.98
N GLU A 125 -4.39 10.41 7.77
CA GLU A 125 -5.65 11.05 7.42
C GLU A 125 -6.36 10.14 6.42
N PRO A 126 -7.70 10.01 6.50
CA PRO A 126 -8.47 9.12 5.62
C PRO A 126 -8.16 9.27 4.12
N LEU A 127 -8.60 8.29 3.34
CA LEU A 127 -8.39 8.29 1.89
C LEU A 127 -9.41 9.19 1.18
N PRO A 128 -9.01 9.80 0.06
CA PRO A 128 -9.86 10.71 -0.72
C PRO A 128 -11.25 10.14 -1.03
N ASP A 129 -11.33 8.85 -1.36
CA ASP A 129 -12.63 8.24 -1.69
C ASP A 129 -13.49 7.99 -0.45
N PRO A 130 -14.83 7.99 -0.64
CA PRO A 130 -15.79 7.76 0.45
C PRO A 130 -15.86 6.30 0.87
N GLU A 131 -16.66 5.98 1.89
CA GLU A 131 -16.82 4.61 2.34
C GLU A 131 -17.80 3.85 1.47
N GLY A 132 -17.74 2.51 1.49
CA GLY A 132 -18.66 1.71 0.68
C GLY A 132 -18.65 2.13 -0.78
N THR A 133 -17.54 2.69 -1.24
CA THR A 133 -17.40 3.15 -2.61
C THR A 133 -17.02 2.02 -3.57
N PHE A 134 -15.84 1.46 -3.36
CA PHE A 134 -15.32 0.42 -4.25
C PHE A 134 -15.33 -0.97 -3.61
N ASP A 135 -15.57 -1.97 -4.44
CA ASP A 135 -15.63 -3.36 -4.00
C ASP A 135 -14.25 -3.91 -3.59
N ALA A 136 -13.17 -3.21 -3.96
CA ALA A 136 -11.83 -3.68 -3.60
C ALA A 136 -10.76 -2.60 -3.82
N VAL A 137 -9.61 -2.76 -3.15
CA VAL A 137 -8.50 -1.81 -3.30
C VAL A 137 -7.16 -2.55 -3.37
N ILE A 138 -6.24 -2.09 -4.23
CA ILE A 138 -4.94 -2.73 -4.35
C ILE A 138 -3.80 -1.70 -4.44
N ILE A 139 -2.92 -1.70 -3.44
CA ILE A 139 -1.80 -0.76 -3.38
C ILE A 139 -0.48 -1.51 -3.15
N VAL A 140 0.61 -1.03 -3.74
CA VAL A 140 1.90 -1.71 -3.62
C VAL A 140 3.05 -0.82 -3.12
N GLY A 141 3.67 -1.20 -2.00
CA GLY A 141 4.83 -0.46 -1.50
C GLY A 141 4.51 0.76 -0.64
N ALA A 142 3.40 0.70 0.13
CA ALA A 142 3.03 1.82 0.99
C ALA A 142 2.57 1.37 2.39
N LEU A 143 3.35 1.71 3.43
CA LEU A 143 2.98 1.31 4.80
C LEU A 143 3.52 2.29 5.85
N SER A 144 3.19 2.04 7.12
CA SER A 144 3.67 2.87 8.22
C SER A 144 5.20 2.96 8.18
N GLU A 145 5.70 4.12 7.77
CA GLU A 145 7.15 4.35 7.68
C GLU A 145 7.42 5.55 6.79
N GLY A 146 6.73 6.66 7.05
CA GLY A 146 6.90 7.85 6.24
C GLY A 146 6.05 7.84 4.97
N GLN A 147 5.69 6.65 4.47
CA GLN A 147 4.89 6.55 3.25
C GLN A 147 3.38 6.53 3.53
N VAL A 148 2.85 5.37 3.93
CA VAL A 148 1.42 5.27 4.20
C VAL A 148 1.15 4.67 5.59
N PRO A 149 1.04 5.54 6.61
CA PRO A 149 0.77 5.14 8.00
C PRO A 149 -0.34 4.10 8.13
N CYS A 150 0.06 2.91 8.57
CA CYS A 150 -0.84 1.77 8.71
C CYS A 150 -2.23 2.11 9.25
N SER A 151 -2.41 3.22 9.98
CA SER A 151 -3.75 3.55 10.46
C SER A 151 -4.64 3.97 9.30
N ALA A 152 -4.03 4.54 8.26
CA ALA A 152 -4.76 4.99 7.08
C ALA A 152 -5.29 3.79 6.27
N ILE A 153 -4.51 2.72 6.17
CA ILE A 153 -4.93 1.56 5.38
C ILE A 153 -6.37 1.19 5.69
N PRO A 154 -6.72 1.05 6.98
CA PRO A 154 -8.09 0.74 7.41
C PRO A 154 -9.11 1.74 6.84
N GLU A 155 -8.64 2.95 6.49
CA GLU A 155 -9.49 3.95 5.86
C GLU A 155 -9.81 3.46 4.45
N LEU A 156 -8.78 2.87 3.81
CA LEU A 156 -8.91 2.30 2.47
C LEU A 156 -9.96 1.21 2.53
N LEU A 157 -9.93 0.44 3.61
CA LEU A 157 -10.90 -0.62 3.82
C LEU A 157 -12.29 -0.02 4.01
N ARG A 158 -12.35 1.09 4.74
CA ARG A 158 -13.61 1.79 4.98
C ARG A 158 -14.25 2.24 3.67
N VAL A 159 -13.43 2.71 2.73
CA VAL A 159 -13.91 3.12 1.41
C VAL A 159 -14.30 1.87 0.60
N THR A 160 -13.80 0.73 1.07
CA THR A 160 -14.10 -0.56 0.49
C THR A 160 -15.37 -1.11 1.10
N LYS A 161 -16.22 -1.76 0.29
CA LYS A 161 -17.47 -2.33 0.78
C LYS A 161 -17.20 -3.60 1.57
N PRO A 162 -17.92 -3.83 2.68
CA PRO A 162 -17.75 -5.04 3.49
C PRO A 162 -17.86 -6.29 2.62
N GLY A 163 -16.89 -7.19 2.76
CA GLY A 163 -16.87 -8.38 1.94
C GLY A 163 -15.87 -8.23 0.79
N GLY A 164 -15.54 -6.97 0.45
CA GLY A 164 -14.61 -6.72 -0.63
C GLY A 164 -13.22 -7.27 -0.33
N LEU A 165 -12.24 -6.88 -1.15
CA LEU A 165 -10.86 -7.35 -0.96
C LEU A 165 -9.88 -6.18 -0.98
N VAL A 166 -8.90 -6.22 -0.09
CA VAL A 166 -7.88 -5.18 -0.02
C VAL A 166 -6.49 -5.80 -0.08
N CYS A 167 -5.64 -5.31 -0.99
CA CYS A 167 -4.29 -5.84 -1.14
C CYS A 167 -3.26 -4.74 -0.95
N LEU A 168 -2.27 -4.98 -0.08
CA LEU A 168 -1.25 -3.98 0.19
C LEU A 168 0.14 -4.61 0.41
N THR A 169 1.22 -3.85 0.17
CA THR A 169 2.58 -4.37 0.37
C THR A 169 3.57 -3.25 0.75
N THR A 170 4.65 -3.62 1.46
CA THR A 170 5.72 -2.69 1.89
C THR A 170 6.73 -3.45 2.77
N ARG A 171 7.56 -2.74 3.55
CA ARG A 171 8.51 -3.41 4.42
C ARG A 171 7.81 -3.80 5.71
N THR A 172 7.67 -5.10 5.95
CA THR A 172 6.97 -5.57 7.15
C THR A 172 7.71 -5.19 8.42
N ASN A 173 9.04 -5.29 8.42
CA ASN A 173 9.80 -4.94 9.61
C ASN A 173 10.96 -3.98 9.31
N PRO A 174 10.67 -2.78 8.79
CA PRO A 174 11.72 -1.79 8.53
C PRO A 174 12.42 -1.45 9.84
N SER A 175 11.64 -1.54 10.92
CA SER A 175 12.12 -1.28 12.27
C SER A 175 11.14 -1.93 13.26
N ASN A 176 11.49 -1.99 14.53
CA ASN A 176 10.59 -2.60 15.51
C ASN A 176 10.28 -4.05 15.12
N LEU A 177 11.34 -4.83 14.92
CA LEU A 177 11.18 -6.23 14.53
C LEU A 177 10.20 -6.96 15.44
N PRO A 178 10.36 -6.85 16.78
CA PRO A 178 9.47 -7.49 17.74
C PRO A 178 8.03 -6.98 17.60
N TYR A 179 7.87 -5.72 17.24
CA TYR A 179 6.55 -5.12 17.09
C TYR A 179 5.72 -5.80 16.00
N LYS A 180 6.34 -6.59 15.11
CA LYS A 180 5.56 -7.26 14.07
C LYS A 180 4.53 -8.17 14.73
N GLU A 181 4.97 -9.01 15.66
CA GLU A 181 4.06 -9.91 16.36
C GLU A 181 3.01 -9.06 17.06
N THR A 182 3.46 -7.95 17.64
CA THR A 182 2.55 -7.00 18.28
C THR A 182 1.60 -6.45 17.20
N LEU A 183 2.17 -6.15 16.03
CA LEU A 183 1.42 -5.65 14.88
C LEU A 183 0.38 -6.67 14.44
N GLU A 184 0.79 -7.92 14.31
CA GLU A 184 -0.10 -8.99 13.88
C GLU A 184 -1.27 -9.12 14.86
N ALA A 185 -0.99 -9.00 16.14
CA ALA A 185 -2.04 -9.06 17.15
C ALA A 185 -3.05 -7.92 16.93
N THR A 186 -2.54 -6.75 16.52
CA THR A 186 -3.38 -5.59 16.27
C THR A 186 -4.42 -5.88 15.17
N LEU A 187 -4.00 -6.57 14.10
CA LEU A 187 -4.94 -6.91 13.03
C LEU A 187 -6.07 -7.75 13.59
N ASP A 188 -5.70 -8.69 14.47
CA ASP A 188 -6.68 -9.58 15.07
C ASP A 188 -7.73 -8.78 15.83
N SER A 189 -7.30 -7.73 16.53
CA SER A 189 -8.26 -6.89 17.24
C SER A 189 -9.26 -6.29 16.24
N LEU A 190 -8.76 -5.89 15.07
CA LEU A 190 -9.61 -5.35 14.02
C LEU A 190 -10.59 -6.41 13.54
N GLU A 191 -10.11 -7.65 13.41
CA GLU A 191 -10.98 -8.76 12.99
C GLU A 191 -12.04 -9.00 14.06
N ARG A 192 -11.57 -8.98 15.31
CA ARG A 192 -12.45 -9.20 16.47
C ARG A 192 -13.52 -8.12 16.51
N ALA A 193 -13.15 -6.88 16.20
CA ALA A 193 -14.10 -5.78 16.19
C ALA A 193 -15.09 -5.93 15.03
N GLY A 194 -14.69 -6.70 14.01
CA GLY A 194 -15.55 -6.91 12.85
C GLY A 194 -15.17 -6.04 11.67
N VAL A 195 -14.17 -5.19 11.83
CA VAL A 195 -13.75 -4.28 10.74
C VAL A 195 -13.30 -5.08 9.51
N TRP A 196 -12.42 -6.06 9.72
CA TRP A 196 -11.92 -6.86 8.60
C TRP A 196 -11.41 -8.22 9.04
N GLU A 197 -11.31 -9.18 8.13
CA GLU A 197 -10.81 -10.51 8.46
C GLU A 197 -9.80 -10.97 7.41
N CYS A 198 -8.56 -11.23 7.85
CA CYS A 198 -7.50 -11.64 6.93
C CYS A 198 -7.84 -12.95 6.20
N LEU A 199 -7.86 -12.89 4.86
CA LEU A 199 -8.15 -14.08 4.07
C LEU A 199 -6.88 -14.90 3.84
N VAL A 200 -5.86 -14.26 3.26
CA VAL A 200 -4.59 -14.92 2.99
C VAL A 200 -3.42 -13.93 3.04
N THR A 201 -2.21 -14.45 3.24
CA THR A 201 -1.01 -13.61 3.28
C THR A 201 0.13 -14.29 2.52
N GLN A 202 0.69 -13.62 1.52
CA GLN A 202 1.77 -14.20 0.73
C GLN A 202 3.15 -13.62 1.08
N PRO A 203 4.03 -14.45 1.68
CA PRO A 203 5.38 -14.03 2.07
C PRO A 203 6.29 -13.74 0.87
N VAL A 204 7.12 -12.69 1.02
CA VAL A 204 8.06 -12.30 -0.03
C VAL A 204 9.49 -12.74 0.34
N ASP A 205 10.49 -11.84 0.28
CA ASP A 205 11.85 -12.16 0.66
C ASP A 205 12.14 -11.53 2.02
N HIS A 206 11.07 -11.21 2.74
CA HIS A 206 11.17 -10.56 4.05
C HIS A 206 11.92 -11.39 5.09
N TRP A 207 11.63 -12.68 5.14
CA TRP A 207 12.26 -13.53 6.14
C TRP A 207 13.78 -13.56 6.01
N GLU A 208 14.28 -13.81 4.80
CA GLU A 208 15.71 -13.94 4.55
C GLU A 208 16.53 -12.70 4.93
N LEU A 209 15.99 -11.50 4.74
CA LEU A 209 16.76 -10.30 5.06
C LEU A 209 17.16 -10.28 6.55
N ALA A 210 16.25 -10.70 7.42
CA ALA A 210 16.53 -10.75 8.86
C ALA A 210 17.56 -11.83 9.18
N THR A 211 17.42 -12.99 8.54
CA THR A 211 18.33 -14.10 8.77
C THR A 211 19.37 -14.18 7.65
N SER A 212 20.54 -13.58 7.88
CA SER A 212 21.61 -13.59 6.89
C SER A 212 22.05 -15.01 6.57
N GLU A 213 22.11 -15.85 7.60
CA GLU A 213 22.52 -17.24 7.43
C GLU A 213 21.73 -18.16 8.35
N GLN A 214 21.70 -19.45 8.02
CA GLN A 214 20.99 -20.42 8.84
C GLN A 214 21.65 -20.58 10.22
N GLU A 215 22.92 -20.22 10.31
CA GLU A 215 23.65 -20.34 11.57
C GLU A 215 24.38 -19.04 11.92
N THR A 216 24.72 -18.88 13.20
CA THR A 216 25.43 -17.69 13.66
C THR A 216 26.87 -17.69 13.13
N GLY A 217 27.50 -18.87 13.13
CA GLY A 217 28.87 -18.99 12.67
C GLY A 217 29.09 -18.38 11.29
N LEU A 218 30.27 -17.80 11.08
CA LEU A 218 30.61 -17.19 9.80
C LEU A 218 29.48 -16.30 9.29
N GLY A 219 28.85 -15.55 10.19
CA GLY A 219 27.78 -14.66 9.80
C GLY A 219 27.83 -13.30 10.49
N THR A 220 28.72 -13.12 11.47
CA THR A 220 28.82 -11.85 12.18
C THR A 220 29.18 -10.71 11.24
N CYS A 221 30.08 -10.98 10.28
CA CYS A 221 30.49 -9.95 9.32
C CYS A 221 29.33 -9.65 8.36
N ALA A 222 28.43 -10.62 8.20
CA ALA A 222 27.27 -10.45 7.33
C ALA A 222 25.99 -10.60 8.16
N ASN A 223 25.97 -9.95 9.32
CA ASN A 223 24.82 -10.01 10.20
C ASN A 223 23.65 -9.20 9.62
N ASP A 224 22.48 -9.38 10.19
CA ASP A 224 21.29 -8.66 9.73
C ASP A 224 20.17 -8.72 10.79
N GLY A 225 18.95 -9.01 10.37
CA GLY A 225 17.84 -9.05 11.29
C GLY A 225 16.80 -7.98 10.97
N PHE A 226 16.66 -7.66 9.68
CA PHE A 226 15.70 -6.68 9.23
C PHE A 226 14.80 -7.32 8.19
N ILE A 227 13.51 -7.41 8.47
CA ILE A 227 12.59 -8.05 7.55
C ILE A 227 11.75 -7.04 6.77
N SER A 228 11.71 -7.21 5.43
CA SER A 228 10.99 -6.29 4.56
C SER A 228 10.23 -6.99 3.44
N GLY A 229 9.38 -6.21 2.76
CA GLY A 229 8.59 -6.72 1.66
C GLY A 229 7.66 -7.84 2.09
N ILE A 230 6.37 -7.56 2.10
CA ILE A 230 5.36 -8.55 2.46
C ILE A 230 4.02 -8.13 1.89
N ILE A 231 3.30 -9.05 1.26
CA ILE A 231 2.01 -8.75 0.68
C ILE A 231 0.94 -9.49 1.47
N TYR A 232 -0.28 -8.97 1.50
CA TYR A 232 -1.35 -9.67 2.18
C TYR A 232 -2.71 -9.15 1.76
N LEU A 233 -3.71 -10.02 1.78
CA LEU A 233 -5.05 -9.66 1.38
C LEU A 233 -6.04 -9.85 2.52
N TYR A 234 -6.73 -8.78 2.88
CA TYR A 234 -7.72 -8.83 3.95
C TYR A 234 -9.10 -8.52 3.39
N ARG A 235 -10.13 -9.14 3.97
CA ARG A 235 -11.48 -8.89 3.52
C ARG A 235 -12.10 -7.79 4.37
N LYS A 236 -12.98 -7.00 3.78
CA LYS A 236 -13.60 -5.89 4.50
C LYS A 236 -14.78 -6.36 5.36
N GLN A 237 -14.83 -5.84 6.58
CA GLN A 237 -15.89 -6.18 7.53
C GLN A 237 -16.20 -7.67 7.56
N GLU A 238 -15.60 -8.37 8.50
CA GLU A 238 -15.83 -9.80 8.68
C GLU A 238 -15.65 -10.18 10.15
N THR A 239 -16.04 -11.40 10.49
CA THR A 239 -15.93 -11.86 11.87
C THR A 239 -14.69 -12.73 12.07
N VAL A 240 -13.91 -12.40 13.09
CA VAL A 240 -12.69 -13.15 13.39
C VAL A 240 -13.00 -14.62 13.64
N GLY A 1 10.65 8.76 18.98
CA GLY A 1 10.78 9.76 17.86
C GLY A 1 9.48 9.98 17.12
N ALA A 2 8.34 9.76 17.79
CA ALA A 2 7.05 9.96 17.15
C ALA A 2 6.88 11.42 16.72
N MET A 3 7.31 12.33 17.58
CA MET A 3 7.23 13.77 17.29
C MET A 3 8.21 14.16 16.19
N ALA A 4 9.32 13.43 16.08
CA ALA A 4 10.29 13.70 15.02
C ALA A 4 9.73 13.12 13.73
N GLN A 5 9.40 11.82 13.77
CA GLN A 5 8.85 11.12 12.63
C GLN A 5 7.54 11.78 12.19
N GLU A 6 6.73 12.19 13.16
CA GLU A 6 5.44 12.83 12.84
C GLU A 6 5.64 13.84 11.73
N GLU A 7 6.40 14.91 11.96
CA GLU A 7 6.64 15.87 10.89
C GLU A 7 7.40 15.17 9.76
N ALA A 8 8.51 14.50 10.13
CA ALA A 8 9.34 13.78 9.17
C ALA A 8 8.49 13.10 8.10
N GLY A 9 7.30 12.63 8.49
CA GLY A 9 6.40 12.02 7.54
C GLY A 9 5.81 13.08 6.63
N ARG A 10 6.19 13.06 5.35
CA ARG A 10 5.76 14.08 4.41
C ARG A 10 4.25 14.23 4.29
N LEU A 11 3.51 13.15 4.08
CA LEU A 11 2.06 13.24 3.89
C LEU A 11 1.33 14.31 4.74
N PRO A 12 1.55 14.41 6.08
CA PRO A 12 0.86 15.43 6.88
C PRO A 12 1.20 16.81 6.36
N GLN A 13 2.41 16.94 5.81
CA GLN A 13 2.87 18.18 5.25
C GLN A 13 1.98 18.58 4.08
N VAL A 14 1.59 17.59 3.26
CA VAL A 14 0.76 17.85 2.10
C VAL A 14 -0.59 18.46 2.51
N LEU A 15 -1.32 17.81 3.43
CA LEU A 15 -2.61 18.37 3.85
C LEU A 15 -2.40 19.76 4.43
N ALA A 16 -1.35 19.87 5.25
CA ALA A 16 -1.03 21.15 5.86
C ALA A 16 -0.76 22.19 4.78
N ARG A 17 0.11 21.83 3.82
CA ARG A 17 0.42 22.74 2.71
C ARG A 17 -0.76 22.92 1.76
N VAL A 18 -1.59 21.87 1.60
CA VAL A 18 -2.75 21.94 0.71
C VAL A 18 -3.71 23.04 1.16
N GLY A 19 -3.90 23.17 2.47
CA GLY A 19 -4.81 24.18 2.97
C GLY A 19 -4.53 25.55 2.37
N THR A 20 -3.26 25.93 2.31
CA THR A 20 -2.90 27.22 1.73
C THR A 20 -3.12 27.17 0.21
N SER A 21 -2.74 26.04 -0.39
CA SER A 21 -2.89 25.84 -1.82
C SER A 21 -2.48 27.09 -2.60
N HIS A 22 -2.98 27.25 -3.83
CA HIS A 22 -2.64 28.40 -4.66
C HIS A 22 -1.14 28.45 -4.90
N GLY A 23 -0.54 27.28 -5.10
CA GLY A 23 0.88 27.19 -5.37
C GLY A 23 1.20 25.99 -6.23
N ILE A 24 0.67 25.99 -7.45
CA ILE A 24 0.87 24.87 -8.37
C ILE A 24 2.36 24.66 -8.68
N THR A 25 3.10 25.75 -8.85
CA THR A 25 4.53 25.62 -9.17
C THR A 25 5.26 24.84 -8.08
N ASP A 26 5.26 25.36 -6.85
CA ASP A 26 5.93 24.65 -5.75
C ASP A 26 5.16 23.38 -5.37
N LEU A 27 3.88 23.33 -5.69
CA LEU A 27 3.08 22.14 -5.40
C LEU A 27 3.71 20.95 -6.15
N ALA A 28 4.23 21.25 -7.34
CA ALA A 28 4.91 20.25 -8.17
C ALA A 28 6.38 20.11 -7.75
N CYS A 29 6.86 21.09 -6.97
CA CYS A 29 8.24 21.07 -6.49
C CYS A 29 8.44 19.90 -5.53
N LYS A 30 7.54 19.77 -4.55
CA LYS A 30 7.63 18.67 -3.58
C LYS A 30 7.56 17.33 -4.30
N LEU A 31 6.58 17.19 -5.20
CA LEU A 31 6.42 15.97 -5.98
C LEU A 31 7.61 15.79 -6.92
N ARG A 32 8.06 16.90 -7.49
CA ARG A 32 9.19 16.90 -8.41
C ARG A 32 10.46 16.39 -7.72
N PHE A 33 10.65 16.79 -6.45
CA PHE A 33 11.82 16.33 -5.71
C PHE A 33 11.80 14.81 -5.61
N TYR A 34 10.66 14.26 -5.19
CA TYR A 34 10.52 12.82 -5.04
C TYR A 34 10.50 12.13 -6.40
N ASP A 35 9.83 12.73 -7.39
CA ASP A 35 9.75 12.14 -8.71
C ASP A 35 11.12 11.97 -9.34
N ASP A 36 12.14 12.65 -8.79
CA ASP A 36 13.49 12.48 -9.29
C ASP A 36 13.98 11.08 -8.93
N TRP A 37 13.68 10.66 -7.70
CA TRP A 37 14.07 9.33 -7.21
C TRP A 37 13.02 8.28 -7.58
N ALA A 38 11.83 8.73 -7.99
CA ALA A 38 10.73 7.80 -8.32
C ALA A 38 11.21 6.63 -9.18
N PRO A 39 11.91 6.88 -10.30
CA PRO A 39 12.40 5.80 -11.15
C PRO A 39 13.36 4.89 -10.38
N GLU A 40 14.07 5.48 -9.42
CA GLU A 40 14.99 4.74 -8.57
C GLU A 40 14.21 3.83 -7.62
N TYR A 41 13.00 4.27 -7.27
CA TYR A 41 12.12 3.49 -6.40
C TYR A 41 11.61 2.25 -7.12
N ASP A 42 11.28 2.38 -8.40
CA ASP A 42 10.76 1.25 -9.17
C ASP A 42 11.77 0.11 -9.17
N GLN A 43 12.99 0.37 -9.61
CA GLN A 43 14.01 -0.68 -9.64
C GLN A 43 14.23 -1.22 -8.22
N ASP A 44 14.01 -0.37 -7.22
CA ASP A 44 14.17 -0.78 -5.84
C ASP A 44 13.27 -1.95 -5.49
N VAL A 45 12.02 -1.95 -5.98
CA VAL A 45 11.12 -3.06 -5.66
C VAL A 45 11.62 -4.35 -6.30
N ALA A 46 12.13 -4.28 -7.54
CA ALA A 46 12.66 -5.47 -8.19
C ALA A 46 13.82 -6.02 -7.40
N ALA A 47 14.66 -5.12 -6.89
CA ALA A 47 15.81 -5.49 -6.09
C ALA A 47 15.39 -6.25 -4.84
N LEU A 48 14.20 -5.92 -4.30
CA LEU A 48 13.68 -6.59 -3.12
C LEU A 48 12.83 -7.81 -3.52
N LYS A 49 12.54 -7.94 -4.82
CA LYS A 49 11.74 -9.06 -5.32
C LYS A 49 10.34 -9.05 -4.70
N TYR A 50 9.58 -7.98 -4.94
CA TYR A 50 8.24 -7.87 -4.37
C TYR A 50 7.25 -8.80 -5.07
N ARG A 51 7.01 -9.95 -4.44
CA ARG A 51 6.05 -10.93 -4.94
C ARG A 51 4.63 -10.35 -4.89
N ALA A 52 4.35 -9.61 -3.83
CA ALA A 52 3.03 -9.00 -3.59
C ALA A 52 2.29 -8.59 -4.87
N PRO A 53 2.86 -7.71 -5.70
CA PRO A 53 2.18 -7.26 -6.93
C PRO A 53 1.67 -8.43 -7.78
N ARG A 54 2.48 -9.49 -7.85
CA ARG A 54 2.09 -10.69 -8.58
C ARG A 54 0.96 -11.42 -7.88
N LEU A 55 1.19 -11.75 -6.60
CA LEU A 55 0.20 -12.44 -5.76
C LEU A 55 -0.97 -11.52 -5.39
N ALA A 56 -0.67 -10.23 -5.27
CA ALA A 56 -1.67 -9.24 -4.91
C ALA A 56 -2.85 -9.32 -5.86
N VAL A 57 -2.57 -9.10 -7.14
CA VAL A 57 -3.61 -9.14 -8.15
C VAL A 57 -4.28 -10.52 -8.24
N ASP A 58 -3.48 -11.60 -8.31
CA ASP A 58 -4.03 -12.94 -8.42
C ASP A 58 -4.74 -13.40 -7.15
N CYS A 59 -4.17 -13.07 -5.99
CA CYS A 59 -4.76 -13.48 -4.72
C CYS A 59 -6.05 -12.73 -4.43
N LEU A 60 -6.08 -11.43 -4.73
CA LEU A 60 -7.27 -10.63 -4.46
C LEU A 60 -8.49 -11.17 -5.21
N SER A 61 -8.35 -11.41 -6.51
CA SER A 61 -9.45 -11.94 -7.30
C SER A 61 -9.80 -13.36 -6.87
N ARG A 62 -8.78 -14.13 -6.48
CA ARG A 62 -8.98 -15.52 -6.06
C ARG A 62 -9.93 -15.55 -4.86
N ALA A 63 -9.64 -14.72 -3.88
CA ALA A 63 -10.46 -14.63 -2.68
C ALA A 63 -11.66 -13.71 -2.92
N PHE A 64 -11.54 -12.84 -3.92
CA PHE A 64 -12.61 -11.89 -4.26
C PHE A 64 -13.68 -12.57 -5.11
N ARG A 65 -14.75 -13.00 -4.46
CA ARG A 65 -15.86 -13.67 -5.13
C ARG A 65 -16.51 -12.79 -6.19
N GLY A 66 -16.65 -11.51 -5.89
CA GLY A 66 -17.25 -10.59 -6.84
C GLY A 66 -16.37 -10.40 -8.05
N SER A 67 -16.98 -10.16 -9.20
CA SER A 67 -16.20 -9.97 -10.41
C SER A 67 -15.60 -8.56 -10.44
N PRO A 68 -14.28 -8.45 -10.65
CA PRO A 68 -13.61 -7.15 -10.73
C PRO A 68 -14.21 -6.28 -11.84
N HIS A 69 -15.02 -6.90 -12.70
CA HIS A 69 -15.72 -6.19 -13.76
C HIS A 69 -16.94 -5.47 -13.16
N ASP A 70 -17.79 -6.26 -12.51
CA ASP A 70 -19.01 -5.74 -11.88
C ASP A 70 -18.68 -4.91 -10.62
N ALA A 71 -17.59 -5.27 -9.94
CA ALA A 71 -17.18 -4.55 -8.74
C ALA A 71 -16.28 -3.38 -9.11
N LEU A 72 -16.21 -2.36 -8.26
CA LEU A 72 -15.35 -1.22 -8.55
C LEU A 72 -14.07 -1.29 -7.72
N ILE A 73 -12.93 -1.40 -8.40
CA ILE A 73 -11.65 -1.53 -7.73
C ILE A 73 -11.00 -0.17 -7.45
N LEU A 74 -10.20 -0.12 -6.37
CA LEU A 74 -9.51 1.10 -6.01
C LEU A 74 -8.01 0.85 -5.88
N ASP A 75 -7.22 1.78 -6.37
CA ASP A 75 -5.77 1.67 -6.26
C ASP A 75 -5.23 2.98 -5.69
N VAL A 76 -4.27 2.88 -4.78
CA VAL A 76 -3.72 4.07 -4.14
C VAL A 76 -2.44 4.55 -4.83
N ALA A 77 -1.96 5.73 -4.43
CA ALA A 77 -0.77 6.34 -4.98
C ALA A 77 0.30 5.33 -5.35
N CYS A 78 0.38 4.24 -4.61
CA CYS A 78 1.38 3.21 -4.89
C CYS A 78 0.90 2.24 -5.97
N GLY A 79 0.01 2.71 -6.85
CA GLY A 79 -0.47 1.86 -7.91
C GLY A 79 0.49 1.92 -9.10
N THR A 80 1.61 1.22 -8.98
CA THR A 80 2.62 1.22 -10.03
C THR A 80 2.05 0.78 -11.37
N GLY A 81 2.47 1.45 -12.43
CA GLY A 81 1.97 1.15 -13.77
C GLY A 81 1.91 -0.34 -14.07
N LEU A 82 3.01 -1.05 -13.85
CA LEU A 82 3.06 -2.48 -14.13
C LEU A 82 2.03 -3.25 -13.32
N VAL A 83 1.82 -2.84 -12.07
CA VAL A 83 0.84 -3.51 -11.24
C VAL A 83 -0.53 -3.40 -11.92
N ALA A 84 -0.79 -2.23 -12.50
CA ALA A 84 -2.03 -1.98 -13.22
C ALA A 84 -2.10 -2.82 -14.50
N VAL A 85 -0.98 -2.93 -15.20
CA VAL A 85 -0.94 -3.73 -16.43
C VAL A 85 -1.29 -5.18 -16.11
N GLU A 86 -0.78 -5.65 -14.98
CA GLU A 86 -1.05 -7.00 -14.51
C GLU A 86 -2.51 -7.07 -14.08
N LEU A 87 -3.02 -5.92 -13.63
CA LEU A 87 -4.40 -5.80 -13.17
C LEU A 87 -5.36 -6.15 -14.33
N GLN A 88 -5.10 -5.60 -15.53
CA GLN A 88 -5.96 -5.89 -16.69
C GLN A 88 -5.99 -7.36 -17.01
N ALA A 89 -4.81 -7.99 -17.09
CA ALA A 89 -4.73 -9.42 -17.42
C ALA A 89 -5.47 -10.25 -16.38
N ARG A 90 -5.43 -9.80 -15.13
CA ARG A 90 -6.10 -10.52 -14.06
C ARG A 90 -7.60 -10.62 -14.32
N GLY A 91 -8.17 -9.53 -14.85
CA GLY A 91 -9.59 -9.51 -15.16
C GLY A 91 -10.36 -8.41 -14.43
N PHE A 92 -9.71 -7.28 -14.18
CA PHE A 92 -10.34 -6.17 -13.49
C PHE A 92 -10.70 -5.10 -14.50
N LEU A 93 -12.00 -4.86 -14.69
CA LEU A 93 -12.46 -3.89 -15.65
C LEU A 93 -12.87 -2.56 -15.04
N GLN A 94 -12.70 -2.40 -13.72
CA GLN A 94 -13.05 -1.13 -13.09
C GLN A 94 -12.00 -0.78 -12.03
N VAL A 95 -11.45 0.43 -12.08
CA VAL A 95 -10.46 0.84 -11.10
C VAL A 95 -10.48 2.35 -10.84
N GLN A 96 -10.37 2.69 -9.57
CA GLN A 96 -10.35 4.08 -9.13
C GLN A 96 -9.30 4.27 -8.05
N GLY A 97 -8.83 5.50 -7.84
CA GLY A 97 -7.82 5.69 -6.82
C GLY A 97 -7.28 7.11 -6.73
N VAL A 98 -6.19 7.24 -6.01
CA VAL A 98 -5.52 8.51 -5.82
C VAL A 98 -4.00 8.34 -5.75
N ASP A 99 -3.25 9.26 -6.35
CA ASP A 99 -1.79 9.18 -6.32
C ASP A 99 -1.18 10.56 -6.13
N GLY A 100 0.05 10.64 -5.63
CA GLY A 100 0.67 11.94 -5.39
C GLY A 100 1.64 12.38 -6.47
N SER A 101 2.44 11.45 -6.98
CA SER A 101 3.40 11.77 -8.02
C SER A 101 2.80 11.64 -9.39
N PRO A 102 2.97 12.64 -10.27
CA PRO A 102 2.44 12.57 -11.62
C PRO A 102 3.04 11.39 -12.37
N GLU A 103 4.30 11.08 -12.08
CA GLU A 103 4.96 9.91 -12.68
C GLU A 103 4.18 8.64 -12.31
N MET A 104 3.72 8.61 -11.06
CA MET A 104 2.91 7.52 -10.56
C MET A 104 1.52 7.57 -11.23
N LEU A 105 1.01 8.80 -11.39
CA LEU A 105 -0.27 9.04 -12.05
C LEU A 105 -0.19 8.76 -13.54
N LYS A 106 0.93 9.15 -14.14
CA LYS A 106 1.16 8.98 -15.57
C LYS A 106 1.09 7.52 -15.97
N GLN A 107 1.79 6.66 -15.23
CA GLN A 107 1.76 5.24 -15.56
C GLN A 107 0.33 4.72 -15.46
N ALA A 108 -0.30 4.93 -14.31
CA ALA A 108 -1.67 4.48 -14.09
C ALA A 108 -2.66 5.14 -15.06
N ARG A 109 -2.63 6.47 -15.14
CA ARG A 109 -3.53 7.22 -16.01
C ARG A 109 -3.24 6.94 -17.50
N ALA A 110 -1.99 7.12 -17.91
CA ALA A 110 -1.60 6.88 -19.30
C ALA A 110 -1.89 5.44 -19.69
N ARG A 111 -1.68 4.54 -18.74
CA ARG A 111 -1.95 3.12 -18.95
C ARG A 111 -3.42 2.93 -19.29
N GLY A 112 -4.29 3.67 -18.61
CA GLY A 112 -5.72 3.54 -18.83
C GLY A 112 -6.31 2.44 -17.97
N LEU A 113 -5.56 2.04 -16.95
CA LEU A 113 -6.01 1.01 -16.02
C LEU A 113 -6.96 1.61 -15.00
N TYR A 114 -6.64 2.83 -14.55
CA TYR A 114 -7.43 3.51 -13.56
C TYR A 114 -8.51 4.37 -14.22
N HIS A 115 -9.76 3.99 -14.00
CA HIS A 115 -10.88 4.73 -14.58
C HIS A 115 -10.93 6.17 -14.07
N HIS A 116 -10.64 6.35 -12.78
CA HIS A 116 -10.65 7.68 -12.18
C HIS A 116 -9.49 7.83 -11.18
N LEU A 117 -8.63 8.82 -11.43
CA LEU A 117 -7.50 9.07 -10.53
C LEU A 117 -7.51 10.51 -10.03
N SER A 118 -6.97 10.70 -8.82
CA SER A 118 -6.93 12.03 -8.23
C SER A 118 -5.62 12.24 -7.47
N LEU A 119 -5.26 13.52 -7.30
CA LEU A 119 -4.05 13.88 -6.58
C LEU A 119 -4.41 14.26 -5.15
N CYS A 120 -3.79 13.62 -4.16
CA CYS A 120 -4.09 13.94 -2.77
C CYS A 120 -3.19 13.20 -1.78
N THR A 121 -1.98 13.70 -1.58
CA THR A 121 -1.05 13.08 -0.62
C THR A 121 -1.68 13.13 0.76
N LEU A 122 -1.51 12.08 1.55
CA LEU A 122 -2.11 12.05 2.88
C LEU A 122 -1.68 10.81 3.66
N GLY A 123 -2.27 10.62 4.83
CA GLY A 123 -1.90 9.46 5.63
C GLY A 123 -2.39 9.53 7.07
N GLN A 124 -2.33 10.70 7.70
CA GLN A 124 -2.82 10.86 9.05
C GLN A 124 -4.12 11.67 8.94
N GLU A 125 -4.68 11.61 7.72
CA GLU A 125 -5.92 12.27 7.37
C GLU A 125 -6.62 11.36 6.35
N PRO A 126 -7.95 11.31 6.34
CA PRO A 126 -8.72 10.43 5.44
C PRO A 126 -8.29 10.48 3.97
N LEU A 127 -8.72 9.45 3.23
CA LEU A 127 -8.43 9.31 1.80
C LEU A 127 -9.50 10.02 0.97
N PRO A 128 -9.13 10.47 -0.23
CA PRO A 128 -10.04 11.20 -1.13
C PRO A 128 -11.39 10.52 -1.38
N ASP A 129 -11.44 9.20 -1.54
CA ASP A 129 -12.72 8.52 -1.82
C ASP A 129 -13.59 8.34 -0.57
N PRO A 130 -14.93 8.32 -0.77
CA PRO A 130 -15.91 8.13 0.30
C PRO A 130 -16.02 6.67 0.72
N GLU A 131 -16.82 6.36 1.72
CA GLU A 131 -17.01 4.99 2.18
C GLU A 131 -18.03 4.26 1.30
N GLY A 132 -17.97 2.92 1.26
CA GLY A 132 -18.91 2.18 0.44
C GLY A 132 -18.82 2.54 -1.03
N THR A 133 -17.66 3.04 -1.44
CA THR A 133 -17.45 3.45 -2.83
C THR A 133 -17.07 2.27 -3.73
N PHE A 134 -15.89 1.71 -3.49
CA PHE A 134 -15.38 0.62 -4.30
C PHE A 134 -15.39 -0.72 -3.58
N ASP A 135 -15.59 -1.79 -4.36
CA ASP A 135 -15.65 -3.14 -3.82
C ASP A 135 -14.27 -3.66 -3.38
N ALA A 136 -13.19 -2.97 -3.76
CA ALA A 136 -11.85 -3.42 -3.37
C ALA A 136 -10.80 -2.34 -3.64
N VAL A 137 -9.65 -2.44 -2.96
CA VAL A 137 -8.55 -1.49 -3.15
C VAL A 137 -7.20 -2.22 -3.15
N ILE A 138 -6.28 -1.82 -4.02
CA ILE A 138 -4.96 -2.47 -4.07
C ILE A 138 -3.81 -1.45 -4.15
N ILE A 139 -3.01 -1.38 -3.08
CA ILE A 139 -1.89 -0.44 -2.99
C ILE A 139 -0.61 -1.20 -2.63
N VAL A 140 0.53 -0.81 -3.19
CA VAL A 140 1.79 -1.50 -2.90
C VAL A 140 2.95 -0.55 -2.59
N GLY A 141 3.64 -0.79 -1.47
CA GLY A 141 4.79 0.03 -1.11
C GLY A 141 4.42 1.26 -0.29
N ALA A 142 3.29 1.21 0.43
CA ALA A 142 2.84 2.32 1.24
C ALA A 142 2.37 1.89 2.64
N LEU A 143 3.16 2.18 3.66
CA LEU A 143 2.81 1.85 5.05
C LEU A 143 3.21 2.96 6.01
N SER A 144 2.78 2.85 7.27
CA SER A 144 3.13 3.85 8.26
C SER A 144 4.63 4.00 8.36
N GLU A 145 5.11 5.18 8.01
CA GLU A 145 6.54 5.51 8.04
C GLU A 145 6.77 6.78 7.20
N GLY A 146 5.91 7.78 7.40
CA GLY A 146 6.01 9.01 6.66
C GLY A 146 5.25 8.95 5.33
N GLN A 147 5.07 7.75 4.76
CA GLN A 147 4.37 7.59 3.49
C GLN A 147 2.85 7.41 3.70
N VAL A 148 2.41 6.19 4.04
CA VAL A 148 0.98 5.93 4.26
C VAL A 148 0.75 5.24 5.63
N PRO A 149 0.36 6.02 6.65
CA PRO A 149 0.13 5.54 8.01
C PRO A 149 -0.94 4.46 8.13
N CYS A 150 -0.52 3.28 8.58
CA CYS A 150 -1.40 2.13 8.70
C CYS A 150 -2.79 2.49 9.23
N SER A 151 -2.95 3.58 9.98
CA SER A 151 -4.27 3.96 10.47
C SER A 151 -5.14 4.44 9.31
N ALA A 152 -4.52 5.11 8.35
CA ALA A 152 -5.24 5.62 7.18
C ALA A 152 -5.70 4.50 6.26
N ILE A 153 -4.87 3.47 6.11
CA ILE A 153 -5.20 2.34 5.22
C ILE A 153 -6.64 1.89 5.39
N PRO A 154 -7.09 1.65 6.64
CA PRO A 154 -8.46 1.22 6.91
C PRO A 154 -9.48 2.25 6.37
N GLU A 155 -9.02 3.46 6.06
CA GLU A 155 -9.90 4.45 5.45
C GLU A 155 -10.20 3.98 4.02
N LEU A 156 -9.15 3.45 3.36
CA LEU A 156 -9.28 2.86 2.03
C LEU A 156 -10.27 1.71 2.16
N LEU A 157 -10.12 0.98 3.27
CA LEU A 157 -10.99 -0.13 3.58
C LEU A 157 -12.39 0.40 3.84
N ARG A 158 -12.47 1.55 4.52
CA ARG A 158 -13.73 2.21 4.82
C ARG A 158 -14.40 2.65 3.51
N VAL A 159 -13.59 3.09 2.53
CA VAL A 159 -14.10 3.48 1.21
C VAL A 159 -14.48 2.22 0.42
N THR A 160 -14.09 1.09 1.00
CA THR A 160 -14.38 -0.22 0.45
C THR A 160 -15.56 -0.82 1.21
N LYS A 161 -16.47 -1.48 0.52
CA LYS A 161 -17.63 -2.09 1.16
C LYS A 161 -17.27 -3.41 1.81
N PRO A 162 -18.10 -3.88 2.78
CA PRO A 162 -17.85 -5.16 3.45
C PRO A 162 -17.82 -6.30 2.44
N GLY A 163 -16.96 -7.30 2.69
CA GLY A 163 -16.82 -8.39 1.76
C GLY A 163 -15.87 -8.04 0.62
N GLY A 164 -15.35 -6.81 0.64
CA GLY A 164 -14.45 -6.34 -0.38
C GLY A 164 -13.03 -6.83 -0.14
N LEU A 165 -12.09 -6.42 -0.99
CA LEU A 165 -10.70 -6.84 -0.84
C LEU A 165 -9.75 -5.64 -0.84
N VAL A 166 -8.86 -5.61 0.15
CA VAL A 166 -7.89 -4.53 0.24
C VAL A 166 -6.47 -5.11 0.29
N CYS A 167 -5.58 -4.61 -0.57
CA CYS A 167 -4.22 -5.13 -0.64
C CYS A 167 -3.16 -4.06 -0.37
N LEU A 168 -2.28 -4.34 0.61
CA LEU A 168 -1.21 -3.41 0.97
C LEU A 168 0.12 -4.15 1.13
N THR A 169 1.24 -3.52 0.72
CA THR A 169 2.57 -4.14 0.85
C THR A 169 3.64 -3.07 1.14
N THR A 170 4.73 -3.50 1.78
CA THR A 170 5.86 -2.62 2.14
C THR A 170 6.85 -3.43 3.00
N ARG A 171 7.84 -2.78 3.60
CA ARG A 171 8.77 -3.49 4.46
C ARG A 171 8.05 -3.92 5.74
N THR A 172 7.75 -5.21 5.85
CA THR A 172 7.02 -5.74 7.01
C THR A 172 7.76 -5.50 8.31
N ASN A 173 9.07 -5.73 8.34
CA ASN A 173 9.82 -5.57 9.57
C ASN A 173 11.04 -4.69 9.43
N PRO A 174 10.82 -3.38 9.23
CA PRO A 174 11.90 -2.42 9.16
C PRO A 174 12.64 -2.42 10.50
N SER A 175 11.84 -2.64 11.55
CA SER A 175 12.32 -2.71 12.92
C SER A 175 11.37 -3.61 13.72
N ASN A 176 11.75 -4.00 14.92
CA ASN A 176 10.88 -4.85 15.74
C ASN A 176 10.58 -6.18 15.02
N LEU A 177 11.63 -6.85 14.55
CA LEU A 177 11.51 -8.13 13.84
C LEU A 177 10.48 -9.06 14.49
N PRO A 178 10.68 -9.43 15.77
CA PRO A 178 9.75 -10.31 16.50
C PRO A 178 8.35 -9.72 16.61
N TYR A 179 8.27 -8.40 16.63
CA TYR A 179 6.99 -7.72 16.72
C TYR A 179 6.09 -8.03 15.53
N LYS A 180 6.66 -8.60 14.45
CA LYS A 180 5.84 -8.94 13.27
C LYS A 180 4.76 -9.91 13.69
N GLU A 181 5.16 -10.96 14.39
CA GLU A 181 4.20 -11.95 14.87
C GLU A 181 3.21 -11.23 15.79
N THR A 182 3.74 -10.32 16.60
CA THR A 182 2.90 -9.52 17.48
C THR A 182 1.90 -8.72 16.64
N LEU A 183 2.42 -8.10 15.57
CA LEU A 183 1.61 -7.32 14.64
C LEU A 183 0.54 -8.21 13.99
N GLU A 184 0.93 -9.43 13.64
CA GLU A 184 0.02 -10.36 13.00
C GLU A 184 -1.17 -10.63 13.92
N ALA A 185 -0.90 -10.76 15.22
CA ALA A 185 -1.97 -10.98 16.18
C ALA A 185 -2.93 -9.79 16.19
N THR A 186 -2.37 -8.59 16.04
CA THR A 186 -3.19 -7.37 16.02
C THR A 186 -4.21 -7.40 14.89
N LEU A 187 -3.80 -7.88 13.72
CA LEU A 187 -4.73 -7.97 12.59
C LEU A 187 -5.86 -8.92 12.95
N ASP A 188 -5.49 -10.01 13.63
CA ASP A 188 -6.47 -11.02 14.03
C ASP A 188 -7.53 -10.39 14.93
N SER A 189 -7.11 -9.50 15.84
CA SER A 189 -8.07 -8.84 16.72
C SER A 189 -9.08 -8.05 15.90
N LEU A 190 -8.61 -7.38 14.83
CA LEU A 190 -9.50 -6.64 13.96
C LEU A 190 -10.44 -7.61 13.26
N GLU A 191 -9.88 -8.74 12.80
CA GLU A 191 -10.67 -9.78 12.16
C GLU A 191 -11.73 -10.27 13.14
N ARG A 192 -11.27 -10.59 14.35
CA ARG A 192 -12.15 -11.05 15.42
C ARG A 192 -13.18 -9.98 15.76
N ALA A 193 -12.76 -8.72 15.77
CA ALA A 193 -13.64 -7.60 16.06
C ALA A 193 -14.74 -7.51 15.02
N GLY A 194 -14.41 -7.79 13.76
CA GLY A 194 -15.40 -7.75 12.71
C GLY A 194 -15.08 -6.75 11.62
N VAL A 195 -14.16 -5.82 11.86
CA VAL A 195 -13.84 -4.78 10.87
C VAL A 195 -13.33 -5.37 9.54
N TRP A 196 -12.48 -6.38 9.60
CA TRP A 196 -11.96 -6.99 8.37
C TRP A 196 -11.42 -8.39 8.64
N GLU A 197 -11.32 -9.23 7.62
CA GLU A 197 -10.80 -10.58 7.81
C GLU A 197 -9.63 -10.86 6.87
N CYS A 198 -8.43 -10.89 7.42
CA CYS A 198 -7.23 -11.14 6.62
C CYS A 198 -7.31 -12.50 5.93
N LEU A 199 -7.65 -12.50 4.64
CA LEU A 199 -7.77 -13.74 3.88
C LEU A 199 -6.42 -14.45 3.74
N VAL A 200 -5.44 -13.73 3.22
CA VAL A 200 -4.12 -14.32 3.01
C VAL A 200 -3.00 -13.27 3.03
N THR A 201 -1.80 -13.74 3.32
CA THR A 201 -0.62 -12.89 3.33
C THR A 201 0.55 -13.64 2.68
N GLN A 202 1.14 -13.06 1.64
CA GLN A 202 2.25 -13.68 0.93
C GLN A 202 3.57 -12.99 1.24
N PRO A 203 4.54 -13.72 1.80
CA PRO A 203 5.85 -13.15 2.13
C PRO A 203 6.55 -12.61 0.89
N VAL A 204 7.26 -11.50 1.05
CA VAL A 204 7.96 -10.86 -0.06
C VAL A 204 9.49 -10.95 0.12
N ASP A 205 10.12 -9.88 0.59
CA ASP A 205 11.56 -9.87 0.84
C ASP A 205 11.82 -10.38 2.27
N HIS A 206 10.72 -10.79 2.93
CA HIS A 206 10.74 -11.30 4.29
C HIS A 206 11.67 -12.49 4.48
N TRP A 207 11.76 -13.35 3.46
CA TRP A 207 12.59 -14.55 3.56
C TRP A 207 14.01 -14.36 3.00
N GLU A 208 14.40 -13.13 2.65
CA GLU A 208 15.73 -12.90 2.10
C GLU A 208 16.68 -12.23 3.10
N LEU A 209 16.36 -11.00 3.48
CA LEU A 209 17.19 -10.24 4.43
C LEU A 209 17.32 -10.94 5.78
N ALA A 210 16.22 -11.53 6.26
CA ALA A 210 16.23 -12.21 7.56
C ALA A 210 17.23 -13.36 7.58
N THR A 211 17.45 -14.00 6.44
CA THR A 211 18.39 -15.12 6.38
C THR A 211 19.77 -14.70 6.85
N SER A 212 20.43 -15.58 7.61
CA SER A 212 21.76 -15.31 8.15
C SER A 212 22.71 -16.48 7.87
N GLU A 213 24.01 -16.19 7.84
CA GLU A 213 25.01 -17.23 7.57
C GLU A 213 25.29 -18.07 8.81
N GLN A 214 25.69 -19.32 8.60
CA GLN A 214 25.98 -20.25 9.70
C GLN A 214 27.10 -19.72 10.60
N GLU A 215 28.13 -19.14 9.99
CA GLU A 215 29.26 -18.61 10.76
C GLU A 215 28.87 -17.39 11.58
N THR A 216 29.39 -17.31 12.80
CA THR A 216 29.08 -16.18 13.68
C THR A 216 29.52 -14.87 13.04
N GLY A 217 30.76 -14.83 12.54
CA GLY A 217 31.28 -13.62 11.93
C GLY A 217 30.25 -12.87 11.10
N LEU A 218 30.53 -11.59 10.84
CA LEU A 218 29.62 -10.76 10.04
C LEU A 218 28.17 -11.22 10.18
N GLY A 219 27.73 -11.46 11.41
CA GLY A 219 26.36 -11.90 11.63
C GLY A 219 25.37 -10.81 11.32
N THR A 220 25.15 -9.91 12.27
CA THR A 220 24.22 -8.80 12.06
C THR A 220 24.87 -7.73 11.16
N CYS A 221 26.19 -7.79 11.03
CA CYS A 221 26.94 -6.85 10.20
C CYS A 221 26.48 -6.91 8.74
N ALA A 222 26.22 -8.11 8.23
CA ALA A 222 25.76 -8.27 6.85
C ALA A 222 24.28 -7.95 6.69
N ASN A 223 23.68 -7.33 7.72
CA ASN A 223 22.26 -7.01 7.67
C ASN A 223 21.42 -8.27 7.51
N ASP A 224 21.83 -9.33 8.21
CA ASP A 224 21.11 -10.59 8.18
C ASP A 224 20.17 -10.68 9.37
N GLY A 225 18.93 -11.08 9.12
CA GLY A 225 17.95 -11.15 10.18
C GLY A 225 17.03 -9.93 10.20
N PHE A 226 16.81 -9.33 9.02
CA PHE A 226 15.94 -8.18 8.89
C PHE A 226 14.88 -8.48 7.84
N ILE A 227 13.61 -8.28 8.17
CA ILE A 227 12.55 -8.64 7.25
C ILE A 227 11.75 -7.46 6.68
N SER A 228 11.65 -7.43 5.36
CA SER A 228 10.92 -6.40 4.64
C SER A 228 10.07 -7.03 3.54
N GLY A 229 9.22 -6.21 2.90
CA GLY A 229 8.35 -6.70 1.86
C GLY A 229 7.32 -7.69 2.39
N ILE A 230 6.05 -7.32 2.33
CA ILE A 230 4.98 -8.19 2.80
C ILE A 230 3.65 -7.77 2.20
N ILE A 231 2.85 -8.71 1.69
CA ILE A 231 1.57 -8.36 1.12
C ILE A 231 0.44 -8.81 2.04
N TYR A 232 -0.65 -8.07 2.05
CA TYR A 232 -1.79 -8.41 2.89
C TYR A 232 -3.11 -8.22 2.16
N LEU A 233 -3.86 -9.30 1.94
CA LEU A 233 -5.17 -9.17 1.31
C LEU A 233 -6.24 -9.27 2.40
N TYR A 234 -7.01 -8.20 2.60
CA TYR A 234 -8.03 -8.19 3.63
C TYR A 234 -9.43 -7.97 3.07
N ARG A 235 -10.42 -8.53 3.75
CA ARG A 235 -11.80 -8.32 3.37
C ARG A 235 -12.43 -7.27 4.28
N LYS A 236 -13.51 -6.66 3.83
CA LYS A 236 -14.17 -5.64 4.63
C LYS A 236 -15.27 -6.21 5.50
N GLN A 237 -15.20 -5.90 6.79
CA GLN A 237 -16.18 -6.38 7.76
C GLN A 237 -16.44 -7.87 7.62
N GLU A 238 -15.78 -8.64 8.47
CA GLU A 238 -15.94 -10.09 8.49
C GLU A 238 -15.56 -10.68 9.83
N THR A 239 -15.78 -11.98 9.99
CA THR A 239 -15.47 -12.64 11.26
C THR A 239 -14.38 -13.70 11.09
N VAL A 240 -13.38 -13.62 11.95
CA VAL A 240 -12.26 -14.56 11.93
C VAL A 240 -12.73 -16.00 11.84
N GLY A 1 10.39 4.43 19.19
CA GLY A 1 9.02 3.90 18.90
C GLY A 1 8.39 4.58 17.70
N ALA A 2 7.07 4.45 17.56
CA ALA A 2 6.35 5.06 16.45
C ALA A 2 6.53 6.57 16.43
N MET A 3 6.51 7.19 17.62
CA MET A 3 6.67 8.63 17.74
C MET A 3 5.58 9.38 16.97
N ALA A 4 4.34 8.86 17.04
CA ALA A 4 3.22 9.49 16.34
C ALA A 4 3.48 9.54 14.84
N GLN A 5 4.07 8.46 14.29
CA GLN A 5 4.37 8.40 12.87
C GLN A 5 5.32 9.53 12.47
N GLU A 6 6.40 9.67 13.23
CA GLU A 6 7.37 10.74 12.98
C GLU A 6 6.67 12.09 13.10
N GLU A 7 5.74 12.18 14.06
CA GLU A 7 4.96 13.39 14.24
C GLU A 7 4.19 13.68 12.96
N ALA A 8 3.49 12.65 12.48
CA ALA A 8 2.71 12.71 11.24
C ALA A 8 3.62 12.47 10.03
N GLY A 9 3.61 11.22 9.53
CA GLY A 9 4.45 10.86 8.38
C GLY A 9 4.47 11.92 7.29
N ARG A 10 5.38 11.75 6.33
CA ARG A 10 5.54 12.75 5.29
C ARG A 10 4.27 12.99 4.47
N LEU A 11 3.60 11.95 3.97
CA LEU A 11 2.39 12.15 3.15
C LEU A 11 1.36 13.05 3.82
N PRO A 12 0.98 12.82 5.09
CA PRO A 12 -0.02 13.64 5.76
C PRO A 12 0.44 15.09 5.83
N GLN A 13 1.75 15.29 5.89
CA GLN A 13 2.30 16.63 5.90
C GLN A 13 2.02 17.29 4.55
N VAL A 14 2.16 16.49 3.49
CA VAL A 14 1.96 16.99 2.14
C VAL A 14 0.54 17.52 1.95
N LEU A 15 -0.50 16.78 2.38
CA LEU A 15 -1.85 17.32 2.23
C LEU A 15 -1.96 18.63 3.01
N ALA A 16 -1.35 18.65 4.20
CA ALA A 16 -1.38 19.82 5.04
C ALA A 16 -0.74 21.01 4.31
N ARG A 17 0.42 20.79 3.70
CA ARG A 17 1.09 21.86 2.98
C ARG A 17 0.27 22.28 1.75
N VAL A 18 -0.32 21.31 1.04
CA VAL A 18 -1.15 21.61 -0.13
C VAL A 18 -2.49 22.25 0.29
N GLY A 19 -2.97 21.88 1.48
CA GLY A 19 -4.24 22.40 1.96
C GLY A 19 -4.34 23.91 1.86
N THR A 20 -3.27 24.63 2.17
CA THR A 20 -3.30 26.09 2.10
C THR A 20 -3.62 26.54 0.68
N SER A 21 -2.98 25.91 -0.30
CA SER A 21 -3.19 26.24 -1.70
C SER A 21 -2.65 27.63 -2.03
N HIS A 22 -3.01 28.14 -3.21
CA HIS A 22 -2.50 29.44 -3.66
C HIS A 22 -0.99 29.35 -3.83
N GLY A 23 -0.58 28.26 -4.49
CA GLY A 23 0.82 27.98 -4.74
C GLY A 23 1.02 26.51 -5.03
N ILE A 24 0.18 25.98 -5.93
CA ILE A 24 0.22 24.57 -6.29
C ILE A 24 1.39 24.24 -7.22
N THR A 25 2.00 25.24 -7.84
CA THR A 25 3.12 25.00 -8.75
C THR A 25 4.27 24.33 -8.00
N ASP A 26 4.61 24.85 -6.81
CA ASP A 26 5.69 24.24 -6.02
C ASP A 26 5.24 22.88 -5.48
N LEU A 27 3.93 22.70 -5.34
CA LEU A 27 3.41 21.44 -4.85
C LEU A 27 3.86 20.32 -5.81
N ALA A 28 3.90 20.66 -7.11
CA ALA A 28 4.40 19.73 -8.12
C ALA A 28 5.93 19.65 -8.00
N CYS A 29 6.53 20.76 -7.57
CA CYS A 29 7.98 20.85 -7.42
C CYS A 29 8.45 19.79 -6.42
N LYS A 30 7.84 19.71 -5.25
CA LYS A 30 8.22 18.70 -4.27
C LYS A 30 7.96 17.30 -4.85
N LEU A 31 6.78 17.11 -5.45
CA LEU A 31 6.40 15.83 -6.04
C LEU A 31 7.37 15.44 -7.16
N ARG A 32 7.78 16.41 -7.97
CA ARG A 32 8.71 16.16 -9.07
C ARG A 32 10.09 15.81 -8.55
N PHE A 33 10.45 16.37 -7.39
CA PHE A 33 11.74 16.07 -6.78
C PHE A 33 11.81 14.57 -6.48
N TYR A 34 10.76 14.08 -5.83
CA TYR A 34 10.65 12.67 -5.46
C TYR A 34 10.64 11.77 -6.70
N ASP A 35 9.95 12.21 -7.75
CA ASP A 35 9.85 11.45 -9.00
C ASP A 35 11.21 11.32 -9.72
N ASP A 36 12.23 11.99 -9.23
CA ASP A 36 13.56 11.87 -9.85
C ASP A 36 14.11 10.46 -9.58
N TRP A 37 13.89 9.98 -8.36
CA TRP A 37 14.36 8.66 -7.96
C TRP A 37 13.27 7.58 -8.11
N ALA A 38 11.99 7.99 -8.24
CA ALA A 38 10.88 7.04 -8.35
C ALA A 38 11.21 5.84 -9.25
N PRO A 39 11.60 6.07 -10.52
CA PRO A 39 11.94 4.96 -11.43
C PRO A 39 12.94 4.00 -10.78
N GLU A 40 13.91 4.57 -10.06
CA GLU A 40 14.92 3.78 -9.36
C GLU A 40 14.29 2.92 -8.27
N TYR A 41 13.19 3.38 -7.68
CA TYR A 41 12.46 2.61 -6.67
C TYR A 41 11.75 1.42 -7.30
N ASP A 42 11.22 1.59 -8.52
CA ASP A 42 10.49 0.51 -9.16
C ASP A 42 11.41 -0.69 -9.34
N GLN A 43 12.56 -0.50 -9.97
CA GLN A 43 13.51 -1.59 -10.15
C GLN A 43 13.95 -2.14 -8.80
N ASP A 44 13.89 -1.30 -7.77
CA ASP A 44 14.27 -1.71 -6.42
C ASP A 44 13.41 -2.86 -5.93
N VAL A 45 12.11 -2.83 -6.22
CA VAL A 45 11.26 -3.93 -5.76
C VAL A 45 11.58 -5.22 -6.53
N ALA A 46 11.80 -5.10 -7.83
CA ALA A 46 12.15 -6.27 -8.65
C ALA A 46 13.56 -6.76 -8.30
N ALA A 47 14.47 -5.80 -8.09
CA ALA A 47 15.85 -6.11 -7.78
C ALA A 47 15.96 -6.93 -6.49
N LEU A 48 15.08 -6.67 -5.54
CA LEU A 48 15.09 -7.41 -4.27
C LEU A 48 14.21 -8.66 -4.36
N LYS A 49 13.55 -8.87 -5.51
CA LYS A 49 12.69 -10.03 -5.70
C LYS A 49 11.46 -9.99 -4.80
N TYR A 50 10.74 -8.87 -4.81
CA TYR A 50 9.53 -8.77 -4.00
C TYR A 50 8.38 -9.50 -4.70
N ARG A 51 7.93 -10.58 -4.10
CA ARG A 51 6.83 -11.35 -4.64
C ARG A 51 5.51 -10.59 -4.52
N ALA A 52 5.46 -9.68 -3.54
CA ALA A 52 4.29 -8.87 -3.27
C ALA A 52 3.45 -8.54 -4.51
N PRO A 53 4.00 -7.76 -5.46
CA PRO A 53 3.28 -7.37 -6.69
C PRO A 53 2.85 -8.55 -7.56
N ARG A 54 3.61 -9.64 -7.52
CA ARG A 54 3.26 -10.83 -8.30
C ARG A 54 2.03 -11.51 -7.72
N LEU A 55 2.14 -11.89 -6.45
CA LEU A 55 1.05 -12.53 -5.73
C LEU A 55 -0.07 -11.55 -5.41
N ALA A 56 0.29 -10.27 -5.23
CA ALA A 56 -0.69 -9.25 -4.92
C ALA A 56 -1.81 -9.26 -5.95
N VAL A 57 -1.44 -9.04 -7.20
CA VAL A 57 -2.41 -9.02 -8.29
C VAL A 57 -3.09 -10.38 -8.48
N ASP A 58 -2.30 -11.47 -8.58
CA ASP A 58 -2.88 -12.80 -8.79
C ASP A 58 -3.78 -13.24 -7.64
N CYS A 59 -3.28 -13.13 -6.42
CA CYS A 59 -4.06 -13.56 -5.25
C CYS A 59 -5.36 -12.80 -5.13
N LEU A 60 -5.32 -11.49 -5.39
CA LEU A 60 -6.54 -10.69 -5.27
C LEU A 60 -7.60 -11.21 -6.22
N SER A 61 -7.23 -11.45 -7.47
CA SER A 61 -8.18 -11.98 -8.44
C SER A 61 -8.69 -13.36 -7.98
N ARG A 62 -7.79 -14.17 -7.43
CA ARG A 62 -8.16 -15.51 -6.95
C ARG A 62 -9.05 -15.44 -5.72
N ALA A 63 -8.74 -14.51 -4.80
CA ALA A 63 -9.52 -14.36 -3.58
C ALA A 63 -10.76 -13.49 -3.84
N PHE A 64 -10.67 -12.65 -4.86
CA PHE A 64 -11.77 -11.75 -5.20
C PHE A 64 -12.85 -12.48 -5.98
N ARG A 65 -13.89 -12.91 -5.27
CA ARG A 65 -15.00 -13.64 -5.88
C ARG A 65 -15.69 -12.79 -6.94
N GLY A 66 -15.84 -11.50 -6.64
CA GLY A 66 -16.47 -10.61 -7.59
C GLY A 66 -15.56 -10.31 -8.75
N SER A 67 -16.13 -9.99 -9.90
CA SER A 67 -15.32 -9.70 -11.08
C SER A 67 -14.98 -8.22 -11.15
N PRO A 68 -13.68 -7.87 -11.17
CA PRO A 68 -13.24 -6.49 -11.29
C PRO A 68 -13.93 -5.79 -12.48
N HIS A 69 -14.39 -6.61 -13.43
CA HIS A 69 -15.10 -6.13 -14.60
C HIS A 69 -16.37 -5.38 -14.17
N ASP A 70 -17.16 -6.01 -13.31
CA ASP A 70 -18.40 -5.42 -12.80
C ASP A 70 -18.17 -4.73 -11.44
N ALA A 71 -17.15 -5.16 -10.71
CA ALA A 71 -16.81 -4.57 -9.42
C ALA A 71 -16.05 -3.27 -9.62
N LEU A 72 -15.87 -2.49 -8.56
CA LEU A 72 -15.13 -1.24 -8.68
C LEU A 72 -13.86 -1.29 -7.84
N ILE A 73 -12.71 -1.40 -8.51
CA ILE A 73 -11.43 -1.51 -7.83
C ILE A 73 -10.81 -0.14 -7.53
N LEU A 74 -10.04 -0.06 -6.45
CA LEU A 74 -9.38 1.18 -6.04
C LEU A 74 -7.88 1.00 -5.90
N ASP A 75 -7.11 1.97 -6.38
CA ASP A 75 -5.67 1.94 -6.25
C ASP A 75 -5.19 3.28 -5.70
N VAL A 76 -4.25 3.24 -4.76
CA VAL A 76 -3.73 4.46 -4.15
C VAL A 76 -2.49 4.95 -4.92
N ALA A 77 -1.97 6.10 -4.50
CA ALA A 77 -0.79 6.70 -5.12
C ALA A 77 0.30 5.68 -5.39
N CYS A 78 0.27 4.57 -4.65
CA CYS A 78 1.24 3.51 -4.84
C CYS A 78 0.77 2.50 -5.89
N GLY A 79 -0.16 2.93 -6.74
CA GLY A 79 -0.64 2.08 -7.79
C GLY A 79 0.26 2.19 -9.00
N THR A 80 1.35 1.42 -8.99
CA THR A 80 2.33 1.46 -10.07
C THR A 80 1.69 1.07 -11.41
N GLY A 81 2.09 1.77 -12.46
CA GLY A 81 1.54 1.53 -13.79
C GLY A 81 1.47 0.06 -14.15
N LEU A 82 2.57 -0.67 -13.98
CA LEU A 82 2.58 -2.09 -14.35
C LEU A 82 1.50 -2.86 -13.59
N VAL A 83 1.23 -2.46 -12.35
CA VAL A 83 0.20 -3.11 -11.58
C VAL A 83 -1.14 -2.95 -12.30
N ALA A 84 -1.35 -1.76 -12.89
CA ALA A 84 -2.57 -1.52 -13.65
C ALA A 84 -2.54 -2.31 -14.95
N VAL A 85 -1.38 -2.39 -15.60
CA VAL A 85 -1.25 -3.15 -16.85
C VAL A 85 -1.59 -4.61 -16.57
N GLU A 86 -1.07 -5.09 -15.45
CA GLU A 86 -1.34 -6.46 -15.01
C GLU A 86 -2.80 -6.55 -14.57
N LEU A 87 -3.26 -5.49 -13.89
CA LEU A 87 -4.64 -5.44 -13.42
C LEU A 87 -5.59 -5.57 -14.61
N GLN A 88 -5.27 -4.90 -15.72
CA GLN A 88 -6.12 -4.97 -16.91
C GLN A 88 -6.24 -6.41 -17.39
N ALA A 89 -5.10 -7.10 -17.50
CA ALA A 89 -5.07 -8.49 -17.95
C ALA A 89 -5.87 -9.39 -17.01
N ARG A 90 -5.79 -9.13 -15.71
CA ARG A 90 -6.52 -9.91 -14.72
C ARG A 90 -8.03 -9.83 -14.98
N GLY A 91 -8.48 -8.67 -15.48
CA GLY A 91 -9.89 -8.48 -15.78
C GLY A 91 -10.49 -7.33 -15.00
N PHE A 92 -9.73 -6.25 -14.82
CA PHE A 92 -10.22 -5.08 -14.10
C PHE A 92 -10.63 -4.01 -15.09
N LEU A 93 -11.94 -3.78 -15.20
CA LEU A 93 -12.46 -2.76 -16.10
C LEU A 93 -13.07 -1.59 -15.33
N GLN A 94 -12.90 -1.58 -14.01
CA GLN A 94 -13.42 -0.50 -13.19
C GLN A 94 -12.44 -0.19 -12.07
N VAL A 95 -11.75 0.95 -12.12
CA VAL A 95 -10.82 1.30 -11.07
C VAL A 95 -10.84 2.80 -10.74
N GLN A 96 -10.87 3.08 -9.45
CA GLN A 96 -10.86 4.45 -8.96
C GLN A 96 -9.79 4.60 -7.89
N GLY A 97 -9.29 5.81 -7.67
CA GLY A 97 -8.27 5.96 -6.67
C GLY A 97 -7.70 7.37 -6.59
N VAL A 98 -6.55 7.47 -5.93
CA VAL A 98 -5.86 8.73 -5.76
C VAL A 98 -4.36 8.54 -5.71
N ASP A 99 -3.61 9.47 -6.29
CA ASP A 99 -2.15 9.39 -6.27
C ASP A 99 -1.57 10.78 -6.03
N GLY A 100 -0.35 10.85 -5.49
CA GLY A 100 0.25 12.14 -5.21
C GLY A 100 1.20 12.60 -6.30
N SER A 101 2.00 11.68 -6.82
CA SER A 101 2.95 11.98 -7.87
C SER A 101 2.30 11.86 -9.23
N PRO A 102 2.46 12.88 -10.10
CA PRO A 102 1.88 12.82 -11.44
C PRO A 102 2.44 11.62 -12.20
N GLU A 103 3.71 11.29 -11.94
CA GLU A 103 4.34 10.14 -12.57
C GLU A 103 3.58 8.87 -12.20
N MET A 104 3.14 8.82 -10.95
CA MET A 104 2.32 7.71 -10.46
C MET A 104 0.93 7.79 -11.11
N LEU A 105 0.41 9.01 -11.23
CA LEU A 105 -0.88 9.28 -11.85
C LEU A 105 -0.83 9.02 -13.36
N LYS A 106 0.27 9.44 -13.97
CA LYS A 106 0.47 9.30 -15.40
C LYS A 106 0.42 7.85 -15.82
N GLN A 107 1.13 6.99 -15.10
CA GLN A 107 1.12 5.57 -15.43
C GLN A 107 -0.29 5.02 -15.36
N ALA A 108 -0.93 5.19 -14.21
CA ALA A 108 -2.29 4.70 -14.01
C ALA A 108 -3.29 5.39 -14.94
N ARG A 109 -3.28 6.73 -14.95
CA ARG A 109 -4.20 7.50 -15.78
C ARG A 109 -3.93 7.29 -17.28
N ALA A 110 -2.68 7.52 -17.69
CA ALA A 110 -2.29 7.33 -19.10
C ALA A 110 -2.54 5.89 -19.52
N ARG A 111 -2.39 4.99 -18.56
CA ARG A 111 -2.60 3.56 -18.81
C ARG A 111 -4.04 3.34 -19.28
N GLY A 112 -4.97 4.06 -18.66
CA GLY A 112 -6.37 3.91 -19.00
C GLY A 112 -7.03 2.82 -18.18
N LEU A 113 -6.32 2.38 -17.13
CA LEU A 113 -6.84 1.35 -16.23
C LEU A 113 -7.74 1.97 -15.17
N TYR A 114 -7.38 3.18 -14.76
CA TYR A 114 -8.12 3.87 -13.72
C TYR A 114 -9.19 4.81 -14.28
N HIS A 115 -10.45 4.53 -13.94
CA HIS A 115 -11.54 5.39 -14.40
C HIS A 115 -11.35 6.81 -13.89
N HIS A 116 -11.08 6.95 -12.59
CA HIS A 116 -10.88 8.27 -12.02
C HIS A 116 -9.76 8.28 -10.99
N LEU A 117 -8.83 9.22 -11.15
CA LEU A 117 -7.72 9.39 -10.22
C LEU A 117 -7.60 10.84 -9.79
N SER A 118 -7.11 11.07 -8.57
CA SER A 118 -6.96 12.41 -8.06
C SER A 118 -5.72 12.58 -7.18
N LEU A 119 -5.30 13.84 -7.03
CA LEU A 119 -4.15 14.17 -6.19
C LEU A 119 -4.61 14.38 -4.76
N CYS A 120 -4.09 13.59 -3.83
CA CYS A 120 -4.51 13.73 -2.43
C CYS A 120 -3.58 13.07 -1.42
N THR A 121 -2.38 13.62 -1.25
CA THR A 121 -1.42 13.05 -0.30
C THR A 121 -2.07 12.90 1.07
N LEU A 122 -1.68 11.89 1.85
CA LEU A 122 -2.29 11.69 3.16
C LEU A 122 -1.68 10.52 3.92
N GLY A 123 -2.16 10.31 5.16
CA GLY A 123 -1.63 9.23 5.96
C GLY A 123 -2.23 9.18 7.36
N GLN A 124 -2.23 10.31 8.05
CA GLN A 124 -2.79 10.43 9.39
C GLN A 124 -4.08 11.23 9.27
N GLU A 125 -4.66 11.16 8.07
CA GLU A 125 -5.90 11.84 7.72
C GLU A 125 -6.67 10.91 6.78
N PRO A 126 -8.01 10.90 6.83
CA PRO A 126 -8.85 10.01 6.02
C PRO A 126 -8.53 10.04 4.52
N LEU A 127 -8.92 8.96 3.85
CA LEU A 127 -8.71 8.84 2.41
C LEU A 127 -9.78 9.61 1.64
N PRO A 128 -9.42 10.10 0.43
CA PRO A 128 -10.31 10.88 -0.41
C PRO A 128 -11.61 10.18 -0.83
N ASP A 129 -11.61 8.85 -0.97
CA ASP A 129 -12.83 8.15 -1.40
C ASP A 129 -13.76 7.84 -0.22
N PRO A 130 -15.09 7.87 -0.48
CA PRO A 130 -16.11 7.58 0.53
C PRO A 130 -16.16 6.10 0.90
N GLU A 131 -16.91 5.75 1.94
CA GLU A 131 -17.04 4.35 2.37
C GLU A 131 -18.03 3.60 1.49
N GLY A 132 -17.95 2.27 1.47
CA GLY A 132 -18.87 1.49 0.65
C GLY A 132 -18.80 1.91 -0.81
N THR A 133 -17.68 2.48 -1.22
CA THR A 133 -17.50 2.96 -2.58
C THR A 133 -17.06 1.85 -3.55
N PHE A 134 -15.83 1.38 -3.36
CA PHE A 134 -15.25 0.37 -4.26
C PHE A 134 -15.25 -1.03 -3.65
N ASP A 135 -15.46 -2.03 -4.52
CA ASP A 135 -15.50 -3.43 -4.11
C ASP A 135 -14.13 -3.97 -3.67
N ALA A 136 -13.04 -3.31 -4.08
CA ALA A 136 -11.71 -3.77 -3.70
C ALA A 136 -10.64 -2.71 -3.98
N VAL A 137 -9.49 -2.84 -3.32
CA VAL A 137 -8.39 -1.90 -3.51
C VAL A 137 -7.05 -2.64 -3.54
N ILE A 138 -6.15 -2.23 -4.43
CA ILE A 138 -4.84 -2.88 -4.51
C ILE A 138 -3.71 -1.85 -4.41
N ILE A 139 -3.06 -1.79 -3.24
CA ILE A 139 -2.03 -0.80 -2.97
C ILE A 139 -0.63 -1.43 -2.81
N VAL A 140 0.39 -0.85 -3.45
CA VAL A 140 1.74 -1.38 -3.32
C VAL A 140 2.75 -0.32 -2.84
N GLY A 141 3.39 -0.56 -1.69
CA GLY A 141 4.40 0.37 -1.18
C GLY A 141 3.85 1.55 -0.39
N ALA A 142 2.74 1.35 0.33
CA ALA A 142 2.14 2.43 1.12
C ALA A 142 1.78 1.97 2.55
N LEU A 143 2.76 2.00 3.47
CA LEU A 143 2.52 1.60 4.87
C LEU A 143 3.09 2.59 5.88
N SER A 144 2.74 2.37 7.16
CA SER A 144 3.21 3.23 8.26
C SER A 144 4.72 3.29 8.31
N GLU A 145 5.27 4.44 7.91
CA GLU A 145 6.73 4.67 7.93
C GLU A 145 7.06 5.96 7.21
N GLY A 146 6.30 7.02 7.51
CA GLY A 146 6.50 8.30 6.85
C GLY A 146 5.75 8.37 5.53
N GLN A 147 5.42 7.21 4.95
CA GLN A 147 4.70 7.15 3.69
C GLN A 147 3.19 7.11 3.90
N VAL A 148 2.65 5.95 4.30
CA VAL A 148 1.20 5.81 4.50
C VAL A 148 0.88 5.18 5.86
N PRO A 149 0.68 6.03 6.88
CA PRO A 149 0.35 5.59 8.24
C PRO A 149 -0.73 4.51 8.28
N CYS A 150 -0.29 3.28 8.57
CA CYS A 150 -1.15 2.11 8.62
C CYS A 150 -2.52 2.35 9.26
N SER A 151 -2.68 3.40 10.07
CA SER A 151 -4.00 3.66 10.66
C SER A 151 -4.98 4.13 9.59
N ALA A 152 -4.46 4.85 8.60
CA ALA A 152 -5.29 5.36 7.50
C ALA A 152 -5.76 4.25 6.56
N ILE A 153 -4.92 3.23 6.35
CA ILE A 153 -5.26 2.12 5.44
C ILE A 153 -6.69 1.66 5.62
N PRO A 154 -7.12 1.38 6.87
CA PRO A 154 -8.49 0.94 7.15
C PRO A 154 -9.53 1.95 6.67
N GLU A 155 -9.09 3.17 6.36
CA GLU A 155 -9.99 4.17 5.80
C GLU A 155 -10.32 3.69 4.37
N LEU A 156 -9.27 3.27 3.66
CA LEU A 156 -9.43 2.71 2.33
C LEU A 156 -10.33 1.49 2.42
N LEU A 157 -10.11 0.71 3.48
CA LEU A 157 -10.93 -0.45 3.76
C LEU A 157 -12.35 0.03 4.01
N ARG A 158 -12.47 1.16 4.72
CA ARG A 158 -13.75 1.78 4.99
C ARG A 158 -14.39 2.24 3.68
N VAL A 159 -13.55 2.71 2.72
CA VAL A 159 -14.03 3.11 1.40
C VAL A 159 -14.40 1.87 0.57
N THR A 160 -14.00 0.72 1.12
CA THR A 160 -14.29 -0.58 0.53
C THR A 160 -15.51 -1.15 1.24
N LYS A 161 -16.37 -1.86 0.50
CA LYS A 161 -17.55 -2.45 1.12
C LYS A 161 -17.18 -3.73 1.85
N PRO A 162 -18.04 -4.22 2.75
CA PRO A 162 -17.76 -5.45 3.48
C PRO A 162 -17.59 -6.61 2.50
N GLY A 163 -16.73 -7.57 2.82
CA GLY A 163 -16.50 -8.66 1.90
C GLY A 163 -15.61 -8.24 0.74
N GLY A 164 -15.02 -7.03 0.84
CA GLY A 164 -14.16 -6.52 -0.21
C GLY A 164 -12.73 -7.02 -0.06
N LEU A 165 -11.86 -6.61 -0.96
CA LEU A 165 -10.46 -7.04 -0.90
C LEU A 165 -9.49 -5.85 -0.96
N VAL A 166 -8.55 -5.83 -0.02
CA VAL A 166 -7.55 -4.77 0.02
C VAL A 166 -6.14 -5.39 -0.03
N CYS A 167 -5.33 -4.96 -1.00
CA CYS A 167 -3.98 -5.50 -1.16
C CYS A 167 -2.92 -4.46 -0.79
N LEU A 168 -2.13 -4.74 0.26
CA LEU A 168 -1.12 -3.79 0.70
C LEU A 168 0.27 -4.45 0.87
N THR A 169 1.33 -3.71 0.52
CA THR A 169 2.71 -4.18 0.66
C THR A 169 3.66 -3.02 1.02
N THR A 170 4.68 -3.32 1.83
CA THR A 170 5.70 -2.33 2.27
C THR A 170 6.62 -2.99 3.31
N ARG A 171 7.45 -2.24 4.03
CA ARG A 171 8.30 -2.85 5.04
C ARG A 171 7.49 -3.17 6.29
N THR A 172 7.27 -4.46 6.53
CA THR A 172 6.48 -4.91 7.66
C THR A 172 7.06 -4.46 8.99
N ASN A 173 8.35 -4.69 9.19
CA ASN A 173 8.98 -4.31 10.44
C ASN A 173 10.48 -4.05 10.29
N PRO A 174 10.86 -2.87 9.78
CA PRO A 174 12.27 -2.50 9.63
C PRO A 174 12.93 -2.51 11.01
N SER A 175 12.13 -2.20 12.02
CA SER A 175 12.56 -2.18 13.40
C SER A 175 11.49 -2.88 14.25
N ASN A 176 11.77 -3.15 15.51
CA ASN A 176 10.79 -3.82 16.35
C ASN A 176 10.46 -5.21 15.76
N LEU A 177 11.52 -6.01 15.55
CA LEU A 177 11.38 -7.35 14.96
C LEU A 177 10.31 -8.17 15.69
N PRO A 178 10.45 -8.34 17.02
CA PRO A 178 9.48 -9.10 17.82
C PRO A 178 8.09 -8.48 17.73
N TYR A 179 8.04 -7.17 17.55
CA TYR A 179 6.77 -6.46 17.46
C TYR A 179 5.94 -6.94 16.27
N LYS A 180 6.55 -7.62 15.29
CA LYS A 180 5.77 -8.11 14.14
C LYS A 180 4.69 -9.06 14.64
N GLU A 181 5.09 -10.02 15.46
CA GLU A 181 4.11 -10.96 16.02
C GLU A 181 3.10 -10.16 16.82
N THR A 182 3.58 -9.16 17.54
CA THR A 182 2.70 -8.27 18.30
C THR A 182 1.77 -7.58 17.30
N LEU A 183 2.36 -7.12 16.19
CA LEU A 183 1.61 -6.47 15.11
C LEU A 183 0.57 -7.42 14.53
N GLU A 184 0.96 -8.68 14.35
CA GLU A 184 0.04 -9.68 13.80
C GLU A 184 -1.18 -9.82 14.70
N ALA A 185 -0.96 -9.79 16.00
CA ALA A 185 -2.05 -9.86 16.97
C ALA A 185 -2.98 -8.66 16.78
N THR A 186 -2.40 -7.50 16.45
CA THR A 186 -3.18 -6.28 16.26
C THR A 186 -4.21 -6.45 15.14
N LEU A 187 -3.79 -7.06 14.02
CA LEU A 187 -4.71 -7.29 12.91
C LEU A 187 -5.86 -8.17 13.40
N ASP A 188 -5.51 -9.19 14.20
CA ASP A 188 -6.50 -10.12 14.72
C ASP A 188 -7.54 -9.36 15.54
N SER A 189 -7.10 -8.38 16.33
CA SER A 189 -8.04 -7.60 17.13
C SER A 189 -9.03 -6.89 16.20
N LEU A 190 -8.51 -6.34 15.09
CA LEU A 190 -9.37 -5.69 14.10
C LEU A 190 -10.37 -6.70 13.56
N GLU A 191 -9.90 -7.93 13.35
CA GLU A 191 -10.76 -9.00 12.86
C GLU A 191 -11.80 -9.32 13.93
N ARG A 192 -11.33 -9.39 15.18
CA ARG A 192 -12.18 -9.67 16.33
C ARG A 192 -13.26 -8.59 16.45
N ALA A 193 -12.86 -7.34 16.20
CA ALA A 193 -13.79 -6.23 16.27
C ALA A 193 -14.83 -6.31 15.15
N GLY A 194 -14.44 -6.96 14.04
CA GLY A 194 -15.36 -7.12 12.92
C GLY A 194 -15.03 -6.20 11.75
N VAL A 195 -14.09 -5.26 11.93
CA VAL A 195 -13.75 -4.32 10.87
C VAL A 195 -13.22 -5.03 9.62
N TRP A 196 -12.37 -6.05 9.77
CA TRP A 196 -11.82 -6.75 8.60
C TRP A 196 -11.30 -8.15 8.94
N GLU A 197 -11.17 -8.99 7.92
CA GLU A 197 -10.66 -10.36 8.10
C GLU A 197 -9.78 -10.75 6.92
N CYS A 198 -8.48 -10.89 7.18
CA CYS A 198 -7.52 -11.24 6.12
C CYS A 198 -7.74 -12.62 5.54
N LEU A 199 -7.88 -12.67 4.22
CA LEU A 199 -8.04 -13.95 3.53
C LEU A 199 -6.72 -14.71 3.48
N VAL A 200 -5.68 -14.04 2.96
CA VAL A 200 -4.36 -14.65 2.83
C VAL A 200 -3.24 -13.60 2.90
N THR A 201 -2.02 -14.05 3.22
CA THR A 201 -0.85 -13.17 3.23
C THR A 201 0.23 -13.79 2.36
N GLN A 202 0.62 -13.09 1.30
CA GLN A 202 1.61 -13.63 0.37
C GLN A 202 3.06 -13.29 0.75
N PRO A 203 3.98 -14.22 0.43
CA PRO A 203 5.41 -14.10 0.72
C PRO A 203 6.11 -12.97 -0.03
N VAL A 204 7.18 -12.47 0.58
CA VAL A 204 7.98 -11.36 0.05
C VAL A 204 9.47 -11.60 0.30
N ASP A 205 10.27 -10.53 0.21
CA ASP A 205 11.71 -10.62 0.47
C ASP A 205 11.99 -10.85 1.95
N HIS A 206 11.02 -10.47 2.79
CA HIS A 206 11.15 -10.62 4.25
C HIS A 206 11.59 -12.03 4.65
N TRP A 207 11.22 -13.02 3.85
CA TRP A 207 11.59 -14.41 4.16
C TRP A 207 13.08 -14.63 4.01
N GLU A 208 13.80 -13.67 3.42
CA GLU A 208 15.24 -13.79 3.26
C GLU A 208 15.98 -13.06 4.39
N LEU A 209 15.50 -11.87 4.77
CA LEU A 209 16.13 -11.09 5.84
C LEU A 209 15.97 -11.76 7.20
N ALA A 210 14.73 -12.08 7.57
CA ALA A 210 14.45 -12.71 8.87
C ALA A 210 15.04 -14.12 8.91
N THR A 211 14.90 -14.84 7.83
CA THR A 211 15.43 -16.19 7.75
C THR A 211 16.45 -16.29 6.63
N SER A 212 17.62 -16.84 6.94
CA SER A 212 18.67 -16.97 5.93
C SER A 212 18.95 -18.44 5.67
N GLU A 213 19.07 -18.80 4.39
CA GLU A 213 19.32 -20.18 4.02
C GLU A 213 20.80 -20.42 3.72
N GLN A 214 21.31 -21.57 4.16
CA GLN A 214 22.70 -21.94 3.95
C GLN A 214 23.65 -20.82 4.36
N GLU A 215 23.35 -20.14 5.48
CA GLU A 215 24.20 -19.07 5.97
C GLU A 215 24.28 -19.13 7.49
N THR A 216 25.29 -19.80 8.02
CA THR A 216 25.45 -19.93 9.46
C THR A 216 25.79 -18.60 10.11
N GLY A 217 26.66 -17.81 9.45
CA GLY A 217 27.05 -16.52 10.02
C GLY A 217 27.23 -16.61 11.52
N LEU A 218 28.29 -17.29 11.95
CA LEU A 218 28.58 -17.47 13.38
C LEU A 218 27.33 -17.75 14.21
N GLY A 219 26.29 -18.31 13.58
CA GLY A 219 25.05 -18.61 14.28
C GLY A 219 24.27 -17.35 14.66
N THR A 220 23.95 -17.20 15.95
CA THR A 220 23.20 -16.02 16.41
C THR A 220 23.97 -14.73 16.11
N CYS A 221 25.29 -14.85 15.99
CA CYS A 221 26.14 -13.69 15.69
C CYS A 221 25.93 -13.20 14.25
N ALA A 222 25.18 -13.96 13.45
CA ALA A 222 24.88 -13.56 12.07
C ALA A 222 23.98 -12.32 12.09
N ASN A 223 23.03 -12.32 13.02
CA ASN A 223 22.06 -11.23 13.16
C ASN A 223 20.95 -11.38 12.13
N ASP A 224 20.00 -12.25 12.44
CA ASP A 224 18.88 -12.52 11.55
C ASP A 224 17.55 -12.23 12.25
N GLY A 225 16.46 -12.34 11.51
CA GLY A 225 15.15 -12.09 12.08
C GLY A 225 14.64 -10.68 11.79
N PHE A 226 15.00 -10.13 10.63
CA PHE A 226 14.54 -8.81 10.23
C PHE A 226 13.54 -8.94 9.09
N ILE A 227 12.29 -8.57 9.36
CA ILE A 227 11.24 -8.71 8.35
C ILE A 227 10.72 -7.38 7.83
N SER A 228 10.86 -7.19 6.52
CA SER A 228 10.40 -6.01 5.82
C SER A 228 9.73 -6.42 4.51
N GLY A 229 9.16 -5.46 3.79
CA GLY A 229 8.49 -5.75 2.54
C GLY A 229 7.69 -7.03 2.63
N ILE A 230 6.36 -6.93 2.72
CA ILE A 230 5.49 -8.11 2.75
C ILE A 230 4.19 -7.75 2.10
N ILE A 231 3.47 -8.72 1.56
CA ILE A 231 2.21 -8.42 0.93
C ILE A 231 1.13 -9.21 1.64
N TYR A 232 -0.10 -8.75 1.54
CA TYR A 232 -1.19 -9.48 2.15
C TYR A 232 -2.53 -8.94 1.69
N LEU A 233 -3.55 -9.79 1.75
CA LEU A 233 -4.88 -9.40 1.32
C LEU A 233 -5.86 -9.53 2.47
N TYR A 234 -6.53 -8.43 2.80
CA TYR A 234 -7.51 -8.41 3.86
C TYR A 234 -8.89 -8.08 3.31
N ARG A 235 -9.92 -8.60 3.95
CA ARG A 235 -11.29 -8.33 3.52
C ARG A 235 -11.86 -7.21 4.36
N LYS A 236 -12.93 -6.59 3.88
CA LYS A 236 -13.52 -5.48 4.61
C LYS A 236 -14.73 -5.92 5.42
N GLN A 237 -14.81 -5.42 6.66
CA GLN A 237 -15.92 -5.73 7.57
C GLN A 237 -16.32 -7.21 7.51
N GLU A 238 -15.84 -7.96 8.49
CA GLU A 238 -16.15 -9.38 8.62
C GLU A 238 -16.05 -9.80 10.07
N THR A 239 -16.37 -11.06 10.37
CA THR A 239 -16.34 -11.52 11.75
C THR A 239 -15.33 -12.65 11.93
N VAL A 240 -14.46 -12.51 12.93
CA VAL A 240 -13.43 -13.51 13.21
C VAL A 240 -13.37 -13.82 14.70
N GLY A 1 9.64 19.00 17.32
CA GLY A 1 9.33 17.91 16.35
C GLY A 1 10.43 16.85 16.31
N ALA A 2 10.23 15.83 15.49
CA ALA A 2 11.21 14.75 15.37
C ALA A 2 11.39 14.31 13.93
N MET A 3 12.58 13.83 13.59
CA MET A 3 12.87 13.36 12.23
C MET A 3 11.94 12.22 11.84
N ALA A 4 11.67 11.31 12.77
CA ALA A 4 10.77 10.18 12.52
C ALA A 4 9.34 10.68 12.38
N GLN A 5 8.98 11.64 13.23
CA GLN A 5 7.63 12.20 13.22
C GLN A 5 7.35 12.81 11.85
N GLU A 6 8.25 13.66 11.36
CA GLU A 6 8.09 14.24 10.04
C GLU A 6 8.34 13.19 8.95
N GLU A 7 9.39 12.39 9.16
CA GLU A 7 9.77 11.37 8.19
C GLU A 7 8.63 10.37 7.96
N ALA A 8 8.09 9.82 9.05
CA ALA A 8 7.00 8.86 8.94
C ALA A 8 5.64 9.56 8.88
N GLY A 9 5.61 10.87 9.11
CA GLY A 9 4.35 11.58 9.10
C GLY A 9 4.28 12.66 8.03
N ARG A 10 5.04 12.52 6.93
CA ARG A 10 5.08 13.58 5.92
C ARG A 10 3.71 13.88 5.29
N LEU A 11 2.93 12.87 4.90
CA LEU A 11 1.64 13.12 4.24
C LEU A 11 0.81 14.24 4.90
N PRO A 12 0.70 14.31 6.24
CA PRO A 12 -0.06 15.37 6.90
C PRO A 12 0.42 16.73 6.44
N GLN A 13 1.73 16.82 6.21
CA GLN A 13 2.34 18.06 5.76
C GLN A 13 1.74 18.48 4.42
N VAL A 14 1.50 17.50 3.54
CA VAL A 14 0.91 17.82 2.23
C VAL A 14 -0.49 18.40 2.42
N LEU A 15 -1.36 17.71 3.18
CA LEU A 15 -2.72 18.23 3.40
C LEU A 15 -2.62 19.58 4.07
N ALA A 16 -1.70 19.68 5.03
CA ALA A 16 -1.48 20.94 5.72
C ALA A 16 -1.06 21.98 4.68
N ARG A 17 -0.11 21.57 3.82
CA ARG A 17 0.39 22.42 2.75
C ARG A 17 -0.70 22.79 1.74
N VAL A 18 -1.55 21.83 1.36
CA VAL A 18 -2.62 22.08 0.40
C VAL A 18 -3.69 22.99 0.99
N GLY A 19 -3.88 22.91 2.31
CA GLY A 19 -4.90 23.74 2.95
C GLY A 19 -4.80 25.18 2.51
N THR A 20 -3.60 25.75 2.56
CA THR A 20 -3.43 27.13 2.11
C THR A 20 -3.60 27.19 0.59
N SER A 21 -3.06 26.19 -0.10
CA SER A 21 -3.14 26.11 -1.55
C SER A 21 -2.53 27.35 -2.20
N HIS A 22 -2.87 27.60 -3.47
CA HIS A 22 -2.33 28.74 -4.20
C HIS A 22 -0.81 28.57 -4.37
N GLY A 23 -0.37 27.32 -4.44
CA GLY A 23 1.04 27.02 -4.62
C GLY A 23 1.23 25.68 -5.31
N ILE A 24 0.39 25.42 -6.32
CA ILE A 24 0.44 24.17 -7.07
C ILE A 24 1.79 23.94 -7.73
N THR A 25 2.39 24.99 -8.29
CA THR A 25 3.68 24.85 -8.95
C THR A 25 4.74 24.33 -7.97
N ASP A 26 4.82 24.93 -6.78
CA ASP A 26 5.79 24.48 -5.78
C ASP A 26 5.39 23.09 -5.26
N LEU A 27 4.09 22.90 -5.06
CA LEU A 27 3.60 21.61 -4.58
C LEU A 27 4.04 20.51 -5.55
N ALA A 28 4.08 20.85 -6.84
CA ALA A 28 4.57 19.94 -7.88
C ALA A 28 6.09 19.88 -7.83
N CYS A 29 6.69 20.94 -7.28
CA CYS A 29 8.14 21.03 -7.15
C CYS A 29 8.66 19.89 -6.30
N LYS A 30 8.05 19.68 -5.13
CA LYS A 30 8.48 18.60 -4.25
C LYS A 30 8.34 17.27 -4.97
N LEU A 31 7.25 17.11 -5.72
CA LEU A 31 7.02 15.91 -6.49
C LEU A 31 8.07 15.79 -7.59
N ARG A 32 8.44 16.94 -8.15
CA ARG A 32 9.43 17.02 -9.21
C ARG A 32 10.79 16.48 -8.76
N PHE A 33 11.18 16.74 -7.51
CA PHE A 33 12.46 16.23 -7.02
C PHE A 33 12.39 14.71 -6.86
N TYR A 34 11.26 14.21 -6.35
CA TYR A 34 11.10 12.78 -6.14
C TYR A 34 11.22 12.02 -7.47
N ASP A 35 10.63 12.58 -8.53
CA ASP A 35 10.68 11.97 -9.86
C ASP A 35 12.12 11.80 -10.36
N ASP A 36 13.03 12.63 -9.86
CA ASP A 36 14.43 12.53 -10.25
C ASP A 36 14.97 11.14 -9.90
N TRP A 37 14.73 10.74 -8.65
CA TRP A 37 15.17 9.44 -8.15
C TRP A 37 14.09 8.36 -8.34
N ALA A 38 12.83 8.78 -8.56
CA ALA A 38 11.71 7.85 -8.73
C ALA A 38 12.07 6.62 -9.56
N PRO A 39 12.52 6.81 -10.81
CA PRO A 39 12.88 5.69 -11.70
C PRO A 39 13.83 4.71 -11.00
N GLU A 40 14.77 5.25 -10.24
CA GLU A 40 15.73 4.44 -9.49
C GLU A 40 15.03 3.61 -8.42
N TYR A 41 13.91 4.13 -7.90
CA TYR A 41 13.12 3.40 -6.92
C TYR A 41 12.41 2.21 -7.55
N ASP A 42 11.92 2.37 -8.78
CA ASP A 42 11.19 1.30 -9.45
C ASP A 42 12.07 0.06 -9.54
N GLN A 43 13.27 0.21 -10.09
CA GLN A 43 14.19 -0.92 -10.20
C GLN A 43 14.51 -1.49 -8.80
N ASP A 44 14.43 -0.61 -7.79
CA ASP A 44 14.68 -1.01 -6.42
C ASP A 44 13.72 -2.10 -5.95
N VAL A 45 12.45 -2.02 -6.35
CA VAL A 45 11.48 -3.03 -5.96
C VAL A 45 11.81 -4.37 -6.60
N ALA A 46 12.22 -4.35 -7.88
CA ALA A 46 12.60 -5.59 -8.56
C ALA A 46 13.78 -6.24 -7.84
N ALA A 47 14.74 -5.40 -7.46
CA ALA A 47 15.92 -5.87 -6.73
C ALA A 47 15.51 -6.53 -5.41
N LEU A 48 14.38 -6.11 -4.86
CA LEU A 48 13.87 -6.68 -3.61
C LEU A 48 13.07 -7.96 -3.90
N LYS A 49 12.79 -8.23 -5.17
CA LYS A 49 12.01 -9.39 -5.57
C LYS A 49 10.58 -9.25 -5.04
N TYR A 50 10.02 -8.06 -5.23
CA TYR A 50 8.66 -7.78 -4.76
C TYR A 50 7.67 -8.81 -5.31
N ARG A 51 7.48 -9.90 -4.57
CA ARG A 51 6.52 -10.93 -4.97
C ARG A 51 5.11 -10.39 -4.81
N ALA A 52 4.91 -9.64 -3.74
CA ALA A 52 3.62 -9.04 -3.40
C ALA A 52 2.82 -8.63 -4.65
N PRO A 53 3.32 -7.70 -5.47
CA PRO A 53 2.63 -7.21 -6.67
C PRO A 53 2.14 -8.36 -7.59
N ARG A 54 2.96 -9.40 -7.71
CA ARG A 54 2.59 -10.54 -8.54
C ARG A 54 1.39 -11.28 -7.94
N LEU A 55 1.53 -11.70 -6.69
CA LEU A 55 0.46 -12.39 -5.97
C LEU A 55 -0.66 -11.43 -5.56
N ALA A 56 -0.29 -10.18 -5.31
CA ALA A 56 -1.27 -9.18 -4.91
C ALA A 56 -2.43 -9.16 -5.89
N VAL A 57 -2.12 -8.88 -7.15
CA VAL A 57 -3.13 -8.81 -8.19
C VAL A 57 -3.82 -10.16 -8.43
N ASP A 58 -3.05 -11.25 -8.60
CA ASP A 58 -3.64 -12.55 -8.87
C ASP A 58 -4.38 -13.13 -7.66
N CYS A 59 -3.82 -12.96 -6.47
CA CYS A 59 -4.44 -13.48 -5.26
C CYS A 59 -5.71 -12.71 -4.91
N LEU A 60 -5.70 -11.38 -5.07
CA LEU A 60 -6.86 -10.56 -4.74
C LEU A 60 -8.06 -10.99 -5.57
N SER A 61 -7.90 -11.10 -6.87
CA SER A 61 -8.99 -11.53 -7.74
C SER A 61 -9.39 -12.97 -7.43
N ARG A 62 -8.39 -13.82 -7.15
CA ARG A 62 -8.66 -15.22 -6.83
C ARG A 62 -9.57 -15.32 -5.62
N ALA A 63 -9.20 -14.61 -4.56
CA ALA A 63 -10.01 -14.57 -3.34
C ALA A 63 -11.28 -13.76 -3.60
N PHE A 64 -11.12 -12.67 -4.35
CA PHE A 64 -12.23 -11.78 -4.67
C PHE A 64 -13.30 -12.49 -5.50
N ARG A 65 -14.37 -12.90 -4.82
CA ARG A 65 -15.47 -13.61 -5.48
C ARG A 65 -16.12 -12.76 -6.56
N GLY A 66 -16.30 -11.48 -6.27
CA GLY A 66 -16.90 -10.58 -7.23
C GLY A 66 -16.02 -10.37 -8.43
N SER A 67 -16.60 -10.05 -9.57
CA SER A 67 -15.83 -9.84 -10.78
C SER A 67 -15.37 -8.39 -10.88
N PRO A 68 -14.05 -8.16 -10.92
CA PRO A 68 -13.48 -6.81 -11.04
C PRO A 68 -14.07 -6.06 -12.24
N HIS A 69 -14.61 -6.83 -13.20
CA HIS A 69 -15.25 -6.27 -14.38
C HIS A 69 -16.42 -5.38 -13.97
N ASP A 70 -17.26 -5.89 -13.08
CA ASP A 70 -18.42 -5.14 -12.57
C ASP A 70 -18.13 -4.52 -11.20
N ALA A 71 -17.06 -4.99 -10.54
CA ALA A 71 -16.68 -4.47 -9.23
C ALA A 71 -15.94 -3.15 -9.40
N LEU A 72 -15.76 -2.41 -8.31
CA LEU A 72 -15.04 -1.15 -8.38
C LEU A 72 -13.80 -1.20 -7.49
N ILE A 73 -12.64 -1.30 -8.13
CA ILE A 73 -11.37 -1.42 -7.41
C ILE A 73 -10.72 -0.06 -7.10
N LEU A 74 -9.95 -0.03 -6.00
CA LEU A 74 -9.26 1.20 -5.60
C LEU A 74 -7.76 1.00 -5.49
N ASP A 75 -6.99 1.98 -5.97
CA ASP A 75 -5.54 1.93 -5.88
C ASP A 75 -5.02 3.24 -5.29
N VAL A 76 -4.04 3.17 -4.41
CA VAL A 76 -3.49 4.38 -3.79
C VAL A 76 -2.27 4.90 -4.55
N ALA A 77 -1.68 5.97 -4.03
CA ALA A 77 -0.50 6.60 -4.64
C ALA A 77 0.55 5.59 -5.06
N CYS A 78 0.67 4.51 -4.31
CA CYS A 78 1.64 3.48 -4.61
C CYS A 78 1.14 2.51 -5.69
N GLY A 79 0.20 2.97 -6.53
CA GLY A 79 -0.30 2.14 -7.61
C GLY A 79 0.66 2.19 -8.78
N THR A 80 1.76 1.45 -8.67
CA THR A 80 2.78 1.46 -9.71
C THR A 80 2.20 1.03 -11.07
N GLY A 81 2.70 1.65 -12.13
CA GLY A 81 2.21 1.35 -13.47
C GLY A 81 2.10 -0.14 -13.75
N LEU A 82 3.16 -0.90 -13.48
CA LEU A 82 3.16 -2.34 -13.75
C LEU A 82 2.04 -3.06 -13.00
N VAL A 83 1.76 -2.64 -11.78
CA VAL A 83 0.70 -3.27 -11.00
C VAL A 83 -0.62 -3.12 -11.75
N ALA A 84 -0.83 -1.94 -12.35
CA ALA A 84 -2.04 -1.70 -13.13
C ALA A 84 -2.05 -2.52 -14.42
N VAL A 85 -0.88 -2.63 -15.08
CA VAL A 85 -0.79 -3.40 -16.33
C VAL A 85 -1.15 -4.86 -16.07
N GLU A 86 -0.66 -5.37 -14.94
CA GLU A 86 -0.97 -6.73 -14.53
C GLU A 86 -2.43 -6.76 -14.10
N LEU A 87 -2.85 -5.65 -13.48
CA LEU A 87 -4.22 -5.49 -13.01
C LEU A 87 -5.18 -5.60 -14.20
N GLN A 88 -4.86 -4.90 -15.30
CA GLN A 88 -5.70 -4.93 -16.49
C GLN A 88 -5.83 -6.33 -17.06
N ALA A 89 -4.71 -7.02 -17.23
CA ALA A 89 -4.72 -8.38 -17.76
C ALA A 89 -5.42 -9.32 -16.79
N ARG A 90 -5.35 -8.98 -15.50
CA ARG A 90 -5.95 -9.81 -14.46
C ARG A 90 -7.45 -9.94 -14.70
N GLY A 91 -8.09 -8.83 -15.11
CA GLY A 91 -9.52 -8.86 -15.38
C GLY A 91 -10.29 -7.80 -14.62
N PHE A 92 -9.69 -6.62 -14.43
CA PHE A 92 -10.34 -5.54 -13.71
C PHE A 92 -10.72 -4.42 -14.68
N LEU A 93 -12.02 -4.12 -14.78
CA LEU A 93 -12.49 -3.08 -15.68
C LEU A 93 -13.00 -1.83 -14.95
N GLN A 94 -12.82 -1.76 -13.63
CA GLN A 94 -13.26 -0.59 -12.88
C GLN A 94 -12.27 -0.29 -11.76
N VAL A 95 -11.66 0.89 -11.76
CA VAL A 95 -10.71 1.23 -10.72
C VAL A 95 -10.69 2.73 -10.39
N GLN A 96 -10.57 3.02 -9.11
CA GLN A 96 -10.51 4.39 -8.62
C GLN A 96 -9.41 4.51 -7.57
N GLY A 97 -8.94 5.73 -7.31
CA GLY A 97 -7.88 5.87 -6.34
C GLY A 97 -7.27 7.27 -6.30
N VAL A 98 -6.09 7.36 -5.69
CA VAL A 98 -5.37 8.62 -5.58
C VAL A 98 -3.87 8.40 -5.55
N ASP A 99 -3.11 9.33 -6.13
CA ASP A 99 -1.66 9.25 -6.13
C ASP A 99 -1.06 10.62 -5.92
N GLY A 100 0.15 10.69 -5.36
CA GLY A 100 0.78 11.96 -5.11
C GLY A 100 1.71 12.41 -6.22
N SER A 101 2.50 11.48 -6.76
CA SER A 101 3.45 11.81 -7.82
C SER A 101 2.84 11.62 -9.21
N PRO A 102 2.97 12.64 -10.09
CA PRO A 102 2.45 12.57 -11.45
C PRO A 102 2.89 11.27 -12.13
N GLU A 103 4.14 10.88 -11.88
CA GLU A 103 4.68 9.67 -12.47
C GLU A 103 3.85 8.45 -12.06
N MET A 104 3.36 8.45 -10.82
CA MET A 104 2.49 7.38 -10.36
C MET A 104 1.10 7.52 -11.00
N LEU A 105 0.63 8.78 -11.10
CA LEU A 105 -0.68 9.06 -11.73
C LEU A 105 -0.62 8.83 -13.23
N LYS A 106 0.49 9.25 -13.84
CA LYS A 106 0.69 9.14 -15.27
C LYS A 106 0.63 7.68 -15.72
N GLN A 107 1.39 6.81 -15.04
CA GLN A 107 1.38 5.41 -15.43
C GLN A 107 -0.02 4.84 -15.31
N ALA A 108 -0.61 4.99 -14.13
CA ALA A 108 -1.96 4.48 -13.90
C ALA A 108 -2.98 5.12 -14.85
N ARG A 109 -2.96 6.44 -14.93
CA ARG A 109 -3.87 7.16 -15.81
C ARG A 109 -3.63 6.78 -17.29
N ALA A 110 -2.37 6.84 -17.72
CA ALA A 110 -2.02 6.50 -19.11
C ALA A 110 -2.41 5.05 -19.44
N ARG A 111 -2.30 4.18 -18.44
CA ARG A 111 -2.65 2.78 -18.62
C ARG A 111 -4.13 2.67 -19.00
N GLY A 112 -4.95 3.51 -18.37
CA GLY A 112 -6.38 3.44 -18.56
C GLY A 112 -6.93 2.37 -17.64
N LEU A 113 -6.12 2.03 -16.63
CA LEU A 113 -6.48 1.05 -15.62
C LEU A 113 -7.34 1.69 -14.54
N TYR A 114 -6.98 2.93 -14.20
CA TYR A 114 -7.69 3.68 -13.17
C TYR A 114 -8.74 4.60 -13.77
N HIS A 115 -10.01 4.30 -13.51
CA HIS A 115 -11.10 5.13 -14.03
C HIS A 115 -11.01 6.57 -13.52
N HIS A 116 -10.72 6.73 -12.23
CA HIS A 116 -10.62 8.06 -11.64
C HIS A 116 -9.48 8.16 -10.64
N LEU A 117 -8.57 9.12 -10.86
CA LEU A 117 -7.44 9.32 -9.96
C LEU A 117 -7.32 10.79 -9.57
N SER A 118 -6.87 11.03 -8.34
CA SER A 118 -6.73 12.38 -7.85
C SER A 118 -5.46 12.56 -7.02
N LEU A 119 -4.91 13.76 -7.05
CA LEU A 119 -3.70 14.09 -6.29
C LEU A 119 -4.10 14.46 -4.87
N CYS A 120 -3.55 13.77 -3.88
CA CYS A 120 -3.89 14.07 -2.48
C CYS A 120 -3.17 13.16 -1.50
N THR A 121 -1.90 13.46 -1.21
CA THR A 121 -1.15 12.64 -0.27
C THR A 121 -1.76 12.72 1.12
N LEU A 122 -2.25 11.60 1.63
CA LEU A 122 -2.86 11.58 2.93
C LEU A 122 -2.62 10.26 3.66
N GLY A 123 -3.11 10.17 4.90
CA GLY A 123 -2.92 8.96 5.67
C GLY A 123 -3.17 9.13 7.16
N GLN A 124 -2.91 10.31 7.75
CA GLN A 124 -3.24 10.53 9.15
C GLN A 124 -4.46 11.45 9.16
N GLU A 125 -5.07 11.55 7.96
CA GLU A 125 -6.25 12.34 7.69
C GLU A 125 -7.14 11.50 6.78
N PRO A 126 -8.42 11.83 6.62
CA PRO A 126 -9.33 11.03 5.79
C PRO A 126 -8.96 11.01 4.31
N LEU A 127 -9.30 9.89 3.66
CA LEU A 127 -9.03 9.69 2.23
C LEU A 127 -10.13 10.35 1.38
N PRO A 128 -9.85 10.56 0.08
CA PRO A 128 -10.80 11.18 -0.85
C PRO A 128 -11.89 10.21 -1.34
N ASP A 129 -11.88 8.96 -0.88
CA ASP A 129 -12.89 7.99 -1.30
C ASP A 129 -13.88 7.70 -0.16
N PRO A 130 -15.20 7.78 -0.46
CA PRO A 130 -16.25 7.51 0.54
C PRO A 130 -16.29 6.04 0.95
N GLU A 131 -17.04 5.70 2.00
CA GLU A 131 -17.17 4.31 2.44
C GLU A 131 -18.16 3.57 1.57
N GLY A 132 -18.09 2.24 1.55
CA GLY A 132 -19.00 1.47 0.72
C GLY A 132 -18.95 1.90 -0.73
N THR A 133 -17.81 2.45 -1.14
CA THR A 133 -17.62 2.94 -2.50
C THR A 133 -17.11 1.85 -3.45
N PHE A 134 -15.88 1.41 -3.21
CA PHE A 134 -15.24 0.42 -4.07
C PHE A 134 -15.32 -0.99 -3.47
N ASP A 135 -15.52 -1.98 -4.35
CA ASP A 135 -15.62 -3.38 -3.93
C ASP A 135 -14.28 -3.93 -3.45
N ALA A 136 -13.18 -3.27 -3.81
CA ALA A 136 -11.86 -3.74 -3.39
C ALA A 136 -10.80 -2.66 -3.61
N VAL A 137 -9.67 -2.78 -2.91
CA VAL A 137 -8.58 -1.84 -3.06
C VAL A 137 -7.23 -2.58 -3.10
N ILE A 138 -6.34 -2.17 -3.99
CA ILE A 138 -5.03 -2.82 -4.09
C ILE A 138 -3.89 -1.82 -4.20
N ILE A 139 -3.05 -1.77 -3.17
CA ILE A 139 -1.94 -0.83 -3.16
C ILE A 139 -0.64 -1.52 -2.73
N VAL A 140 0.51 -1.00 -3.18
CA VAL A 140 1.80 -1.60 -2.83
C VAL A 140 2.86 -0.52 -2.50
N GLY A 141 3.51 -0.67 -1.35
CA GLY A 141 4.55 0.29 -0.96
C GLY A 141 4.05 1.47 -0.13
N ALA A 142 2.74 1.68 -0.04
CA ALA A 142 2.19 2.80 0.73
C ALA A 142 1.79 2.40 2.16
N LEU A 143 2.77 2.31 3.06
CA LEU A 143 2.47 1.96 4.45
C LEU A 143 2.97 3.04 5.41
N SER A 144 2.59 2.92 6.68
CA SER A 144 3.01 3.86 7.70
C SER A 144 4.51 4.05 7.63
N GLU A 145 4.93 5.24 7.21
CA GLU A 145 6.36 5.57 7.09
C GLU A 145 6.52 6.79 6.17
N GLY A 146 5.74 7.84 6.43
CA GLY A 146 5.81 9.04 5.62
C GLY A 146 4.87 9.04 4.42
N GLN A 147 4.23 7.91 4.14
CA GLN A 147 3.31 7.82 3.00
C GLN A 147 1.87 7.51 3.45
N VAL A 148 1.51 6.24 3.55
CA VAL A 148 0.15 5.87 3.96
C VAL A 148 0.20 5.02 5.24
N PRO A 149 -0.11 5.62 6.41
CA PRO A 149 -0.05 4.93 7.70
C PRO A 149 -1.10 3.84 7.90
N CYS A 150 -0.63 2.69 8.38
CA CYS A 150 -1.48 1.52 8.60
C CYS A 150 -2.84 1.87 9.18
N SER A 151 -2.99 2.99 9.90
CA SER A 151 -4.30 3.36 10.43
C SER A 151 -5.18 3.93 9.32
N ALA A 152 -4.55 4.64 8.37
CA ALA A 152 -5.27 5.22 7.25
C ALA A 152 -5.76 4.15 6.28
N ILE A 153 -4.92 3.14 6.05
CA ILE A 153 -5.27 2.07 5.11
C ILE A 153 -6.69 1.57 5.33
N PRO A 154 -7.06 1.24 6.58
CA PRO A 154 -8.41 0.77 6.88
C PRO A 154 -9.48 1.80 6.47
N GLU A 155 -9.06 3.04 6.22
CA GLU A 155 -10.00 4.04 5.71
C GLU A 155 -10.34 3.60 4.28
N LEU A 156 -9.30 3.18 3.53
CA LEU A 156 -9.48 2.64 2.19
C LEU A 156 -10.38 1.41 2.30
N LEU A 157 -10.14 0.62 3.35
CA LEU A 157 -10.96 -0.54 3.61
C LEU A 157 -12.37 -0.05 3.90
N ARG A 158 -12.46 1.06 4.66
CA ARG A 158 -13.74 1.69 4.97
C ARG A 158 -14.43 2.15 3.68
N VAL A 159 -13.64 2.57 2.68
CA VAL A 159 -14.18 2.97 1.38
C VAL A 159 -14.55 1.71 0.58
N THR A 160 -14.19 0.57 1.16
CA THR A 160 -14.49 -0.74 0.59
C THR A 160 -15.71 -1.29 1.31
N LYS A 161 -16.58 -2.00 0.58
CA LYS A 161 -17.77 -2.57 1.19
C LYS A 161 -17.43 -3.87 1.92
N PRO A 162 -18.27 -4.30 2.86
CA PRO A 162 -18.06 -5.55 3.58
C PRO A 162 -17.94 -6.71 2.59
N GLY A 163 -17.04 -7.66 2.86
CA GLY A 163 -16.86 -8.75 1.93
C GLY A 163 -15.98 -8.35 0.74
N GLY A 164 -15.36 -7.16 0.83
CA GLY A 164 -14.49 -6.68 -0.22
C GLY A 164 -13.09 -7.21 -0.08
N LEU A 165 -12.18 -6.83 -0.99
CA LEU A 165 -10.80 -7.30 -0.94
C LEU A 165 -9.81 -6.13 -0.91
N VAL A 166 -8.89 -6.14 0.05
CA VAL A 166 -7.89 -5.09 0.14
C VAL A 166 -6.48 -5.68 0.09
N CYS A 167 -5.65 -5.16 -0.82
CA CYS A 167 -4.30 -5.68 -0.99
C CYS A 167 -3.22 -4.64 -0.70
N LEU A 168 -2.35 -4.91 0.27
CA LEU A 168 -1.27 -3.98 0.62
C LEU A 168 0.07 -4.73 0.75
N THR A 169 1.17 -4.05 0.37
CA THR A 169 2.50 -4.66 0.44
C THR A 169 3.57 -3.63 0.80
N THR A 170 4.62 -4.05 1.52
CA THR A 170 5.71 -3.14 1.95
C THR A 170 6.75 -3.93 2.77
N ARG A 171 7.73 -3.25 3.39
CA ARG A 171 8.70 -3.93 4.22
C ARG A 171 8.00 -4.32 5.51
N THR A 172 7.84 -5.63 5.72
CA THR A 172 7.12 -6.12 6.89
C THR A 172 7.73 -5.66 8.20
N ASN A 173 9.04 -5.86 8.37
CA ASN A 173 9.69 -5.46 9.61
C ASN A 173 10.93 -4.62 9.41
N PRO A 174 10.76 -3.37 8.94
CA PRO A 174 11.88 -2.44 8.80
C PRO A 174 12.52 -2.22 10.17
N SER A 175 11.67 -2.32 11.20
CA SER A 175 12.08 -2.18 12.60
C SER A 175 11.09 -2.93 13.48
N ASN A 176 11.49 -3.25 14.71
CA ASN A 176 10.60 -3.97 15.62
C ASN A 176 10.27 -5.36 15.05
N LEU A 177 11.31 -6.15 14.81
CA LEU A 177 11.15 -7.50 14.26
C LEU A 177 10.12 -8.31 15.04
N PRO A 178 10.28 -8.43 16.37
CA PRO A 178 9.34 -9.17 17.21
C PRO A 178 7.93 -8.58 17.11
N TYR A 179 7.87 -7.28 16.87
CA TYR A 179 6.60 -6.58 16.72
C TYR A 179 5.74 -7.19 15.61
N LYS A 180 6.34 -7.97 14.70
CA LYS A 180 5.55 -8.58 13.63
C LYS A 180 4.45 -9.46 14.24
N GLU A 181 4.86 -10.37 15.14
CA GLU A 181 3.89 -11.23 15.80
C GLU A 181 2.89 -10.37 16.55
N THR A 182 3.39 -9.30 17.18
CA THR A 182 2.53 -8.35 17.88
C THR A 182 1.60 -7.71 16.85
N LEU A 183 2.18 -7.35 15.71
CA LEU A 183 1.45 -6.75 14.59
C LEU A 183 0.37 -7.71 14.08
N GLU A 184 0.74 -8.97 13.91
CA GLU A 184 -0.20 -9.97 13.43
C GLU A 184 -1.37 -10.10 14.39
N ALA A 185 -1.09 -10.04 15.69
CA ALA A 185 -2.15 -10.10 16.69
C ALA A 185 -3.07 -8.89 16.54
N THR A 186 -2.48 -7.73 16.24
CA THR A 186 -3.26 -6.50 16.05
C THR A 186 -4.27 -6.66 14.92
N LEU A 187 -3.86 -7.32 13.83
CA LEU A 187 -4.77 -7.55 12.71
C LEU A 187 -5.97 -8.35 13.20
N ASP A 188 -5.67 -9.35 14.04
CA ASP A 188 -6.70 -10.23 14.58
C ASP A 188 -7.72 -9.42 15.39
N SER A 189 -7.25 -8.42 16.15
CA SER A 189 -8.18 -7.60 16.93
C SER A 189 -9.16 -6.88 16.00
N LEU A 190 -8.66 -6.41 14.85
CA LEU A 190 -9.52 -5.74 13.88
C LEU A 190 -10.48 -6.76 13.27
N GLU A 191 -9.96 -7.96 13.00
CA GLU A 191 -10.77 -9.03 12.44
C GLU A 191 -11.90 -9.36 13.42
N ARG A 192 -11.52 -9.56 14.67
CA ARG A 192 -12.48 -9.87 15.73
C ARG A 192 -13.46 -8.72 15.92
N ALA A 193 -12.94 -7.49 15.85
CA ALA A 193 -13.79 -6.30 16.00
C ALA A 193 -14.83 -6.23 14.90
N GLY A 194 -14.51 -6.77 13.73
CA GLY A 194 -15.45 -6.75 12.62
C GLY A 194 -14.99 -5.88 11.46
N VAL A 195 -14.01 -4.99 11.70
CA VAL A 195 -13.53 -4.09 10.64
C VAL A 195 -13.14 -4.86 9.39
N TRP A 196 -12.15 -5.75 9.52
CA TRP A 196 -11.69 -6.55 8.37
C TRP A 196 -11.21 -7.92 8.82
N GLU A 197 -11.33 -8.94 7.95
CA GLU A 197 -10.90 -10.29 8.31
C GLU A 197 -9.81 -10.79 7.36
N CYS A 198 -8.63 -11.05 7.90
CA CYS A 198 -7.50 -11.51 7.08
C CYS A 198 -7.83 -12.78 6.30
N LEU A 199 -7.55 -12.74 4.99
CA LEU A 199 -7.79 -13.90 4.12
C LEU A 199 -6.56 -14.81 4.05
N VAL A 200 -5.50 -14.27 3.45
CA VAL A 200 -4.25 -15.02 3.28
C VAL A 200 -3.04 -14.08 3.19
N THR A 201 -1.86 -14.65 3.39
CA THR A 201 -0.61 -13.88 3.27
C THR A 201 0.39 -14.66 2.42
N GLN A 202 0.75 -14.08 1.27
CA GLN A 202 1.67 -14.74 0.35
C GLN A 202 3.14 -14.58 0.72
N PRO A 203 3.94 -15.64 0.48
CA PRO A 203 5.39 -15.67 0.75
C PRO A 203 6.17 -14.59 -0.01
N VAL A 204 7.26 -14.15 0.61
CA VAL A 204 8.13 -13.11 0.03
C VAL A 204 9.59 -13.41 0.36
N ASP A 205 10.49 -12.42 0.22
CA ASP A 205 11.89 -12.61 0.58
C ASP A 205 12.17 -11.94 1.92
N HIS A 206 11.10 -11.64 2.66
CA HIS A 206 11.19 -10.97 3.94
C HIS A 206 12.03 -11.73 4.97
N TRP A 207 11.91 -13.05 5.01
CA TRP A 207 12.67 -13.84 5.97
C TRP A 207 14.18 -13.77 5.72
N GLU A 208 14.61 -13.99 4.48
CA GLU A 208 16.03 -14.03 4.14
C GLU A 208 16.79 -12.74 4.47
N LEU A 209 16.14 -11.59 4.34
CA LEU A 209 16.84 -10.33 4.63
C LEU A 209 17.35 -10.32 6.08
N ALA A 210 16.54 -10.82 7.00
CA ALA A 210 16.93 -10.86 8.40
C ALA A 210 18.15 -11.73 8.64
N THR A 211 18.22 -12.88 7.96
CA THR A 211 19.35 -13.79 8.14
C THR A 211 19.65 -13.99 9.63
N SER A 212 18.62 -14.27 10.41
CA SER A 212 18.78 -14.46 11.85
C SER A 212 19.53 -15.76 12.15
N GLU A 213 20.10 -15.85 13.34
CA GLU A 213 20.87 -17.02 13.77
C GLU A 213 22.06 -17.26 12.83
N GLN A 214 22.72 -16.18 12.41
CA GLN A 214 23.88 -16.29 11.54
C GLN A 214 25.10 -15.65 12.18
N GLU A 215 26.12 -16.46 12.48
CA GLU A 215 27.33 -15.95 13.12
C GLU A 215 28.50 -15.82 12.13
N THR A 216 28.36 -16.36 10.92
CA THR A 216 29.43 -16.27 9.93
C THR A 216 29.59 -14.84 9.42
N GLY A 217 28.54 -14.32 8.79
CA GLY A 217 28.57 -12.97 8.25
C GLY A 217 28.97 -11.94 9.29
N LEU A 218 30.21 -11.43 9.19
CA LEU A 218 30.72 -10.44 10.14
C LEU A 218 30.27 -10.77 11.56
N GLY A 219 30.69 -11.94 12.07
CA GLY A 219 30.33 -12.34 13.42
C GLY A 219 28.92 -11.91 13.78
N THR A 220 28.76 -11.23 14.90
CA THR A 220 27.46 -10.71 15.31
C THR A 220 27.38 -9.21 15.01
N CYS A 221 28.53 -8.58 14.72
CA CYS A 221 28.59 -7.16 14.41
C CYS A 221 27.74 -6.82 13.18
N ALA A 222 27.78 -7.70 12.17
CA ALA A 222 27.01 -7.48 10.94
C ALA A 222 25.71 -6.76 11.26
N ASN A 223 25.01 -7.24 12.28
CA ASN A 223 23.73 -6.66 12.69
C ASN A 223 22.62 -7.11 11.76
N ASP A 224 22.48 -8.42 11.62
CA ASP A 224 21.44 -8.99 10.77
C ASP A 224 20.12 -8.96 11.52
N GLY A 225 19.01 -9.25 10.83
CA GLY A 225 17.73 -9.24 11.49
C GLY A 225 16.76 -8.19 10.96
N PHE A 226 16.71 -8.02 9.64
CA PHE A 226 15.78 -7.07 9.03
C PHE A 226 14.90 -7.80 8.01
N ILE A 227 13.59 -7.84 8.27
CA ILE A 227 12.65 -8.54 7.39
C ILE A 227 11.75 -7.54 6.66
N SER A 228 11.63 -7.70 5.33
CA SER A 228 10.82 -6.78 4.53
C SER A 228 10.06 -7.47 3.37
N GLY A 229 9.22 -6.69 2.70
CA GLY A 229 8.44 -7.17 1.57
C GLY A 229 7.53 -8.32 1.94
N ILE A 230 6.21 -8.11 1.84
CA ILE A 230 5.23 -9.17 2.12
C ILE A 230 3.84 -8.74 1.66
N ILE A 231 3.02 -9.67 1.23
CA ILE A 231 1.67 -9.33 0.77
C ILE A 231 0.63 -9.58 1.87
N TYR A 232 -0.34 -8.66 1.96
CA TYR A 232 -1.42 -8.80 2.94
C TYR A 232 -2.78 -8.64 2.28
N LEU A 233 -3.49 -9.75 2.05
CA LEU A 233 -4.81 -9.67 1.43
C LEU A 233 -5.90 -9.84 2.47
N TYR A 234 -6.73 -8.82 2.62
CA TYR A 234 -7.79 -8.85 3.63
C TYR A 234 -9.14 -8.48 3.04
N ARG A 235 -10.21 -8.87 3.74
CA ARG A 235 -11.56 -8.56 3.32
C ARG A 235 -12.09 -7.41 4.17
N LYS A 236 -13.12 -6.74 3.68
CA LYS A 236 -13.67 -5.61 4.41
C LYS A 236 -14.87 -6.04 5.27
N GLN A 237 -14.91 -5.51 6.49
CA GLN A 237 -15.98 -5.79 7.44
C GLN A 237 -16.36 -7.27 7.46
N GLU A 238 -15.79 -7.98 8.41
CA GLU A 238 -16.06 -9.40 8.59
C GLU A 238 -15.82 -9.81 10.03
N THR A 239 -16.23 -11.03 10.39
CA THR A 239 -16.07 -11.50 11.76
C THR A 239 -15.10 -12.67 11.83
N VAL A 240 -14.13 -12.58 12.74
CA VAL A 240 -13.12 -13.63 12.92
C VAL A 240 -12.68 -14.21 11.57
N GLY A 1 8.82 9.51 20.21
CA GLY A 1 10.06 9.95 19.50
C GLY A 1 9.75 10.89 18.34
N ALA A 2 10.38 12.06 18.33
CA ALA A 2 10.15 13.03 17.27
C ALA A 2 10.52 12.45 15.90
N MET A 3 11.64 11.73 15.85
CA MET A 3 12.07 11.10 14.59
C MET A 3 11.02 10.13 14.08
N ALA A 4 10.41 9.37 14.99
CA ALA A 4 9.36 8.42 14.61
C ALA A 4 8.11 9.18 14.14
N GLN A 5 7.81 10.28 14.83
CA GLN A 5 6.64 11.08 14.49
C GLN A 5 6.77 11.60 13.06
N GLU A 6 7.92 12.20 12.72
CA GLU A 6 8.13 12.71 11.36
C GLU A 6 8.42 11.57 10.38
N GLU A 7 9.32 10.66 10.78
CA GLU A 7 9.71 9.55 9.91
C GLU A 7 8.51 8.68 9.54
N ALA A 8 7.72 8.26 10.53
CA ALA A 8 6.56 7.42 10.25
C ALA A 8 5.31 8.25 9.97
N GLY A 9 5.35 9.54 10.31
CA GLY A 9 4.19 10.38 10.09
C GLY A 9 4.44 11.53 9.13
N ARG A 10 5.49 11.47 8.31
CA ARG A 10 5.79 12.58 7.41
C ARG A 10 4.67 12.87 6.41
N LEU A 11 4.01 11.85 5.87
CA LEU A 11 2.96 12.07 4.88
C LEU A 11 1.90 13.09 5.28
N PRO A 12 1.31 12.99 6.49
CA PRO A 12 0.28 13.95 6.90
C PRO A 12 0.78 15.39 6.82
N GLN A 13 2.08 15.56 7.02
CA GLN A 13 2.69 16.87 6.92
C GLN A 13 2.54 17.40 5.49
N VAL A 14 2.68 16.50 4.51
CA VAL A 14 2.60 16.88 3.10
C VAL A 14 1.24 17.50 2.79
N LEU A 15 0.13 16.85 3.16
CA LEU A 15 -1.18 17.45 2.88
C LEU A 15 -1.28 18.80 3.58
N ALA A 16 -0.76 18.87 4.80
CA ALA A 16 -0.78 20.11 5.56
C ALA A 16 -0.18 21.24 4.72
N ARG A 17 0.93 20.96 4.04
CA ARG A 17 1.56 21.95 3.17
C ARG A 17 0.59 22.27 2.02
N VAL A 18 -0.11 21.25 1.53
CA VAL A 18 -1.06 21.39 0.44
C VAL A 18 -2.29 22.19 0.89
N GLY A 19 -2.74 21.94 2.13
CA GLY A 19 -3.90 22.62 2.64
C GLY A 19 -3.89 24.13 2.39
N THR A 20 -2.74 24.77 2.57
CA THR A 20 -2.66 26.21 2.31
C THR A 20 -3.02 26.47 0.85
N SER A 21 -2.52 25.61 -0.04
CA SER A 21 -2.78 25.73 -1.47
C SER A 21 -2.38 27.12 -1.98
N HIS A 22 -2.93 27.52 -3.14
CA HIS A 22 -2.57 28.79 -3.74
C HIS A 22 -1.09 28.78 -4.14
N GLY A 23 -0.67 27.62 -4.65
CA GLY A 23 0.71 27.43 -5.08
C GLY A 23 0.90 26.06 -5.72
N ILE A 24 0.00 25.73 -6.65
CA ILE A 24 0.01 24.43 -7.34
C ILE A 24 1.33 24.20 -8.06
N THR A 25 1.95 25.25 -8.59
CA THR A 25 3.22 25.09 -9.29
C THR A 25 4.26 24.49 -8.36
N ASP A 26 4.29 24.91 -7.11
CA ASP A 26 5.22 24.35 -6.13
C ASP A 26 4.84 22.90 -5.84
N LEU A 27 3.53 22.64 -5.73
CA LEU A 27 3.04 21.28 -5.47
C LEU A 27 3.65 20.33 -6.48
N ALA A 28 3.77 20.78 -7.73
CA ALA A 28 4.42 19.97 -8.76
C ALA A 28 5.91 19.89 -8.45
N CYS A 29 6.46 21.02 -7.98
CA CYS A 29 7.87 21.08 -7.61
C CYS A 29 8.21 19.97 -6.62
N LYS A 30 7.48 19.93 -5.50
CA LYS A 30 7.71 18.90 -4.49
C LYS A 30 7.47 17.51 -5.08
N LEU A 31 6.43 17.38 -5.91
CA LEU A 31 6.11 16.11 -6.55
C LEU A 31 7.25 15.69 -7.49
N ARG A 32 7.81 16.67 -8.20
CA ARG A 32 8.92 16.41 -9.11
C ARG A 32 10.11 15.83 -8.35
N PHE A 33 10.25 16.23 -7.08
CA PHE A 33 11.33 15.68 -6.25
C PHE A 33 11.12 14.18 -6.07
N TYR A 34 9.84 13.79 -5.87
CA TYR A 34 9.52 12.38 -5.71
C TYR A 34 9.78 11.60 -7.00
N ASP A 35 9.38 12.18 -8.13
CA ASP A 35 9.57 11.54 -9.43
C ASP A 35 11.06 11.36 -9.78
N ASP A 36 11.93 12.14 -9.15
CA ASP A 36 13.36 11.98 -9.39
C ASP A 36 13.79 10.58 -8.96
N TRP A 37 13.39 10.22 -7.74
CA TRP A 37 13.67 8.90 -7.18
C TRP A 37 12.86 7.81 -7.89
N ALA A 38 11.68 8.20 -8.38
CA ALA A 38 10.75 7.29 -9.03
C ALA A 38 11.40 6.12 -9.77
N PRO A 39 12.25 6.38 -10.77
CA PRO A 39 12.89 5.30 -11.51
C PRO A 39 13.72 4.43 -10.59
N GLU A 40 14.37 5.07 -9.62
CA GLU A 40 15.17 4.35 -8.64
C GLU A 40 14.27 3.55 -7.70
N TYR A 41 13.05 4.06 -7.47
CA TYR A 41 12.09 3.37 -6.61
C TYR A 41 11.56 2.10 -7.28
N ASP A 42 11.33 2.17 -8.59
CA ASP A 42 10.80 1.01 -9.32
C ASP A 42 11.77 -0.17 -9.20
N GLN A 43 13.03 0.04 -9.55
CA GLN A 43 14.02 -1.03 -9.46
C GLN A 43 14.15 -1.52 -8.02
N ASP A 44 13.90 -0.62 -7.07
CA ASP A 44 13.99 -0.97 -5.65
C ASP A 44 13.00 -2.08 -5.31
N VAL A 45 11.81 -2.06 -5.90
CA VAL A 45 10.84 -3.10 -5.63
C VAL A 45 11.29 -4.42 -6.25
N ALA A 46 11.86 -4.37 -7.46
CA ALA A 46 12.36 -5.58 -8.09
C ALA A 46 13.59 -6.08 -7.34
N ALA A 47 14.40 -5.14 -6.86
CA ALA A 47 15.61 -5.47 -6.11
C ALA A 47 15.27 -6.27 -4.84
N LEU A 48 14.11 -5.97 -4.25
CA LEU A 48 13.67 -6.68 -3.05
C LEU A 48 12.83 -7.92 -3.42
N LYS A 49 12.65 -8.16 -4.72
CA LYS A 49 11.86 -9.30 -5.17
C LYS A 49 10.43 -9.20 -4.64
N TYR A 50 9.81 -8.04 -4.83
CA TYR A 50 8.45 -7.84 -4.38
C TYR A 50 7.51 -8.70 -5.21
N ARG A 51 7.18 -9.87 -4.69
CA ARG A 51 6.27 -10.78 -5.37
C ARG A 51 4.85 -10.22 -5.36
N ALA A 52 4.59 -9.29 -4.43
CA ALA A 52 3.28 -8.68 -4.27
C ALA A 52 2.54 -8.48 -5.59
N PRO A 53 3.06 -7.69 -6.53
CA PRO A 53 2.37 -7.45 -7.82
C PRO A 53 1.92 -8.74 -8.51
N ARG A 54 2.76 -9.77 -8.44
CA ARG A 54 2.42 -11.04 -9.05
C ARG A 54 1.29 -11.74 -8.27
N LEU A 55 1.56 -11.99 -6.99
CA LEU A 55 0.59 -12.63 -6.10
C LEU A 55 -0.58 -11.70 -5.75
N ALA A 56 -0.31 -10.40 -5.72
CA ALA A 56 -1.34 -9.40 -5.39
C ALA A 56 -2.53 -9.58 -6.32
N VAL A 57 -2.26 -9.48 -7.61
CA VAL A 57 -3.29 -9.63 -8.62
C VAL A 57 -3.96 -11.01 -8.55
N ASP A 58 -3.15 -12.07 -8.52
CA ASP A 58 -3.71 -13.42 -8.47
C ASP A 58 -4.38 -13.74 -7.13
N CYS A 59 -3.78 -13.30 -6.03
CA CYS A 59 -4.35 -13.57 -4.71
C CYS A 59 -5.66 -12.86 -4.51
N LEU A 60 -5.76 -11.62 -4.98
CA LEU A 60 -6.99 -10.84 -4.80
C LEU A 60 -8.19 -11.53 -5.45
N SER A 61 -8.06 -11.93 -6.72
CA SER A 61 -9.16 -12.60 -7.42
C SER A 61 -9.52 -13.94 -6.77
N ARG A 62 -8.52 -14.66 -6.27
CA ARG A 62 -8.77 -15.95 -5.62
C ARG A 62 -9.70 -15.76 -4.43
N ALA A 63 -9.48 -14.68 -3.68
CA ALA A 63 -10.31 -14.38 -2.52
C ALA A 63 -11.46 -13.44 -2.89
N PHE A 64 -11.26 -12.63 -3.92
CA PHE A 64 -12.27 -11.67 -4.36
C PHE A 64 -13.34 -12.34 -5.22
N ARG A 65 -14.44 -12.70 -4.56
CA ARG A 65 -15.56 -13.36 -5.22
C ARG A 65 -16.14 -12.50 -6.34
N GLY A 66 -16.23 -11.20 -6.09
CA GLY A 66 -16.75 -10.29 -7.09
C GLY A 66 -15.83 -10.17 -8.27
N SER A 67 -16.38 -9.91 -9.45
CA SER A 67 -15.56 -9.78 -10.63
C SER A 67 -15.02 -8.35 -10.76
N PRO A 68 -13.71 -8.19 -10.97
CA PRO A 68 -13.09 -6.86 -11.11
C PRO A 68 -13.74 -6.05 -12.24
N HIS A 69 -14.50 -6.73 -13.11
CA HIS A 69 -15.22 -6.06 -14.19
C HIS A 69 -16.44 -5.31 -13.63
N ASP A 70 -17.29 -6.04 -12.92
CA ASP A 70 -18.50 -5.46 -12.32
C ASP A 70 -18.18 -4.72 -11.03
N ALA A 71 -17.10 -5.13 -10.35
CA ALA A 71 -16.70 -4.47 -9.10
C ALA A 71 -15.89 -3.22 -9.38
N LEU A 72 -15.70 -2.39 -8.37
CA LEU A 72 -14.92 -1.17 -8.56
C LEU A 72 -13.65 -1.21 -7.70
N ILE A 73 -12.50 -1.32 -8.37
CA ILE A 73 -11.21 -1.42 -7.69
C ILE A 73 -10.59 -0.06 -7.42
N LEU A 74 -9.87 0.04 -6.29
CA LEU A 74 -9.20 1.29 -5.93
C LEU A 74 -7.70 1.08 -5.79
N ASP A 75 -6.91 2.02 -6.28
CA ASP A 75 -5.47 1.95 -6.13
C ASP A 75 -4.97 3.29 -5.59
N VAL A 76 -4.02 3.25 -4.68
CA VAL A 76 -3.50 4.47 -4.07
C VAL A 76 -2.27 5.03 -4.82
N ALA A 77 -1.64 6.06 -4.25
CA ALA A 77 -0.49 6.71 -4.86
C ALA A 77 0.59 5.74 -5.30
N CYS A 78 0.58 4.53 -4.75
CA CYS A 78 1.57 3.54 -5.11
C CYS A 78 1.06 2.64 -6.24
N GLY A 79 0.09 3.13 -7.01
CA GLY A 79 -0.44 2.35 -8.11
C GLY A 79 0.57 2.25 -9.23
N THR A 80 1.51 1.32 -9.08
CA THR A 80 2.56 1.13 -10.09
C THR A 80 1.98 0.74 -11.44
N GLY A 81 2.47 1.39 -12.50
CA GLY A 81 1.95 1.12 -13.84
C GLY A 81 1.90 -0.35 -14.19
N LEU A 82 2.98 -1.09 -13.96
CA LEU A 82 3.02 -2.50 -14.30
C LEU A 82 1.94 -3.27 -13.55
N VAL A 83 1.68 -2.90 -12.30
CA VAL A 83 0.63 -3.56 -11.55
C VAL A 83 -0.68 -3.34 -12.29
N ALA A 84 -0.85 -2.13 -12.83
CA ALA A 84 -2.03 -1.80 -13.61
C ALA A 84 -2.09 -2.62 -14.89
N VAL A 85 -0.96 -2.74 -15.59
CA VAL A 85 -0.91 -3.52 -16.82
C VAL A 85 -1.23 -4.98 -16.51
N GLU A 86 -0.70 -5.46 -15.38
CA GLU A 86 -0.96 -6.81 -14.93
C GLU A 86 -2.42 -6.91 -14.48
N LEU A 87 -2.93 -5.78 -13.97
CA LEU A 87 -4.33 -5.70 -13.53
C LEU A 87 -5.27 -5.99 -14.70
N GLN A 88 -4.99 -5.41 -15.88
CA GLN A 88 -5.84 -5.64 -17.05
C GLN A 88 -5.90 -7.12 -17.42
N ALA A 89 -4.75 -7.78 -17.44
CA ALA A 89 -4.69 -9.19 -17.80
C ALA A 89 -5.53 -10.04 -16.85
N ARG A 90 -5.50 -9.70 -15.56
CA ARG A 90 -6.27 -10.43 -14.56
C ARG A 90 -7.75 -10.35 -14.89
N GLY A 91 -8.19 -9.17 -15.34
CA GLY A 91 -9.57 -8.96 -15.68
C GLY A 91 -10.21 -7.82 -14.91
N PHE A 92 -9.45 -6.75 -14.68
CA PHE A 92 -9.97 -5.59 -13.95
C PHE A 92 -10.35 -4.50 -14.94
N LEU A 93 -11.65 -4.24 -15.04
CA LEU A 93 -12.15 -3.25 -15.98
C LEU A 93 -12.68 -2.00 -15.26
N GLN A 94 -12.52 -1.93 -13.95
CA GLN A 94 -12.99 -0.76 -13.20
C GLN A 94 -12.00 -0.42 -12.09
N VAL A 95 -11.31 0.71 -12.20
CA VAL A 95 -10.37 1.10 -11.15
C VAL A 95 -10.42 2.61 -10.86
N GLN A 96 -10.44 2.93 -9.58
CA GLN A 96 -10.44 4.32 -9.10
C GLN A 96 -9.37 4.50 -8.04
N GLY A 97 -8.93 5.73 -7.78
CA GLY A 97 -7.91 5.88 -6.77
C GLY A 97 -7.31 7.27 -6.69
N VAL A 98 -6.21 7.36 -5.95
CA VAL A 98 -5.50 8.61 -5.76
C VAL A 98 -4.00 8.42 -5.74
N ASP A 99 -3.28 9.40 -6.29
CA ASP A 99 -1.83 9.35 -6.31
C ASP A 99 -1.27 10.75 -6.06
N GLY A 100 -0.01 10.86 -5.67
CA GLY A 100 0.57 12.15 -5.40
C GLY A 100 1.40 12.71 -6.53
N SER A 101 2.33 11.91 -7.04
CA SER A 101 3.17 12.35 -8.14
C SER A 101 2.48 12.16 -9.48
N PRO A 102 2.60 13.16 -10.39
CA PRO A 102 2.00 13.04 -11.72
C PRO A 102 2.56 11.84 -12.47
N GLU A 103 3.81 11.51 -12.20
CA GLU A 103 4.45 10.35 -12.81
C GLU A 103 3.66 9.09 -12.44
N MET A 104 3.20 9.05 -11.19
CA MET A 104 2.38 7.94 -10.71
C MET A 104 0.95 8.06 -11.28
N LEU A 105 0.44 9.29 -11.32
CA LEU A 105 -0.91 9.56 -11.86
C LEU A 105 -0.94 9.37 -13.38
N LYS A 106 0.11 9.84 -14.04
CA LYS A 106 0.21 9.78 -15.49
C LYS A 106 0.39 8.35 -15.99
N GLN A 107 1.20 7.56 -15.29
CA GLN A 107 1.42 6.19 -15.71
C GLN A 107 0.10 5.43 -15.65
N ALA A 108 -0.51 5.43 -14.47
CA ALA A 108 -1.80 4.76 -14.28
C ALA A 108 -2.90 5.39 -15.14
N ARG A 109 -2.97 6.72 -15.15
CA ARG A 109 -3.99 7.43 -15.94
C ARG A 109 -3.76 7.22 -17.43
N ALA A 110 -2.53 7.49 -17.89
CA ALA A 110 -2.17 7.30 -19.29
C ALA A 110 -2.36 5.83 -19.67
N ARG A 111 -2.09 4.95 -18.70
CA ARG A 111 -2.24 3.52 -18.91
C ARG A 111 -3.68 3.20 -19.27
N GLY A 112 -4.62 3.87 -18.61
CA GLY A 112 -6.03 3.64 -18.86
C GLY A 112 -6.58 2.54 -17.96
N LEU A 113 -5.79 2.15 -16.96
CA LEU A 113 -6.21 1.15 -16.00
C LEU A 113 -7.16 1.78 -14.97
N TYR A 114 -6.83 3.00 -14.59
CA TYR A 114 -7.60 3.72 -13.59
C TYR A 114 -8.65 4.64 -14.22
N HIS A 115 -9.93 4.36 -13.96
CA HIS A 115 -11.00 5.18 -14.50
C HIS A 115 -10.86 6.62 -14.02
N HIS A 116 -10.68 6.79 -12.71
CA HIS A 116 -10.54 8.12 -12.13
C HIS A 116 -9.41 8.19 -11.12
N LEU A 117 -8.54 9.18 -11.26
CA LEU A 117 -7.43 9.38 -10.34
C LEU A 117 -7.40 10.83 -9.85
N SER A 118 -6.91 11.03 -8.64
CA SER A 118 -6.84 12.37 -8.08
C SER A 118 -5.60 12.57 -7.22
N LEU A 119 -5.24 13.84 -7.03
CA LEU A 119 -4.09 14.20 -6.20
C LEU A 119 -4.56 14.41 -4.77
N CYS A 120 -4.02 13.62 -3.84
CA CYS A 120 -4.43 13.76 -2.44
C CYS A 120 -3.48 13.03 -1.49
N THR A 121 -2.26 13.52 -1.36
CA THR A 121 -1.30 12.85 -0.50
C THR A 121 -1.79 12.77 0.94
N LEU A 122 -2.16 11.57 1.38
CA LEU A 122 -2.62 11.41 2.74
C LEU A 122 -2.36 10.00 3.28
N GLY A 123 -2.71 9.81 4.56
CA GLY A 123 -2.48 8.52 5.21
C GLY A 123 -2.69 8.58 6.72
N GLN A 124 -2.43 9.72 7.37
CA GLN A 124 -2.70 9.88 8.80
C GLN A 124 -3.93 10.79 8.92
N GLU A 125 -4.62 10.97 7.79
CA GLU A 125 -5.82 11.78 7.67
C GLU A 125 -6.77 11.06 6.70
N PRO A 126 -8.05 11.45 6.64
CA PRO A 126 -9.04 10.80 5.75
C PRO A 126 -8.68 10.88 4.25
N LEU A 127 -9.18 9.90 3.49
CA LEU A 127 -8.92 9.84 2.04
C LEU A 127 -10.05 10.48 1.26
N PRO A 128 -9.78 10.86 -0.01
CA PRO A 128 -10.77 11.51 -0.89
C PRO A 128 -11.80 10.54 -1.50
N ASP A 129 -11.79 9.26 -1.10
CA ASP A 129 -12.75 8.30 -1.63
C ASP A 129 -13.90 8.09 -0.64
N PRO A 130 -15.16 8.20 -1.11
CA PRO A 130 -16.35 8.03 -0.26
C PRO A 130 -16.39 6.65 0.41
N GLU A 131 -17.19 6.49 1.46
CA GLU A 131 -17.29 5.19 2.15
C GLU A 131 -18.00 4.15 1.28
N GLY A 132 -17.73 2.86 1.52
CA GLY A 132 -18.36 1.80 0.76
C GLY A 132 -18.45 2.12 -0.73
N THR A 133 -17.38 2.75 -1.24
CA THR A 133 -17.30 3.14 -2.64
C THR A 133 -16.86 2.00 -3.55
N PHE A 134 -15.61 1.59 -3.37
CA PHE A 134 -15.01 0.55 -4.22
C PHE A 134 -15.04 -0.82 -3.57
N ASP A 135 -15.26 -1.85 -4.40
CA ASP A 135 -15.33 -3.23 -3.92
C ASP A 135 -13.96 -3.76 -3.47
N ALA A 136 -12.88 -3.11 -3.89
CA ALA A 136 -11.54 -3.57 -3.49
C ALA A 136 -10.48 -2.51 -3.77
N VAL A 137 -9.33 -2.63 -3.11
CA VAL A 137 -8.24 -1.67 -3.31
C VAL A 137 -6.89 -2.39 -3.39
N ILE A 138 -6.01 -1.96 -4.31
CA ILE A 138 -4.69 -2.60 -4.44
C ILE A 138 -3.56 -1.57 -4.57
N ILE A 139 -2.74 -1.47 -3.54
CA ILE A 139 -1.63 -0.51 -3.50
C ILE A 139 -0.30 -1.21 -3.21
N VAL A 140 0.80 -0.72 -3.83
CA VAL A 140 2.11 -1.35 -3.61
C VAL A 140 3.19 -0.39 -3.07
N GLY A 141 3.74 -0.69 -1.89
CA GLY A 141 4.83 0.12 -1.33
C GLY A 141 4.40 1.38 -0.60
N ALA A 142 3.43 1.27 0.31
CA ALA A 142 2.95 2.43 1.07
C ALA A 142 2.36 2.02 2.42
N LEU A 143 3.19 1.98 3.47
CA LEU A 143 2.71 1.60 4.80
C LEU A 143 3.13 2.60 5.88
N SER A 144 2.57 2.40 7.08
CA SER A 144 2.88 3.26 8.22
C SER A 144 4.38 3.36 8.43
N GLU A 145 5.00 4.32 7.77
CA GLU A 145 6.43 4.54 7.89
C GLU A 145 6.82 5.81 7.11
N GLY A 146 5.99 6.84 7.23
CA GLY A 146 6.23 8.09 6.53
C GLY A 146 5.53 8.12 5.16
N GLN A 147 5.18 6.95 4.62
CA GLN A 147 4.50 6.87 3.34
C GLN A 147 2.98 6.91 3.51
N VAL A 148 2.38 5.79 3.94
CA VAL A 148 0.93 5.71 4.15
C VAL A 148 0.59 5.20 5.55
N PRO A 149 0.42 6.14 6.51
CA PRO A 149 0.10 5.79 7.90
C PRO A 149 -1.02 4.75 8.01
N CYS A 150 -0.64 3.56 8.46
CA CYS A 150 -1.55 2.42 8.60
C CYS A 150 -2.93 2.77 9.13
N SER A 151 -3.11 3.91 9.79
CA SER A 151 -4.45 4.25 10.29
C SER A 151 -5.37 4.60 9.12
N ALA A 152 -4.80 5.17 8.05
CA ALA A 152 -5.58 5.53 6.85
C ALA A 152 -6.04 4.29 6.09
N ILE A 153 -5.19 3.25 6.01
CA ILE A 153 -5.55 2.04 5.24
C ILE A 153 -6.99 1.63 5.56
N PRO A 154 -7.33 1.52 6.86
CA PRO A 154 -8.69 1.17 7.30
C PRO A 154 -9.72 2.16 6.75
N GLU A 155 -9.26 3.39 6.45
CA GLU A 155 -10.13 4.39 5.83
C GLU A 155 -10.43 3.88 4.42
N LEU A 156 -9.38 3.45 3.72
CA LEU A 156 -9.53 2.87 2.40
C LEU A 156 -10.43 1.66 2.52
N LEU A 157 -10.22 0.90 3.60
CA LEU A 157 -11.05 -0.25 3.88
C LEU A 157 -12.49 0.25 4.10
N ARG A 158 -12.61 1.39 4.79
CA ARG A 158 -13.91 2.02 5.04
C ARG A 158 -14.56 2.47 3.73
N VAL A 159 -13.75 2.95 2.77
CA VAL A 159 -14.27 3.35 1.46
C VAL A 159 -14.50 2.09 0.60
N THR A 160 -14.06 0.96 1.15
CA THR A 160 -14.25 -0.34 0.55
C THR A 160 -15.50 -0.96 1.20
N LYS A 161 -16.32 -1.69 0.45
CA LYS A 161 -17.52 -2.28 1.04
C LYS A 161 -17.17 -3.53 1.83
N PRO A 162 -17.98 -3.88 2.84
CA PRO A 162 -17.72 -5.07 3.65
C PRO A 162 -17.74 -6.31 2.75
N GLY A 163 -16.83 -7.24 3.01
CA GLY A 163 -16.70 -8.41 2.18
C GLY A 163 -15.72 -8.17 1.03
N GLY A 164 -15.31 -6.90 0.85
CA GLY A 164 -14.38 -6.55 -0.19
C GLY A 164 -12.97 -7.06 0.10
N LEU A 165 -12.04 -6.75 -0.80
CA LEU A 165 -10.66 -7.18 -0.63
C LEU A 165 -9.69 -6.01 -0.71
N VAL A 166 -8.73 -5.97 0.21
CA VAL A 166 -7.73 -4.91 0.22
C VAL A 166 -6.34 -5.51 0.06
N CYS A 167 -5.62 -5.08 -0.97
CA CYS A 167 -4.28 -5.62 -1.23
C CYS A 167 -3.22 -4.53 -1.11
N LEU A 168 -2.23 -4.75 -0.24
CA LEU A 168 -1.19 -3.75 -0.04
C LEU A 168 0.16 -4.38 0.35
N THR A 169 1.26 -3.65 0.13
CA THR A 169 2.61 -4.15 0.46
C THR A 169 3.61 -3.03 0.80
N THR A 170 4.65 -3.38 1.58
CA THR A 170 5.72 -2.45 1.98
C THR A 170 6.63 -3.14 3.00
N ARG A 171 7.42 -2.37 3.76
CA ARG A 171 8.28 -2.95 4.77
C ARG A 171 7.47 -3.25 6.01
N THR A 172 6.87 -4.44 6.02
CA THR A 172 6.01 -4.90 7.11
C THR A 172 6.74 -5.02 8.44
N ASN A 173 7.97 -5.54 8.44
CA ASN A 173 8.70 -5.68 9.70
C ASN A 173 10.09 -5.02 9.62
N PRO A 174 10.13 -3.69 9.42
CA PRO A 174 11.39 -2.93 9.37
C PRO A 174 12.10 -2.91 10.71
N SER A 175 11.31 -2.80 11.77
CA SER A 175 11.83 -2.75 13.13
C SER A 175 10.90 -3.51 14.06
N ASN A 176 11.35 -3.77 15.30
CA ASN A 176 10.51 -4.49 16.24
C ASN A 176 10.15 -5.87 15.70
N LEU A 177 11.17 -6.56 15.17
CA LEU A 177 11.00 -7.88 14.56
C LEU A 177 9.98 -8.74 15.33
N PRO A 178 10.22 -9.04 16.62
CA PRO A 178 9.28 -9.83 17.41
C PRO A 178 7.94 -9.15 17.57
N TYR A 179 7.97 -7.84 17.75
CA TYR A 179 6.75 -7.05 17.93
C TYR A 179 5.85 -7.12 16.71
N LYS A 180 6.42 -7.31 15.52
CA LYS A 180 5.61 -7.35 14.32
C LYS A 180 4.59 -8.48 14.43
N GLU A 181 5.00 -9.64 14.96
CA GLU A 181 4.03 -10.72 15.16
C GLU A 181 2.96 -10.17 16.11
N THR A 182 3.42 -9.40 17.12
CA THR A 182 2.51 -8.76 18.05
C THR A 182 1.59 -7.84 17.24
N LEU A 183 2.18 -7.14 16.26
CA LEU A 183 1.44 -6.28 15.35
C LEU A 183 0.43 -7.12 14.58
N GLU A 184 0.84 -8.33 14.19
CA GLU A 184 -0.04 -9.24 13.46
C GLU A 184 -1.25 -9.54 14.33
N ALA A 185 -1.03 -9.72 15.63
CA ALA A 185 -2.12 -9.95 16.56
C ALA A 185 -3.07 -8.75 16.55
N THR A 186 -2.52 -7.56 16.34
CA THR A 186 -3.33 -6.34 16.30
C THR A 186 -4.37 -6.46 15.19
N LEU A 187 -3.96 -6.99 14.04
CA LEU A 187 -4.90 -7.18 12.93
C LEU A 187 -6.01 -8.11 13.40
N ASP A 188 -5.62 -9.13 14.17
CA ASP A 188 -6.57 -10.11 14.68
C ASP A 188 -7.62 -9.40 15.52
N SER A 189 -7.20 -8.41 16.33
CA SER A 189 -8.15 -7.65 17.12
C SER A 189 -9.16 -6.97 16.20
N LEU A 190 -8.67 -6.41 15.09
CA LEU A 190 -9.55 -5.80 14.12
C LEU A 190 -10.52 -6.84 13.57
N GLU A 191 -10.00 -8.05 13.33
CA GLU A 191 -10.83 -9.16 12.86
C GLU A 191 -11.88 -9.47 13.92
N ARG A 192 -11.41 -9.53 15.16
CA ARG A 192 -12.28 -9.83 16.30
C ARG A 192 -13.37 -8.78 16.41
N ALA A 193 -13.01 -7.51 16.18
CA ALA A 193 -13.99 -6.43 16.23
C ALA A 193 -14.99 -6.58 15.09
N GLY A 194 -14.57 -7.25 14.01
CA GLY A 194 -15.45 -7.45 12.88
C GLY A 194 -15.16 -6.51 11.72
N VAL A 195 -14.30 -5.52 11.90
CA VAL A 195 -14.00 -4.57 10.83
C VAL A 195 -13.41 -5.27 9.60
N TRP A 196 -12.47 -6.19 9.79
CA TRP A 196 -11.84 -6.87 8.65
C TRP A 196 -11.24 -8.22 9.04
N GLU A 197 -11.02 -9.12 8.07
CA GLU A 197 -10.42 -10.42 8.39
C GLU A 197 -9.34 -10.79 7.37
N CYS A 198 -8.09 -10.87 7.84
CA CYS A 198 -6.96 -11.20 6.94
C CYS A 198 -7.19 -12.54 6.26
N LEU A 199 -7.02 -12.57 4.94
CA LEU A 199 -7.20 -13.80 4.19
C LEU A 199 -5.86 -14.49 3.95
N VAL A 200 -4.91 -13.79 3.31
CA VAL A 200 -3.60 -14.39 3.04
C VAL A 200 -2.49 -13.33 2.97
N THR A 201 -1.23 -13.77 3.14
CA THR A 201 -0.07 -12.88 3.06
C THR A 201 0.97 -13.47 2.11
N GLN A 202 1.32 -12.72 1.06
CA GLN A 202 2.26 -13.21 0.05
C GLN A 202 3.73 -12.84 0.33
N PRO A 203 4.63 -13.86 0.25
CA PRO A 203 6.09 -13.71 0.48
C PRO A 203 6.80 -12.72 -0.45
N VAL A 204 7.87 -12.11 0.09
CA VAL A 204 8.71 -11.14 -0.61
C VAL A 204 10.19 -11.30 -0.17
N ASP A 205 10.97 -10.19 -0.07
CA ASP A 205 12.38 -10.27 0.34
C ASP A 205 12.53 -10.61 1.84
N HIS A 206 11.47 -10.37 2.62
CA HIS A 206 11.51 -10.64 4.06
C HIS A 206 12.01 -12.05 4.33
N TRP A 207 11.72 -12.94 3.40
CA TRP A 207 12.09 -14.34 3.50
C TRP A 207 13.61 -14.53 3.55
N GLU A 208 14.37 -13.54 3.06
CA GLU A 208 15.83 -13.65 3.10
C GLU A 208 16.41 -12.94 4.31
N LEU A 209 15.90 -11.75 4.63
CA LEU A 209 16.37 -10.99 5.78
C LEU A 209 16.17 -11.78 7.09
N ALA A 210 15.03 -12.45 7.19
CA ALA A 210 14.72 -13.23 8.38
C ALA A 210 15.47 -14.57 8.43
N THR A 211 16.19 -14.92 7.36
CA THR A 211 16.94 -16.17 7.32
C THR A 211 17.98 -16.24 8.44
N SER A 212 18.09 -17.41 9.06
CA SER A 212 19.04 -17.63 10.15
C SER A 212 20.49 -17.65 9.66
N GLU A 213 21.36 -16.92 10.37
CA GLU A 213 22.78 -16.84 10.02
C GLU A 213 23.62 -16.80 11.30
N GLN A 214 24.85 -17.32 11.24
CA GLN A 214 25.72 -17.32 12.41
C GLN A 214 27.03 -16.58 12.17
N GLU A 215 27.19 -15.42 12.82
CA GLU A 215 28.42 -14.64 12.69
C GLU A 215 28.82 -14.05 14.05
N THR A 216 30.11 -14.10 14.38
CA THR A 216 30.56 -13.58 15.66
C THR A 216 30.93 -12.11 15.56
N GLY A 217 32.12 -11.79 15.05
CA GLY A 217 32.52 -10.39 14.95
C GLY A 217 31.41 -9.50 14.42
N LEU A 218 30.78 -8.76 15.34
CA LEU A 218 29.68 -7.87 15.00
C LEU A 218 28.40 -8.67 14.81
N GLY A 219 27.89 -9.24 15.91
CA GLY A 219 26.67 -10.03 15.85
C GLY A 219 25.50 -9.27 15.23
N THR A 220 25.62 -7.95 15.11
CA THR A 220 24.57 -7.15 14.49
C THR A 220 24.36 -7.63 13.05
N CYS A 221 25.47 -7.93 12.37
CA CYS A 221 25.41 -8.44 10.99
C CYS A 221 24.67 -9.77 10.96
N ALA A 222 24.92 -10.62 11.96
CA ALA A 222 24.27 -11.93 12.07
C ALA A 222 22.84 -11.81 12.61
N ASN A 223 22.31 -10.59 12.66
CA ASN A 223 20.96 -10.39 13.15
C ASN A 223 19.97 -11.08 12.23
N ASP A 224 19.08 -11.89 12.79
CA ASP A 224 18.10 -12.61 11.98
C ASP A 224 16.69 -12.33 12.45
N GLY A 225 15.72 -12.62 11.57
CA GLY A 225 14.33 -12.38 11.89
C GLY A 225 13.85 -11.00 11.44
N PHE A 226 14.30 -10.56 10.26
CA PHE A 226 13.90 -9.25 9.74
C PHE A 226 13.01 -9.41 8.51
N ILE A 227 11.75 -9.00 8.63
CA ILE A 227 10.80 -9.14 7.53
C ILE A 227 10.34 -7.80 6.95
N SER A 228 10.56 -7.58 5.66
CA SER A 228 10.14 -6.34 5.03
C SER A 228 9.64 -6.56 3.59
N GLY A 229 9.18 -5.47 2.96
CA GLY A 229 8.69 -5.51 1.60
C GLY A 229 7.55 -6.49 1.32
N ILE A 230 6.86 -6.99 2.35
CA ILE A 230 5.81 -7.99 2.10
C ILE A 230 4.43 -7.39 1.84
N ILE A 231 3.61 -8.19 1.16
CA ILE A 231 2.25 -7.82 0.79
C ILE A 231 1.28 -8.67 1.62
N TYR A 232 0.02 -8.29 1.62
CA TYR A 232 -0.99 -9.05 2.32
C TYR A 232 -2.39 -8.62 1.89
N LEU A 233 -3.34 -9.54 1.96
CA LEU A 233 -4.71 -9.23 1.56
C LEU A 233 -5.67 -9.38 2.73
N TYR A 234 -6.43 -8.33 2.99
CA TYR A 234 -7.39 -8.34 4.08
C TYR A 234 -8.81 -8.17 3.56
N ARG A 235 -9.75 -8.86 4.20
CA ARG A 235 -11.14 -8.80 3.81
C ARG A 235 -11.87 -7.79 4.71
N LYS A 236 -12.97 -7.23 4.24
CA LYS A 236 -13.70 -6.24 5.03
C LYS A 236 -14.90 -6.84 5.76
N GLN A 237 -15.11 -6.36 6.99
CA GLN A 237 -16.20 -6.80 7.85
C GLN A 237 -16.39 -8.32 7.78
N GLU A 238 -15.70 -9.02 8.67
CA GLU A 238 -15.77 -10.48 8.72
C GLU A 238 -15.56 -10.99 10.14
N THR A 239 -15.81 -12.27 10.36
CA THR A 239 -15.65 -12.85 11.69
C THR A 239 -14.25 -13.43 11.85
N VAL A 240 -13.53 -12.96 12.87
CA VAL A 240 -12.18 -13.44 13.14
C VAL A 240 -12.11 -14.96 13.14
N GLY A 1 13.74 10.14 13.81
CA GLY A 1 12.39 9.98 13.18
C GLY A 1 11.35 9.45 14.16
N ALA A 2 11.79 8.79 15.23
CA ALA A 2 10.87 8.23 16.23
C ALA A 2 10.01 9.33 16.86
N MET A 3 10.62 10.48 17.13
CA MET A 3 9.89 11.59 17.73
C MET A 3 8.90 12.18 16.73
N ALA A 4 7.94 12.95 17.23
CA ALA A 4 6.93 13.54 16.36
C ALA A 4 6.14 12.48 15.60
N GLN A 5 5.78 11.39 16.28
CA GLN A 5 5.01 10.32 15.65
C GLN A 5 5.67 9.84 14.35
N GLU A 6 6.89 9.32 14.41
CA GLU A 6 7.57 8.84 13.21
C GLU A 6 7.74 9.97 12.19
N GLU A 7 8.12 11.16 12.67
CA GLU A 7 8.30 12.34 11.82
C GLU A 7 6.96 13.03 11.58
N ALA A 8 5.88 12.46 12.11
CA ALA A 8 4.55 13.02 11.95
C ALA A 8 4.01 12.72 10.58
N GLY A 9 4.09 11.44 10.17
CA GLY A 9 3.60 11.02 8.87
C GLY A 9 3.79 12.06 7.78
N ARG A 10 4.81 11.87 6.93
CA ARG A 10 5.06 12.83 5.86
C ARG A 10 3.78 13.12 5.09
N LEU A 11 3.15 12.08 4.55
CA LEU A 11 1.93 12.22 3.77
C LEU A 11 0.89 13.22 4.30
N PRO A 12 0.39 13.15 5.57
CA PRO A 12 -0.62 14.12 6.03
C PRO A 12 -0.06 15.53 5.97
N GLN A 13 1.25 15.66 6.14
CA GLN A 13 1.90 16.96 6.05
C GLN A 13 1.71 17.53 4.64
N VAL A 14 1.82 16.64 3.64
CA VAL A 14 1.67 17.06 2.25
C VAL A 14 0.29 17.67 2.01
N LEU A 15 -0.79 16.98 2.42
CA LEU A 15 -2.13 17.52 2.20
C LEU A 15 -2.26 18.86 2.89
N ALA A 16 -1.75 18.92 4.13
CA ALA A 16 -1.80 20.16 4.89
C ALA A 16 -1.19 21.28 4.06
N ARG A 17 -0.07 20.98 3.39
CA ARG A 17 0.60 21.96 2.53
C ARG A 17 -0.22 22.25 1.27
N VAL A 18 -0.78 21.21 0.65
CA VAL A 18 -1.55 21.38 -0.58
C VAL A 18 -2.88 22.09 -0.30
N GLY A 19 -3.44 21.89 0.91
CA GLY A 19 -4.70 22.52 1.24
C GLY A 19 -4.71 24.00 0.93
N THR A 20 -3.60 24.68 1.26
CA THR A 20 -3.50 26.11 0.96
C THR A 20 -3.57 26.33 -0.56
N SER A 21 -2.86 25.48 -1.30
CA SER A 21 -2.85 25.57 -2.75
C SER A 21 -2.27 26.92 -3.21
N HIS A 22 -2.56 27.34 -4.44
CA HIS A 22 -2.03 28.59 -4.97
C HIS A 22 -0.52 28.54 -5.01
N GLY A 23 0.02 27.38 -5.40
CA GLY A 23 1.46 27.20 -5.48
C GLY A 23 1.81 25.84 -6.05
N ILE A 24 1.24 25.54 -7.23
CA ILE A 24 1.47 24.24 -7.88
C ILE A 24 2.92 24.11 -8.36
N THR A 25 3.58 25.24 -8.64
CA THR A 25 4.96 25.19 -9.10
C THR A 25 5.84 24.52 -8.04
N ASP A 26 5.70 24.95 -6.79
CA ASP A 26 6.46 24.33 -5.69
C ASP A 26 5.78 23.04 -5.26
N LEU A 27 4.46 22.98 -5.44
CA LEU A 27 3.71 21.77 -5.08
C LEU A 27 4.27 20.61 -5.90
N ALA A 28 4.62 20.91 -7.15
CA ALA A 28 5.24 19.93 -8.03
C ALA A 28 6.73 19.78 -7.67
N CYS A 29 7.29 20.86 -7.11
CA CYS A 29 8.70 20.86 -6.69
C CYS A 29 8.94 19.77 -5.66
N LYS A 30 8.11 19.72 -4.61
CA LYS A 30 8.28 18.69 -3.59
C LYS A 30 8.13 17.31 -4.22
N LEU A 31 7.06 17.11 -5.00
CA LEU A 31 6.83 15.83 -5.67
C LEU A 31 7.97 15.54 -6.65
N ARG A 32 8.40 16.58 -7.35
CA ARG A 32 9.51 16.47 -8.30
C ARG A 32 10.77 16.01 -7.59
N PHE A 33 10.97 16.55 -6.38
CA PHE A 33 12.12 16.16 -5.57
C PHE A 33 12.04 14.66 -5.27
N TYR A 34 10.87 14.23 -4.80
CA TYR A 34 10.63 12.83 -4.49
C TYR A 34 10.80 11.93 -5.72
N ASP A 35 10.33 12.41 -6.87
CA ASP A 35 10.42 11.64 -8.13
C ASP A 35 11.86 11.55 -8.65
N ASP A 36 12.77 12.34 -8.08
CA ASP A 36 14.16 12.27 -8.50
C ASP A 36 14.69 10.86 -8.24
N TRP A 37 14.44 10.36 -7.03
CA TRP A 37 14.89 9.03 -6.64
C TRP A 37 13.77 7.99 -6.82
N ALA A 38 12.52 8.44 -6.99
CA ALA A 38 11.38 7.52 -7.13
C ALA A 38 11.66 6.35 -8.06
N PRO A 39 12.11 6.58 -9.32
CA PRO A 39 12.40 5.49 -10.25
C PRO A 39 13.29 4.43 -9.61
N GLU A 40 14.27 4.90 -8.84
CA GLU A 40 15.21 4.01 -8.15
C GLU A 40 14.50 3.20 -7.06
N TYR A 41 13.40 3.73 -6.54
CA TYR A 41 12.62 3.01 -5.55
C TYR A 41 11.86 1.86 -6.22
N ASP A 42 11.39 2.08 -7.44
CA ASP A 42 10.65 1.06 -8.16
C ASP A 42 11.51 -0.20 -8.28
N GLN A 43 12.71 -0.05 -8.86
CA GLN A 43 13.61 -1.19 -9.01
C GLN A 43 13.98 -1.75 -7.63
N ASP A 44 13.92 -0.91 -6.60
CA ASP A 44 14.24 -1.34 -5.24
C ASP A 44 13.32 -2.46 -4.80
N VAL A 45 12.03 -2.39 -5.15
CA VAL A 45 11.11 -3.45 -4.78
C VAL A 45 11.51 -4.74 -5.48
N ALA A 46 11.87 -4.64 -6.77
CA ALA A 46 12.31 -5.81 -7.54
C ALA A 46 13.67 -6.26 -7.03
N ALA A 47 14.45 -5.31 -6.51
CA ALA A 47 15.76 -5.61 -5.95
C ALA A 47 15.62 -6.61 -4.81
N LEU A 48 14.51 -6.52 -4.08
CA LEU A 48 14.23 -7.43 -2.97
C LEU A 48 13.33 -8.59 -3.43
N LYS A 49 13.09 -8.69 -4.75
CA LYS A 49 12.24 -9.73 -5.31
C LYS A 49 10.78 -9.53 -4.92
N TYR A 50 10.28 -8.30 -5.11
CA TYR A 50 8.91 -7.99 -4.76
C TYR A 50 7.91 -8.95 -5.40
N ARG A 51 7.62 -10.03 -4.68
CA ARG A 51 6.66 -11.03 -5.15
C ARG A 51 5.23 -10.45 -5.12
N ALA A 52 4.99 -9.59 -4.12
CA ALA A 52 3.68 -8.96 -3.92
C ALA A 52 2.95 -8.61 -5.21
N PRO A 53 3.53 -7.77 -6.08
CA PRO A 53 2.89 -7.37 -7.35
C PRO A 53 2.39 -8.56 -8.17
N ARG A 54 3.18 -9.63 -8.18
CA ARG A 54 2.81 -10.84 -8.91
C ARG A 54 1.64 -11.55 -8.22
N LEU A 55 1.83 -11.86 -6.94
CA LEU A 55 0.80 -12.52 -6.13
C LEU A 55 -0.37 -11.59 -5.82
N ALA A 56 -0.08 -10.29 -5.73
CA ALA A 56 -1.11 -9.31 -5.42
C ALA A 56 -2.25 -9.35 -6.43
N VAL A 57 -1.94 -9.11 -7.70
CA VAL A 57 -2.96 -9.12 -8.73
C VAL A 57 -3.61 -10.49 -8.87
N ASP A 58 -2.82 -11.56 -8.94
CA ASP A 58 -3.37 -12.91 -9.11
C ASP A 58 -4.11 -13.40 -7.86
N CYS A 59 -3.58 -13.13 -6.67
CA CYS A 59 -4.23 -13.59 -5.45
C CYS A 59 -5.54 -12.86 -5.19
N LEU A 60 -5.56 -11.55 -5.44
CA LEU A 60 -6.76 -10.77 -5.21
C LEU A 60 -7.92 -11.30 -6.05
N SER A 61 -7.68 -11.49 -7.35
CA SER A 61 -8.71 -12.04 -8.24
C SER A 61 -9.12 -13.43 -7.76
N ARG A 62 -8.14 -14.21 -7.30
CA ARG A 62 -8.39 -15.56 -6.82
C ARG A 62 -9.37 -15.53 -5.65
N ALA A 63 -9.10 -14.66 -4.68
CA ALA A 63 -10.00 -14.50 -3.53
C ALA A 63 -11.22 -13.65 -3.93
N PHE A 64 -11.04 -12.85 -4.99
CA PHE A 64 -12.09 -11.99 -5.52
C PHE A 64 -13.03 -12.81 -6.40
N ARG A 65 -14.09 -13.35 -5.78
CA ARG A 65 -15.05 -14.20 -6.47
C ARG A 65 -15.89 -13.41 -7.48
N GLY A 66 -16.28 -12.19 -7.08
CA GLY A 66 -17.10 -11.37 -7.96
C GLY A 66 -16.37 -10.99 -9.22
N SER A 67 -17.06 -10.30 -10.13
CA SER A 67 -16.45 -9.90 -11.38
C SER A 67 -15.90 -8.48 -11.29
N PRO A 68 -14.56 -8.34 -11.36
CA PRO A 68 -13.89 -7.04 -11.34
C PRO A 68 -14.40 -6.10 -12.44
N HIS A 69 -15.17 -6.67 -13.39
CA HIS A 69 -15.77 -5.89 -14.46
C HIS A 69 -16.92 -5.06 -13.90
N ASP A 70 -17.74 -5.68 -13.05
CA ASP A 70 -18.88 -5.01 -12.42
C ASP A 70 -18.53 -4.47 -11.04
N ALA A 71 -17.43 -4.96 -10.45
CA ALA A 71 -17.00 -4.48 -9.14
C ALA A 71 -16.22 -3.20 -9.31
N LEU A 72 -16.02 -2.44 -8.23
CA LEU A 72 -15.27 -1.20 -8.33
C LEU A 72 -14.01 -1.25 -7.47
N ILE A 73 -12.86 -1.28 -8.14
CA ILE A 73 -11.57 -1.38 -7.46
C ILE A 73 -10.98 -0.01 -7.12
N LEU A 74 -10.18 0.03 -6.04
CA LEU A 74 -9.54 1.26 -5.60
C LEU A 74 -8.04 1.09 -5.48
N ASP A 75 -7.30 2.13 -5.84
CA ASP A 75 -5.85 2.10 -5.73
C ASP A 75 -5.36 3.39 -5.08
N VAL A 76 -4.25 3.30 -4.38
CA VAL A 76 -3.70 4.47 -3.70
C VAL A 76 -2.50 5.04 -4.47
N ALA A 77 -1.90 6.10 -3.93
CA ALA A 77 -0.77 6.76 -4.55
C ALA A 77 0.26 5.78 -5.09
N CYS A 78 0.57 4.77 -4.31
CA CYS A 78 1.53 3.74 -4.72
C CYS A 78 0.93 2.79 -5.78
N GLY A 79 -0.13 3.24 -6.47
CA GLY A 79 -0.75 2.41 -7.49
C GLY A 79 0.17 2.25 -8.69
N THR A 80 1.16 1.37 -8.55
CA THR A 80 2.12 1.14 -9.64
C THR A 80 1.38 0.82 -10.94
N GLY A 81 1.70 1.58 -11.98
CA GLY A 81 1.05 1.40 -13.27
C GLY A 81 1.03 -0.03 -13.75
N LEU A 82 2.15 -0.74 -13.66
CA LEU A 82 2.21 -2.12 -14.13
C LEU A 82 1.21 -3.00 -13.41
N VAL A 83 1.03 -2.79 -12.10
CA VAL A 83 0.06 -3.59 -11.37
C VAL A 83 -1.32 -3.38 -11.99
N ALA A 84 -1.57 -2.14 -12.43
CA ALA A 84 -2.82 -1.83 -13.09
C ALA A 84 -2.86 -2.50 -14.47
N VAL A 85 -1.72 -2.48 -15.17
CA VAL A 85 -1.63 -3.09 -16.49
C VAL A 85 -1.90 -4.58 -16.36
N GLU A 86 -1.35 -5.17 -15.29
CA GLU A 86 -1.58 -6.57 -15.01
C GLU A 86 -3.04 -6.73 -14.57
N LEU A 87 -3.50 -5.75 -13.78
CA LEU A 87 -4.87 -5.73 -13.28
C LEU A 87 -5.86 -5.69 -14.46
N GLN A 88 -5.57 -4.86 -15.46
CA GLN A 88 -6.46 -4.75 -16.62
C GLN A 88 -6.58 -6.10 -17.33
N ALA A 89 -5.43 -6.74 -17.60
CA ALA A 89 -5.41 -8.05 -18.24
C ALA A 89 -5.95 -9.10 -17.29
N ARG A 90 -5.76 -8.87 -15.99
CA ARG A 90 -6.21 -9.79 -14.95
C ARG A 90 -7.73 -9.98 -15.05
N GLY A 91 -8.43 -8.91 -15.43
CA GLY A 91 -9.87 -8.99 -15.56
C GLY A 91 -10.61 -7.87 -14.83
N PHE A 92 -9.89 -6.80 -14.48
CA PHE A 92 -10.49 -5.69 -13.77
C PHE A 92 -10.77 -4.54 -14.73
N LEU A 93 -12.05 -4.27 -14.96
CA LEU A 93 -12.47 -3.23 -15.90
C LEU A 93 -12.96 -1.96 -15.20
N GLN A 94 -12.84 -1.90 -13.87
CA GLN A 94 -13.27 -0.71 -13.15
C GLN A 94 -12.27 -0.41 -12.05
N VAL A 95 -11.61 0.75 -12.10
CA VAL A 95 -10.65 1.08 -11.06
C VAL A 95 -10.66 2.58 -10.73
N GLN A 96 -10.56 2.86 -9.45
CA GLN A 96 -10.50 4.24 -8.96
C GLN A 96 -9.42 4.37 -7.92
N GLY A 97 -8.92 5.58 -7.70
CA GLY A 97 -7.87 5.73 -6.71
C GLY A 97 -7.37 7.15 -6.56
N VAL A 98 -6.28 7.28 -5.81
CA VAL A 98 -5.66 8.56 -5.57
C VAL A 98 -4.15 8.45 -5.50
N ASP A 99 -3.44 9.45 -6.00
CA ASP A 99 -1.98 9.44 -5.96
C ASP A 99 -1.44 10.84 -5.67
N GLY A 100 -0.22 10.93 -5.15
CA GLY A 100 0.35 12.22 -4.84
C GLY A 100 1.22 12.79 -5.94
N SER A 101 2.05 11.93 -6.53
CA SER A 101 2.95 12.33 -7.60
C SER A 101 2.31 12.22 -8.97
N PRO A 102 2.38 13.28 -9.80
CA PRO A 102 1.80 13.26 -11.15
C PRO A 102 2.42 12.16 -12.01
N GLU A 103 3.72 11.92 -11.86
CA GLU A 103 4.39 10.87 -12.61
C GLU A 103 3.75 9.51 -12.31
N MET A 104 3.41 9.33 -11.03
CA MET A 104 2.72 8.13 -10.59
C MET A 104 1.28 8.17 -11.11
N LEU A 105 0.70 9.38 -11.14
CA LEU A 105 -0.65 9.58 -11.68
C LEU A 105 -0.63 9.39 -13.19
N LYS A 106 0.42 9.89 -13.84
CA LYS A 106 0.56 9.80 -15.28
C LYS A 106 0.63 8.36 -15.75
N GLN A 107 1.42 7.53 -15.07
CA GLN A 107 1.52 6.14 -15.47
C GLN A 107 0.14 5.49 -15.41
N ALA A 108 -0.49 5.58 -14.24
CA ALA A 108 -1.82 5.01 -14.03
C ALA A 108 -2.88 5.69 -14.91
N ARG A 109 -2.90 7.03 -14.88
CA ARG A 109 -3.87 7.81 -15.67
C ARG A 109 -3.62 7.69 -17.18
N ALA A 110 -2.41 8.03 -17.62
CA ALA A 110 -2.07 7.96 -19.05
C ALA A 110 -2.23 6.52 -19.54
N ARG A 111 -2.02 5.58 -18.62
CA ARG A 111 -2.18 4.17 -18.94
C ARG A 111 -3.62 3.93 -19.39
N GLY A 112 -4.56 4.60 -18.70
CA GLY A 112 -5.96 4.47 -19.05
C GLY A 112 -6.63 3.29 -18.36
N LEU A 113 -5.96 2.75 -17.34
CA LEU A 113 -6.50 1.62 -16.60
C LEU A 113 -7.43 2.11 -15.49
N TYR A 114 -7.02 3.20 -14.84
CA TYR A 114 -7.79 3.75 -13.74
C TYR A 114 -8.93 4.64 -14.24
N HIS A 115 -10.16 4.29 -13.87
CA HIS A 115 -11.33 5.06 -14.29
C HIS A 115 -11.23 6.50 -13.79
N HIS A 116 -10.92 6.66 -12.52
CA HIS A 116 -10.80 7.99 -11.93
C HIS A 116 -9.66 8.04 -10.90
N LEU A 117 -8.70 8.92 -11.16
CA LEU A 117 -7.57 9.09 -10.25
C LEU A 117 -7.53 10.54 -9.76
N SER A 118 -7.20 10.73 -8.50
CA SER A 118 -7.15 12.07 -7.94
C SER A 118 -5.94 12.28 -7.03
N LEU A 119 -5.59 13.55 -6.85
CA LEU A 119 -4.48 13.91 -5.98
C LEU A 119 -5.01 14.11 -4.57
N CYS A 120 -4.51 13.32 -3.62
CA CYS A 120 -4.99 13.45 -2.25
C CYS A 120 -4.02 12.83 -1.26
N THR A 121 -2.86 13.45 -1.10
CA THR A 121 -1.87 12.94 -0.17
C THR A 121 -2.43 12.89 1.25
N LEU A 122 -2.51 11.68 1.83
CA LEU A 122 -3.04 11.56 3.17
C LEU A 122 -2.64 10.26 3.83
N GLY A 123 -3.02 10.10 5.11
CA GLY A 123 -2.68 8.89 5.85
C GLY A 123 -2.95 9.00 7.33
N GLN A 124 -2.71 10.14 7.96
CA GLN A 124 -3.06 10.31 9.36
C GLN A 124 -4.36 11.09 9.41
N GLU A 125 -5.03 11.12 8.24
CA GLU A 125 -6.30 11.76 8.03
C GLU A 125 -7.11 10.84 7.11
N PRO A 126 -8.42 11.03 7.00
CA PRO A 126 -9.28 10.17 6.17
C PRO A 126 -8.90 10.14 4.69
N LEU A 127 -9.17 8.99 4.04
CA LEU A 127 -8.89 8.81 2.62
C LEU A 127 -9.87 9.61 1.76
N PRO A 128 -9.47 9.98 0.54
CA PRO A 128 -10.30 10.76 -0.39
C PRO A 128 -11.61 10.09 -0.79
N ASP A 129 -11.68 8.76 -0.82
CA ASP A 129 -12.92 8.09 -1.22
C ASP A 129 -13.82 7.79 -0.02
N PRO A 130 -15.14 7.82 -0.23
CA PRO A 130 -16.11 7.54 0.83
C PRO A 130 -16.13 6.06 1.22
N GLU A 131 -16.87 5.71 2.27
CA GLU A 131 -16.97 4.32 2.71
C GLU A 131 -17.97 3.55 1.85
N GLY A 132 -17.88 2.22 1.85
CA GLY A 132 -18.81 1.42 1.05
C GLY A 132 -18.82 1.86 -0.40
N THR A 133 -17.72 2.48 -0.84
CA THR A 133 -17.60 2.98 -2.20
C THR A 133 -17.23 1.88 -3.19
N PHE A 134 -16.00 1.37 -3.08
CA PHE A 134 -15.50 0.36 -4.00
C PHE A 134 -15.46 -1.04 -3.38
N ASP A 135 -15.65 -2.04 -4.24
CA ASP A 135 -15.67 -3.45 -3.85
C ASP A 135 -14.29 -3.96 -3.42
N ALA A 136 -13.23 -3.27 -3.83
CA ALA A 136 -11.88 -3.69 -3.46
C ALA A 136 -10.85 -2.60 -3.68
N VAL A 137 -9.71 -2.72 -3.02
CA VAL A 137 -8.62 -1.76 -3.17
C VAL A 137 -7.28 -2.50 -3.24
N ILE A 138 -6.42 -2.09 -4.18
CA ILE A 138 -5.11 -2.74 -4.32
C ILE A 138 -3.99 -1.71 -4.47
N ILE A 139 -3.12 -1.64 -3.47
CA ILE A 139 -2.02 -0.69 -3.47
C ILE A 139 -0.69 -1.39 -3.23
N VAL A 140 0.40 -0.89 -3.83
CA VAL A 140 1.71 -1.52 -3.67
C VAL A 140 2.79 -0.57 -3.13
N GLY A 141 3.46 -0.97 -2.04
CA GLY A 141 4.54 -0.18 -1.48
C GLY A 141 4.12 1.01 -0.61
N ALA A 142 2.85 1.10 -0.25
CA ALA A 142 2.37 2.21 0.57
C ALA A 142 1.99 1.78 2.00
N LEU A 143 2.98 1.51 2.85
CA LEU A 143 2.69 1.12 4.24
C LEU A 143 3.24 2.12 5.24
N SER A 144 2.95 1.87 6.52
CA SER A 144 3.42 2.72 7.60
C SER A 144 4.93 2.93 7.46
N GLU A 145 5.32 4.16 7.10
CA GLU A 145 6.73 4.52 6.94
C GLU A 145 6.86 5.76 6.05
N GLY A 146 6.08 6.81 6.38
CA GLY A 146 6.10 8.02 5.58
C GLY A 146 5.14 8.00 4.40
N GLN A 147 4.78 6.80 3.93
CA GLN A 147 3.87 6.66 2.80
C GLN A 147 2.42 6.55 3.27
N VAL A 148 2.00 5.37 3.74
CA VAL A 148 0.63 5.17 4.21
C VAL A 148 0.64 4.57 5.61
N PRO A 149 0.31 5.38 6.64
CA PRO A 149 0.31 4.91 8.04
C PRO A 149 -0.70 3.81 8.31
N CYS A 150 -0.23 2.72 8.91
CA CYS A 150 -1.05 1.54 9.17
C CYS A 150 -2.44 1.86 9.68
N SER A 151 -2.64 2.99 10.37
CA SER A 151 -3.98 3.33 10.84
C SER A 151 -4.85 3.80 9.68
N ALA A 152 -4.22 4.41 8.67
CA ALA A 152 -4.94 4.89 7.50
C ALA A 152 -5.43 3.74 6.64
N ILE A 153 -4.61 2.71 6.50
CA ILE A 153 -4.96 1.56 5.66
C ILE A 153 -6.40 1.10 5.92
N PRO A 154 -6.79 0.86 7.20
CA PRO A 154 -8.16 0.46 7.54
C PRO A 154 -9.19 1.49 7.09
N GLU A 155 -8.76 2.74 6.89
CA GLU A 155 -9.64 3.77 6.36
C GLU A 155 -9.92 3.41 4.90
N LEU A 156 -8.86 2.95 4.22
CA LEU A 156 -8.97 2.49 2.84
C LEU A 156 -9.95 1.32 2.80
N LEU A 157 -9.88 0.50 3.84
CA LEU A 157 -10.80 -0.63 3.99
C LEU A 157 -12.21 -0.08 4.19
N ARG A 158 -12.33 1.00 4.96
CA ARG A 158 -13.61 1.65 5.21
C ARG A 158 -14.25 2.13 3.91
N VAL A 159 -13.44 2.64 2.97
CA VAL A 159 -13.95 3.04 1.65
C VAL A 159 -14.31 1.78 0.84
N THR A 160 -13.76 0.66 1.30
CA THR A 160 -14.02 -0.65 0.72
C THR A 160 -15.30 -1.20 1.35
N LYS A 161 -16.12 -1.91 0.58
CA LYS A 161 -17.37 -2.47 1.10
C LYS A 161 -17.13 -3.81 1.80
N PRO A 162 -17.87 -4.10 2.89
CA PRO A 162 -17.74 -5.36 3.62
C PRO A 162 -17.74 -6.57 2.68
N GLY A 163 -16.80 -7.49 2.89
CA GLY A 163 -16.69 -8.65 2.02
C GLY A 163 -15.75 -8.38 0.85
N GLY A 164 -15.37 -7.11 0.68
CA GLY A 164 -14.48 -6.73 -0.40
C GLY A 164 -13.10 -7.31 -0.22
N LEU A 165 -12.19 -6.99 -1.14
CA LEU A 165 -10.83 -7.50 -1.07
C LEU A 165 -9.81 -6.35 -1.08
N VAL A 166 -8.87 -6.38 -0.13
CA VAL A 166 -7.85 -5.36 -0.05
C VAL A 166 -6.47 -6.01 -0.21
N CYS A 167 -5.72 -5.60 -1.23
CA CYS A 167 -4.40 -6.18 -1.49
C CYS A 167 -3.30 -5.12 -1.39
N LEU A 168 -2.27 -5.37 -0.58
CA LEU A 168 -1.20 -4.40 -0.42
C LEU A 168 0.15 -5.05 -0.10
N THR A 169 1.24 -4.28 -0.30
CA THR A 169 2.59 -4.74 -0.04
C THR A 169 3.52 -3.57 0.34
N THR A 170 4.62 -3.87 1.04
CA THR A 170 5.62 -2.85 1.45
C THR A 170 6.66 -3.53 2.36
N ARG A 171 7.54 -2.77 3.03
CA ARG A 171 8.50 -3.40 3.92
C ARG A 171 7.82 -3.72 5.25
N THR A 172 7.74 -4.99 5.58
CA THR A 172 7.06 -5.42 6.79
C THR A 172 7.66 -4.82 8.05
N ASN A 173 8.98 -4.89 8.20
CA ASN A 173 9.60 -4.35 9.38
C ASN A 173 10.88 -3.59 9.12
N PRO A 174 10.77 -2.37 8.56
CA PRO A 174 11.94 -1.52 8.35
C PRO A 174 12.59 -1.24 9.70
N SER A 175 11.76 -1.23 10.74
CA SER A 175 12.19 -1.03 12.12
C SER A 175 11.23 -1.77 13.05
N ASN A 176 11.58 -1.91 14.34
CA ASN A 176 10.69 -2.62 15.27
C ASN A 176 10.45 -4.04 14.77
N LEU A 177 11.54 -4.76 14.51
CA LEU A 177 11.46 -6.13 14.00
C LEU A 177 10.53 -7.01 14.82
N PRO A 178 10.69 -7.06 16.15
CA PRO A 178 9.82 -7.85 17.01
C PRO A 178 8.37 -7.37 16.89
N TYR A 179 8.22 -6.09 16.61
CA TYR A 179 6.91 -5.47 16.44
C TYR A 179 6.08 -6.19 15.36
N LYS A 180 6.72 -6.99 14.48
CA LYS A 180 5.96 -7.67 13.44
C LYS A 180 4.91 -8.57 14.10
N GLU A 181 5.35 -9.42 15.03
CA GLU A 181 4.43 -10.29 15.73
C GLU A 181 3.40 -9.43 16.48
N THR A 182 3.89 -8.33 17.06
CA THR A 182 3.01 -7.39 17.75
C THR A 182 2.00 -6.82 16.75
N LEU A 183 2.50 -6.46 15.57
CA LEU A 183 1.67 -5.94 14.49
C LEU A 183 0.60 -6.96 14.09
N GLU A 184 1.01 -8.22 13.99
CA GLU A 184 0.09 -9.28 13.60
C GLU A 184 -1.07 -9.36 14.58
N ALA A 185 -0.77 -9.21 15.87
CA ALA A 185 -1.81 -9.22 16.90
C ALA A 185 -2.80 -8.07 16.67
N THR A 186 -2.27 -6.91 16.24
CA THR A 186 -3.10 -5.74 16.00
C THR A 186 -4.15 -6.02 14.93
N LEU A 187 -3.76 -6.72 13.87
CA LEU A 187 -4.72 -7.05 12.80
C LEU A 187 -5.85 -7.89 13.39
N ASP A 188 -5.50 -8.81 14.28
CA ASP A 188 -6.48 -9.70 14.88
C ASP A 188 -7.51 -8.86 15.65
N SER A 189 -7.06 -7.82 16.36
CA SER A 189 -7.99 -6.96 17.07
C SER A 189 -8.98 -6.34 16.08
N LEU A 190 -8.45 -5.94 14.91
CA LEU A 190 -9.27 -5.35 13.86
C LEU A 190 -10.33 -6.37 13.41
N GLU A 191 -9.90 -7.62 13.25
CA GLU A 191 -10.81 -8.69 12.87
C GLU A 191 -11.86 -8.85 13.97
N ARG A 192 -11.37 -8.82 15.20
CA ARG A 192 -12.22 -8.93 16.38
C ARG A 192 -13.24 -7.80 16.42
N ALA A 193 -12.81 -6.60 16.06
CA ALA A 193 -13.70 -5.44 16.05
C ALA A 193 -14.71 -5.55 14.91
N GLY A 194 -14.37 -6.30 13.87
CA GLY A 194 -15.27 -6.48 12.75
C GLY A 194 -14.89 -5.65 11.54
N VAL A 195 -13.89 -4.77 11.66
CA VAL A 195 -13.49 -3.94 10.52
C VAL A 195 -13.03 -4.78 9.33
N TRP A 196 -12.22 -5.81 9.58
CA TRP A 196 -11.72 -6.65 8.47
C TRP A 196 -11.28 -8.03 8.96
N GLU A 197 -11.22 -9.02 8.05
CA GLU A 197 -10.80 -10.37 8.41
C GLU A 197 -9.75 -10.90 7.42
N CYS A 198 -8.55 -11.22 7.94
CA CYS A 198 -7.46 -11.69 7.09
C CYS A 198 -7.80 -12.96 6.32
N LEU A 199 -7.58 -12.93 5.01
CA LEU A 199 -7.84 -14.07 4.14
C LEU A 199 -6.60 -14.96 3.99
N VAL A 200 -5.57 -14.39 3.35
CA VAL A 200 -4.32 -15.12 3.11
C VAL A 200 -3.14 -14.15 3.06
N THR A 201 -1.93 -14.68 3.26
CA THR A 201 -0.72 -13.86 3.20
C THR A 201 0.31 -14.58 2.34
N GLN A 202 0.71 -13.96 1.24
CA GLN A 202 1.66 -14.60 0.33
C GLN A 202 3.13 -14.33 0.70
N PRO A 203 3.97 -15.38 0.61
CA PRO A 203 5.40 -15.31 0.92
C PRO A 203 6.15 -14.31 0.04
N VAL A 204 7.21 -13.74 0.61
CA VAL A 204 8.03 -12.75 -0.07
C VAL A 204 9.52 -13.01 0.15
N ASP A 205 10.37 -12.00 -0.02
CA ASP A 205 11.81 -12.15 0.22
C ASP A 205 12.15 -11.56 1.60
N HIS A 206 11.12 -11.26 2.38
CA HIS A 206 11.27 -10.66 3.70
C HIS A 206 12.09 -11.50 4.66
N TRP A 207 11.93 -12.82 4.63
CA TRP A 207 12.66 -13.67 5.55
C TRP A 207 14.17 -13.52 5.35
N GLU A 208 14.62 -13.62 4.10
CA GLU A 208 16.05 -13.55 3.80
C GLU A 208 16.70 -12.24 4.27
N LEU A 209 15.96 -11.13 4.28
CA LEU A 209 16.57 -9.87 4.72
C LEU A 209 17.04 -10.03 6.16
N ALA A 210 16.24 -10.72 6.98
CA ALA A 210 16.62 -10.96 8.36
C ALA A 210 17.78 -11.95 8.43
N THR A 211 17.74 -12.97 7.58
CA THR A 211 18.78 -13.98 7.55
C THR A 211 19.08 -14.52 8.95
N SER A 212 18.02 -14.71 9.75
CA SER A 212 18.21 -15.21 11.10
C SER A 212 18.64 -16.67 11.06
N GLU A 213 19.40 -17.10 12.06
CA GLU A 213 19.89 -18.46 12.11
C GLU A 213 19.83 -19.01 13.54
N GLN A 214 19.89 -20.33 13.67
CA GLN A 214 19.86 -20.96 14.99
C GLN A 214 21.04 -20.48 15.83
N GLU A 215 22.16 -20.19 15.16
CA GLU A 215 23.35 -19.70 15.84
C GLU A 215 23.34 -18.17 15.89
N THR A 216 23.81 -17.62 17.01
CA THR A 216 23.83 -16.16 17.16
C THR A 216 24.68 -15.53 16.07
N GLY A 217 25.84 -16.14 15.78
CA GLY A 217 26.72 -15.63 14.74
C GLY A 217 26.88 -14.11 14.76
N LEU A 218 26.86 -13.52 15.95
CA LEU A 218 27.03 -12.08 16.08
C LEU A 218 26.07 -11.34 15.11
N GLY A 219 24.85 -11.84 15.01
CA GLY A 219 23.86 -11.26 14.11
C GLY A 219 23.53 -9.80 14.41
N THR A 220 23.43 -9.45 15.70
CA THR A 220 23.08 -8.07 16.06
C THR A 220 24.10 -7.07 15.53
N CYS A 221 25.38 -7.41 15.58
CA CYS A 221 26.43 -6.52 15.08
C CYS A 221 26.37 -6.42 13.56
N ALA A 222 26.10 -7.57 12.91
CA ALA A 222 26.02 -7.61 11.45
C ALA A 222 24.67 -7.11 10.93
N ASN A 223 23.85 -6.52 11.80
CA ASN A 223 22.55 -5.99 11.41
C ASN A 223 21.64 -7.08 10.85
N ASP A 224 21.69 -8.27 11.46
CA ASP A 224 20.86 -9.38 11.00
C ASP A 224 19.54 -9.41 11.76
N GLY A 225 18.48 -9.83 11.08
CA GLY A 225 17.18 -9.87 11.72
C GLY A 225 16.27 -8.72 11.28
N PHE A 226 16.33 -8.38 10.00
CA PHE A 226 15.49 -7.34 9.43
C PHE A 226 14.62 -7.95 8.32
N ILE A 227 13.31 -7.93 8.50
CA ILE A 227 12.39 -8.53 7.55
C ILE A 227 11.56 -7.45 6.83
N SER A 228 11.52 -7.53 5.50
CA SER A 228 10.79 -6.53 4.72
C SER A 228 10.11 -7.11 3.48
N GLY A 229 9.29 -6.29 2.82
CA GLY A 229 8.59 -6.71 1.63
C GLY A 229 7.72 -7.92 1.90
N ILE A 230 6.39 -7.74 1.83
CA ILE A 230 5.45 -8.85 2.01
C ILE A 230 4.11 -8.47 1.43
N ILE A 231 3.35 -9.42 0.93
CA ILE A 231 2.07 -9.11 0.37
C ILE A 231 1.00 -9.82 1.20
N TYR A 232 -0.21 -9.29 1.19
CA TYR A 232 -1.30 -9.94 1.92
C TYR A 232 -2.65 -9.37 1.50
N LEU A 233 -3.68 -10.19 1.60
CA LEU A 233 -5.01 -9.77 1.20
C LEU A 233 -6.01 -9.97 2.34
N TYR A 234 -6.79 -8.94 2.62
CA TYR A 234 -7.79 -8.97 3.67
C TYR A 234 -9.16 -8.57 3.14
N ARG A 235 -10.22 -8.98 3.84
CA ARG A 235 -11.57 -8.61 3.45
C ARG A 235 -12.07 -7.46 4.30
N LYS A 236 -13.09 -6.76 3.84
CA LYS A 236 -13.63 -5.64 4.59
C LYS A 236 -14.79 -6.08 5.47
N GLN A 237 -14.79 -5.58 6.70
CA GLN A 237 -15.82 -5.88 7.68
C GLN A 237 -16.18 -7.37 7.69
N GLU A 238 -15.61 -8.08 8.65
CA GLU A 238 -15.89 -9.51 8.80
C GLU A 238 -15.69 -9.96 10.23
N THR A 239 -16.16 -11.16 10.55
CA THR A 239 -16.04 -11.70 11.90
C THR A 239 -14.76 -12.51 12.07
N VAL A 240 -13.92 -12.09 13.03
CA VAL A 240 -12.67 -12.78 13.29
C VAL A 240 -11.87 -12.99 12.01
N GLY A 1 9.22 3.24 18.97
CA GLY A 1 8.47 2.73 17.79
C GLY A 1 7.36 3.68 17.37
N ALA A 2 6.33 3.81 18.21
CA ALA A 2 5.22 4.70 17.91
C ALA A 2 5.71 6.14 17.77
N MET A 3 6.66 6.52 18.63
CA MET A 3 7.24 7.87 18.60
C MET A 3 7.89 8.14 17.24
N ALA A 4 8.57 7.13 16.69
CA ALA A 4 9.25 7.30 15.40
C ALA A 4 8.25 7.65 14.30
N GLN A 5 7.16 6.89 14.20
CA GLN A 5 6.17 7.13 13.16
C GLN A 5 5.58 8.54 13.30
N GLU A 6 5.34 8.96 14.53
CA GLU A 6 4.77 10.28 14.82
C GLU A 6 5.73 11.40 14.40
N GLU A 7 7.02 11.22 14.64
CA GLU A 7 8.01 12.24 14.30
C GLU A 7 8.19 12.39 12.78
N ALA A 8 8.20 11.26 12.07
CA ALA A 8 8.39 11.29 10.62
C ALA A 8 7.15 11.82 9.88
N GLY A 9 6.02 11.12 10.05
CA GLY A 9 4.76 11.50 9.43
C GLY A 9 4.90 12.43 8.21
N ARG A 10 5.86 12.16 7.33
CA ARG A 10 6.10 13.04 6.19
C ARG A 10 4.83 13.33 5.38
N LEU A 11 4.17 12.32 4.82
CA LEU A 11 2.95 12.58 4.03
C LEU A 11 1.96 13.46 4.79
N PRO A 12 1.64 13.12 6.04
CA PRO A 12 0.72 13.93 6.84
C PRO A 12 1.06 15.41 6.74
N GLN A 13 2.35 15.70 6.74
CA GLN A 13 2.84 17.07 6.60
C GLN A 13 2.36 17.66 5.29
N VAL A 14 2.36 16.82 4.24
CA VAL A 14 1.95 17.27 2.91
C VAL A 14 0.51 17.80 2.89
N LEU A 15 -0.46 17.05 3.44
CA LEU A 15 -1.83 17.56 3.43
C LEU A 15 -1.88 18.88 4.20
N ALA A 16 -1.14 18.94 5.30
CA ALA A 16 -1.10 20.15 6.11
C ALA A 16 -0.66 21.33 5.23
N ARG A 17 0.40 21.13 4.46
CA ARG A 17 0.86 22.16 3.53
C ARG A 17 -0.13 22.34 2.38
N VAL A 18 -0.77 21.23 1.97
CA VAL A 18 -1.73 21.25 0.87
C VAL A 18 -2.90 22.18 1.18
N GLY A 19 -3.36 22.18 2.43
CA GLY A 19 -4.48 23.03 2.79
C GLY A 19 -4.28 24.46 2.32
N THR A 20 -3.08 25.00 2.51
CA THR A 20 -2.78 26.35 2.06
C THR A 20 -2.98 26.43 0.54
N SER A 21 -2.40 25.46 -0.17
CA SER A 21 -2.51 25.39 -1.62
C SER A 21 -2.23 26.76 -2.27
N HIS A 22 -2.84 27.02 -3.43
CA HIS A 22 -2.62 28.28 -4.14
C HIS A 22 -1.14 28.42 -4.53
N GLY A 23 -0.56 27.30 -4.97
CA GLY A 23 0.83 27.27 -5.39
C GLY A 23 1.10 26.09 -6.30
N ILE A 24 0.52 26.11 -7.50
CA ILE A 24 0.67 25.00 -8.44
C ILE A 24 2.14 24.77 -8.80
N THR A 25 2.88 25.83 -9.05
CA THR A 25 4.31 25.67 -9.43
C THR A 25 5.06 24.95 -8.31
N ASP A 26 4.92 25.43 -7.07
CA ASP A 26 5.59 24.78 -5.94
C ASP A 26 4.91 23.46 -5.58
N LEU A 27 3.62 23.36 -5.86
CA LEU A 27 2.87 22.13 -5.59
C LEU A 27 3.52 20.99 -6.39
N ALA A 28 4.00 21.33 -7.59
CA ALA A 28 4.69 20.38 -8.46
C ALA A 28 6.18 20.29 -8.08
N CYS A 29 6.63 21.28 -7.31
CA CYS A 29 8.02 21.31 -6.86
C CYS A 29 8.29 20.15 -5.90
N LYS A 30 7.44 20.01 -4.87
CA LYS A 30 7.60 18.91 -3.92
C LYS A 30 7.50 17.56 -4.61
N LEU A 31 6.55 17.44 -5.54
CA LEU A 31 6.38 16.21 -6.30
C LEU A 31 7.58 16.00 -7.21
N ARG A 32 8.05 17.10 -7.79
CA ARG A 32 9.21 17.08 -8.68
C ARG A 32 10.45 16.55 -7.95
N PHE A 33 10.62 16.95 -6.68
CA PHE A 33 11.75 16.46 -5.89
C PHE A 33 11.65 14.94 -5.75
N TYR A 34 10.42 14.45 -5.53
CA TYR A 34 10.20 13.02 -5.37
C TYR A 34 10.45 12.29 -6.70
N ASP A 35 9.96 12.86 -7.80
CA ASP A 35 10.14 12.26 -9.12
C ASP A 35 11.63 12.06 -9.44
N ASP A 36 12.48 12.85 -8.78
CA ASP A 36 13.93 12.71 -8.96
C ASP A 36 14.34 11.29 -8.56
N TRP A 37 13.89 10.88 -7.38
CA TRP A 37 14.19 9.55 -6.84
C TRP A 37 13.14 8.52 -7.30
N ALA A 38 11.98 9.01 -7.78
CA ALA A 38 10.89 8.14 -8.21
C ALA A 38 11.36 6.93 -9.03
N PRO A 39 12.11 7.13 -10.13
CA PRO A 39 12.58 6.00 -10.94
C PRO A 39 13.46 5.05 -10.14
N GLU A 40 14.18 5.61 -9.17
CA GLU A 40 15.03 4.81 -8.30
C GLU A 40 14.17 3.95 -7.37
N TYR A 41 12.96 4.44 -7.07
CA TYR A 41 12.01 3.71 -6.23
C TYR A 41 11.47 2.49 -6.96
N ASP A 42 11.19 2.65 -8.25
CA ASP A 42 10.62 1.55 -9.03
C ASP A 42 11.57 0.37 -9.02
N GLN A 43 12.84 0.58 -9.35
CA GLN A 43 13.81 -0.51 -9.32
C GLN A 43 13.92 -1.07 -7.89
N ASP A 44 13.66 -0.22 -6.90
CA ASP A 44 13.73 -0.63 -5.50
C ASP A 44 12.76 -1.77 -5.19
N VAL A 45 11.56 -1.72 -5.76
CA VAL A 45 10.59 -2.79 -5.51
C VAL A 45 11.06 -4.08 -6.20
N ALA A 46 11.61 -3.95 -7.41
CA ALA A 46 12.14 -5.10 -8.13
C ALA A 46 13.40 -5.61 -7.45
N ALA A 47 14.21 -4.68 -6.94
CA ALA A 47 15.45 -5.02 -6.26
C ALA A 47 15.18 -5.91 -5.04
N LEU A 48 14.01 -5.72 -4.41
CA LEU A 48 13.63 -6.53 -3.27
C LEU A 48 12.86 -7.78 -3.72
N LYS A 49 12.67 -7.92 -5.05
CA LYS A 49 11.93 -9.04 -5.61
C LYS A 49 10.49 -8.98 -5.14
N TYR A 50 9.90 -7.80 -5.25
CA TYR A 50 8.52 -7.58 -4.82
C TYR A 50 7.57 -8.60 -5.43
N ARG A 51 7.41 -9.74 -4.76
CA ARG A 51 6.51 -10.78 -5.22
C ARG A 51 5.06 -10.32 -5.07
N ALA A 52 4.80 -9.55 -4.01
CA ALA A 52 3.47 -9.04 -3.70
C ALA A 52 2.63 -8.75 -4.95
N PRO A 53 3.03 -7.80 -5.80
CA PRO A 53 2.27 -7.44 -7.01
C PRO A 53 1.88 -8.64 -7.88
N ARG A 54 2.80 -9.59 -8.01
CA ARG A 54 2.52 -10.78 -8.81
C ARG A 54 1.46 -11.66 -8.15
N LEU A 55 1.74 -12.07 -6.90
CA LEU A 55 0.82 -12.91 -6.14
C LEU A 55 -0.35 -12.09 -5.58
N ALA A 56 -0.14 -10.79 -5.42
CA ALA A 56 -1.18 -9.90 -4.89
C ALA A 56 -2.39 -9.89 -5.81
N VAL A 57 -2.17 -9.48 -7.05
CA VAL A 57 -3.25 -9.41 -8.01
C VAL A 57 -3.86 -10.79 -8.21
N ASP A 58 -3.03 -11.81 -8.39
CA ASP A 58 -3.52 -13.17 -8.58
C ASP A 58 -4.34 -13.64 -7.39
N CYS A 59 -3.80 -13.46 -6.19
CA CYS A 59 -4.50 -13.89 -4.97
C CYS A 59 -5.84 -13.19 -4.81
N LEU A 60 -5.90 -11.90 -5.13
CA LEU A 60 -7.14 -11.15 -4.97
C LEU A 60 -8.26 -11.76 -5.81
N SER A 61 -8.00 -12.00 -7.09
CA SER A 61 -9.02 -12.59 -7.96
C SER A 61 -9.41 -13.99 -7.47
N ARG A 62 -8.43 -14.77 -7.01
CA ARG A 62 -8.69 -16.12 -6.52
C ARG A 62 -9.63 -16.08 -5.30
N ALA A 63 -9.40 -15.11 -4.42
CA ALA A 63 -10.23 -14.97 -3.23
C ALA A 63 -11.41 -14.03 -3.46
N PHE A 64 -11.29 -13.15 -4.45
CA PHE A 64 -12.35 -12.20 -4.77
C PHE A 64 -13.44 -12.87 -5.60
N ARG A 65 -14.47 -13.34 -4.91
CA ARG A 65 -15.59 -14.03 -5.55
C ARG A 65 -16.28 -13.12 -6.57
N GLY A 66 -16.43 -11.85 -6.21
CA GLY A 66 -17.06 -10.91 -7.11
C GLY A 66 -16.19 -10.63 -8.32
N SER A 67 -16.81 -10.28 -9.44
CA SER A 67 -16.05 -9.99 -10.65
C SER A 67 -15.57 -8.55 -10.68
N PRO A 68 -14.27 -8.32 -10.87
CA PRO A 68 -13.69 -6.97 -10.95
C PRO A 68 -14.38 -6.15 -12.04
N HIS A 69 -15.05 -6.85 -12.97
CA HIS A 69 -15.80 -6.19 -14.03
C HIS A 69 -17.00 -5.45 -13.43
N ASP A 70 -17.76 -6.15 -12.60
CA ASP A 70 -18.95 -5.58 -11.96
C ASP A 70 -18.62 -4.84 -10.66
N ALA A 71 -17.52 -5.20 -10.00
CA ALA A 71 -17.13 -4.53 -8.75
C ALA A 71 -16.20 -3.37 -9.06
N LEU A 72 -16.14 -2.38 -8.19
CA LEU A 72 -15.28 -1.24 -8.42
C LEU A 72 -13.99 -1.35 -7.60
N ILE A 73 -12.87 -1.48 -8.31
CA ILE A 73 -11.57 -1.64 -7.64
C ILE A 73 -10.93 -0.28 -7.34
N LEU A 74 -10.10 -0.26 -6.29
CA LEU A 74 -9.40 0.96 -5.90
C LEU A 74 -7.89 0.74 -5.88
N ASP A 75 -7.15 1.71 -6.40
CA ASP A 75 -5.70 1.63 -6.41
C ASP A 75 -5.15 2.95 -5.85
N VAL A 76 -4.06 2.90 -5.10
CA VAL A 76 -3.51 4.11 -4.50
C VAL A 76 -2.33 4.68 -5.29
N ALA A 77 -1.64 5.65 -4.70
CA ALA A 77 -0.52 6.31 -5.32
C ALA A 77 0.57 5.33 -5.69
N CYS A 78 0.80 4.34 -4.82
CA CYS A 78 1.80 3.33 -5.11
C CYS A 78 1.30 2.38 -6.21
N GLY A 79 0.32 2.84 -7.00
CA GLY A 79 -0.19 2.04 -8.07
C GLY A 79 0.63 2.23 -9.31
N THR A 80 1.78 1.56 -9.38
CA THR A 80 2.68 1.69 -10.50
C THR A 80 2.00 1.26 -11.79
N GLY A 81 2.26 2.00 -12.87
CA GLY A 81 1.64 1.72 -14.15
C GLY A 81 1.63 0.25 -14.50
N LEU A 82 2.79 -0.41 -14.40
CA LEU A 82 2.89 -1.83 -14.73
C LEU A 82 1.96 -2.66 -13.86
N VAL A 83 1.81 -2.29 -12.58
CA VAL A 83 0.93 -3.03 -11.70
C VAL A 83 -0.49 -2.99 -12.29
N ALA A 84 -0.88 -1.84 -12.83
CA ALA A 84 -2.18 -1.68 -13.45
C ALA A 84 -2.24 -2.49 -14.75
N VAL A 85 -1.16 -2.48 -15.53
CA VAL A 85 -1.13 -3.22 -16.78
C VAL A 85 -1.34 -4.70 -16.48
N GLU A 86 -0.74 -5.16 -15.38
CA GLU A 86 -0.90 -6.52 -14.91
C GLU A 86 -2.32 -6.67 -14.39
N LEU A 87 -2.80 -5.60 -13.74
CA LEU A 87 -4.14 -5.55 -13.18
C LEU A 87 -5.19 -5.75 -14.28
N GLN A 88 -5.02 -5.03 -15.39
CA GLN A 88 -5.96 -5.13 -16.52
C GLN A 88 -5.99 -6.56 -17.05
N ALA A 89 -4.81 -7.13 -17.31
CA ALA A 89 -4.72 -8.49 -17.81
C ALA A 89 -5.36 -9.45 -16.82
N ARG A 90 -5.25 -9.13 -15.53
CA ARG A 90 -5.82 -9.98 -14.49
C ARG A 90 -7.32 -10.14 -14.70
N GLY A 91 -7.98 -9.05 -15.09
CA GLY A 91 -9.41 -9.10 -15.33
C GLY A 91 -10.22 -8.01 -14.63
N PHE A 92 -9.59 -6.88 -14.30
CA PHE A 92 -10.31 -5.80 -13.63
C PHE A 92 -10.70 -4.73 -14.64
N LEU A 93 -12.01 -4.58 -14.88
CA LEU A 93 -12.49 -3.59 -15.83
C LEU A 93 -12.98 -2.32 -15.15
N GLN A 94 -12.90 -2.25 -13.82
CA GLN A 94 -13.31 -1.06 -13.11
C GLN A 94 -12.26 -0.72 -12.06
N VAL A 95 -11.67 0.47 -12.14
CA VAL A 95 -10.65 0.83 -11.17
C VAL A 95 -10.66 2.32 -10.84
N GLN A 96 -10.42 2.60 -9.57
CA GLN A 96 -10.38 3.97 -9.07
C GLN A 96 -9.25 4.11 -8.08
N GLY A 97 -8.80 5.33 -7.83
CA GLY A 97 -7.73 5.49 -6.89
C GLY A 97 -7.24 6.92 -6.75
N VAL A 98 -6.11 7.04 -6.06
CA VAL A 98 -5.49 8.33 -5.85
C VAL A 98 -3.98 8.21 -5.84
N ASP A 99 -3.29 9.20 -6.42
CA ASP A 99 -1.83 9.19 -6.46
C ASP A 99 -1.32 10.61 -6.19
N GLY A 100 -0.08 10.73 -5.75
CA GLY A 100 0.46 12.04 -5.43
C GLY A 100 1.22 12.69 -6.57
N SER A 101 2.12 11.96 -7.22
CA SER A 101 2.91 12.54 -8.31
C SER A 101 2.23 12.34 -9.66
N PRO A 102 2.12 13.42 -10.47
CA PRO A 102 1.50 13.34 -11.79
C PRO A 102 2.09 12.18 -12.61
N GLU A 103 3.40 12.00 -12.50
CA GLU A 103 4.09 10.90 -13.20
C GLU A 103 3.52 9.55 -12.77
N MET A 104 3.23 9.44 -11.47
CA MET A 104 2.62 8.23 -10.93
C MET A 104 1.19 8.14 -11.47
N LEU A 105 0.55 9.31 -11.56
CA LEU A 105 -0.80 9.43 -12.11
C LEU A 105 -0.78 9.17 -13.62
N LYS A 106 0.27 9.65 -14.28
CA LYS A 106 0.41 9.51 -15.73
C LYS A 106 0.43 8.05 -16.14
N GLN A 107 1.21 7.22 -15.45
CA GLN A 107 1.25 5.80 -15.81
C GLN A 107 -0.14 5.20 -15.67
N ALA A 108 -0.72 5.37 -14.48
CA ALA A 108 -2.06 4.84 -14.20
C ALA A 108 -3.10 5.45 -15.14
N ARG A 109 -3.11 6.78 -15.25
CA ARG A 109 -4.07 7.49 -16.09
C ARG A 109 -3.82 7.24 -17.59
N ALA A 110 -2.59 7.46 -18.05
CA ALA A 110 -2.25 7.27 -19.46
C ALA A 110 -2.51 5.81 -19.86
N ARG A 111 -2.23 4.90 -18.93
CA ARG A 111 -2.46 3.48 -19.17
C ARG A 111 -3.93 3.23 -19.47
N GLY A 112 -4.80 3.94 -18.74
CA GLY A 112 -6.23 3.76 -18.92
C GLY A 112 -6.76 2.62 -18.07
N LEU A 113 -5.99 2.25 -17.05
CA LEU A 113 -6.38 1.19 -16.13
C LEU A 113 -7.28 1.74 -15.03
N TYR A 114 -7.04 2.98 -14.65
CA TYR A 114 -7.80 3.63 -13.59
C TYR A 114 -8.92 4.49 -14.14
N HIS A 115 -10.16 4.09 -13.85
CA HIS A 115 -11.32 4.83 -14.32
C HIS A 115 -11.29 6.27 -13.80
N HIS A 116 -10.93 6.41 -12.53
CA HIS A 116 -10.86 7.73 -11.92
C HIS A 116 -9.67 7.83 -10.95
N LEU A 117 -8.86 8.86 -11.12
CA LEU A 117 -7.70 9.09 -10.27
C LEU A 117 -7.69 10.52 -9.74
N SER A 118 -7.12 10.70 -8.55
CA SER A 118 -7.07 12.02 -7.94
C SER A 118 -5.78 12.24 -7.14
N LEU A 119 -5.47 13.51 -6.92
CA LEU A 119 -4.30 13.90 -6.14
C LEU A 119 -4.69 14.06 -4.68
N CYS A 120 -4.06 13.30 -3.79
CA CYS A 120 -4.38 13.41 -2.37
C CYS A 120 -3.31 12.77 -1.47
N THR A 121 -2.16 13.42 -1.39
CA THR A 121 -1.06 12.92 -0.57
C THR A 121 -1.44 12.88 0.91
N LEU A 122 -1.67 11.70 1.45
CA LEU A 122 -2.01 11.60 2.85
C LEU A 122 -1.32 10.42 3.54
N GLY A 123 -1.56 10.28 4.84
CA GLY A 123 -0.94 9.21 5.59
C GLY A 123 -1.45 9.11 7.02
N GLN A 124 -1.51 10.23 7.74
CA GLN A 124 -2.02 10.25 9.10
C GLN A 124 -3.36 10.98 9.10
N GLU A 125 -3.99 11.00 7.93
CA GLU A 125 -5.29 11.64 7.73
C GLU A 125 -6.13 10.75 6.80
N PRO A 126 -7.45 10.95 6.75
CA PRO A 126 -8.35 10.11 5.92
C PRO A 126 -8.08 10.20 4.41
N LEU A 127 -8.36 9.09 3.72
CA LEU A 127 -8.19 9.02 2.26
C LEU A 127 -9.25 9.85 1.55
N PRO A 128 -8.94 10.35 0.34
CA PRO A 128 -9.86 11.18 -0.46
C PRO A 128 -11.18 10.50 -0.82
N ASP A 129 -11.19 9.18 -0.97
CA ASP A 129 -12.42 8.48 -1.35
C ASP A 129 -13.41 8.37 -0.19
N PRO A 130 -14.73 8.35 -0.51
CA PRO A 130 -15.79 8.21 0.48
C PRO A 130 -15.89 6.77 0.98
N GLU A 131 -16.76 6.51 1.95
CA GLU A 131 -16.93 5.16 2.46
C GLU A 131 -17.88 4.37 1.55
N GLY A 132 -17.72 3.05 1.49
CA GLY A 132 -18.61 2.25 0.65
C GLY A 132 -18.51 2.60 -0.82
N THR A 133 -17.35 3.09 -1.25
CA THR A 133 -17.14 3.48 -2.64
C THR A 133 -16.81 2.28 -3.55
N PHE A 134 -15.67 1.66 -3.27
CA PHE A 134 -15.18 0.56 -4.10
C PHE A 134 -15.27 -0.80 -3.41
N ASP A 135 -15.46 -1.83 -4.23
CA ASP A 135 -15.58 -3.20 -3.74
C ASP A 135 -14.22 -3.81 -3.38
N ALA A 136 -13.13 -3.16 -3.76
CA ALA A 136 -11.80 -3.68 -3.45
C ALA A 136 -10.72 -2.63 -3.70
N VAL A 137 -9.54 -2.82 -3.10
CA VAL A 137 -8.44 -1.88 -3.28
C VAL A 137 -7.11 -2.64 -3.45
N ILE A 138 -6.28 -2.20 -4.41
CA ILE A 138 -4.98 -2.86 -4.64
C ILE A 138 -3.84 -1.83 -4.72
N ILE A 139 -2.95 -1.86 -3.73
CA ILE A 139 -1.85 -0.89 -3.63
C ILE A 139 -0.49 -1.59 -3.46
N VAL A 140 0.56 -1.08 -4.10
CA VAL A 140 1.88 -1.72 -4.00
C VAL A 140 2.99 -0.83 -3.44
N GLY A 141 3.56 -1.26 -2.31
CA GLY A 141 4.70 -0.57 -1.71
C GLY A 141 4.44 0.78 -1.06
N ALA A 142 3.19 1.14 -0.79
CA ALA A 142 2.93 2.43 -0.16
C ALA A 142 2.72 2.32 1.35
N LEU A 143 3.78 1.98 2.07
CA LEU A 143 3.77 1.89 3.53
C LEU A 143 5.20 1.94 4.05
N SER A 144 5.65 3.11 4.48
CA SER A 144 7.01 3.25 4.97
C SER A 144 7.03 4.17 6.18
N GLU A 145 8.12 4.14 6.93
CA GLU A 145 8.23 4.97 8.12
C GLU A 145 8.32 6.44 7.70
N GLY A 146 7.26 7.20 8.00
CA GLY A 146 7.23 8.59 7.64
C GLY A 146 6.61 8.87 6.27
N GLN A 147 6.57 7.86 5.39
CA GLN A 147 5.99 8.07 4.06
C GLN A 147 4.49 7.76 4.09
N VAL A 148 4.13 6.48 4.04
CA VAL A 148 2.72 6.10 4.10
C VAL A 148 2.46 5.40 5.43
N PRO A 149 1.84 6.10 6.38
CA PRO A 149 1.56 5.60 7.73
C PRO A 149 0.61 4.42 7.78
N CYS A 150 1.17 3.24 8.07
CA CYS A 150 0.40 2.00 8.14
C CYS A 150 -0.98 2.15 8.79
N SER A 151 -1.21 3.20 9.58
CA SER A 151 -2.52 3.39 10.21
C SER A 151 -3.58 3.83 9.18
N ALA A 152 -3.16 4.59 8.16
CA ALA A 152 -4.08 5.09 7.13
C ALA A 152 -4.60 3.96 6.22
N ILE A 153 -3.74 2.99 5.91
CA ILE A 153 -4.12 1.87 5.01
C ILE A 153 -5.58 1.44 5.22
N PRO A 154 -6.02 1.20 6.47
CA PRO A 154 -7.41 0.79 6.76
C PRO A 154 -8.44 1.83 6.28
N GLU A 155 -7.95 3.01 5.91
CA GLU A 155 -8.80 4.06 5.37
C GLU A 155 -9.29 3.64 3.97
N LEU A 156 -8.46 2.82 3.31
CA LEU A 156 -8.81 2.26 2.01
C LEU A 156 -9.92 1.24 2.20
N LEU A 157 -9.88 0.57 3.34
CA LEU A 157 -10.86 -0.44 3.69
C LEU A 157 -12.22 0.20 3.97
N ARG A 158 -12.23 1.35 4.65
CA ARG A 158 -13.49 2.02 4.96
C ARG A 158 -14.20 2.43 3.67
N VAL A 159 -13.43 2.88 2.67
CA VAL A 159 -14.01 3.24 1.38
C VAL A 159 -14.31 1.96 0.58
N THR A 160 -13.76 0.85 1.07
CA THR A 160 -13.99 -0.46 0.49
C THR A 160 -15.28 -1.02 1.08
N LYS A 161 -16.04 -1.78 0.30
CA LYS A 161 -17.30 -2.33 0.79
C LYS A 161 -17.05 -3.60 1.61
N PRO A 162 -17.94 -3.88 2.59
CA PRO A 162 -17.81 -5.08 3.42
C PRO A 162 -17.84 -6.32 2.53
N GLY A 163 -16.93 -7.26 2.76
CA GLY A 163 -16.85 -8.44 1.94
C GLY A 163 -15.86 -8.23 0.79
N GLY A 164 -15.55 -6.94 0.50
CA GLY A 164 -14.63 -6.61 -0.56
C GLY A 164 -13.20 -7.02 -0.24
N LEU A 165 -12.32 -7.00 -1.24
CA LEU A 165 -10.94 -7.40 -1.04
C LEU A 165 -9.98 -6.21 -1.03
N VAL A 166 -9.02 -6.24 -0.12
CA VAL A 166 -8.01 -5.19 -0.03
C VAL A 166 -6.64 -5.82 -0.23
N CYS A 167 -5.92 -5.37 -1.26
CA CYS A 167 -4.60 -5.93 -1.56
C CYS A 167 -3.52 -4.87 -1.42
N LEU A 168 -2.53 -5.14 -0.58
CA LEU A 168 -1.45 -4.19 -0.38
C LEU A 168 -0.13 -4.90 -0.01
N THR A 169 0.98 -4.18 -0.18
CA THR A 169 2.29 -4.73 0.15
C THR A 169 3.23 -3.63 0.64
N THR A 170 4.26 -4.01 1.40
CA THR A 170 5.21 -3.03 1.93
C THR A 170 6.27 -3.69 2.82
N ARG A 171 6.95 -2.88 3.63
CA ARG A 171 7.95 -3.41 4.55
C ARG A 171 7.24 -3.79 5.84
N THR A 172 7.13 -5.09 6.09
CA THR A 172 6.41 -5.58 7.25
C THR A 172 7.02 -5.08 8.55
N ASN A 173 8.33 -5.17 8.68
CA ASN A 173 8.97 -4.71 9.91
C ASN A 173 10.23 -3.90 9.67
N PRO A 174 10.10 -2.67 9.14
CA PRO A 174 11.25 -1.80 8.96
C PRO A 174 11.88 -1.54 10.32
N SER A 175 11.01 -1.57 11.35
CA SER A 175 11.40 -1.38 12.73
C SER A 175 10.45 -2.21 13.61
N ASN A 176 10.81 -2.47 14.86
CA ASN A 176 9.95 -3.25 15.75
C ASN A 176 9.73 -4.66 15.20
N LEU A 177 10.82 -5.38 14.94
CA LEU A 177 10.72 -6.73 14.40
C LEU A 177 9.74 -7.60 15.21
N PRO A 178 9.90 -7.65 16.54
CA PRO A 178 9.00 -8.42 17.40
C PRO A 178 7.56 -7.93 17.28
N TYR A 179 7.41 -6.64 17.00
CA TYR A 179 6.10 -6.02 16.85
C TYR A 179 5.27 -6.70 15.76
N LYS A 180 5.90 -7.46 14.85
CA LYS A 180 5.13 -8.12 13.80
C LYS A 180 4.11 -9.06 14.41
N GLU A 181 4.56 -9.93 15.32
CA GLU A 181 3.65 -10.85 15.98
C GLU A 181 2.60 -10.04 16.72
N THR A 182 3.04 -8.94 17.34
CA THR A 182 2.12 -8.03 18.01
C THR A 182 1.16 -7.45 16.97
N LEU A 183 1.73 -7.05 15.83
CA LEU A 183 0.98 -6.50 14.70
C LEU A 183 -0.06 -7.49 14.18
N GLU A 184 0.38 -8.72 13.95
CA GLU A 184 -0.50 -9.75 13.42
C GLU A 184 -1.67 -9.98 14.38
N ALA A 185 -1.38 -9.97 15.68
CA ALA A 185 -2.41 -10.13 16.68
C ALA A 185 -3.43 -8.98 16.58
N THR A 186 -2.93 -7.79 16.24
CA THR A 186 -3.79 -6.61 16.11
C THR A 186 -4.86 -6.83 15.04
N LEU A 187 -4.46 -7.35 13.88
CA LEU A 187 -5.43 -7.59 12.81
C LEU A 187 -6.49 -8.57 13.31
N ASP A 188 -6.03 -9.60 14.03
CA ASP A 188 -6.93 -10.61 14.54
C ASP A 188 -7.97 -9.98 15.46
N SER A 189 -7.55 -9.01 16.29
CA SER A 189 -8.49 -8.34 17.18
C SER A 189 -9.57 -7.64 16.35
N LEU A 190 -9.16 -7.02 15.24
CA LEU A 190 -10.10 -6.35 14.34
C LEU A 190 -11.01 -7.39 13.71
N GLU A 191 -10.41 -8.51 13.30
CA GLU A 191 -11.16 -9.60 12.70
C GLU A 191 -12.19 -10.12 13.70
N ARG A 192 -11.72 -10.38 14.91
CA ARG A 192 -12.58 -10.85 15.99
C ARG A 192 -13.67 -9.84 16.28
N ALA A 193 -13.30 -8.55 16.25
CA ALA A 193 -14.25 -7.47 16.51
C ALA A 193 -15.36 -7.47 15.46
N GLY A 194 -14.99 -7.73 14.20
CA GLY A 194 -15.98 -7.75 13.14
C GLY A 194 -15.69 -6.77 12.01
N VAL A 195 -14.79 -5.81 12.23
CA VAL A 195 -14.49 -4.82 11.19
C VAL A 195 -13.97 -5.47 9.90
N TRP A 196 -12.99 -6.38 10.02
CA TRP A 196 -12.43 -7.03 8.82
C TRP A 196 -11.87 -8.41 9.15
N GLU A 197 -11.88 -9.34 8.19
CA GLU A 197 -11.36 -10.68 8.44
C GLU A 197 -10.25 -11.06 7.43
N CYS A 198 -9.03 -11.27 7.94
CA CYS A 198 -7.90 -11.62 7.08
C CYS A 198 -8.16 -12.90 6.30
N LEU A 199 -8.09 -12.81 4.97
CA LEU A 199 -8.29 -13.99 4.12
C LEU A 199 -7.03 -14.84 4.05
N VAL A 200 -5.96 -14.23 3.52
CA VAL A 200 -4.68 -14.91 3.36
C VAL A 200 -3.51 -13.92 3.38
N THR A 201 -2.31 -14.43 3.60
CA THR A 201 -1.10 -13.60 3.59
C THR A 201 -0.03 -14.33 2.78
N GLN A 202 0.43 -13.72 1.70
CA GLN A 202 1.41 -14.36 0.83
C GLN A 202 2.87 -14.09 1.24
N PRO A 203 3.69 -15.17 1.24
CA PRO A 203 5.12 -15.11 1.60
C PRO A 203 5.94 -14.20 0.69
N VAL A 204 7.00 -13.63 1.25
CA VAL A 204 7.88 -12.71 0.52
C VAL A 204 9.35 -12.99 0.84
N ASP A 205 10.24 -11.99 0.69
CA ASP A 205 11.66 -12.16 1.02
C ASP A 205 11.95 -11.45 2.35
N HIS A 206 10.86 -11.09 3.05
CA HIS A 206 10.93 -10.36 4.31
C HIS A 206 11.69 -11.13 5.39
N TRP A 207 11.51 -12.44 5.46
CA TRP A 207 12.19 -13.23 6.49
C TRP A 207 13.71 -13.13 6.37
N GLU A 208 14.23 -13.28 5.15
CA GLU A 208 15.68 -13.27 4.91
C GLU A 208 16.37 -11.97 5.32
N LEU A 209 15.75 -10.81 5.08
CA LEU A 209 16.41 -9.55 5.43
C LEU A 209 16.83 -9.55 6.91
N ALA A 210 15.96 -10.05 7.77
CA ALA A 210 16.27 -10.12 9.20
C ALA A 210 17.36 -11.14 9.51
N THR A 211 17.31 -12.29 8.83
CA THR A 211 18.30 -13.33 9.06
C THR A 211 18.91 -13.84 7.77
N SER A 212 20.17 -13.49 7.53
CA SER A 212 20.89 -13.93 6.36
C SER A 212 21.93 -15.01 6.71
N GLU A 213 22.33 -15.04 8.00
CA GLU A 213 23.32 -15.99 8.49
C GLU A 213 24.66 -15.84 7.76
N GLN A 214 24.89 -14.68 7.14
CA GLN A 214 26.16 -14.45 6.44
C GLN A 214 27.34 -14.56 7.40
N GLU A 215 27.24 -13.85 8.53
CA GLU A 215 28.28 -13.86 9.55
C GLU A 215 27.71 -13.45 10.91
N THR A 216 28.27 -14.00 11.99
CA THR A 216 27.80 -13.67 13.33
C THR A 216 28.01 -12.19 13.62
N GLY A 217 29.19 -11.67 13.26
CA GLY A 217 29.52 -10.25 13.48
C GLY A 217 28.84 -9.63 14.69
N LEU A 218 29.31 -9.97 15.88
CA LEU A 218 28.75 -9.42 17.11
C LEU A 218 27.26 -9.77 17.24
N GLY A 219 26.90 -10.97 16.81
CA GLY A 219 25.52 -11.41 16.90
C GLY A 219 24.74 -11.20 15.61
N THR A 220 23.80 -12.11 15.34
CA THR A 220 22.96 -12.01 14.13
C THR A 220 22.12 -10.74 14.16
N CYS A 221 21.62 -10.41 15.34
CA CYS A 221 20.80 -9.20 15.54
C CYS A 221 21.59 -7.94 15.17
N ALA A 222 22.88 -7.93 15.48
CA ALA A 222 23.73 -6.79 15.16
C ALA A 222 23.85 -6.58 13.64
N ASN A 223 24.27 -7.63 12.93
CA ASN A 223 24.42 -7.55 11.47
C ASN A 223 23.08 -7.43 10.75
N ASP A 224 22.09 -8.17 11.23
CA ASP A 224 20.79 -8.17 10.59
C ASP A 224 19.66 -8.13 11.62
N GLY A 225 18.43 -8.30 11.14
CA GLY A 225 17.28 -8.27 12.02
C GLY A 225 16.20 -7.30 11.56
N PHE A 226 16.06 -7.13 10.25
CA PHE A 226 15.06 -6.25 9.69
C PHE A 226 14.25 -7.00 8.63
N ILE A 227 12.93 -7.06 8.79
CA ILE A 227 12.08 -7.79 7.87
C ILE A 227 11.21 -6.82 7.06
N SER A 228 11.20 -6.98 5.74
CA SER A 228 10.43 -6.09 4.88
C SER A 228 9.80 -6.80 3.69
N GLY A 229 8.99 -6.05 2.95
CA GLY A 229 8.31 -6.57 1.78
C GLY A 229 7.40 -7.74 2.13
N ILE A 230 6.08 -7.53 2.04
CA ILE A 230 5.10 -8.59 2.29
C ILE A 230 3.77 -8.20 1.72
N ILE A 231 3.00 -9.16 1.24
CA ILE A 231 1.71 -8.87 0.68
C ILE A 231 0.63 -9.56 1.49
N TYR A 232 -0.59 -9.02 1.46
CA TYR A 232 -1.69 -9.66 2.17
C TYR A 232 -3.03 -9.08 1.74
N LEU A 233 -4.07 -9.92 1.80
CA LEU A 233 -5.40 -9.51 1.41
C LEU A 233 -6.40 -9.71 2.54
N TYR A 234 -7.18 -8.68 2.84
CA TYR A 234 -8.16 -8.74 3.90
C TYR A 234 -9.53 -8.35 3.38
N ARG A 235 -10.59 -8.86 4.02
CA ARG A 235 -11.95 -8.53 3.63
C ARG A 235 -12.52 -7.50 4.58
N LYS A 236 -13.58 -6.82 4.15
CA LYS A 236 -14.20 -5.81 4.99
C LYS A 236 -15.42 -6.35 5.73
N GLN A 237 -15.52 -5.99 6.99
CA GLN A 237 -16.61 -6.41 7.87
C GLN A 237 -16.83 -7.92 7.81
N GLU A 238 -16.12 -8.63 8.68
CA GLU A 238 -16.24 -10.07 8.77
C GLU A 238 -15.94 -10.52 10.20
N THR A 239 -16.34 -11.74 10.55
CA THR A 239 -16.15 -12.23 11.92
C THR A 239 -15.29 -13.48 11.99
N VAL A 240 -14.47 -13.55 13.05
CA VAL A 240 -13.58 -14.71 13.28
C VAL A 240 -13.06 -14.69 14.72
N GLY A 1 2.56 17.29 20.62
CA GLY A 1 2.36 16.10 19.74
C GLY A 1 2.22 16.46 18.28
N ALA A 2 1.82 17.70 17.99
CA ALA A 2 1.65 18.15 16.61
C ALA A 2 2.97 18.05 15.84
N MET A 3 4.04 18.58 16.44
CA MET A 3 5.36 18.53 15.80
C MET A 3 5.79 17.07 15.57
N ALA A 4 5.50 16.21 16.54
CA ALA A 4 5.87 14.80 16.46
C ALA A 4 5.59 14.21 15.08
N GLN A 5 4.36 14.35 14.59
CA GLN A 5 4.03 13.86 13.25
C GLN A 5 4.73 14.74 12.22
N GLU A 6 4.62 16.05 12.43
CA GLU A 6 5.20 17.02 11.50
C GLU A 6 6.61 16.58 11.09
N GLU A 7 7.54 16.53 12.06
CA GLU A 7 8.90 16.08 11.76
C GLU A 7 8.92 14.58 11.44
N ALA A 8 8.14 13.81 12.20
CA ALA A 8 8.09 12.35 12.04
C ALA A 8 6.88 11.91 11.22
N GLY A 9 6.67 12.54 10.07
CA GLY A 9 5.54 12.21 9.22
C GLY A 9 5.41 13.17 8.07
N ARG A 10 6.19 12.96 7.02
CA ARG A 10 6.22 13.87 5.88
C ARG A 10 4.84 14.13 5.26
N LEU A 11 4.07 13.09 4.92
CA LEU A 11 2.78 13.29 4.26
C LEU A 11 1.86 14.31 4.93
N PRO A 12 1.66 14.32 6.27
CA PRO A 12 0.76 15.30 6.88
C PRO A 12 1.24 16.70 6.58
N GLN A 13 2.56 16.84 6.43
CA GLN A 13 3.14 18.12 6.06
C GLN A 13 2.58 18.57 4.71
N VAL A 14 2.43 17.62 3.78
CA VAL A 14 1.91 17.92 2.44
C VAL A 14 0.48 18.46 2.52
N LEU A 15 -0.43 17.76 3.21
CA LEU A 15 -1.81 18.23 3.30
C LEU A 15 -1.81 19.61 3.95
N ALA A 16 -0.97 19.76 4.95
CA ALA A 16 -0.86 21.03 5.66
C ALA A 16 -0.43 22.12 4.67
N ARG A 17 0.59 21.83 3.85
CA ARG A 17 1.07 22.80 2.87
C ARG A 17 0.05 23.00 1.73
N VAL A 18 -0.65 21.93 1.33
CA VAL A 18 -1.65 22.06 0.26
C VAL A 18 -2.86 22.86 0.71
N GLY A 19 -3.17 22.80 2.00
CA GLY A 19 -4.33 23.52 2.52
C GLY A 19 -4.37 24.96 2.06
N THR A 20 -3.23 25.65 2.14
CA THR A 20 -3.17 27.04 1.69
C THR A 20 -3.52 27.12 0.21
N SER A 21 -3.02 26.14 -0.56
CA SER A 21 -3.28 26.09 -1.99
C SER A 21 -2.73 27.33 -2.68
N HIS A 22 -3.07 27.51 -3.95
CA HIS A 22 -2.56 28.64 -4.73
C HIS A 22 -1.03 28.58 -4.80
N GLY A 23 -0.52 27.36 -4.97
CA GLY A 23 0.91 27.14 -5.07
C GLY A 23 1.20 25.88 -5.88
N ILE A 24 0.59 25.80 -7.06
CA ILE A 24 0.73 24.63 -7.93
C ILE A 24 2.18 24.39 -8.33
N THR A 25 2.92 25.45 -8.62
CA THR A 25 4.32 25.29 -9.03
C THR A 25 5.13 24.59 -7.92
N ASP A 26 5.03 25.08 -6.68
CA ASP A 26 5.75 24.46 -5.57
C ASP A 26 5.14 23.11 -5.20
N LEU A 27 3.83 22.95 -5.42
CA LEU A 27 3.18 21.68 -5.13
C LEU A 27 3.85 20.59 -5.99
N ALA A 28 4.21 20.95 -7.22
CA ALA A 28 4.93 20.05 -8.13
C ALA A 28 6.39 19.94 -7.68
N CYS A 29 6.85 20.95 -6.95
CA CYS A 29 8.20 20.97 -6.42
C CYS A 29 8.41 19.81 -5.45
N LYS A 30 7.49 19.65 -4.50
CA LYS A 30 7.58 18.54 -3.55
C LYS A 30 7.54 17.21 -4.29
N LEU A 31 6.57 17.09 -5.21
CA LEU A 31 6.42 15.89 -6.02
C LEU A 31 7.66 15.67 -6.88
N ARG A 32 8.20 16.76 -7.41
CA ARG A 32 9.40 16.73 -8.23
C ARG A 32 10.56 16.15 -7.44
N PHE A 33 10.64 16.48 -6.15
CA PHE A 33 11.70 15.96 -5.29
C PHE A 33 11.57 14.44 -5.19
N TYR A 34 10.34 13.94 -5.09
CA TYR A 34 10.12 12.50 -4.98
C TYR A 34 10.45 11.82 -6.31
N ASP A 35 10.06 12.44 -7.42
CA ASP A 35 10.31 11.87 -8.75
C ASP A 35 11.81 11.75 -9.06
N ASP A 36 12.64 12.52 -8.36
CA ASP A 36 14.09 12.43 -8.59
C ASP A 36 14.54 11.00 -8.29
N TRP A 37 14.12 10.50 -7.12
CA TRP A 37 14.45 9.14 -6.69
C TRP A 37 13.70 8.09 -7.53
N ALA A 38 12.44 8.40 -7.86
CA ALA A 38 11.56 7.50 -8.64
C ALA A 38 12.28 6.31 -9.31
N PRO A 39 13.21 6.56 -10.25
CA PRO A 39 13.92 5.47 -10.93
C PRO A 39 14.63 4.54 -9.96
N GLU A 40 15.23 5.12 -8.92
CA GLU A 40 15.91 4.34 -7.89
C GLU A 40 14.87 3.59 -7.06
N TYR A 41 13.68 4.16 -6.93
CA TYR A 41 12.60 3.51 -6.19
C TYR A 41 12.15 2.25 -6.94
N ASP A 42 12.04 2.35 -8.26
CA ASP A 42 11.57 1.22 -9.06
C ASP A 42 12.52 0.03 -8.87
N GLN A 43 13.83 0.25 -9.04
CA GLN A 43 14.79 -0.84 -8.85
C GLN A 43 14.71 -1.39 -7.43
N ASP A 44 14.31 -0.53 -6.48
CA ASP A 44 14.20 -0.92 -5.09
C ASP A 44 13.21 -2.05 -4.90
N VAL A 45 12.08 -2.03 -5.62
CA VAL A 45 11.10 -3.09 -5.48
C VAL A 45 11.68 -4.41 -6.01
N ALA A 46 12.42 -4.33 -7.12
CA ALA A 46 13.04 -5.52 -7.68
C ALA A 46 14.06 -6.08 -6.69
N ALA A 47 14.79 -5.17 -6.03
CA ALA A 47 15.78 -5.55 -5.03
C ALA A 47 15.15 -6.31 -3.87
N LEU A 48 13.89 -6.00 -3.56
CA LEU A 48 13.18 -6.68 -2.48
C LEU A 48 12.41 -7.90 -3.02
N LYS A 49 12.31 -8.02 -4.34
CA LYS A 49 11.59 -9.13 -4.96
C LYS A 49 10.12 -9.09 -4.55
N TYR A 50 9.50 -7.91 -4.70
CA TYR A 50 8.12 -7.73 -4.31
C TYR A 50 7.17 -8.70 -5.01
N ARG A 51 7.06 -9.92 -4.48
CA ARG A 51 6.13 -10.90 -5.02
C ARG A 51 4.72 -10.36 -4.83
N ALA A 52 4.50 -9.71 -3.69
CA ALA A 52 3.20 -9.12 -3.33
C ALA A 52 2.38 -8.71 -4.56
N PRO A 53 2.85 -7.74 -5.35
CA PRO A 53 2.11 -7.29 -6.55
C PRO A 53 1.69 -8.47 -7.44
N ARG A 54 2.56 -9.46 -7.54
CA ARG A 54 2.28 -10.65 -8.34
C ARG A 54 1.19 -11.51 -7.69
N LEU A 55 1.44 -11.93 -6.45
CA LEU A 55 0.49 -12.76 -5.69
C LEU A 55 -0.72 -11.95 -5.20
N ALA A 56 -0.47 -10.69 -4.87
CA ALA A 56 -1.54 -9.81 -4.37
C ALA A 56 -2.67 -9.73 -5.37
N VAL A 57 -2.36 -9.26 -6.56
CA VAL A 57 -3.35 -9.12 -7.61
C VAL A 57 -4.00 -10.46 -7.98
N ASP A 58 -3.19 -11.52 -8.19
CA ASP A 58 -3.74 -12.81 -8.56
C ASP A 58 -4.50 -13.46 -7.40
N CYS A 59 -3.97 -13.34 -6.18
CA CYS A 59 -4.63 -13.92 -5.02
C CYS A 59 -6.01 -13.29 -4.84
N LEU A 60 -6.07 -11.97 -4.98
CA LEU A 60 -7.34 -11.24 -4.83
C LEU A 60 -8.37 -11.73 -5.83
N SER A 61 -7.98 -11.80 -7.10
CA SER A 61 -8.88 -12.25 -8.17
C SER A 61 -9.38 -13.68 -7.92
N ARG A 62 -8.50 -14.55 -7.45
CA ARG A 62 -8.87 -15.94 -7.17
C ARG A 62 -9.81 -16.03 -5.98
N ALA A 63 -9.55 -15.23 -4.94
CA ALA A 63 -10.40 -15.24 -3.74
C ALA A 63 -11.59 -14.30 -3.91
N PHE A 64 -11.52 -13.39 -4.89
CA PHE A 64 -12.59 -12.44 -5.12
C PHE A 64 -13.73 -13.10 -5.92
N ARG A 65 -14.73 -13.58 -5.20
CA ARG A 65 -15.88 -14.26 -5.82
C ARG A 65 -16.62 -13.34 -6.78
N GLY A 66 -16.78 -12.06 -6.41
CA GLY A 66 -17.48 -11.13 -7.27
C GLY A 66 -16.70 -10.78 -8.51
N SER A 67 -17.40 -10.43 -9.58
CA SER A 67 -16.73 -10.09 -10.82
C SER A 67 -16.18 -8.66 -10.78
N PRO A 68 -14.86 -8.52 -11.01
CA PRO A 68 -14.20 -7.21 -11.02
C PRO A 68 -14.79 -6.27 -12.08
N HIS A 69 -15.60 -6.82 -12.99
CA HIS A 69 -16.25 -6.03 -14.02
C HIS A 69 -17.40 -5.22 -13.40
N ASP A 70 -18.13 -5.87 -12.48
CA ASP A 70 -19.26 -5.23 -11.80
C ASP A 70 -18.84 -4.63 -10.45
N ALA A 71 -17.65 -4.98 -9.97
CA ALA A 71 -17.14 -4.44 -8.72
C ALA A 71 -16.19 -3.30 -9.01
N LEU A 72 -16.13 -2.29 -8.15
CA LEU A 72 -15.23 -1.16 -8.39
C LEU A 72 -13.97 -1.30 -7.57
N ILE A 73 -12.84 -1.43 -8.25
CA ILE A 73 -11.55 -1.59 -7.60
C ILE A 73 -10.90 -0.25 -7.30
N LEU A 74 -10.12 -0.21 -6.21
CA LEU A 74 -9.44 1.01 -5.80
C LEU A 74 -7.92 0.82 -5.77
N ASP A 75 -7.21 1.80 -6.28
CA ASP A 75 -5.75 1.77 -6.26
C ASP A 75 -5.25 3.09 -5.67
N VAL A 76 -4.13 3.07 -4.99
CA VAL A 76 -3.63 4.28 -4.35
C VAL A 76 -2.45 4.90 -5.12
N ALA A 77 -1.78 5.87 -4.50
CA ALA A 77 -0.67 6.59 -5.12
C ALA A 77 0.43 5.64 -5.58
N CYS A 78 0.57 4.52 -4.89
CA CYS A 78 1.57 3.53 -5.26
C CYS A 78 1.01 2.54 -6.28
N GLY A 79 -0.08 2.91 -6.94
CA GLY A 79 -0.67 2.05 -7.95
C GLY A 79 0.08 2.18 -9.26
N THR A 80 1.26 1.56 -9.32
CA THR A 80 2.10 1.64 -10.52
C THR A 80 1.33 1.18 -11.77
N GLY A 81 1.49 1.93 -12.85
CA GLY A 81 0.80 1.62 -14.09
C GLY A 81 0.87 0.16 -14.47
N LEU A 82 2.05 -0.44 -14.41
CA LEU A 82 2.22 -1.85 -14.78
C LEU A 82 1.35 -2.74 -13.91
N VAL A 83 1.22 -2.41 -12.62
CA VAL A 83 0.38 -3.20 -11.74
C VAL A 83 -1.04 -3.17 -12.28
N ALA A 84 -1.47 -2.01 -12.76
CA ALA A 84 -2.79 -1.87 -13.36
C ALA A 84 -2.85 -2.64 -14.68
N VAL A 85 -1.78 -2.55 -15.47
CA VAL A 85 -1.73 -3.26 -16.74
C VAL A 85 -1.88 -4.76 -16.48
N GLU A 86 -1.23 -5.21 -15.41
CA GLU A 86 -1.33 -6.58 -14.98
C GLU A 86 -2.75 -6.79 -14.44
N LEU A 87 -3.23 -5.76 -13.74
CA LEU A 87 -4.56 -5.77 -13.15
C LEU A 87 -5.60 -6.01 -14.24
N GLN A 88 -5.45 -5.36 -15.39
CA GLN A 88 -6.39 -5.52 -16.49
C GLN A 88 -6.44 -6.98 -16.95
N ALA A 89 -5.27 -7.60 -17.03
CA ALA A 89 -5.18 -9.00 -17.44
C ALA A 89 -5.96 -9.93 -16.52
N ARG A 90 -5.96 -9.62 -15.22
CA ARG A 90 -6.67 -10.42 -14.24
C ARG A 90 -8.16 -10.47 -14.58
N GLY A 91 -8.71 -9.33 -15.00
CA GLY A 91 -10.12 -9.27 -15.35
C GLY A 91 -10.88 -8.18 -14.62
N PHE A 92 -10.17 -7.13 -14.18
CA PHE A 92 -10.82 -6.04 -13.47
C PHE A 92 -11.08 -4.89 -14.43
N LEU A 93 -12.37 -4.66 -14.71
CA LEU A 93 -12.76 -3.63 -15.66
C LEU A 93 -13.21 -2.34 -14.98
N GLN A 94 -13.02 -2.21 -13.67
CA GLN A 94 -13.40 -0.99 -12.98
C GLN A 94 -12.32 -0.64 -11.95
N VAL A 95 -11.78 0.58 -12.01
CA VAL A 95 -10.75 0.96 -11.05
C VAL A 95 -10.78 2.45 -10.71
N GLN A 96 -10.54 2.73 -9.43
CA GLN A 96 -10.48 4.11 -8.93
C GLN A 96 -9.39 4.24 -7.91
N GLY A 97 -8.93 5.47 -7.65
CA GLY A 97 -7.88 5.64 -6.69
C GLY A 97 -7.40 7.06 -6.50
N VAL A 98 -6.29 7.19 -5.78
CA VAL A 98 -5.68 8.48 -5.52
C VAL A 98 -4.16 8.37 -5.60
N ASP A 99 -3.51 9.36 -6.21
CA ASP A 99 -2.05 9.35 -6.31
C ASP A 99 -1.52 10.77 -6.10
N GLY A 100 -0.32 10.90 -5.56
CA GLY A 100 0.24 12.22 -5.32
C GLY A 100 1.11 12.75 -6.45
N SER A 101 1.91 11.89 -7.07
CA SER A 101 2.81 12.32 -8.14
C SER A 101 2.25 12.09 -9.54
N PRO A 102 2.25 13.14 -10.40
CA PRO A 102 1.76 13.04 -11.77
C PRO A 102 2.36 11.84 -12.50
N GLU A 103 3.65 11.60 -12.27
CA GLU A 103 4.34 10.46 -12.90
C GLU A 103 3.66 9.16 -12.47
N MET A 104 3.26 9.10 -11.22
CA MET A 104 2.52 7.95 -10.70
C MET A 104 1.11 7.96 -11.31
N LEU A 105 0.53 9.16 -11.42
CA LEU A 105 -0.80 9.34 -12.02
C LEU A 105 -0.76 9.07 -13.53
N LYS A 106 0.30 9.52 -14.18
CA LYS A 106 0.46 9.37 -15.62
C LYS A 106 0.43 7.91 -16.03
N GLN A 107 1.18 7.06 -15.33
CA GLN A 107 1.18 5.65 -15.66
C GLN A 107 -0.24 5.09 -15.52
N ALA A 108 -0.85 5.33 -14.38
CA ALA A 108 -2.21 4.86 -14.10
C ALA A 108 -3.23 5.50 -15.06
N ARG A 109 -3.23 6.83 -15.13
CA ARG A 109 -4.18 7.56 -15.99
C ARG A 109 -3.91 7.32 -17.48
N ALA A 110 -2.67 7.57 -17.92
CA ALA A 110 -2.31 7.39 -19.33
C ALA A 110 -2.54 5.94 -19.76
N ARG A 111 -2.31 5.02 -18.83
CA ARG A 111 -2.54 3.61 -19.10
C ARG A 111 -3.99 3.37 -19.48
N GLY A 112 -4.90 4.05 -18.78
CA GLY A 112 -6.31 3.88 -19.02
C GLY A 112 -6.88 2.71 -18.24
N LEU A 113 -6.13 2.29 -17.22
CA LEU A 113 -6.56 1.19 -16.37
C LEU A 113 -7.44 1.70 -15.24
N TYR A 114 -7.17 2.93 -14.79
CA TYR A 114 -7.91 3.54 -13.70
C TYR A 114 -9.06 4.40 -14.21
N HIS A 115 -10.29 4.04 -13.83
CA HIS A 115 -11.46 4.80 -14.25
C HIS A 115 -11.37 6.25 -13.77
N HIS A 116 -11.05 6.41 -12.49
CA HIS A 116 -10.93 7.74 -11.91
C HIS A 116 -9.78 7.82 -10.90
N LEU A 117 -8.88 8.78 -11.10
CA LEU A 117 -7.75 8.98 -10.20
C LEU A 117 -7.81 10.37 -9.61
N SER A 118 -7.45 10.50 -8.33
CA SER A 118 -7.49 11.78 -7.66
C SER A 118 -6.18 12.09 -6.93
N LEU A 119 -5.78 13.37 -6.95
CA LEU A 119 -4.57 13.80 -6.28
C LEU A 119 -4.89 14.13 -4.83
N CYS A 120 -4.18 13.51 -3.89
CA CYS A 120 -4.43 13.78 -2.48
C CYS A 120 -3.37 13.18 -1.57
N THR A 121 -2.21 13.83 -1.50
CA THR A 121 -1.15 13.34 -0.66
C THR A 121 -1.59 13.35 0.80
N LEU A 122 -1.67 12.17 1.42
CA LEU A 122 -2.13 12.07 2.79
C LEU A 122 -1.75 10.72 3.42
N GLY A 123 -2.23 10.47 4.64
CA GLY A 123 -1.91 9.23 5.32
C GLY A 123 -2.11 9.28 6.82
N GLN A 124 -1.98 10.46 7.46
CA GLN A 124 -2.25 10.61 8.89
C GLN A 124 -3.58 11.35 8.98
N GLU A 125 -4.26 11.37 7.82
CA GLU A 125 -5.56 11.99 7.61
C GLU A 125 -6.28 11.08 6.61
N PRO A 126 -7.62 11.04 6.61
CA PRO A 126 -8.39 10.16 5.71
C PRO A 126 -8.05 10.29 4.23
N LEU A 127 -8.41 9.25 3.47
CA LEU A 127 -8.20 9.19 2.03
C LEU A 127 -9.35 9.88 1.29
N PRO A 128 -9.12 10.30 0.04
CA PRO A 128 -10.14 11.00 -0.76
C PRO A 128 -11.44 10.23 -0.99
N ASP A 129 -11.36 8.92 -1.23
CA ASP A 129 -12.57 8.14 -1.51
C ASP A 129 -13.46 7.97 -0.28
N PRO A 130 -14.78 7.79 -0.53
CA PRO A 130 -15.77 7.58 0.52
C PRO A 130 -15.81 6.12 0.98
N GLU A 131 -16.67 5.82 1.94
CA GLU A 131 -16.83 4.45 2.42
C GLU A 131 -17.94 3.77 1.64
N GLY A 132 -17.84 2.44 1.47
CA GLY A 132 -18.86 1.74 0.70
C GLY A 132 -18.82 2.12 -0.77
N THR A 133 -17.69 2.69 -1.21
CA THR A 133 -17.54 3.13 -2.59
C THR A 133 -17.03 2.00 -3.50
N PHE A 134 -15.82 1.50 -3.21
CA PHE A 134 -15.22 0.47 -4.05
C PHE A 134 -15.23 -0.91 -3.40
N ASP A 135 -15.49 -1.93 -4.22
CA ASP A 135 -15.53 -3.32 -3.77
C ASP A 135 -14.16 -3.88 -3.39
N ALA A 136 -13.08 -3.22 -3.82
CA ALA A 136 -11.73 -3.71 -3.50
C ALA A 136 -10.66 -2.63 -3.73
N VAL A 137 -9.50 -2.80 -3.10
CA VAL A 137 -8.40 -1.86 -3.27
C VAL A 137 -7.06 -2.60 -3.42
N ILE A 138 -6.22 -2.18 -4.37
CA ILE A 138 -4.92 -2.81 -4.55
C ILE A 138 -3.79 -1.76 -4.64
N ILE A 139 -2.94 -1.72 -3.60
CA ILE A 139 -1.83 -0.76 -3.52
C ILE A 139 -0.51 -1.49 -3.29
N VAL A 140 0.59 -1.01 -3.88
CA VAL A 140 1.87 -1.70 -3.70
C VAL A 140 3.02 -0.78 -3.29
N GLY A 141 3.69 -1.14 -2.18
CA GLY A 141 4.84 -0.37 -1.73
C GLY A 141 4.52 0.98 -1.11
N ALA A 142 3.27 1.22 -0.75
CA ALA A 142 2.89 2.51 -0.16
C ALA A 142 2.65 2.41 1.35
N LEU A 143 3.73 2.16 2.10
CA LEU A 143 3.66 2.08 3.57
C LEU A 143 5.06 2.20 4.16
N SER A 144 5.44 3.39 4.60
CA SER A 144 6.76 3.57 5.19
C SER A 144 6.67 4.52 6.38
N GLU A 145 7.66 4.50 7.25
CA GLU A 145 7.66 5.38 8.42
C GLU A 145 7.91 6.82 7.97
N GLY A 146 6.91 7.41 7.31
CA GLY A 146 7.03 8.77 6.82
C GLY A 146 6.22 9.03 5.56
N GLN A 147 6.09 8.02 4.69
CA GLN A 147 5.31 8.20 3.47
C GLN A 147 3.84 7.84 3.70
N VAL A 148 3.50 6.54 3.70
CA VAL A 148 2.13 6.10 3.97
C VAL A 148 2.07 5.46 5.36
N PRO A 149 1.29 6.06 6.29
CA PRO A 149 1.19 5.58 7.68
C PRO A 149 0.33 4.34 7.86
N CYS A 150 1.00 3.21 8.12
CA CYS A 150 0.33 1.93 8.30
C CYS A 150 -0.99 2.00 9.08
N SER A 151 -1.21 3.06 9.87
CA SER A 151 -2.48 3.18 10.62
C SER A 151 -3.61 3.64 9.70
N ALA A 152 -3.26 4.45 8.69
CA ALA A 152 -4.23 4.98 7.72
C ALA A 152 -4.79 3.91 6.79
N ILE A 153 -3.99 2.89 6.50
CA ILE A 153 -4.41 1.82 5.56
C ILE A 153 -5.87 1.42 5.81
N PRO A 154 -6.25 1.15 7.08
CA PRO A 154 -7.63 0.79 7.45
C PRO A 154 -8.67 1.78 6.90
N GLU A 155 -8.23 2.99 6.53
CA GLU A 155 -9.11 3.97 5.92
C GLU A 155 -9.50 3.46 4.52
N LEU A 156 -8.50 2.88 3.86
CA LEU A 156 -8.70 2.28 2.53
C LEU A 156 -9.73 1.17 2.64
N LEU A 157 -9.66 0.42 3.75
CA LEU A 157 -10.62 -0.64 4.03
C LEU A 157 -12.02 -0.05 4.17
N ARG A 158 -12.09 1.11 4.83
CA ARG A 158 -13.36 1.80 5.05
C ARG A 158 -14.01 2.14 3.71
N VAL A 159 -13.20 2.56 2.74
CA VAL A 159 -13.68 2.85 1.39
C VAL A 159 -14.09 1.55 0.69
N THR A 160 -13.55 0.45 1.21
CA THR A 160 -13.85 -0.88 0.70
C THR A 160 -15.19 -1.34 1.28
N LYS A 161 -16.01 -2.00 0.47
CA LYS A 161 -17.30 -2.49 0.95
C LYS A 161 -17.11 -3.85 1.60
N PRO A 162 -18.05 -4.28 2.45
CA PRO A 162 -17.97 -5.58 3.11
C PRO A 162 -17.90 -6.70 2.09
N GLY A 163 -17.06 -7.71 2.35
CA GLY A 163 -16.90 -8.79 1.39
C GLY A 163 -15.97 -8.40 0.26
N GLY A 164 -15.28 -7.27 0.43
CA GLY A 164 -14.35 -6.78 -0.58
C GLY A 164 -12.95 -7.32 -0.38
N LEU A 165 -12.02 -6.88 -1.24
CA LEU A 165 -10.63 -7.34 -1.15
C LEU A 165 -9.67 -6.16 -1.12
N VAL A 166 -8.74 -6.17 -0.15
CA VAL A 166 -7.77 -5.09 -0.02
C VAL A 166 -6.35 -5.65 -0.19
N CYS A 167 -5.63 -5.15 -1.20
CA CYS A 167 -4.28 -5.60 -1.46
C CYS A 167 -3.24 -4.52 -1.17
N LEU A 168 -2.34 -4.78 -0.24
CA LEU A 168 -1.31 -3.83 0.11
C LEU A 168 0.03 -4.53 0.29
N THR A 169 1.13 -3.84 -0.01
CA THR A 169 2.45 -4.42 0.12
C THR A 169 3.45 -3.36 0.61
N THR A 170 4.46 -3.79 1.37
CA THR A 170 5.44 -2.85 1.90
C THR A 170 6.48 -3.58 2.75
N ARG A 171 7.24 -2.80 3.55
CA ARG A 171 8.21 -3.40 4.43
C ARG A 171 7.49 -3.81 5.71
N THR A 172 7.30 -5.12 5.89
CA THR A 172 6.58 -5.63 7.07
C THR A 172 7.25 -5.25 8.37
N ASN A 173 8.56 -5.39 8.44
CA ASN A 173 9.27 -5.08 9.69
C ASN A 173 10.53 -4.24 9.46
N PRO A 174 10.38 -2.99 8.99
CA PRO A 174 11.50 -2.09 8.82
C PRO A 174 12.19 -1.88 10.17
N SER A 175 11.34 -1.88 11.20
CA SER A 175 11.77 -1.71 12.59
C SER A 175 10.79 -2.47 13.48
N ASN A 176 11.10 -2.62 14.75
CA ASN A 176 10.19 -3.35 15.65
C ASN A 176 10.00 -4.79 15.15
N LEU A 177 11.13 -5.48 14.95
CA LEU A 177 11.11 -6.86 14.46
C LEU A 177 10.09 -7.72 15.21
N PRO A 178 10.23 -7.82 16.55
CA PRO A 178 9.31 -8.60 17.38
C PRO A 178 7.87 -8.11 17.26
N TYR A 179 7.69 -6.81 17.00
CA TYR A 179 6.37 -6.23 16.87
C TYR A 179 5.56 -6.89 15.76
N LYS A 180 6.19 -7.63 14.85
CA LYS A 180 5.43 -8.28 13.78
C LYS A 180 4.40 -9.21 14.41
N GLU A 181 4.85 -10.06 15.34
CA GLU A 181 3.94 -10.97 16.02
C GLU A 181 2.90 -10.14 16.75
N THR A 182 3.34 -9.03 17.34
CA THR A 182 2.41 -8.11 18.00
C THR A 182 1.44 -7.57 16.96
N LEU A 183 2.00 -7.19 15.80
CA LEU A 183 1.23 -6.67 14.67
C LEU A 183 0.22 -7.69 14.17
N GLU A 184 0.65 -8.93 14.00
CA GLU A 184 -0.23 -9.97 13.50
C GLU A 184 -1.42 -10.15 14.43
N ALA A 185 -1.17 -10.09 15.73
CA ALA A 185 -2.25 -10.20 16.70
C ALA A 185 -3.25 -9.06 16.51
N THR A 186 -2.73 -7.86 16.19
CA THR A 186 -3.59 -6.69 15.99
C THR A 186 -4.57 -6.91 14.84
N LEU A 187 -4.11 -7.52 13.75
CA LEU A 187 -5.00 -7.79 12.62
C LEU A 187 -6.15 -8.69 13.08
N ASP A 188 -5.79 -9.69 13.87
CA ASP A 188 -6.77 -10.66 14.38
C ASP A 188 -7.84 -9.96 15.20
N SER A 189 -7.46 -8.97 16.01
CA SER A 189 -8.45 -8.24 16.81
C SER A 189 -9.48 -7.55 15.90
N LEU A 190 -9.01 -6.98 14.79
CA LEU A 190 -9.89 -6.31 13.83
C LEU A 190 -10.80 -7.34 13.16
N GLU A 191 -10.21 -8.48 12.81
CA GLU A 191 -10.96 -9.57 12.18
C GLU A 191 -12.06 -10.03 13.14
N ARG A 192 -11.65 -10.29 14.37
CA ARG A 192 -12.58 -10.75 15.41
C ARG A 192 -13.65 -9.68 15.67
N ALA A 193 -13.24 -8.41 15.65
CA ALA A 193 -14.17 -7.31 15.87
C ALA A 193 -15.22 -7.25 14.76
N GLY A 194 -14.83 -7.65 13.55
CA GLY A 194 -15.75 -7.64 12.44
C GLY A 194 -15.36 -6.66 11.33
N VAL A 195 -14.46 -5.72 11.65
CA VAL A 195 -14.04 -4.71 10.66
C VAL A 195 -13.59 -5.38 9.36
N TRP A 196 -12.56 -6.21 9.45
CA TRP A 196 -12.03 -6.90 8.26
C TRP A 196 -11.51 -8.28 8.63
N GLU A 197 -11.58 -9.24 7.71
CA GLU A 197 -11.09 -10.58 7.98
C GLU A 197 -9.98 -10.98 6.99
N CYS A 198 -8.78 -11.19 7.50
CA CYS A 198 -7.63 -11.54 6.65
C CYS A 198 -7.93 -12.78 5.80
N LEU A 199 -7.71 -12.65 4.50
CA LEU A 199 -7.92 -13.76 3.56
C LEU A 199 -6.65 -14.59 3.41
N VAL A 200 -5.61 -13.99 2.81
CA VAL A 200 -4.34 -14.67 2.61
C VAL A 200 -3.16 -13.69 2.65
N THR A 201 -1.97 -14.22 2.93
CA THR A 201 -0.76 -13.41 2.98
C THR A 201 0.43 -14.20 2.40
N GLN A 202 1.07 -13.63 1.37
CA GLN A 202 2.22 -14.26 0.72
C GLN A 202 3.52 -13.51 1.04
N PRO A 203 4.47 -14.16 1.73
CA PRO A 203 5.75 -13.53 2.08
C PRO A 203 6.54 -13.07 0.85
N VAL A 204 7.30 -11.99 1.03
CA VAL A 204 8.11 -11.42 -0.05
C VAL A 204 9.61 -11.56 0.27
N ASP A 205 10.22 -10.48 0.75
CA ASP A 205 11.62 -10.49 1.16
C ASP A 205 11.64 -10.59 2.68
N HIS A 206 10.48 -10.93 3.26
CA HIS A 206 10.29 -11.05 4.69
C HIS A 206 11.50 -11.72 5.36
N TRP A 207 11.65 -13.03 5.15
CA TRP A 207 12.74 -13.76 5.77
C TRP A 207 14.10 -13.26 5.29
N GLU A 208 14.30 -13.22 3.98
CA GLU A 208 15.60 -12.85 3.40
C GLU A 208 16.14 -11.49 3.84
N LEU A 209 15.29 -10.48 4.06
CA LEU A 209 15.85 -9.18 4.47
C LEU A 209 16.60 -9.36 5.78
N ALA A 210 16.00 -10.08 6.72
CA ALA A 210 16.63 -10.33 8.01
C ALA A 210 17.84 -11.25 7.86
N THR A 211 17.71 -12.26 7.00
CA THR A 211 18.80 -13.19 6.77
C THR A 211 19.04 -13.33 5.26
N SER A 212 20.28 -13.06 4.83
CA SER A 212 20.61 -13.14 3.41
C SER A 212 22.11 -13.32 3.22
N GLU A 213 22.53 -13.55 1.98
CA GLU A 213 23.95 -13.72 1.69
C GLU A 213 24.73 -12.48 2.11
N GLN A 214 25.85 -12.69 2.79
CA GLN A 214 26.67 -11.58 3.26
C GLN A 214 27.98 -11.48 2.50
N GLU A 215 28.44 -10.26 2.29
CA GLU A 215 29.69 -10.03 1.59
C GLU A 215 30.86 -10.24 2.55
N THR A 216 32.05 -10.47 2.01
CA THR A 216 33.23 -10.68 2.84
C THR A 216 33.65 -9.37 3.52
N GLY A 217 33.56 -8.27 2.79
CA GLY A 217 33.94 -6.98 3.34
C GLY A 217 33.11 -6.59 4.55
N LEU A 218 33.46 -7.13 5.71
CA LEU A 218 32.76 -6.83 6.95
C LEU A 218 31.27 -7.14 6.83
N GLY A 219 30.94 -8.27 6.21
CA GLY A 219 29.54 -8.63 6.06
C GLY A 219 28.77 -8.59 7.37
N THR A 220 29.22 -9.38 8.36
CA THR A 220 28.54 -9.44 9.64
C THR A 220 28.28 -8.04 10.24
N CYS A 221 29.16 -7.08 9.93
CA CYS A 221 28.97 -5.71 10.43
C CYS A 221 27.65 -5.13 9.97
N ALA A 222 27.29 -5.40 8.70
CA ALA A 222 26.04 -4.90 8.11
C ALA A 222 24.91 -4.87 9.14
N ASN A 223 24.85 -5.91 9.98
CA ASN A 223 23.81 -6.01 11.02
C ASN A 223 22.50 -6.48 10.42
N ASP A 224 22.40 -7.80 10.20
CA ASP A 224 21.21 -8.40 9.63
C ASP A 224 20.14 -8.58 10.70
N GLY A 225 18.95 -8.99 10.28
CA GLY A 225 17.86 -9.18 11.22
C GLY A 225 16.74 -8.17 11.04
N PHE A 226 16.48 -7.76 9.80
CA PHE A 226 15.42 -6.82 9.49
C PHE A 226 14.52 -7.44 8.43
N ILE A 227 13.22 -7.49 8.67
CA ILE A 227 12.30 -8.13 7.72
C ILE A 227 11.39 -7.13 7.00
N SER A 228 11.34 -7.23 5.67
CA SER A 228 10.51 -6.35 4.86
C SER A 228 9.84 -7.11 3.71
N GLY A 229 9.04 -6.37 2.94
CA GLY A 229 8.34 -6.95 1.82
C GLY A 229 7.36 -8.01 2.26
N ILE A 230 6.07 -7.72 2.13
CA ILE A 230 5.03 -8.66 2.50
C ILE A 230 3.69 -8.23 1.92
N ILE A 231 2.91 -9.16 1.41
CA ILE A 231 1.63 -8.81 0.83
C ILE A 231 0.50 -9.13 1.80
N TYR A 232 -0.47 -8.22 1.90
CA TYR A 232 -1.61 -8.42 2.80
C TYR A 232 -2.94 -8.32 2.08
N LEU A 233 -3.59 -9.46 1.82
CA LEU A 233 -4.89 -9.43 1.18
C LEU A 233 -5.97 -9.63 2.23
N TYR A 234 -6.80 -8.63 2.45
CA TYR A 234 -7.84 -8.71 3.45
C TYR A 234 -9.20 -8.37 2.86
N ARG A 235 -10.25 -8.86 3.52
CA ARG A 235 -11.61 -8.58 3.09
C ARG A 235 -12.22 -7.52 3.99
N LYS A 236 -13.26 -6.87 3.51
CA LYS A 236 -13.90 -5.82 4.29
C LYS A 236 -15.10 -6.35 5.06
N GLN A 237 -15.21 -5.90 6.30
CA GLN A 237 -16.29 -6.29 7.19
C GLN A 237 -16.55 -7.80 7.13
N GLU A 238 -15.86 -8.51 8.00
CA GLU A 238 -15.99 -9.95 8.11
C GLU A 238 -15.66 -10.40 9.52
N THR A 239 -16.10 -11.61 9.89
CA THR A 239 -15.85 -12.12 11.23
C THR A 239 -14.92 -13.33 11.22
N VAL A 240 -14.01 -13.36 12.19
CA VAL A 240 -13.05 -14.47 12.32
C VAL A 240 -12.53 -14.92 10.96
N GLY A 1 2.03 9.12 22.20
CA GLY A 1 1.36 8.02 21.44
C GLY A 1 1.90 7.83 20.03
N ALA A 2 2.73 8.77 19.57
CA ALA A 2 3.30 8.69 18.23
C ALA A 2 2.21 8.69 17.17
N MET A 3 1.17 9.51 17.38
CA MET A 3 0.07 9.60 16.42
C MET A 3 0.53 10.31 15.16
N ALA A 4 -0.02 9.93 14.01
CA ALA A 4 0.35 10.55 12.76
C ALA A 4 1.84 10.36 12.50
N GLN A 5 2.34 9.15 12.68
CA GLN A 5 3.76 8.88 12.46
C GLN A 5 4.59 9.80 13.35
N GLU A 6 4.30 9.75 14.66
CA GLU A 6 5.00 10.59 15.63
C GLU A 6 4.89 12.07 15.24
N GLU A 7 3.72 12.45 14.71
CA GLU A 7 3.46 13.81 14.26
C GLU A 7 4.25 14.15 12.99
N ALA A 8 4.91 13.15 12.41
CA ALA A 8 5.68 13.34 11.19
C ALA A 8 4.78 13.10 10.00
N GLY A 9 4.57 11.82 9.65
CA GLY A 9 3.70 11.50 8.53
C GLY A 9 3.75 12.56 7.46
N ARG A 10 4.75 12.50 6.61
CA ARG A 10 4.95 13.52 5.61
C ARG A 10 3.77 13.68 4.65
N LEU A 11 3.24 12.61 4.04
CA LEU A 11 2.12 12.77 3.11
C LEU A 11 0.99 13.59 3.72
N PRO A 12 0.55 13.26 4.95
CA PRO A 12 -0.53 13.99 5.61
C PRO A 12 -0.26 15.49 5.59
N GLN A 13 1.00 15.85 5.80
CA GLN A 13 1.41 17.24 5.79
C GLN A 13 1.13 17.86 4.43
N VAL A 14 1.37 17.09 3.37
CA VAL A 14 1.17 17.58 2.02
C VAL A 14 -0.28 18.01 1.78
N LEU A 15 -1.27 17.18 2.11
CA LEU A 15 -2.65 17.59 1.89
C LEU A 15 -2.93 18.85 2.68
N ALA A 16 -2.44 18.88 3.91
CA ALA A 16 -2.64 20.05 4.77
C ALA A 16 -2.07 21.28 4.07
N ARG A 17 -0.89 21.15 3.48
CA ARG A 17 -0.28 22.25 2.74
C ARG A 17 -1.00 22.43 1.39
N VAL A 18 -1.52 21.33 0.83
CA VAL A 18 -2.24 21.35 -0.45
C VAL A 18 -3.58 22.05 -0.31
N GLY A 19 -4.28 21.80 0.80
CA GLY A 19 -5.58 22.39 1.01
C GLY A 19 -5.59 23.89 0.78
N THR A 20 -4.58 24.59 1.28
CA THR A 20 -4.51 26.03 1.09
C THR A 20 -4.39 26.35 -0.39
N SER A 21 -3.51 25.61 -1.08
CA SER A 21 -3.28 25.81 -2.51
C SER A 21 -2.61 27.15 -2.78
N HIS A 22 -2.71 27.65 -4.02
CA HIS A 22 -2.06 28.89 -4.41
C HIS A 22 -0.54 28.72 -4.38
N GLY A 23 -0.13 27.52 -4.79
CA GLY A 23 1.28 27.16 -4.86
C GLY A 23 1.46 25.76 -5.40
N ILE A 24 0.64 25.41 -6.40
CA ILE A 24 0.66 24.09 -7.02
C ILE A 24 2.05 23.72 -7.53
N THR A 25 2.85 24.71 -7.91
CA THR A 25 4.18 24.43 -8.42
C THR A 25 5.02 23.71 -7.34
N ASP A 26 4.95 24.20 -6.09
CA ASP A 26 5.68 23.56 -5.00
C ASP A 26 5.06 22.20 -4.67
N LEU A 27 3.77 22.04 -4.98
CA LEU A 27 3.11 20.77 -4.73
C LEU A 27 3.83 19.69 -5.54
N ALA A 28 4.27 20.07 -6.74
CA ALA A 28 5.03 19.18 -7.60
C ALA A 28 6.48 19.10 -7.14
N CYS A 29 6.92 20.11 -6.37
CA CYS A 29 8.28 20.16 -5.86
C CYS A 29 8.57 18.95 -4.99
N LYS A 30 7.75 18.70 -3.96
CA LYS A 30 7.98 17.53 -3.10
C LYS A 30 7.87 16.27 -3.96
N LEU A 31 6.90 16.28 -4.88
CA LEU A 31 6.67 15.17 -5.79
C LEU A 31 7.93 14.93 -6.63
N ARG A 32 8.55 16.03 -7.06
CA ARG A 32 9.78 15.96 -7.86
C ARG A 32 10.89 15.24 -7.09
N PHE A 33 10.91 15.42 -5.76
CA PHE A 33 11.93 14.76 -4.95
C PHE A 33 11.67 13.26 -4.89
N TYR A 34 10.39 12.85 -4.78
CA TYR A 34 10.06 11.43 -4.73
C TYR A 34 10.28 10.77 -6.09
N ASP A 35 9.71 11.37 -7.13
CA ASP A 35 9.84 10.84 -8.49
C ASP A 35 11.31 10.70 -8.91
N ASP A 36 12.19 11.46 -8.27
CA ASP A 36 13.61 11.35 -8.58
C ASP A 36 14.07 9.92 -8.29
N TRP A 37 13.70 9.42 -7.11
CA TRP A 37 14.05 8.05 -6.68
C TRP A 37 13.02 7.01 -7.20
N ALA A 38 11.89 7.48 -7.73
CA ALA A 38 10.83 6.59 -8.21
C ALA A 38 11.36 5.45 -9.09
N PRO A 39 12.02 5.77 -10.22
CA PRO A 39 12.55 4.74 -11.13
C PRO A 39 13.44 3.75 -10.38
N GLU A 40 14.27 4.27 -9.48
CA GLU A 40 15.15 3.42 -8.68
C GLU A 40 14.34 2.62 -7.67
N TYR A 41 13.17 3.14 -7.29
CA TYR A 41 12.26 2.45 -6.38
C TYR A 41 11.57 1.29 -7.10
N ASP A 42 11.18 1.51 -8.36
CA ASP A 42 10.48 0.48 -9.12
C ASP A 42 11.35 -0.76 -9.21
N GLN A 43 12.57 -0.61 -9.72
CA GLN A 43 13.49 -1.74 -9.81
C GLN A 43 13.76 -2.32 -8.42
N ASP A 44 13.62 -1.48 -7.39
CA ASP A 44 13.83 -1.91 -6.03
C ASP A 44 12.86 -3.02 -5.64
N VAL A 45 11.60 -2.95 -6.08
CA VAL A 45 10.66 -4.00 -5.74
C VAL A 45 11.02 -5.30 -6.49
N ALA A 46 11.33 -5.19 -7.78
CA ALA A 46 11.71 -6.36 -8.58
C ALA A 46 13.09 -6.87 -8.15
N ALA A 47 14.00 -5.93 -7.88
CA ALA A 47 15.36 -6.29 -7.48
C ALA A 47 15.34 -7.17 -6.23
N LEU A 48 14.31 -7.02 -5.41
CA LEU A 48 14.17 -7.84 -4.21
C LEU A 48 13.18 -9.00 -4.47
N LYS A 49 12.67 -9.08 -5.70
CA LYS A 49 11.72 -10.12 -6.09
C LYS A 49 10.41 -9.95 -5.33
N TYR A 50 9.86 -8.75 -5.34
CA TYR A 50 8.61 -8.47 -4.62
C TYR A 50 7.49 -9.37 -5.12
N ARG A 51 7.23 -10.43 -4.36
CA ARG A 51 6.16 -11.37 -4.66
C ARG A 51 4.80 -10.68 -4.56
N ALA A 52 4.65 -9.82 -3.53
CA ALA A 52 3.40 -9.10 -3.28
C ALA A 52 2.67 -8.72 -4.57
N PRO A 53 3.24 -7.86 -5.42
CA PRO A 53 2.60 -7.46 -6.68
C PRO A 53 2.13 -8.66 -7.51
N ARG A 54 2.94 -9.71 -7.50
CA ARG A 54 2.60 -10.94 -8.24
C ARG A 54 1.43 -11.66 -7.56
N LEU A 55 1.61 -11.97 -6.29
CA LEU A 55 0.59 -12.65 -5.48
C LEU A 55 -0.60 -11.73 -5.20
N ALA A 56 -0.34 -10.44 -5.13
CA ALA A 56 -1.39 -9.46 -4.85
C ALA A 56 -2.48 -9.55 -5.91
N VAL A 57 -2.10 -9.33 -7.15
CA VAL A 57 -3.06 -9.39 -8.25
C VAL A 57 -3.71 -10.77 -8.36
N ASP A 58 -2.89 -11.84 -8.36
CA ASP A 58 -3.42 -13.19 -8.50
C ASP A 58 -4.20 -13.67 -7.29
N CYS A 59 -3.72 -13.36 -6.08
CA CYS A 59 -4.41 -13.81 -4.87
C CYS A 59 -5.74 -13.09 -4.68
N LEU A 60 -5.78 -11.79 -4.96
CA LEU A 60 -7.01 -11.02 -4.77
C LEU A 60 -8.14 -11.58 -5.63
N SER A 61 -7.89 -11.80 -6.92
CA SER A 61 -8.93 -12.35 -7.81
C SER A 61 -9.33 -13.76 -7.38
N ARG A 62 -8.36 -14.56 -6.94
CA ARG A 62 -8.65 -15.93 -6.49
C ARG A 62 -9.62 -15.91 -5.32
N ALA A 63 -9.43 -14.96 -4.42
CA ALA A 63 -10.31 -14.83 -3.26
C ALA A 63 -11.45 -13.84 -3.53
N PHE A 64 -11.27 -12.97 -4.52
CA PHE A 64 -12.28 -11.98 -4.86
C PHE A 64 -13.39 -12.60 -5.71
N ARG A 65 -14.47 -12.98 -5.04
CA ARG A 65 -15.61 -13.62 -5.68
C ARG A 65 -16.23 -12.72 -6.75
N GLY A 66 -16.32 -11.43 -6.46
CA GLY A 66 -16.88 -10.50 -7.43
C GLY A 66 -15.97 -10.28 -8.60
N SER A 67 -16.53 -9.96 -9.75
CA SER A 67 -15.74 -9.74 -10.94
C SER A 67 -15.18 -8.31 -10.94
N PRO A 68 -13.85 -8.16 -11.11
CA PRO A 68 -13.21 -6.84 -11.17
C PRO A 68 -13.80 -5.97 -12.28
N HIS A 69 -14.55 -6.60 -13.20
CA HIS A 69 -15.21 -5.88 -14.27
C HIS A 69 -16.45 -5.15 -13.73
N ASP A 70 -17.34 -5.89 -13.09
CA ASP A 70 -18.56 -5.33 -12.51
C ASP A 70 -18.30 -4.65 -11.18
N ALA A 71 -17.22 -5.04 -10.50
CA ALA A 71 -16.87 -4.43 -9.22
C ALA A 71 -16.07 -3.17 -9.46
N LEU A 72 -15.89 -2.34 -8.42
CA LEU A 72 -15.12 -1.12 -8.59
C LEU A 72 -13.88 -1.17 -7.70
N ILE A 73 -12.71 -1.26 -8.34
CA ILE A 73 -11.45 -1.37 -7.63
C ILE A 73 -10.84 0.00 -7.31
N LEU A 74 -10.05 0.04 -6.23
CA LEU A 74 -9.40 1.27 -5.80
C LEU A 74 -7.89 1.09 -5.68
N ASP A 75 -7.14 2.06 -6.17
CA ASP A 75 -5.69 2.04 -6.06
C ASP A 75 -5.23 3.37 -5.46
N VAL A 76 -4.25 3.33 -4.57
CA VAL A 76 -3.78 4.56 -3.94
C VAL A 76 -2.53 5.10 -4.63
N ALA A 77 -1.93 6.13 -4.05
CA ALA A 77 -0.75 6.76 -4.61
C ALA A 77 0.33 5.74 -4.90
N CYS A 78 0.35 4.66 -4.13
CA CYS A 78 1.33 3.62 -4.33
C CYS A 78 0.90 2.66 -5.44
N GLY A 79 -0.07 3.09 -6.26
CA GLY A 79 -0.52 2.27 -7.36
C GLY A 79 0.48 2.31 -8.49
N THR A 80 1.57 1.54 -8.34
CA THR A 80 2.63 1.52 -9.34
C THR A 80 2.06 1.22 -10.73
N GLY A 81 2.49 2.00 -11.72
CA GLY A 81 1.99 1.83 -13.07
C GLY A 81 1.95 0.40 -13.53
N LEU A 82 3.04 -0.35 -13.33
CA LEU A 82 3.10 -1.74 -13.77
C LEU A 82 2.03 -2.60 -13.11
N VAL A 83 1.72 -2.35 -11.84
CA VAL A 83 0.70 -3.13 -11.16
C VAL A 83 -0.62 -2.97 -11.89
N ALA A 84 -0.88 -1.77 -12.42
CA ALA A 84 -2.09 -1.52 -13.17
C ALA A 84 -2.06 -2.27 -14.49
N VAL A 85 -0.89 -2.28 -15.15
CA VAL A 85 -0.74 -2.99 -16.41
C VAL A 85 -1.03 -4.46 -16.18
N GLU A 86 -0.54 -4.97 -15.06
CA GLU A 86 -0.78 -6.34 -14.64
C GLU A 86 -2.26 -6.49 -14.25
N LEU A 87 -2.76 -5.45 -13.58
CA LEU A 87 -4.16 -5.43 -13.15
C LEU A 87 -5.08 -5.54 -14.35
N GLN A 88 -4.77 -4.80 -15.42
CA GLN A 88 -5.60 -4.83 -16.62
C GLN A 88 -5.67 -6.24 -17.19
N ALA A 89 -4.51 -6.88 -17.33
CA ALA A 89 -4.45 -8.23 -17.85
C ALA A 89 -5.13 -9.20 -16.88
N ARG A 90 -5.05 -8.88 -15.58
CA ARG A 90 -5.64 -9.72 -14.56
C ARG A 90 -7.15 -9.86 -14.79
N GLY A 91 -7.78 -8.75 -15.19
CA GLY A 91 -9.20 -8.77 -15.45
C GLY A 91 -9.96 -7.66 -14.72
N PHE A 92 -9.26 -6.57 -14.40
CA PHE A 92 -9.88 -5.45 -13.70
C PHE A 92 -10.21 -4.35 -14.70
N LEU A 93 -11.51 -4.16 -14.94
CA LEU A 93 -11.97 -3.16 -15.90
C LEU A 93 -12.52 -1.90 -15.23
N GLN A 94 -12.45 -1.82 -13.90
CA GLN A 94 -12.93 -0.64 -13.20
C GLN A 94 -11.97 -0.32 -12.06
N VAL A 95 -11.40 0.90 -12.05
CA VAL A 95 -10.48 1.26 -10.99
C VAL A 95 -10.53 2.75 -10.64
N GLN A 96 -10.45 3.02 -9.35
CA GLN A 96 -10.45 4.39 -8.85
C GLN A 96 -9.38 4.56 -7.80
N GLY A 97 -8.95 5.79 -7.52
CA GLY A 97 -7.92 5.98 -6.54
C GLY A 97 -7.37 7.38 -6.49
N VAL A 98 -6.23 7.51 -5.84
CA VAL A 98 -5.56 8.80 -5.71
C VAL A 98 -4.05 8.63 -5.58
N ASP A 99 -3.29 9.57 -6.15
CA ASP A 99 -1.83 9.51 -6.08
C ASP A 99 -1.25 10.90 -5.88
N GLY A 100 -0.07 10.99 -5.27
CA GLY A 100 0.54 12.28 -5.02
C GLY A 100 1.38 12.82 -6.17
N SER A 101 2.24 11.99 -6.74
CA SER A 101 3.10 12.42 -7.83
C SER A 101 2.42 12.28 -9.19
N PRO A 102 2.45 13.34 -10.02
CA PRO A 102 1.84 13.29 -11.35
C PRO A 102 2.48 12.18 -12.18
N GLU A 103 3.80 12.01 -12.04
CA GLU A 103 4.50 10.94 -12.74
C GLU A 103 3.94 9.59 -12.30
N MET A 104 3.64 9.49 -11.00
CA MET A 104 3.02 8.29 -10.45
C MET A 104 1.58 8.21 -10.96
N LEU A 105 0.95 9.39 -11.08
CA LEU A 105 -0.40 9.51 -11.63
C LEU A 105 -0.38 9.21 -13.13
N LYS A 106 0.68 9.68 -13.80
CA LYS A 106 0.83 9.51 -15.24
C LYS A 106 0.84 8.04 -15.61
N GLN A 107 1.58 7.22 -14.85
CA GLN A 107 1.62 5.80 -15.16
C GLN A 107 0.21 5.23 -15.08
N ALA A 108 -0.42 5.43 -13.93
CA ALA A 108 -1.78 4.94 -13.72
C ALA A 108 -2.78 5.58 -14.69
N ARG A 109 -2.76 6.91 -14.78
CA ARG A 109 -3.68 7.66 -15.65
C ARG A 109 -3.38 7.43 -17.14
N ALA A 110 -2.15 7.68 -17.56
CA ALA A 110 -1.77 7.49 -18.96
C ALA A 110 -1.99 6.04 -19.39
N ARG A 111 -1.80 5.13 -18.44
CA ARG A 111 -2.01 3.71 -18.68
C ARG A 111 -3.46 3.48 -19.11
N GLY A 112 -4.38 4.18 -18.45
CA GLY A 112 -5.79 4.02 -18.75
C GLY A 112 -6.40 2.91 -17.94
N LEU A 113 -5.71 2.50 -16.87
CA LEU A 113 -6.19 1.46 -15.98
C LEU A 113 -7.10 2.04 -14.91
N TYR A 114 -6.76 3.23 -14.43
CA TYR A 114 -7.53 3.88 -13.38
C TYR A 114 -8.64 4.74 -13.99
N HIS A 115 -9.89 4.36 -13.73
CA HIS A 115 -11.03 5.11 -14.25
C HIS A 115 -11.02 6.55 -13.75
N HIS A 116 -10.71 6.73 -12.47
CA HIS A 116 -10.68 8.07 -11.89
C HIS A 116 -9.56 8.22 -10.86
N LEU A 117 -8.69 9.21 -11.06
CA LEU A 117 -7.60 9.47 -10.14
C LEU A 117 -7.56 10.93 -9.74
N SER A 118 -7.10 11.20 -8.52
CA SER A 118 -7.02 12.57 -8.03
C SER A 118 -5.87 12.74 -7.04
N LEU A 119 -5.23 13.90 -7.09
CA LEU A 119 -4.13 14.21 -6.19
C LEU A 119 -4.66 14.34 -4.78
N CYS A 120 -4.16 13.54 -3.84
CA CYS A 120 -4.65 13.62 -2.47
C CYS A 120 -3.71 13.01 -1.43
N THR A 121 -2.58 13.66 -1.19
CA THR A 121 -1.63 13.16 -0.19
C THR A 121 -2.34 13.02 1.15
N LEU A 122 -1.89 12.11 2.00
CA LEU A 122 -2.55 11.91 3.29
C LEU A 122 -1.86 10.86 4.15
N GLY A 123 -2.40 10.65 5.34
CA GLY A 123 -1.82 9.66 6.23
C GLY A 123 -2.50 9.62 7.60
N GLN A 124 -2.62 10.78 8.25
CA GLN A 124 -3.30 10.88 9.53
C GLN A 124 -4.62 11.61 9.30
N GLU A 125 -5.13 11.46 8.07
CA GLU A 125 -6.36 12.06 7.62
C GLU A 125 -7.04 11.09 6.66
N PRO A 126 -8.38 10.98 6.69
CA PRO A 126 -9.12 10.04 5.85
C PRO A 126 -8.77 10.14 4.35
N LEU A 127 -9.08 9.05 3.63
CA LEU A 127 -8.84 8.95 2.21
C LEU A 127 -9.84 9.80 1.43
N PRO A 128 -9.46 10.24 0.23
CA PRO A 128 -10.31 11.08 -0.63
C PRO A 128 -11.63 10.41 -1.03
N ASP A 129 -11.65 9.08 -1.14
CA ASP A 129 -12.88 8.38 -1.55
C ASP A 129 -13.82 8.14 -0.36
N PRO A 130 -15.14 8.16 -0.63
CA PRO A 130 -16.18 7.92 0.38
C PRO A 130 -16.20 6.46 0.84
N GLU A 131 -17.05 6.15 1.83
CA GLU A 131 -17.18 4.78 2.33
C GLU A 131 -18.11 3.97 1.44
N GLY A 132 -17.95 2.64 1.41
CA GLY A 132 -18.83 1.82 0.59
C GLY A 132 -18.77 2.20 -0.88
N THR A 133 -17.64 2.77 -1.31
CA THR A 133 -17.46 3.20 -2.69
C THR A 133 -17.03 2.07 -3.62
N PHE A 134 -15.82 1.56 -3.38
CA PHE A 134 -15.23 0.53 -4.23
C PHE A 134 -15.26 -0.85 -3.59
N ASP A 135 -15.47 -1.85 -4.44
CA ASP A 135 -15.53 -3.25 -4.00
C ASP A 135 -14.16 -3.78 -3.55
N ALA A 136 -13.08 -3.09 -3.94
CA ALA A 136 -11.74 -3.52 -3.56
C ALA A 136 -10.71 -2.42 -3.75
N VAL A 137 -9.57 -2.53 -3.07
CA VAL A 137 -8.50 -1.55 -3.18
C VAL A 137 -7.13 -2.25 -3.16
N ILE A 138 -6.20 -1.82 -4.01
CA ILE A 138 -4.87 -2.45 -4.04
C ILE A 138 -3.76 -1.39 -4.05
N ILE A 139 -2.99 -1.35 -2.96
CA ILE A 139 -1.91 -0.38 -2.81
C ILE A 139 -0.58 -1.08 -2.48
N VAL A 140 0.54 -0.56 -3.00
CA VAL A 140 1.84 -1.20 -2.77
C VAL A 140 2.93 -0.24 -2.25
N GLY A 141 3.61 -0.64 -1.17
CA GLY A 141 4.71 0.16 -0.63
C GLY A 141 4.27 1.34 0.23
N ALA A 142 3.00 1.38 0.63
CA ALA A 142 2.49 2.47 1.45
C ALA A 142 2.12 1.97 2.86
N LEU A 143 2.94 2.32 3.86
CA LEU A 143 2.67 1.89 5.22
C LEU A 143 3.19 2.89 6.28
N SER A 144 2.86 2.60 7.54
CA SER A 144 3.28 3.44 8.67
C SER A 144 4.78 3.65 8.65
N GLU A 145 5.23 4.79 8.11
CA GLU A 145 6.66 5.15 8.05
C GLU A 145 6.86 6.46 7.28
N GLY A 146 6.05 7.48 7.62
CA GLY A 146 6.14 8.76 6.92
C GLY A 146 5.35 8.78 5.62
N GLN A 147 5.06 7.59 5.06
CA GLN A 147 4.31 7.48 3.82
C GLN A 147 2.80 7.39 4.08
N VAL A 148 2.33 6.19 4.47
CA VAL A 148 0.92 5.99 4.75
C VAL A 148 0.71 5.42 6.17
N PRO A 149 0.44 6.31 7.13
CA PRO A 149 0.24 5.94 8.54
C PRO A 149 -0.76 4.79 8.75
N CYS A 150 -0.22 3.66 9.19
CA CYS A 150 -0.98 2.43 9.39
C CYS A 150 -2.36 2.66 9.99
N SER A 151 -2.60 3.73 10.75
CA SER A 151 -3.93 3.96 11.30
C SER A 151 -4.91 4.35 10.20
N ALA A 152 -4.41 5.06 9.18
CA ALA A 152 -5.22 5.49 8.06
C ALA A 152 -5.67 4.33 7.18
N ILE A 153 -4.81 3.32 7.02
CA ILE A 153 -5.11 2.17 6.15
C ILE A 153 -6.58 1.73 6.28
N PRO A 154 -7.07 1.50 7.51
CA PRO A 154 -8.47 1.09 7.74
C PRO A 154 -9.48 2.11 7.19
N GLU A 155 -9.02 3.33 6.92
CA GLU A 155 -9.87 4.33 6.30
C GLU A 155 -10.08 3.90 4.83
N LEU A 156 -9.01 3.38 4.23
CA LEU A 156 -9.08 2.86 2.86
C LEU A 156 -10.09 1.72 2.87
N LEU A 157 -10.04 0.94 3.94
CA LEU A 157 -10.98 -0.15 4.14
C LEU A 157 -12.40 0.40 4.21
N ARG A 158 -12.54 1.53 4.90
CA ARG A 158 -13.84 2.19 5.06
C ARG A 158 -14.45 2.55 3.70
N VAL A 159 -13.62 3.01 2.76
CA VAL A 159 -14.08 3.34 1.42
C VAL A 159 -14.41 2.05 0.64
N THR A 160 -13.84 0.94 1.13
CA THR A 160 -14.08 -0.38 0.57
C THR A 160 -15.34 -0.95 1.22
N LYS A 161 -16.19 -1.64 0.45
CA LYS A 161 -17.41 -2.23 1.01
C LYS A 161 -17.11 -3.55 1.70
N PRO A 162 -18.00 -3.98 2.61
CA PRO A 162 -17.83 -5.26 3.32
C PRO A 162 -17.79 -6.41 2.31
N GLY A 163 -16.86 -7.36 2.52
CA GLY A 163 -16.73 -8.47 1.59
C GLY A 163 -15.72 -8.15 0.48
N GLY A 164 -15.31 -6.88 0.39
CA GLY A 164 -14.37 -6.45 -0.63
C GLY A 164 -12.97 -6.96 -0.38
N LEU A 165 -12.03 -6.60 -1.26
CA LEU A 165 -10.64 -7.03 -1.14
C LEU A 165 -9.69 -5.84 -1.11
N VAL A 166 -8.76 -5.84 -0.15
CA VAL A 166 -7.77 -4.78 -0.06
C VAL A 166 -6.37 -5.36 0.04
N CYS A 167 -5.46 -4.87 -0.79
CA CYS A 167 -4.09 -5.39 -0.82
C CYS A 167 -3.05 -4.35 -0.43
N LEU A 168 -2.30 -4.64 0.64
CA LEU A 168 -1.25 -3.75 1.11
C LEU A 168 0.08 -4.50 1.21
N THR A 169 1.17 -3.85 0.80
CA THR A 169 2.50 -4.46 0.85
C THR A 169 3.58 -3.42 1.15
N THR A 170 4.67 -3.85 1.81
CA THR A 170 5.77 -2.92 2.17
C THR A 170 6.92 -3.71 2.84
N ARG A 171 7.97 -3.00 3.30
CA ARG A 171 9.10 -3.63 3.99
C ARG A 171 8.71 -3.89 5.45
N THR A 172 8.94 -5.12 5.92
CA THR A 172 8.54 -5.48 7.28
C THR A 172 9.70 -5.56 8.30
N ASN A 173 10.90 -5.87 7.85
CA ASN A 173 12.02 -5.96 8.80
C ASN A 173 12.54 -4.57 9.22
N PRO A 174 12.83 -3.66 8.27
CA PRO A 174 13.32 -2.33 8.62
C PRO A 174 12.33 -1.58 9.49
N SER A 175 12.84 -0.85 10.49
CA SER A 175 11.98 -0.09 11.40
C SER A 175 11.05 -1.05 12.14
N ASN A 176 11.42 -1.44 13.36
CA ASN A 176 10.59 -2.34 14.14
C ASN A 176 10.41 -3.68 13.41
N LEU A 177 11.53 -4.36 13.14
CA LEU A 177 11.53 -5.63 12.40
C LEU A 177 10.54 -6.64 13.02
N PRO A 178 10.79 -7.11 14.26
CA PRO A 178 9.89 -8.07 14.93
C PRO A 178 8.49 -7.52 15.14
N TYR A 179 8.39 -6.21 15.29
CA TYR A 179 7.11 -5.55 15.52
C TYR A 179 6.09 -5.83 14.42
N LYS A 180 6.53 -6.16 13.22
CA LYS A 180 5.57 -6.43 12.16
C LYS A 180 4.68 -7.61 12.56
N GLU A 181 5.28 -8.64 13.18
CA GLU A 181 4.46 -9.76 13.66
C GLU A 181 3.47 -9.20 14.67
N THR A 182 3.94 -8.27 15.50
CA THR A 182 3.08 -7.60 16.47
C THR A 182 1.98 -6.88 15.68
N LEU A 183 2.40 -6.23 14.59
CA LEU A 183 1.48 -5.54 13.69
C LEU A 183 0.46 -6.53 13.13
N GLU A 184 0.95 -7.72 12.77
CA GLU A 184 0.10 -8.77 12.22
C GLU A 184 -0.97 -9.15 13.22
N ALA A 185 -0.61 -9.22 14.50
CA ALA A 185 -1.56 -9.55 15.55
C ALA A 185 -2.65 -8.47 15.62
N THR A 186 -2.26 -7.22 15.41
CA THR A 186 -3.20 -6.11 15.43
C THR A 186 -4.28 -6.31 14.36
N LEU A 187 -3.88 -6.79 13.19
CA LEU A 187 -4.84 -7.04 12.11
C LEU A 187 -5.88 -8.07 12.59
N ASP A 188 -5.39 -9.09 13.29
CA ASP A 188 -6.26 -10.15 13.80
C ASP A 188 -7.31 -9.56 14.74
N SER A 189 -6.92 -8.61 15.58
CA SER A 189 -7.88 -7.99 16.49
C SER A 189 -8.99 -7.32 15.68
N LEU A 190 -8.63 -6.64 14.59
CA LEU A 190 -9.62 -6.01 13.72
C LEU A 190 -10.55 -7.09 13.17
N GLU A 191 -9.95 -8.22 12.79
CA GLU A 191 -10.69 -9.37 12.29
C GLU A 191 -11.66 -9.86 13.36
N ARG A 192 -11.11 -10.03 14.56
CA ARG A 192 -11.90 -10.48 15.71
C ARG A 192 -13.02 -9.46 15.99
N ALA A 193 -12.69 -8.18 15.87
CA ALA A 193 -13.67 -7.11 16.09
C ALA A 193 -14.81 -7.19 15.08
N GLY A 194 -14.48 -7.58 13.85
CA GLY A 194 -15.50 -7.70 12.82
C GLY A 194 -15.32 -6.73 11.66
N VAL A 195 -14.47 -5.71 11.81
CA VAL A 195 -14.28 -4.73 10.74
C VAL A 195 -13.77 -5.39 9.45
N TRP A 196 -12.74 -6.22 9.55
CA TRP A 196 -12.19 -6.90 8.37
C TRP A 196 -11.59 -8.25 8.75
N GLU A 197 -11.64 -9.24 7.85
CA GLU A 197 -11.07 -10.56 8.16
C GLU A 197 -10.01 -10.96 7.12
N CYS A 198 -8.78 -11.14 7.57
CA CYS A 198 -7.69 -11.51 6.68
C CYS A 198 -7.95 -12.84 5.99
N LEU A 199 -8.05 -12.81 4.66
CA LEU A 199 -8.26 -14.04 3.89
C LEU A 199 -7.01 -14.89 3.93
N VAL A 200 -5.90 -14.28 3.57
CA VAL A 200 -4.62 -14.98 3.51
C VAL A 200 -3.47 -13.97 3.49
N THR A 201 -2.27 -14.44 3.77
CA THR A 201 -1.08 -13.59 3.75
C THR A 201 0.08 -14.33 3.11
N GLN A 202 0.66 -13.75 2.06
CA GLN A 202 1.77 -14.38 1.37
C GLN A 202 3.08 -13.74 1.78
N PRO A 203 3.94 -14.47 2.50
CA PRO A 203 5.23 -13.94 2.91
C PRO A 203 6.10 -13.67 1.69
N VAL A 204 6.83 -12.57 1.70
CA VAL A 204 7.69 -12.23 0.60
C VAL A 204 9.14 -12.47 1.01
N ASP A 205 9.98 -11.43 1.06
CA ASP A 205 11.35 -11.62 1.49
C ASP A 205 11.42 -11.54 3.02
N HIS A 206 10.27 -11.32 3.67
CA HIS A 206 10.22 -11.23 5.13
C HIS A 206 10.73 -12.50 5.79
N TRP A 207 10.25 -13.64 5.32
CA TRP A 207 10.70 -14.91 5.87
C TRP A 207 11.91 -15.45 5.09
N GLU A 208 12.29 -14.73 4.02
CA GLU A 208 13.43 -15.13 3.19
C GLU A 208 14.78 -14.73 3.80
N LEU A 209 15.08 -13.43 3.83
CA LEU A 209 16.35 -12.94 4.36
C LEU A 209 16.33 -12.82 5.89
N ALA A 210 15.52 -11.88 6.39
CA ALA A 210 15.41 -11.61 7.83
C ALA A 210 16.62 -12.15 8.61
N THR A 211 16.47 -13.26 9.32
CA THR A 211 17.57 -13.84 10.08
C THR A 211 17.72 -15.31 9.76
N SER A 212 18.81 -15.92 10.22
CA SER A 212 19.02 -17.34 9.95
C SER A 212 18.63 -18.20 11.14
N GLU A 213 17.64 -19.07 10.92
CA GLU A 213 17.14 -19.97 11.95
C GLU A 213 18.25 -20.90 12.46
N GLN A 214 19.09 -21.37 11.54
CA GLN A 214 20.15 -22.31 11.90
C GLN A 214 21.11 -21.74 12.93
N GLU A 215 21.47 -20.46 12.81
CA GLU A 215 22.38 -19.85 13.78
C GLU A 215 22.30 -18.33 13.81
N THR A 216 22.77 -17.75 14.91
CA THR A 216 22.77 -16.31 15.08
C THR A 216 23.88 -15.67 14.24
N GLY A 217 25.07 -16.27 14.27
CA GLY A 217 26.19 -15.73 13.52
C GLY A 217 26.65 -14.40 14.06
N LEU A 218 26.38 -14.13 15.35
CA LEU A 218 26.78 -12.86 15.96
C LEU A 218 26.48 -11.70 15.02
N GLY A 219 25.27 -11.72 14.45
CA GLY A 219 24.87 -10.70 13.51
C GLY A 219 24.39 -9.39 14.15
N THR A 220 24.48 -9.25 15.46
CA THR A 220 24.04 -8.00 16.10
C THR A 220 24.86 -6.83 15.55
N CYS A 221 26.17 -7.01 15.49
CA CYS A 221 27.06 -5.97 14.97
C CYS A 221 26.88 -5.79 13.46
N ALA A 222 26.39 -6.84 12.78
CA ALA A 222 26.18 -6.79 11.35
C ALA A 222 24.71 -6.50 11.01
N ASN A 223 23.93 -6.08 12.01
CA ASN A 223 22.52 -5.77 11.80
C ASN A 223 21.78 -6.89 11.10
N ASP A 224 21.98 -8.13 11.53
CA ASP A 224 21.28 -9.26 10.91
C ASP A 224 19.80 -9.22 11.25
N GLY A 225 18.97 -9.77 10.36
CA GLY A 225 17.54 -9.75 10.57
C GLY A 225 16.91 -8.57 9.83
N PHE A 226 17.29 -8.37 8.57
CA PHE A 226 16.79 -7.26 7.78
C PHE A 226 16.39 -7.66 6.36
N ILE A 227 15.16 -7.27 5.97
CA ILE A 227 14.59 -7.59 4.67
C ILE A 227 13.29 -6.79 4.45
N SER A 228 12.69 -6.87 3.26
CA SER A 228 11.46 -6.15 2.99
C SER A 228 10.46 -6.99 2.18
N GLY A 229 9.30 -6.41 1.95
CA GLY A 229 8.26 -7.07 1.19
C GLY A 229 7.42 -8.05 1.98
N ILE A 230 6.15 -7.71 2.16
CA ILE A 230 5.20 -8.56 2.86
C ILE A 230 3.80 -8.23 2.35
N ILE A 231 3.08 -9.21 1.82
CA ILE A 231 1.76 -8.94 1.28
C ILE A 231 0.64 -9.30 2.25
N TYR A 232 -0.39 -8.46 2.29
CA TYR A 232 -1.54 -8.68 3.17
C TYR A 232 -2.86 -8.49 2.42
N LEU A 233 -3.61 -9.57 2.20
CA LEU A 233 -4.91 -9.47 1.53
C LEU A 233 -6.03 -9.70 2.54
N TYR A 234 -6.89 -8.69 2.71
CA TYR A 234 -7.97 -8.78 3.69
C TYR A 234 -9.33 -8.43 3.08
N ARG A 235 -10.41 -8.92 3.70
CA ARG A 235 -11.76 -8.61 3.26
C ARG A 235 -12.40 -7.58 4.18
N LYS A 236 -13.53 -7.02 3.76
CA LYS A 236 -14.20 -6.01 4.56
C LYS A 236 -15.34 -6.58 5.38
N GLN A 237 -15.47 -6.08 6.61
CA GLN A 237 -16.51 -6.52 7.54
C GLN A 237 -16.72 -8.02 7.48
N GLU A 238 -16.00 -8.73 8.34
CA GLU A 238 -16.10 -10.17 8.43
C GLU A 238 -15.83 -10.61 9.86
N THR A 239 -16.15 -11.86 10.18
CA THR A 239 -15.97 -12.34 11.54
C THR A 239 -14.88 -13.42 11.60
N VAL A 240 -13.94 -13.24 12.54
CA VAL A 240 -12.85 -14.19 12.72
C VAL A 240 -12.26 -14.63 11.38
N GLY A 1 4.60 17.21 18.70
CA GLY A 1 4.98 16.43 17.49
C GLY A 1 6.23 15.60 17.71
N ALA A 2 6.50 14.69 16.78
CA ALA A 2 7.68 13.82 16.89
C ALA A 2 8.27 13.50 15.52
N MET A 3 9.53 13.11 15.49
CA MET A 3 10.19 12.76 14.24
C MET A 3 9.47 11.60 13.56
N ALA A 4 9.04 10.63 14.36
CA ALA A 4 8.32 9.48 13.82
C ALA A 4 6.99 9.94 13.23
N GLN A 5 6.16 10.53 14.07
CA GLN A 5 4.84 11.00 13.63
C GLN A 5 4.97 12.03 12.50
N GLU A 6 5.95 12.93 12.61
CA GLU A 6 6.18 13.91 11.57
C GLU A 6 6.73 13.23 10.31
N GLU A 7 7.88 12.57 10.47
CA GLU A 7 8.55 11.89 9.36
C GLU A 7 7.65 10.81 8.76
N ALA A 8 6.94 10.06 9.59
CA ALA A 8 6.04 9.04 9.07
C ALA A 8 4.88 9.72 8.37
N GLY A 9 4.15 10.50 9.15
CA GLY A 9 3.00 11.21 8.60
C GLY A 9 3.37 12.26 7.56
N ARG A 10 4.45 12.06 6.81
CA ARG A 10 4.89 13.04 5.82
C ARG A 10 3.85 13.35 4.75
N LEU A 11 3.26 12.34 4.09
CA LEU A 11 2.29 12.60 3.02
C LEU A 11 1.15 13.55 3.42
N PRO A 12 0.54 13.39 4.61
CA PRO A 12 -0.56 14.28 5.03
C PRO A 12 -0.08 15.71 5.07
N GLN A 13 1.19 15.90 5.36
CA GLN A 13 1.77 17.23 5.38
C GLN A 13 1.64 17.86 4.00
N VAL A 14 1.86 17.05 2.97
CA VAL A 14 1.80 17.52 1.58
C VAL A 14 0.41 18.07 1.25
N LEU A 15 -0.65 17.32 1.53
CA LEU A 15 -1.99 17.83 1.25
C LEU A 15 -2.20 19.10 2.05
N ALA A 16 -1.73 19.09 3.29
CA ALA A 16 -1.85 20.26 4.15
C ALA A 16 -1.23 21.48 3.46
N ARG A 17 -0.05 21.28 2.87
CA ARG A 17 0.61 22.37 2.13
C ARG A 17 -0.17 22.67 0.85
N VAL A 18 -0.74 21.61 0.24
CA VAL A 18 -1.52 21.75 -0.99
C VAL A 18 -2.84 22.47 -0.74
N GLY A 19 -3.48 22.16 0.39
CA GLY A 19 -4.76 22.75 0.72
C GLY A 19 -4.79 24.26 0.58
N THR A 20 -3.67 24.93 0.80
CA THR A 20 -3.64 26.39 0.67
C THR A 20 -4.00 26.78 -0.76
N SER A 21 -3.47 26.03 -1.73
CA SER A 21 -3.75 26.29 -3.14
C SER A 21 -3.18 27.64 -3.58
N HIS A 22 -3.54 28.08 -4.78
CA HIS A 22 -3.03 29.33 -5.32
C HIS A 22 -1.51 29.27 -5.46
N GLY A 23 -1.03 28.12 -5.90
CA GLY A 23 0.40 27.91 -6.08
C GLY A 23 0.70 26.51 -6.57
N ILE A 24 0.07 26.12 -7.69
CA ILE A 24 0.25 24.78 -8.23
C ILE A 24 1.66 24.59 -8.81
N THR A 25 2.36 25.67 -9.13
CA THR A 25 3.70 25.55 -9.69
C THR A 25 4.65 24.84 -8.73
N ASP A 26 4.70 25.27 -7.47
CA ASP A 26 5.58 24.61 -6.49
C ASP A 26 4.98 23.28 -6.03
N LEU A 27 3.65 23.15 -6.12
CA LEU A 27 3.00 21.91 -5.73
C LEU A 27 3.55 20.79 -6.61
N ALA A 28 3.81 21.11 -7.88
CA ALA A 28 4.43 20.17 -8.80
C ALA A 28 5.91 20.01 -8.43
N CYS A 29 6.51 21.12 -8.00
CA CYS A 29 7.93 21.14 -7.64
C CYS A 29 8.22 20.12 -6.54
N LYS A 30 7.44 20.14 -5.46
CA LYS A 30 7.66 19.19 -4.37
C LYS A 30 7.52 17.77 -4.90
N LEU A 31 6.46 17.52 -5.66
CA LEU A 31 6.23 16.21 -6.26
C LEU A 31 7.41 15.86 -7.18
N ARG A 32 7.89 16.85 -7.92
CA ARG A 32 9.03 16.67 -8.83
C ARG A 32 10.26 16.21 -8.05
N PHE A 33 10.44 16.75 -6.84
CA PHE A 33 11.55 16.35 -6.00
C PHE A 33 11.48 14.86 -5.73
N TYR A 34 10.30 14.41 -5.30
CA TYR A 34 10.07 13.00 -5.00
C TYR A 34 10.20 12.16 -6.28
N ASP A 35 9.65 12.65 -7.38
CA ASP A 35 9.71 11.95 -8.67
C ASP A 35 11.11 11.94 -9.28
N ASP A 36 12.01 12.80 -8.78
CA ASP A 36 13.36 12.83 -9.31
C ASP A 36 14.00 11.45 -9.10
N TRP A 37 13.91 10.96 -7.87
CA TRP A 37 14.47 9.65 -7.52
C TRP A 37 13.47 8.51 -7.81
N ALA A 38 12.18 8.85 -7.92
CA ALA A 38 11.12 7.85 -8.15
C ALA A 38 11.56 6.74 -9.09
N PRO A 39 11.92 7.04 -10.35
CA PRO A 39 12.35 6.03 -11.31
C PRO A 39 13.41 5.11 -10.72
N GLU A 40 14.34 5.71 -9.97
CA GLU A 40 15.41 4.97 -9.33
C GLU A 40 14.85 4.05 -8.24
N TYR A 41 13.75 4.48 -7.60
CA TYR A 41 13.09 3.66 -6.59
C TYR A 41 12.31 2.52 -7.22
N ASP A 42 11.76 2.73 -8.42
CA ASP A 42 10.99 1.67 -9.07
C ASP A 42 11.88 0.46 -9.27
N GLN A 43 13.03 0.65 -9.92
CA GLN A 43 13.96 -0.46 -10.14
C GLN A 43 14.41 -1.05 -8.80
N ASP A 44 14.38 -0.22 -7.75
CA ASP A 44 14.78 -0.67 -6.42
C ASP A 44 13.90 -1.83 -5.95
N VAL A 45 12.59 -1.78 -6.22
CA VAL A 45 11.72 -2.86 -5.80
C VAL A 45 12.10 -4.15 -6.52
N ALA A 46 12.45 -4.06 -7.80
CA ALA A 46 12.87 -5.24 -8.55
C ALA A 46 14.13 -5.81 -7.91
N ALA A 47 15.03 -4.92 -7.48
CA ALA A 47 16.27 -5.32 -6.83
C ALA A 47 15.97 -6.11 -5.55
N LEU A 48 14.87 -5.77 -4.87
CA LEU A 48 14.46 -6.47 -3.66
C LEU A 48 13.51 -7.64 -3.99
N LYS A 49 13.15 -7.76 -5.28
CA LYS A 49 12.24 -8.80 -5.73
C LYS A 49 10.96 -8.85 -4.89
N TYR A 50 10.17 -7.79 -4.97
CA TYR A 50 8.91 -7.74 -4.22
C TYR A 50 7.87 -8.59 -4.94
N ARG A 51 7.58 -9.76 -4.37
CA ARG A 51 6.59 -10.68 -4.94
C ARG A 51 5.18 -10.12 -4.78
N ALA A 52 4.92 -9.48 -3.64
CA ALA A 52 3.61 -8.92 -3.33
C ALA A 52 2.85 -8.43 -4.57
N PRO A 53 3.39 -7.44 -5.30
CA PRO A 53 2.73 -6.89 -6.50
C PRO A 53 2.29 -7.99 -7.49
N ARG A 54 3.11 -9.01 -7.61
CA ARG A 54 2.81 -10.12 -8.52
C ARG A 54 1.63 -10.96 -7.98
N LEU A 55 1.81 -11.49 -6.77
CA LEU A 55 0.78 -12.30 -6.12
C LEU A 55 -0.40 -11.44 -5.63
N ALA A 56 -0.07 -10.19 -5.28
CA ALA A 56 -1.08 -9.25 -4.79
C ALA A 56 -2.22 -9.15 -5.79
N VAL A 57 -1.90 -8.73 -7.01
CA VAL A 57 -2.91 -8.58 -8.05
C VAL A 57 -3.57 -9.93 -8.40
N ASP A 58 -2.78 -10.97 -8.66
CA ASP A 58 -3.36 -12.29 -9.01
C ASP A 58 -4.20 -12.87 -7.87
N CYS A 59 -3.63 -12.89 -6.66
CA CYS A 59 -4.34 -13.44 -5.51
C CYS A 59 -5.62 -12.69 -5.25
N LEU A 60 -5.59 -11.37 -5.39
CA LEU A 60 -6.79 -10.57 -5.17
C LEU A 60 -7.88 -11.00 -6.13
N SER A 61 -7.53 -11.13 -7.41
CA SER A 61 -8.49 -11.56 -8.41
C SER A 61 -9.00 -12.98 -8.12
N ARG A 62 -8.08 -13.85 -7.67
CA ARG A 62 -8.46 -15.24 -7.36
C ARG A 62 -9.38 -15.29 -6.15
N ALA A 63 -9.03 -14.53 -5.10
CA ALA A 63 -9.84 -14.48 -3.89
C ALA A 63 -11.11 -13.67 -4.12
N PHE A 64 -10.95 -12.58 -4.87
CA PHE A 64 -12.06 -11.69 -5.17
C PHE A 64 -13.12 -12.42 -6.02
N ARG A 65 -14.16 -12.90 -5.34
CA ARG A 65 -15.25 -13.63 -5.99
C ARG A 65 -15.95 -12.75 -7.04
N GLY A 66 -16.14 -11.48 -6.70
CA GLY A 66 -16.78 -10.58 -7.62
C GLY A 66 -15.90 -10.25 -8.79
N SER A 67 -16.49 -9.86 -9.91
CA SER A 67 -15.70 -9.52 -11.08
C SER A 67 -15.25 -8.07 -11.05
N PRO A 68 -13.94 -7.83 -11.17
CA PRO A 68 -13.39 -6.47 -11.19
C PRO A 68 -14.04 -5.64 -12.32
N HIS A 69 -14.62 -6.36 -13.28
CA HIS A 69 -15.32 -5.74 -14.39
C HIS A 69 -16.56 -5.00 -13.88
N ASP A 70 -17.41 -5.72 -13.13
CA ASP A 70 -18.62 -5.16 -12.56
C ASP A 70 -18.35 -4.48 -11.21
N ALA A 71 -17.31 -4.93 -10.51
CA ALA A 71 -16.95 -4.36 -9.22
C ALA A 71 -16.17 -3.08 -9.43
N LEU A 72 -15.98 -2.28 -8.38
CA LEU A 72 -15.22 -1.05 -8.51
C LEU A 72 -13.96 -1.11 -7.65
N ILE A 73 -12.81 -1.19 -8.33
CA ILE A 73 -11.52 -1.31 -7.65
C ILE A 73 -10.90 0.04 -7.30
N LEU A 74 -10.16 0.08 -6.19
CA LEU A 74 -9.52 1.31 -5.74
C LEU A 74 -8.01 1.12 -5.55
N ASP A 75 -7.23 2.11 -5.95
CA ASP A 75 -5.80 2.04 -5.75
C ASP A 75 -5.29 3.36 -5.20
N VAL A 76 -4.14 3.33 -4.56
CA VAL A 76 -3.58 4.52 -3.96
C VAL A 76 -2.37 5.02 -4.76
N ALA A 77 -1.74 6.07 -4.25
CA ALA A 77 -0.58 6.67 -4.91
C ALA A 77 0.44 5.62 -5.31
N CYS A 78 0.55 4.57 -4.49
CA CYS A 78 1.46 3.49 -4.80
C CYS A 78 0.79 2.43 -5.68
N GLY A 79 -0.21 2.87 -6.45
CA GLY A 79 -0.93 1.99 -7.34
C GLY A 79 0.00 1.15 -8.21
N THR A 80 1.20 1.66 -8.47
CA THR A 80 2.17 0.94 -9.28
C THR A 80 1.68 0.81 -10.71
N GLY A 81 2.24 1.62 -11.61
CA GLY A 81 1.83 1.61 -13.00
C GLY A 81 1.70 0.21 -13.58
N LEU A 82 2.74 -0.61 -13.43
CA LEU A 82 2.72 -1.97 -13.96
C LEU A 82 1.59 -2.80 -13.36
N VAL A 83 1.29 -2.57 -12.08
CA VAL A 83 0.20 -3.30 -11.43
C VAL A 83 -1.11 -3.02 -12.16
N ALA A 84 -1.30 -1.78 -12.59
CA ALA A 84 -2.50 -1.45 -13.36
C ALA A 84 -2.51 -2.28 -14.65
N VAL A 85 -1.34 -2.39 -15.30
CA VAL A 85 -1.22 -3.18 -16.53
C VAL A 85 -1.58 -4.63 -16.24
N GLU A 86 -1.09 -5.13 -15.11
CA GLU A 86 -1.39 -6.49 -14.68
C GLU A 86 -2.86 -6.55 -14.26
N LEU A 87 -3.33 -5.46 -13.65
CA LEU A 87 -4.71 -5.35 -13.22
C LEU A 87 -5.65 -5.49 -14.42
N GLN A 88 -5.30 -4.84 -15.53
CA GLN A 88 -6.13 -4.91 -16.73
C GLN A 88 -6.25 -6.36 -17.18
N ALA A 89 -5.11 -7.06 -17.27
CA ALA A 89 -5.10 -8.46 -17.68
C ALA A 89 -5.85 -9.32 -16.66
N ARG A 90 -5.76 -8.96 -15.38
CA ARG A 90 -6.45 -9.69 -14.32
C ARG A 90 -7.97 -9.65 -14.54
N GLY A 91 -8.44 -8.62 -15.25
CA GLY A 91 -9.86 -8.48 -15.52
C GLY A 91 -10.49 -7.32 -14.78
N PHE A 92 -9.71 -6.26 -14.53
CA PHE A 92 -10.22 -5.09 -13.84
C PHE A 92 -10.56 -3.99 -14.84
N LEU A 93 -11.85 -3.75 -15.03
CA LEU A 93 -12.30 -2.73 -15.95
C LEU A 93 -12.87 -1.52 -15.22
N GLN A 94 -12.76 -1.50 -13.90
CA GLN A 94 -13.24 -0.37 -13.11
C GLN A 94 -12.26 -0.07 -12.00
N VAL A 95 -11.62 1.10 -12.02
CA VAL A 95 -10.68 1.44 -10.97
C VAL A 95 -10.69 2.93 -10.62
N GLN A 96 -10.65 3.20 -9.32
CA GLN A 96 -10.60 4.56 -8.81
C GLN A 96 -9.48 4.69 -7.79
N GLY A 97 -9.00 5.90 -7.53
CA GLY A 97 -7.92 6.03 -6.58
C GLY A 97 -7.31 7.43 -6.53
N VAL A 98 -6.15 7.51 -5.92
CA VAL A 98 -5.43 8.76 -5.79
C VAL A 98 -3.93 8.55 -5.72
N ASP A 99 -3.18 9.50 -6.26
CA ASP A 99 -1.72 9.41 -6.24
C ASP A 99 -1.12 10.80 -6.01
N GLY A 100 0.04 10.85 -5.38
CA GLY A 100 0.67 12.12 -5.09
C GLY A 100 1.64 12.56 -6.15
N SER A 101 2.44 11.63 -6.64
CA SER A 101 3.41 11.94 -7.67
C SER A 101 2.79 11.83 -9.06
N PRO A 102 3.01 12.82 -9.93
CA PRO A 102 2.48 12.78 -11.28
C PRO A 102 3.04 11.56 -12.01
N GLU A 103 4.27 11.19 -11.70
CA GLU A 103 4.90 10.01 -12.29
C GLU A 103 4.07 8.77 -11.94
N MET A 104 3.58 8.75 -10.70
CA MET A 104 2.71 7.68 -10.22
C MET A 104 1.34 7.79 -10.91
N LEU A 105 0.87 9.04 -11.05
CA LEU A 105 -0.40 9.33 -11.72
C LEU A 105 -0.31 9.05 -13.22
N LYS A 106 0.83 9.42 -13.81
CA LYS A 106 1.05 9.25 -15.24
C LYS A 106 0.95 7.79 -15.65
N GLN A 107 1.64 6.90 -14.95
CA GLN A 107 1.57 5.49 -15.32
C GLN A 107 0.13 5.01 -15.24
N ALA A 108 -0.49 5.24 -14.08
CA ALA A 108 -1.87 4.83 -13.86
C ALA A 108 -2.84 5.50 -14.84
N ARG A 109 -2.76 6.83 -14.95
CA ARG A 109 -3.63 7.58 -15.85
C ARG A 109 -3.30 7.32 -17.32
N ALA A 110 -2.03 7.45 -17.68
CA ALA A 110 -1.60 7.21 -19.07
C ALA A 110 -1.94 5.78 -19.47
N ARG A 111 -1.83 4.88 -18.50
CA ARG A 111 -2.16 3.47 -18.74
C ARG A 111 -3.62 3.36 -19.16
N GLY A 112 -4.48 4.15 -18.52
CA GLY A 112 -5.90 4.11 -18.82
C GLY A 112 -6.59 3.00 -18.06
N LEU A 113 -5.93 2.51 -17.02
CA LEU A 113 -6.48 1.46 -16.16
C LEU A 113 -7.44 2.07 -15.14
N TYR A 114 -7.07 3.25 -14.65
CA TYR A 114 -7.85 3.91 -13.62
C TYR A 114 -8.90 4.86 -14.19
N HIS A 115 -10.16 4.59 -13.86
CA HIS A 115 -11.25 5.43 -14.32
C HIS A 115 -11.09 6.84 -13.81
N HIS A 116 -10.79 6.98 -12.53
CA HIS A 116 -10.61 8.29 -11.94
C HIS A 116 -9.50 8.31 -10.90
N LEU A 117 -8.52 9.17 -11.10
CA LEU A 117 -7.42 9.33 -10.15
C LEU A 117 -7.25 10.79 -9.81
N SER A 118 -6.80 11.06 -8.60
CA SER A 118 -6.62 12.43 -8.17
C SER A 118 -5.38 12.62 -7.31
N LEU A 119 -4.87 13.84 -7.31
CA LEU A 119 -3.72 14.18 -6.50
C LEU A 119 -4.22 14.46 -5.08
N CYS A 120 -3.76 13.70 -4.11
CA CYS A 120 -4.22 13.92 -2.75
C CYS A 120 -3.33 13.24 -1.70
N THR A 121 -2.14 13.81 -1.49
CA THR A 121 -1.22 13.28 -0.49
C THR A 121 -1.91 13.28 0.87
N LEU A 122 -1.62 12.31 1.72
CA LEU A 122 -2.28 12.28 3.00
C LEU A 122 -1.67 11.29 3.99
N GLY A 123 -2.20 11.33 5.20
CA GLY A 123 -1.74 10.46 6.27
C GLY A 123 -2.77 10.34 7.35
N GLN A 124 -2.81 11.28 8.31
CA GLN A 124 -3.83 11.22 9.34
C GLN A 124 -5.16 11.29 8.62
N GLU A 125 -5.38 12.40 7.90
CA GLU A 125 -6.61 12.58 7.13
C GLU A 125 -6.80 11.39 6.18
N PRO A 126 -8.01 10.83 6.13
CA PRO A 126 -8.32 9.65 5.30
C PRO A 126 -8.47 9.91 3.81
N LEU A 127 -7.97 8.96 3.00
CA LEU A 127 -8.04 9.06 1.54
C LEU A 127 -9.36 9.70 1.08
N PRO A 128 -9.33 10.37 -0.08
CA PRO A 128 -10.48 11.11 -0.63
C PRO A 128 -11.76 10.35 -0.94
N ASP A 129 -11.71 9.06 -1.29
CA ASP A 129 -12.95 8.34 -1.65
C ASP A 129 -13.87 8.10 -0.45
N PRO A 130 -15.19 7.95 -0.73
CA PRO A 130 -16.21 7.71 0.29
C PRO A 130 -16.21 6.27 0.80
N GLU A 131 -17.03 6.00 1.83
CA GLU A 131 -17.11 4.67 2.42
C GLU A 131 -17.90 3.70 1.56
N GLY A 132 -17.68 2.38 1.79
CA GLY A 132 -18.37 1.36 1.02
C GLY A 132 -18.54 1.76 -0.44
N THR A 133 -17.51 2.42 -0.97
CA THR A 133 -17.52 2.90 -2.34
C THR A 133 -17.10 1.82 -3.33
N PHE A 134 -15.87 1.35 -3.19
CA PHE A 134 -15.32 0.37 -4.11
C PHE A 134 -15.28 -1.04 -3.50
N ASP A 135 -15.50 -2.03 -4.37
CA ASP A 135 -15.53 -3.44 -3.97
C ASP A 135 -14.15 -3.97 -3.57
N ALA A 136 -13.07 -3.30 -3.97
CA ALA A 136 -11.73 -3.76 -3.61
C ALA A 136 -10.69 -2.66 -3.83
N VAL A 137 -9.54 -2.79 -3.18
CA VAL A 137 -8.47 -1.82 -3.31
C VAL A 137 -7.10 -2.51 -3.38
N ILE A 138 -6.21 -2.03 -4.25
CA ILE A 138 -4.88 -2.63 -4.35
C ILE A 138 -3.77 -1.58 -4.36
N ILE A 139 -3.02 -1.52 -3.26
CA ILE A 139 -1.94 -0.55 -3.08
C ILE A 139 -0.65 -1.28 -2.68
N VAL A 140 0.52 -0.82 -3.14
CA VAL A 140 1.77 -1.49 -2.79
C VAL A 140 2.90 -0.51 -2.43
N GLY A 141 3.56 -0.76 -1.30
CA GLY A 141 4.68 0.06 -0.88
C GLY A 141 4.32 1.27 -0.02
N ALA A 142 3.04 1.62 0.07
CA ALA A 142 2.63 2.79 0.87
C ALA A 142 2.15 2.37 2.27
N LEU A 143 3.08 2.30 3.23
CA LEU A 143 2.72 1.94 4.60
C LEU A 143 3.25 2.96 5.61
N SER A 144 2.90 2.75 6.88
CA SER A 144 3.36 3.62 7.96
C SER A 144 4.88 3.70 7.95
N GLU A 145 5.41 4.81 7.46
CA GLU A 145 6.87 5.02 7.41
C GLU A 145 7.21 6.21 6.52
N GLY A 146 6.41 7.28 6.62
CA GLY A 146 6.66 8.46 5.81
C GLY A 146 5.73 8.54 4.62
N GLN A 147 5.31 7.38 4.10
CA GLN A 147 4.43 7.32 2.95
C GLN A 147 2.95 7.34 3.34
N VAL A 148 2.43 6.19 3.78
CA VAL A 148 1.02 6.10 4.17
C VAL A 148 0.85 5.57 5.61
N PRO A 149 0.51 6.47 6.56
CA PRO A 149 0.31 6.09 7.96
C PRO A 149 -0.70 4.95 8.12
N CYS A 150 -0.18 3.77 8.44
CA CYS A 150 -0.99 2.55 8.57
C CYS A 150 -2.34 2.78 9.26
N SER A 151 -2.50 3.82 10.08
CA SER A 151 -3.79 4.08 10.70
C SER A 151 -4.79 4.54 9.65
N ALA A 152 -4.29 5.27 8.64
CA ALA A 152 -5.12 5.76 7.55
C ALA A 152 -5.61 4.64 6.63
N ILE A 153 -4.76 3.63 6.39
CA ILE A 153 -5.13 2.51 5.50
C ILE A 153 -6.55 2.03 5.80
N PRO A 154 -6.86 1.76 7.09
CA PRO A 154 -8.20 1.33 7.51
C PRO A 154 -9.30 2.24 6.94
N GLU A 155 -8.90 3.45 6.52
CA GLU A 155 -9.84 4.37 5.88
C GLU A 155 -10.19 3.80 4.52
N LEU A 156 -9.16 3.30 3.82
CA LEU A 156 -9.35 2.67 2.52
C LEU A 156 -10.29 1.49 2.67
N LEU A 157 -10.11 0.75 3.75
CA LEU A 157 -11.01 -0.37 4.04
C LEU A 157 -12.38 0.23 4.30
N ARG A 158 -12.39 1.35 5.02
CA ARG A 158 -13.61 2.07 5.33
C ARG A 158 -14.28 2.55 4.02
N VAL A 159 -13.48 2.99 3.03
CA VAL A 159 -14.02 3.42 1.73
C VAL A 159 -14.38 2.18 0.88
N THR A 160 -13.98 1.02 1.41
CA THR A 160 -14.26 -0.26 0.80
C THR A 160 -15.48 -0.88 1.49
N LYS A 161 -16.28 -1.65 0.77
CA LYS A 161 -17.45 -2.28 1.37
C LYS A 161 -17.07 -3.55 2.13
N PRO A 162 -17.85 -3.92 3.16
CA PRO A 162 -17.56 -5.13 3.93
C PRO A 162 -17.60 -6.35 3.02
N GLY A 163 -16.67 -7.29 3.22
CA GLY A 163 -16.59 -8.46 2.37
C GLY A 163 -15.66 -8.21 1.18
N GLY A 164 -15.29 -6.94 0.98
CA GLY A 164 -14.41 -6.59 -0.12
C GLY A 164 -12.99 -7.08 0.08
N LEU A 165 -12.10 -6.75 -0.85
CA LEU A 165 -10.70 -7.16 -0.75
C LEU A 165 -9.75 -5.96 -0.76
N VAL A 166 -8.81 -5.95 0.17
CA VAL A 166 -7.83 -4.86 0.25
C VAL A 166 -6.42 -5.43 0.10
N CYS A 167 -5.66 -4.91 -0.86
CA CYS A 167 -4.30 -5.42 -1.11
C CYS A 167 -3.21 -4.41 -0.81
N LEU A 168 -2.34 -4.74 0.15
CA LEU A 168 -1.24 -3.86 0.51
C LEU A 168 0.05 -4.65 0.72
N THR A 169 1.19 -4.03 0.41
CA THR A 169 2.49 -4.68 0.59
C THR A 169 3.56 -3.66 0.97
N THR A 170 4.57 -4.12 1.72
CA THR A 170 5.68 -3.28 2.19
C THR A 170 6.51 -4.09 3.18
N ARG A 171 7.44 -3.49 3.93
CA ARG A 171 8.21 -4.26 4.89
C ARG A 171 7.35 -4.60 6.11
N THR A 172 7.00 -5.88 6.25
CA THR A 172 6.14 -6.34 7.35
C THR A 172 6.76 -6.06 8.71
N ASN A 173 8.04 -6.37 8.85
CA ASN A 173 8.72 -6.17 10.12
C ASN A 173 10.11 -5.58 9.92
N PRO A 174 10.18 -4.31 9.48
CA PRO A 174 11.46 -3.62 9.28
C PRO A 174 12.24 -3.55 10.58
N SER A 175 11.51 -3.50 11.70
CA SER A 175 12.11 -3.44 13.03
C SER A 175 11.19 -4.11 14.02
N ASN A 176 11.59 -4.21 15.28
CA ASN A 176 10.74 -4.84 16.29
C ASN A 176 10.46 -6.29 15.90
N LEU A 177 11.53 -7.07 15.72
CA LEU A 177 11.41 -8.48 15.32
C LEU A 177 10.35 -9.23 16.14
N PRO A 178 10.48 -9.28 17.48
CA PRO A 178 9.50 -9.96 18.32
C PRO A 178 8.11 -9.34 18.18
N TYR A 179 8.06 -8.04 17.90
CA TYR A 179 6.80 -7.34 17.75
C TYR A 179 5.98 -7.89 16.57
N LYS A 180 6.61 -8.68 15.67
CA LYS A 180 5.86 -9.23 14.55
C LYS A 180 4.73 -10.08 15.10
N GLU A 181 5.05 -10.98 16.04
CA GLU A 181 4.04 -11.81 16.66
C GLU A 181 3.02 -10.90 17.34
N THR A 182 3.53 -9.84 17.97
CA THR A 182 2.65 -8.86 18.60
C THR A 182 1.77 -8.23 17.51
N LEU A 183 2.42 -7.90 16.38
CA LEU A 183 1.75 -7.33 15.21
C LEU A 183 0.68 -8.28 14.67
N GLU A 184 1.05 -9.54 14.53
CA GLU A 184 0.12 -10.54 13.99
C GLU A 184 -1.11 -10.62 14.89
N ALA A 185 -0.90 -10.55 16.20
CA ALA A 185 -2.00 -10.56 17.15
C ALA A 185 -2.90 -9.35 16.91
N THR A 186 -2.29 -8.21 16.55
CA THR A 186 -3.05 -6.99 16.28
C THR A 186 -4.04 -7.20 15.14
N LEU A 187 -3.60 -7.87 14.06
CA LEU A 187 -4.50 -8.15 12.95
C LEU A 187 -5.67 -8.99 13.45
N ASP A 188 -5.33 -10.01 14.24
CA ASP A 188 -6.33 -10.92 14.80
C ASP A 188 -7.34 -10.16 15.65
N SER A 189 -6.88 -9.18 16.43
CA SER A 189 -7.80 -8.39 17.25
C SER A 189 -8.82 -7.67 16.36
N LEU A 190 -8.32 -7.03 15.31
CA LEU A 190 -9.18 -6.34 14.35
C LEU A 190 -10.15 -7.34 13.73
N GLU A 191 -9.61 -8.51 13.38
CA GLU A 191 -10.41 -9.57 12.79
C GLU A 191 -11.50 -9.99 13.77
N ARG A 192 -11.08 -10.24 15.01
CA ARG A 192 -12.00 -10.64 16.08
C ARG A 192 -13.03 -9.53 16.34
N ALA A 193 -12.56 -8.28 16.31
CA ALA A 193 -13.43 -7.13 16.54
C ALA A 193 -14.51 -7.03 15.47
N GLY A 194 -14.20 -7.52 14.27
CA GLY A 194 -15.16 -7.46 13.19
C GLY A 194 -14.77 -6.51 12.08
N VAL A 195 -13.84 -5.59 12.36
CA VAL A 195 -13.41 -4.61 11.34
C VAL A 195 -13.05 -5.31 10.03
N TRP A 196 -12.01 -6.14 10.08
CA TRP A 196 -11.55 -6.86 8.89
C TRP A 196 -11.04 -8.26 9.26
N GLU A 197 -11.16 -9.23 8.35
CA GLU A 197 -10.68 -10.58 8.63
C GLU A 197 -9.63 -11.00 7.59
N CYS A 198 -8.40 -11.23 8.04
CA CYS A 198 -7.33 -11.61 7.13
C CYS A 198 -7.72 -12.84 6.30
N LEU A 199 -7.57 -12.74 4.98
CA LEU A 199 -7.89 -13.83 4.08
C LEU A 199 -6.67 -14.70 3.81
N VAL A 200 -5.69 -14.13 3.11
CA VAL A 200 -4.46 -14.85 2.78
C VAL A 200 -3.25 -13.91 2.68
N THR A 201 -2.06 -14.48 2.84
CA THR A 201 -0.82 -13.70 2.74
C THR A 201 0.22 -14.49 1.94
N GLN A 202 0.70 -13.92 0.84
CA GLN A 202 1.69 -14.59 -0.01
C GLN A 202 3.11 -14.26 0.46
N PRO A 203 4.01 -15.28 0.50
CA PRO A 203 5.39 -15.12 0.96
C PRO A 203 6.29 -14.31 0.00
N VAL A 204 7.28 -13.63 0.61
CA VAL A 204 8.24 -12.80 -0.14
C VAL A 204 9.67 -13.09 0.35
N ASP A 205 10.58 -12.09 0.36
CA ASP A 205 11.95 -12.30 0.84
C ASP A 205 11.99 -12.26 2.37
N HIS A 206 10.89 -11.82 2.96
CA HIS A 206 10.77 -11.67 4.40
C HIS A 206 11.37 -12.83 5.22
N TRP A 207 11.50 -14.02 4.62
CA TRP A 207 12.08 -15.14 5.37
C TRP A 207 13.59 -15.01 5.46
N GLU A 208 14.28 -15.01 4.32
CA GLU A 208 15.75 -14.97 4.29
C GLU A 208 16.32 -13.88 5.21
N LEU A 209 15.72 -12.70 5.22
CA LEU A 209 16.23 -11.65 6.10
C LEU A 209 16.15 -12.13 7.54
N ALA A 210 15.07 -12.82 7.89
CA ALA A 210 14.86 -13.34 9.25
C ALA A 210 15.88 -14.44 9.59
N THR A 211 16.18 -15.32 8.65
CA THR A 211 17.11 -16.42 8.92
C THR A 211 18.34 -16.37 8.00
N SER A 212 19.52 -16.46 8.59
CA SER A 212 20.77 -16.44 7.82
C SER A 212 21.85 -17.26 8.53
N GLU A 213 22.89 -17.63 7.79
CA GLU A 213 23.98 -18.44 8.35
C GLU A 213 24.67 -17.76 9.53
N GLN A 214 24.89 -16.43 9.43
CA GLN A 214 25.56 -15.69 10.52
C GLN A 214 25.91 -14.25 10.06
N GLU A 215 26.99 -13.68 10.62
CA GLU A 215 27.41 -12.31 10.26
C GLU A 215 26.34 -11.29 10.61
N THR A 216 25.76 -11.41 11.80
CA THR A 216 24.74 -10.48 12.25
C THR A 216 25.31 -9.07 12.43
N GLY A 217 26.53 -8.98 12.98
CA GLY A 217 27.15 -7.68 13.19
C GLY A 217 27.22 -6.85 11.93
N LEU A 218 26.56 -5.70 11.92
CA LEU A 218 26.51 -4.84 10.75
C LEU A 218 25.59 -5.48 9.71
N GLY A 219 24.37 -5.77 10.13
CA GLY A 219 23.41 -6.40 9.24
C GLY A 219 22.87 -5.48 8.15
N THR A 220 23.54 -4.37 7.87
CA THR A 220 23.06 -3.45 6.84
C THR A 220 22.99 -4.19 5.50
N CYS A 221 23.98 -5.03 5.22
CA CYS A 221 23.96 -5.81 3.99
C CYS A 221 22.74 -6.73 3.99
N ALA A 222 22.43 -7.30 5.15
CA ALA A 222 21.28 -8.18 5.32
C ALA A 222 21.14 -8.62 6.78
N ASN A 223 20.46 -7.81 7.59
CA ASN A 223 20.29 -8.12 9.01
C ASN A 223 19.59 -9.46 9.20
N ASP A 224 20.17 -10.32 10.04
CA ASP A 224 19.61 -11.64 10.27
C ASP A 224 18.52 -11.60 11.35
N GLY A 225 17.29 -11.91 10.95
CA GLY A 225 16.19 -11.90 11.89
C GLY A 225 15.19 -10.78 11.63
N PHE A 226 15.04 -10.37 10.37
CA PHE A 226 14.09 -9.33 10.00
C PHE A 226 13.15 -9.82 8.91
N ILE A 227 11.85 -9.73 9.16
CA ILE A 227 10.86 -10.19 8.20
C ILE A 227 10.18 -8.98 7.53
N SER A 228 10.24 -8.91 6.19
CA SER A 228 9.67 -7.77 5.46
C SER A 228 9.27 -8.09 4.00
N GLY A 229 8.71 -7.06 3.33
CA GLY A 229 8.35 -7.12 1.91
C GLY A 229 7.15 -7.99 1.53
N ILE A 230 6.31 -8.40 2.46
CA ILE A 230 5.19 -9.30 2.12
C ILE A 230 3.89 -8.59 1.74
N ILE A 231 3.01 -9.37 1.11
CA ILE A 231 1.69 -8.91 0.69
C ILE A 231 0.65 -9.31 1.73
N TYR A 232 -0.42 -8.52 1.84
CA TYR A 232 -1.48 -8.80 2.80
C TYR A 232 -2.86 -8.61 2.18
N LEU A 233 -3.60 -9.70 1.97
CA LEU A 233 -4.94 -9.58 1.41
C LEU A 233 -5.97 -9.75 2.52
N TYR A 234 -6.77 -8.71 2.76
CA TYR A 234 -7.76 -8.75 3.81
C TYR A 234 -9.14 -8.38 3.30
N ARG A 235 -10.16 -8.81 4.04
CA ARG A 235 -11.54 -8.50 3.69
C ARG A 235 -12.08 -7.47 4.68
N LYS A 236 -13.16 -6.80 4.30
CA LYS A 236 -13.74 -5.79 5.16
C LYS A 236 -14.88 -6.35 6.00
N GLN A 237 -14.92 -5.91 7.25
CA GLN A 237 -15.93 -6.34 8.21
C GLN A 237 -16.20 -7.83 8.14
N GLU A 238 -15.52 -8.58 8.99
CA GLU A 238 -15.69 -10.02 9.06
C GLU A 238 -15.42 -10.50 10.49
N THR A 239 -15.73 -11.75 10.78
CA THR A 239 -15.53 -12.28 12.12
C THR A 239 -14.51 -13.41 12.13
N VAL A 240 -13.53 -13.30 13.04
CA VAL A 240 -12.46 -14.29 13.17
C VAL A 240 -12.11 -14.93 11.84
N GLY A 1 7.45 27.44 5.51
CA GLY A 1 8.79 26.81 5.47
C GLY A 1 8.73 25.33 5.10
N ALA A 2 9.43 24.94 4.05
CA ALA A 2 9.44 23.54 3.61
C ALA A 2 9.98 22.64 4.72
N MET A 3 11.02 23.10 5.41
CA MET A 3 11.62 22.32 6.50
C MET A 3 10.60 22.06 7.60
N ALA A 4 9.77 23.06 7.90
CA ALA A 4 8.74 22.91 8.92
C ALA A 4 7.72 21.87 8.46
N GLN A 5 7.37 21.94 7.17
CA GLN A 5 6.37 21.04 6.61
C GLN A 5 6.77 19.58 6.86
N GLU A 6 8.02 19.22 6.58
CA GLU A 6 8.46 17.83 6.78
C GLU A 6 8.32 17.44 8.26
N GLU A 7 8.64 18.37 9.14
CA GLU A 7 8.56 18.11 10.58
C GLU A 7 7.19 17.51 10.90
N ALA A 8 6.13 18.15 10.44
CA ALA A 8 4.78 17.65 10.68
C ALA A 8 4.62 16.25 10.09
N GLY A 9 5.20 16.04 8.90
CA GLY A 9 5.11 14.74 8.25
C GLY A 9 4.94 14.86 6.75
N ARG A 10 5.37 13.84 6.00
CA ARG A 10 5.24 13.88 4.54
C ARG A 10 3.83 14.27 4.12
N LEU A 11 2.91 13.31 3.99
CA LEU A 11 1.55 13.62 3.55
C LEU A 11 0.99 14.91 4.16
N PRO A 12 1.22 15.17 5.47
CA PRO A 12 0.74 16.40 6.08
C PRO A 12 1.31 17.62 5.38
N GLN A 13 2.51 17.48 4.82
CA GLN A 13 3.15 18.58 4.11
C GLN A 13 2.29 19.01 2.94
N VAL A 14 1.78 18.05 2.18
CA VAL A 14 0.94 18.35 1.03
C VAL A 14 -0.40 18.92 1.45
N LEU A 15 -1.13 18.22 2.33
CA LEU A 15 -2.44 18.72 2.77
C LEU A 15 -2.27 20.07 3.44
N ALA A 16 -1.28 20.16 4.32
CA ALA A 16 -1.02 21.42 4.99
C ALA A 16 -0.67 22.51 3.97
N ARG A 17 0.24 22.18 3.04
CA ARG A 17 0.64 23.13 2.01
C ARG A 17 -0.46 23.40 0.98
N VAL A 18 -1.26 22.38 0.65
CA VAL A 18 -2.33 22.56 -0.34
C VAL A 18 -3.46 23.43 0.21
N GLY A 19 -3.56 23.55 1.53
CA GLY A 19 -4.61 24.38 2.11
C GLY A 19 -4.60 25.76 1.48
N THR A 20 -3.41 26.35 1.40
CA THR A 20 -3.25 27.65 0.77
C THR A 20 -3.47 27.53 -0.74
N SER A 21 -3.02 26.41 -1.31
CA SER A 21 -3.17 26.16 -2.74
C SER A 21 -2.68 27.35 -3.57
N HIS A 22 -3.16 27.46 -4.81
CA HIS A 22 -2.73 28.53 -5.70
C HIS A 22 -1.23 28.45 -5.94
N GLY A 23 -0.74 27.22 -6.09
CA GLY A 23 0.67 26.99 -6.34
C GLY A 23 0.88 25.75 -7.17
N ILE A 24 0.20 25.66 -8.30
CA ILE A 24 0.32 24.50 -9.17
C ILE A 24 1.77 24.32 -9.63
N THR A 25 2.44 25.43 -9.95
CA THR A 25 3.82 25.37 -10.42
C THR A 25 4.75 24.74 -9.37
N ASP A 26 4.64 25.15 -8.11
CA ASP A 26 5.48 24.56 -7.06
C ASP A 26 4.91 23.23 -6.58
N LEU A 27 3.58 23.11 -6.56
CA LEU A 27 2.96 21.86 -6.14
C LEU A 27 3.51 20.72 -7.01
N ALA A 28 3.78 21.04 -8.27
CA ALA A 28 4.39 20.10 -9.20
C ALA A 28 5.89 19.99 -8.90
N CYS A 29 6.48 21.12 -8.50
CA CYS A 29 7.90 21.20 -8.20
C CYS A 29 8.28 20.17 -7.12
N LYS A 30 7.55 20.17 -6.00
CA LYS A 30 7.84 19.23 -4.93
C LYS A 30 7.72 17.80 -5.45
N LEU A 31 6.66 17.55 -6.21
CA LEU A 31 6.43 16.24 -6.81
C LEU A 31 7.58 15.89 -7.76
N ARG A 32 8.05 16.90 -8.51
CA ARG A 32 9.14 16.72 -9.46
C ARG A 32 10.43 16.27 -8.76
N PHE A 33 10.66 16.75 -7.54
CA PHE A 33 11.86 16.35 -6.80
C PHE A 33 11.75 14.89 -6.38
N TYR A 34 10.56 14.49 -5.95
CA TYR A 34 10.34 13.11 -5.52
C TYR A 34 10.43 12.15 -6.71
N ASP A 35 9.88 12.55 -7.85
CA ASP A 35 9.87 11.72 -9.06
C ASP A 35 11.24 11.63 -9.74
N ASP A 36 12.26 12.33 -9.22
CA ASP A 36 13.59 12.23 -9.81
C ASP A 36 14.17 10.84 -9.54
N TRP A 37 14.01 10.36 -8.31
CA TRP A 37 14.50 9.05 -7.90
C TRP A 37 13.42 7.97 -8.00
N ALA A 38 12.15 8.38 -8.08
CA ALA A 38 11.03 7.43 -8.15
C ALA A 38 11.33 6.19 -8.99
N PRO A 39 11.75 6.36 -10.26
CA PRO A 39 12.07 5.22 -11.12
C PRO A 39 13.20 4.36 -10.54
N GLU A 40 14.10 5.00 -9.78
CA GLU A 40 15.19 4.28 -9.14
C GLU A 40 14.64 3.41 -8.01
N TYR A 41 13.58 3.89 -7.35
CA TYR A 41 12.92 3.12 -6.29
C TYR A 41 12.17 1.91 -6.85
N ASP A 42 11.53 2.09 -8.02
CA ASP A 42 10.76 0.99 -8.60
C ASP A 42 11.65 -0.22 -8.81
N GLN A 43 12.79 -0.04 -9.48
CA GLN A 43 13.72 -1.14 -9.70
C GLN A 43 14.20 -1.70 -8.36
N ASP A 44 14.22 -0.85 -7.33
CA ASP A 44 14.67 -1.25 -6.00
C ASP A 44 13.81 -2.38 -5.46
N VAL A 45 12.49 -2.32 -5.68
CA VAL A 45 11.63 -3.40 -5.18
C VAL A 45 11.97 -4.69 -5.92
N ALA A 46 12.23 -4.61 -7.22
CA ALA A 46 12.61 -5.79 -7.98
C ALA A 46 13.92 -6.35 -7.42
N ALA A 47 14.83 -5.44 -7.08
CA ALA A 47 16.12 -5.82 -6.52
C ALA A 47 15.95 -6.60 -5.23
N LEU A 48 14.90 -6.29 -4.46
CA LEU A 48 14.63 -7.00 -3.21
C LEU A 48 13.77 -8.24 -3.46
N LYS A 49 13.33 -8.43 -4.72
CA LYS A 49 12.51 -9.57 -5.08
C LYS A 49 11.13 -9.50 -4.46
N TYR A 50 10.43 -8.37 -4.65
CA TYR A 50 9.08 -8.23 -4.12
C TYR A 50 8.08 -8.95 -5.03
N ARG A 51 7.77 -10.19 -4.69
CA ARG A 51 6.82 -10.98 -5.46
C ARG A 51 5.39 -10.45 -5.32
N ALA A 52 5.11 -9.73 -4.23
CA ALA A 52 3.78 -9.18 -3.97
C ALA A 52 3.04 -8.77 -5.24
N PRO A 53 3.64 -7.93 -6.09
CA PRO A 53 3.02 -7.49 -7.35
C PRO A 53 2.48 -8.66 -8.17
N ARG A 54 3.25 -9.76 -8.17
CA ARG A 54 2.85 -10.97 -8.89
C ARG A 54 1.67 -11.63 -8.18
N LEU A 55 1.86 -11.91 -6.90
CA LEU A 55 0.83 -12.53 -6.06
C LEU A 55 -0.33 -11.56 -5.78
N ALA A 56 -0.03 -10.28 -5.76
CA ALA A 56 -1.03 -9.26 -5.50
C ALA A 56 -2.14 -9.37 -6.53
N VAL A 57 -1.78 -9.20 -7.80
CA VAL A 57 -2.75 -9.27 -8.88
C VAL A 57 -3.45 -10.64 -8.94
N ASP A 58 -2.68 -11.72 -8.95
CA ASP A 58 -3.26 -13.06 -9.05
C ASP A 58 -4.02 -13.48 -7.77
N CYS A 59 -3.47 -13.14 -6.61
CA CYS A 59 -4.11 -13.53 -5.35
C CYS A 59 -5.42 -12.78 -5.14
N LEU A 60 -5.45 -11.50 -5.50
CA LEU A 60 -6.64 -10.68 -5.29
C LEU A 60 -7.85 -11.25 -6.04
N SER A 61 -7.72 -11.54 -7.33
CA SER A 61 -8.84 -12.09 -8.09
C SER A 61 -9.19 -13.50 -7.60
N ARG A 62 -8.15 -14.29 -7.31
CA ARG A 62 -8.37 -15.65 -6.79
C ARG A 62 -9.16 -15.59 -5.50
N ALA A 63 -8.81 -14.60 -4.67
CA ALA A 63 -9.48 -14.38 -3.39
C ALA A 63 -10.76 -13.56 -3.56
N PHE A 64 -10.75 -12.69 -4.57
CA PHE A 64 -11.89 -11.82 -4.85
C PHE A 64 -12.95 -12.54 -5.68
N ARG A 65 -13.99 -13.00 -4.99
CA ARG A 65 -15.09 -13.72 -5.62
C ARG A 65 -15.82 -12.86 -6.64
N GLY A 66 -16.01 -11.59 -6.30
CA GLY A 66 -16.70 -10.68 -7.20
C GLY A 66 -15.88 -10.37 -8.42
N SER A 67 -16.54 -10.04 -9.52
CA SER A 67 -15.83 -9.72 -10.75
C SER A 67 -15.30 -8.30 -10.70
N PRO A 68 -14.00 -8.11 -10.98
CA PRO A 68 -13.39 -6.78 -11.01
C PRO A 68 -14.06 -5.88 -12.07
N HIS A 69 -14.93 -6.47 -12.89
CA HIS A 69 -15.67 -5.72 -13.89
C HIS A 69 -16.79 -4.92 -13.21
N ASP A 70 -17.67 -5.63 -12.51
CA ASP A 70 -18.79 -5.01 -11.81
C ASP A 70 -18.33 -4.41 -10.48
N ALA A 71 -17.19 -4.86 -9.97
CA ALA A 71 -16.66 -4.35 -8.71
C ALA A 71 -15.90 -3.05 -8.96
N LEU A 72 -15.63 -2.29 -7.90
CA LEU A 72 -14.90 -1.05 -8.04
C LEU A 72 -13.60 -1.11 -7.22
N ILE A 73 -12.46 -1.19 -7.92
CA ILE A 73 -11.16 -1.31 -7.26
C ILE A 73 -10.54 0.05 -6.95
N LEU A 74 -9.79 0.11 -5.84
CA LEU A 74 -9.13 1.35 -5.41
C LEU A 74 -7.63 1.15 -5.25
N ASP A 75 -6.85 2.14 -5.67
CA ASP A 75 -5.40 2.09 -5.50
C ASP A 75 -4.93 3.40 -4.88
N VAL A 76 -3.84 3.34 -4.14
CA VAL A 76 -3.30 4.52 -3.49
C VAL A 76 -2.11 5.06 -4.28
N ALA A 77 -1.63 6.24 -3.88
CA ALA A 77 -0.51 6.90 -4.55
C ALA A 77 0.55 5.91 -5.01
N CYS A 78 0.79 4.87 -4.25
CA CYS A 78 1.78 3.87 -4.64
C CYS A 78 1.27 2.95 -5.76
N GLY A 79 0.33 3.44 -6.59
CA GLY A 79 -0.18 2.65 -7.68
C GLY A 79 0.77 2.72 -8.87
N THR A 80 1.86 1.94 -8.81
CA THR A 80 2.85 1.95 -9.87
C THR A 80 2.26 1.55 -11.21
N GLY A 81 2.69 2.23 -12.27
CA GLY A 81 2.16 1.96 -13.59
C GLY A 81 2.04 0.48 -13.91
N LEU A 82 3.10 -0.30 -13.68
CA LEU A 82 3.09 -1.72 -13.99
C LEU A 82 2.01 -2.48 -13.24
N VAL A 83 1.77 -2.15 -11.96
CA VAL A 83 0.74 -2.86 -11.22
C VAL A 83 -0.61 -2.68 -11.91
N ALA A 84 -0.84 -1.49 -12.46
CA ALA A 84 -2.07 -1.23 -13.19
C ALA A 84 -2.09 -2.01 -14.51
N VAL A 85 -0.95 -2.09 -15.20
CA VAL A 85 -0.86 -2.83 -16.45
C VAL A 85 -1.16 -4.31 -16.21
N GLU A 86 -0.60 -4.83 -15.13
CA GLU A 86 -0.84 -6.21 -14.73
C GLU A 86 -2.28 -6.32 -14.23
N LEU A 87 -2.70 -5.26 -13.55
CA LEU A 87 -4.04 -5.17 -12.99
C LEU A 87 -5.06 -5.27 -14.12
N GLN A 88 -4.83 -4.52 -15.20
CA GLN A 88 -5.75 -4.52 -16.35
C GLN A 88 -5.87 -5.91 -16.95
N ALA A 89 -4.74 -6.55 -17.22
CA ALA A 89 -4.72 -7.89 -17.79
C ALA A 89 -5.42 -8.88 -16.86
N ARG A 90 -5.31 -8.62 -15.56
CA ARG A 90 -5.91 -9.51 -14.57
C ARG A 90 -7.41 -9.59 -14.81
N GLY A 91 -8.03 -8.45 -15.13
CA GLY A 91 -9.45 -8.44 -15.39
C GLY A 91 -10.21 -7.37 -14.62
N PHE A 92 -9.53 -6.30 -14.19
CA PHE A 92 -10.21 -5.24 -13.46
C PHE A 92 -10.63 -4.16 -14.44
N LEU A 93 -11.94 -3.92 -14.53
CA LEU A 93 -12.47 -2.94 -15.44
C LEU A 93 -12.94 -1.68 -14.72
N GLN A 94 -12.73 -1.60 -13.41
CA GLN A 94 -13.13 -0.42 -12.66
C GLN A 94 -12.12 -0.11 -11.56
N VAL A 95 -11.49 1.06 -11.61
CA VAL A 95 -10.52 1.42 -10.58
C VAL A 95 -10.53 2.91 -10.23
N GLN A 96 -10.47 3.18 -8.93
CA GLN A 96 -10.43 4.55 -8.41
C GLN A 96 -9.29 4.70 -7.40
N GLY A 97 -8.80 5.92 -7.16
CA GLY A 97 -7.72 6.05 -6.21
C GLY A 97 -7.14 7.46 -6.11
N VAL A 98 -6.01 7.55 -5.41
CA VAL A 98 -5.32 8.82 -5.22
C VAL A 98 -3.80 8.65 -5.33
N ASP A 99 -3.12 9.62 -5.93
CA ASP A 99 -1.67 9.58 -6.06
C ASP A 99 -1.07 10.96 -5.85
N GLY A 100 0.17 11.04 -5.36
CA GLY A 100 0.78 12.32 -5.12
C GLY A 100 1.68 12.78 -6.26
N SER A 101 2.46 11.88 -6.82
CA SER A 101 3.38 12.23 -7.90
C SER A 101 2.75 12.10 -9.28
N PRO A 102 2.86 13.15 -10.12
CA PRO A 102 2.32 13.12 -11.49
C PRO A 102 2.84 11.91 -12.27
N GLU A 103 4.13 11.60 -12.09
CA GLU A 103 4.75 10.44 -12.75
C GLU A 103 4.01 9.17 -12.33
N MET A 104 3.63 9.14 -11.07
CA MET A 104 2.85 8.04 -10.52
C MET A 104 1.43 8.09 -11.10
N LEU A 105 0.90 9.31 -11.22
CA LEU A 105 -0.42 9.54 -11.81
C LEU A 105 -0.42 9.27 -13.31
N LYS A 106 0.66 9.68 -13.97
CA LYS A 106 0.79 9.53 -15.41
C LYS A 106 0.70 8.07 -15.83
N GLN A 107 1.47 7.19 -15.17
CA GLN A 107 1.42 5.78 -15.53
C GLN A 107 0.01 5.25 -15.33
N ALA A 108 -0.53 5.46 -14.14
CA ALA A 108 -1.87 4.99 -13.82
C ALA A 108 -2.93 5.62 -14.72
N ARG A 109 -2.90 6.96 -14.83
CA ARG A 109 -3.86 7.70 -15.66
C ARG A 109 -3.64 7.46 -17.16
N ALA A 110 -2.41 7.67 -17.63
CA ALA A 110 -2.08 7.46 -19.05
C ALA A 110 -2.36 6.02 -19.44
N ARG A 111 -2.15 5.11 -18.49
CA ARG A 111 -2.42 3.70 -18.72
C ARG A 111 -3.90 3.52 -19.07
N GLY A 112 -4.75 4.26 -18.38
CA GLY A 112 -6.18 4.16 -18.60
C GLY A 112 -6.80 3.06 -17.76
N LEU A 113 -6.07 2.62 -16.73
CA LEU A 113 -6.56 1.59 -15.82
C LEU A 113 -7.49 2.20 -14.78
N TYR A 114 -7.13 3.37 -14.30
CA TYR A 114 -7.90 4.03 -13.26
C TYR A 114 -8.98 4.95 -13.82
N HIS A 115 -10.24 4.64 -13.50
CA HIS A 115 -11.36 5.46 -13.94
C HIS A 115 -11.23 6.88 -13.42
N HIS A 116 -10.90 7.00 -12.14
CA HIS A 116 -10.76 8.29 -11.51
C HIS A 116 -9.59 8.30 -10.53
N LEU A 117 -8.63 9.18 -10.76
CA LEU A 117 -7.48 9.30 -9.87
C LEU A 117 -7.46 10.71 -9.26
N SER A 118 -7.06 10.81 -8.01
CA SER A 118 -7.04 12.10 -7.34
C SER A 118 -5.68 12.39 -6.71
N LEU A 119 -5.26 13.65 -6.77
CA LEU A 119 -3.99 14.06 -6.18
C LEU A 119 -4.24 14.58 -4.78
N CYS A 120 -3.56 14.02 -3.79
CA CYS A 120 -3.74 14.45 -2.41
C CYS A 120 -3.00 13.54 -1.44
N THR A 121 -1.74 13.85 -1.16
CA THR A 121 -0.97 13.02 -0.25
C THR A 121 -1.61 13.05 1.13
N LEU A 122 -2.01 11.88 1.62
CA LEU A 122 -2.61 11.81 2.94
C LEU A 122 -2.49 10.41 3.52
N GLY A 123 -2.94 10.25 4.76
CA GLY A 123 -2.83 8.96 5.41
C GLY A 123 -2.92 9.03 6.92
N GLN A 124 -2.64 10.20 7.52
CA GLN A 124 -2.80 10.39 8.94
C GLN A 124 -3.99 11.35 9.10
N GLU A 125 -4.67 11.55 7.94
CA GLU A 125 -5.84 12.39 7.78
C GLU A 125 -6.75 11.67 6.78
N PRO A 126 -8.07 11.83 6.86
CA PRO A 126 -9.02 11.13 5.97
C PRO A 126 -8.66 11.22 4.49
N LEU A 127 -9.20 10.29 3.70
CA LEU A 127 -8.96 10.22 2.26
C LEU A 127 -10.21 10.66 1.48
N PRO A 128 -10.07 10.94 0.16
CA PRO A 128 -11.19 11.37 -0.69
C PRO A 128 -12.14 10.23 -1.09
N ASP A 129 -11.93 9.02 -0.56
CA ASP A 129 -12.80 7.89 -0.89
C ASP A 129 -13.82 7.64 0.22
N PRO A 130 -15.12 7.51 -0.14
CA PRO A 130 -16.20 7.27 0.82
C PRO A 130 -16.26 5.80 1.23
N GLU A 131 -17.09 5.50 2.24
CA GLU A 131 -17.27 4.12 2.70
C GLU A 131 -18.28 3.40 1.81
N GLY A 132 -18.22 2.06 1.77
CA GLY A 132 -19.15 1.34 0.91
C GLY A 132 -19.02 1.80 -0.53
N THR A 133 -17.84 2.33 -0.87
CA THR A 133 -17.59 2.86 -2.20
C THR A 133 -16.97 1.82 -3.15
N PHE A 134 -15.75 1.37 -2.85
CA PHE A 134 -15.07 0.42 -3.72
C PHE A 134 -15.08 -0.99 -3.14
N ASP A 135 -15.27 -1.98 -4.01
CA ASP A 135 -15.31 -3.38 -3.60
C ASP A 135 -13.93 -3.90 -3.18
N ALA A 136 -12.86 -3.23 -3.59
CA ALA A 136 -11.52 -3.66 -3.23
C ALA A 136 -10.48 -2.57 -3.46
N VAL A 137 -9.33 -2.70 -2.81
CA VAL A 137 -8.24 -1.73 -2.96
C VAL A 137 -6.91 -2.47 -3.07
N ILE A 138 -6.08 -2.07 -4.03
CA ILE A 138 -4.78 -2.71 -4.21
C ILE A 138 -3.66 -1.68 -4.35
N ILE A 139 -2.79 -1.59 -3.35
CA ILE A 139 -1.72 -0.63 -3.34
C ILE A 139 -0.36 -1.26 -3.01
N VAL A 140 0.73 -0.73 -3.57
CA VAL A 140 2.07 -1.27 -3.30
C VAL A 140 3.05 -0.23 -2.74
N GLY A 141 3.53 -0.46 -1.52
CA GLY A 141 4.52 0.45 -0.93
C GLY A 141 3.96 1.63 -0.13
N ALA A 142 2.67 1.96 -0.29
CA ALA A 142 2.08 3.09 0.43
C ALA A 142 1.63 2.71 1.85
N LEU A 143 2.55 2.76 2.81
CA LEU A 143 2.21 2.42 4.20
C LEU A 143 2.80 3.42 5.21
N SER A 144 2.47 3.21 6.49
CA SER A 144 2.97 4.09 7.56
C SER A 144 4.48 4.23 7.45
N GLU A 145 4.93 5.42 7.08
CA GLU A 145 6.37 5.72 6.94
C GLU A 145 6.54 6.97 6.08
N GLY A 146 5.75 8.01 6.39
CA GLY A 146 5.80 9.23 5.62
C GLY A 146 4.89 9.19 4.39
N GLN A 147 4.61 8.00 3.87
CA GLN A 147 3.75 7.90 2.69
C GLN A 147 2.28 7.77 3.08
N VAL A 148 1.84 6.57 3.45
CA VAL A 148 0.44 6.36 3.81
C VAL A 148 0.29 5.71 5.19
N PRO A 149 0.20 6.55 6.24
CA PRO A 149 0.06 6.09 7.62
C PRO A 149 -1.00 5.01 7.80
N CYS A 150 -0.54 3.83 8.19
CA CYS A 150 -1.38 2.65 8.36
C CYS A 150 -2.73 2.95 9.00
N SER A 151 -2.90 4.07 9.72
CA SER A 151 -4.20 4.39 10.31
C SER A 151 -5.20 4.75 9.21
N ALA A 152 -4.71 5.38 8.14
CA ALA A 152 -5.56 5.76 7.02
C ALA A 152 -6.04 4.54 6.23
N ILE A 153 -5.17 3.56 6.05
CA ILE A 153 -5.52 2.36 5.26
C ILE A 153 -6.90 1.83 5.62
N PRO A 154 -7.21 1.64 6.93
CA PRO A 154 -8.53 1.16 7.34
C PRO A 154 -9.65 2.09 6.87
N GLU A 155 -9.28 3.32 6.47
CA GLU A 155 -10.24 4.23 5.88
C GLU A 155 -10.61 3.67 4.51
N LEU A 156 -9.58 3.17 3.82
CA LEU A 156 -9.74 2.55 2.51
C LEU A 156 -10.57 1.28 2.67
N LEU A 157 -10.29 0.53 3.75
CA LEU A 157 -11.05 -0.68 4.04
C LEU A 157 -12.49 -0.27 4.33
N ARG A 158 -12.64 0.84 5.06
CA ARG A 158 -13.94 1.41 5.36
C ARG A 158 -14.61 1.82 4.05
N VAL A 159 -13.80 2.29 3.10
CA VAL A 159 -14.25 2.66 1.76
C VAL A 159 -14.60 1.37 1.00
N THR A 160 -13.92 0.30 1.40
CA THR A 160 -14.16 -1.02 0.85
C THR A 160 -15.43 -1.57 1.47
N LYS A 161 -16.25 -2.27 0.70
CA LYS A 161 -17.48 -2.85 1.22
C LYS A 161 -17.20 -4.17 1.90
N PRO A 162 -17.99 -4.55 2.93
CA PRO A 162 -17.78 -5.82 3.63
C PRO A 162 -17.69 -6.98 2.65
N GLY A 163 -16.82 -7.94 2.90
CA GLY A 163 -16.64 -9.03 1.98
C GLY A 163 -15.75 -8.63 0.81
N GLY A 164 -15.14 -7.44 0.92
CA GLY A 164 -14.26 -6.95 -0.13
C GLY A 164 -12.84 -7.45 0.06
N LEU A 165 -11.92 -7.05 -0.82
CA LEU A 165 -10.54 -7.48 -0.71
C LEU A 165 -9.57 -6.29 -0.73
N VAL A 166 -8.63 -6.27 0.22
CA VAL A 166 -7.66 -5.19 0.30
C VAL A 166 -6.24 -5.74 0.13
N CYS A 167 -5.51 -5.26 -0.87
CA CYS A 167 -4.17 -5.76 -1.14
C CYS A 167 -3.09 -4.67 -0.99
N LEU A 168 -2.12 -4.91 -0.10
CA LEU A 168 -1.05 -3.94 0.12
C LEU A 168 0.31 -4.63 0.33
N THR A 169 1.42 -3.92 0.02
CA THR A 169 2.76 -4.51 0.19
C THR A 169 3.80 -3.46 0.62
N THR A 170 4.81 -3.90 1.38
CA THR A 170 5.87 -3.00 1.85
C THR A 170 6.87 -3.78 2.71
N ARG A 171 7.80 -3.07 3.35
CA ARG A 171 8.74 -3.73 4.24
C ARG A 171 8.04 -4.03 5.57
N THR A 172 7.90 -5.31 5.92
CA THR A 172 7.20 -5.69 7.15
C THR A 172 7.69 -4.86 8.33
N ASN A 173 8.98 -4.90 8.60
CA ASN A 173 9.55 -4.13 9.70
C ASN A 173 10.95 -4.59 10.06
N PRO A 174 11.99 -3.82 9.75
CA PRO A 174 13.34 -4.19 10.13
C PRO A 174 13.39 -4.31 11.65
N SER A 175 14.07 -5.32 12.15
CA SER A 175 14.11 -5.54 13.59
C SER A 175 12.69 -5.90 14.04
N ASN A 176 12.43 -5.91 15.35
CA ASN A 176 11.10 -6.24 15.83
C ASN A 176 10.62 -7.54 15.19
N LEU A 177 11.52 -8.53 15.17
CA LEU A 177 11.21 -9.82 14.57
C LEU A 177 10.03 -10.49 15.28
N PRO A 178 10.09 -10.63 16.62
CA PRO A 178 9.00 -11.24 17.36
C PRO A 178 7.70 -10.45 17.18
N TYR A 179 7.82 -9.14 16.97
CA TYR A 179 6.66 -8.28 16.82
C TYR A 179 5.74 -8.71 15.67
N LYS A 180 6.26 -9.46 14.69
CA LYS A 180 5.39 -9.90 13.61
C LYS A 180 4.25 -10.75 14.19
N GLU A 181 4.60 -11.67 15.09
CA GLU A 181 3.59 -12.52 15.70
C GLU A 181 2.57 -11.66 16.47
N THR A 182 3.06 -10.61 17.16
CA THR A 182 2.16 -9.71 17.88
C THR A 182 1.36 -8.89 16.86
N LEU A 183 2.05 -8.45 15.80
CA LEU A 183 1.41 -7.69 14.73
C LEU A 183 0.31 -8.53 14.10
N GLU A 184 0.64 -9.78 13.82
CA GLU A 184 -0.31 -10.69 13.20
C GLU A 184 -1.51 -10.87 14.13
N ALA A 185 -1.25 -10.93 15.43
CA ALA A 185 -2.33 -11.04 16.41
C ALA A 185 -3.19 -9.77 16.38
N THR A 186 -2.58 -8.62 16.12
CA THR A 186 -3.31 -7.36 16.08
C THR A 186 -4.40 -7.41 15.00
N LEU A 187 -4.04 -7.93 13.82
CA LEU A 187 -5.01 -8.05 12.73
C LEU A 187 -6.16 -8.95 13.19
N ASP A 188 -5.80 -10.01 13.92
CA ASP A 188 -6.79 -10.95 14.43
C ASP A 188 -7.77 -10.21 15.34
N SER A 189 -7.27 -9.28 16.16
CA SER A 189 -8.14 -8.51 17.04
C SER A 189 -9.14 -7.74 16.20
N LEU A 190 -8.68 -7.20 15.08
CA LEU A 190 -9.56 -6.49 14.17
C LEU A 190 -10.61 -7.45 13.61
N GLU A 191 -10.18 -8.68 13.31
CA GLU A 191 -11.07 -9.71 12.78
C GLU A 191 -12.14 -10.06 13.82
N ARG A 192 -11.70 -10.30 15.05
CA ARG A 192 -12.62 -10.63 16.14
C ARG A 192 -13.52 -9.44 16.44
N ALA A 193 -13.00 -8.23 16.21
CA ALA A 193 -13.77 -7.02 16.42
C ALA A 193 -14.90 -6.94 15.39
N GLY A 194 -14.67 -7.53 14.22
CA GLY A 194 -15.68 -7.53 13.17
C GLY A 194 -15.33 -6.66 11.98
N VAL A 195 -14.34 -5.78 12.13
CA VAL A 195 -13.96 -4.86 11.05
C VAL A 195 -13.49 -5.59 9.78
N TRP A 196 -12.63 -6.62 9.91
CA TRP A 196 -12.14 -7.32 8.72
C TRP A 196 -11.59 -8.71 9.03
N GLU A 197 -11.51 -9.59 8.01
CA GLU A 197 -10.97 -10.93 8.21
C GLU A 197 -9.90 -11.26 7.16
N CYS A 198 -8.65 -11.38 7.60
CA CYS A 198 -7.55 -11.69 6.68
C CYS A 198 -7.78 -13.02 5.99
N LEU A 199 -8.05 -13.00 4.68
CA LEU A 199 -8.26 -14.24 3.94
C LEU A 199 -6.96 -15.02 3.78
N VAL A 200 -5.96 -14.36 3.19
CA VAL A 200 -4.66 -14.99 2.98
C VAL A 200 -3.53 -13.97 3.02
N THR A 201 -2.31 -14.44 3.27
CA THR A 201 -1.15 -13.58 3.30
C THR A 201 0.04 -14.28 2.64
N GLN A 202 0.64 -13.63 1.65
CA GLN A 202 1.78 -14.23 0.95
C GLN A 202 3.05 -13.49 1.36
N PRO A 203 3.99 -14.17 2.04
CA PRO A 203 5.23 -13.54 2.47
C PRO A 203 6.15 -13.23 1.29
N VAL A 204 6.94 -12.16 1.41
CA VAL A 204 7.84 -11.76 0.35
C VAL A 204 9.31 -12.00 0.75
N ASP A 205 9.99 -10.93 1.19
CA ASP A 205 11.38 -11.02 1.63
C ASP A 205 11.41 -11.20 3.15
N HIS A 206 10.23 -11.49 3.71
CA HIS A 206 10.05 -11.65 5.14
C HIS A 206 11.21 -12.43 5.80
N TRP A 207 11.33 -13.71 5.46
CA TRP A 207 12.36 -14.56 6.06
C TRP A 207 13.79 -14.21 5.57
N GLU A 208 14.04 -14.28 4.26
CA GLU A 208 15.38 -14.06 3.71
C GLU A 208 16.03 -12.75 4.14
N LEU A 209 15.25 -11.70 4.34
CA LEU A 209 15.86 -10.43 4.73
C LEU A 209 16.60 -10.60 6.06
N ALA A 210 16.02 -11.35 6.98
CA ALA A 210 16.68 -11.60 8.25
C ALA A 210 18.02 -12.31 8.03
N THR A 211 18.03 -13.31 7.15
CA THR A 211 19.24 -14.04 6.83
C THR A 211 19.45 -14.07 5.31
N SER A 212 20.63 -13.66 4.86
CA SER A 212 20.94 -13.63 3.43
C SER A 212 21.69 -14.89 2.98
N GLU A 213 22.28 -14.84 1.78
CA GLU A 213 23.01 -15.98 1.24
C GLU A 213 24.34 -16.20 1.98
N GLN A 214 24.86 -17.42 1.87
CA GLN A 214 26.12 -17.79 2.54
C GLN A 214 27.30 -16.94 2.08
N GLU A 215 27.37 -16.64 0.78
CA GLU A 215 28.48 -15.85 0.24
C GLU A 215 28.58 -14.46 0.89
N THR A 216 27.43 -13.82 1.10
CA THR A 216 27.41 -12.50 1.74
C THR A 216 26.78 -12.60 3.12
N GLY A 217 25.47 -12.86 3.16
CA GLY A 217 24.79 -12.97 4.42
C GLY A 217 24.67 -11.65 5.16
N LEU A 218 24.98 -10.54 4.48
CA LEU A 218 24.92 -9.22 5.11
C LEU A 218 25.45 -9.28 6.53
N GLY A 219 26.61 -9.92 6.69
CA GLY A 219 27.22 -10.04 8.00
C GLY A 219 26.39 -10.91 8.93
N THR A 220 26.37 -12.22 8.68
CA THR A 220 25.63 -13.13 9.54
C THR A 220 26.16 -13.06 10.96
N CYS A 221 27.49 -12.97 11.09
CA CYS A 221 28.14 -12.85 12.39
C CYS A 221 27.84 -11.47 12.98
N ALA A 222 27.81 -10.45 12.12
CA ALA A 222 27.57 -9.08 12.58
C ALA A 222 26.14 -8.92 13.10
N ASN A 223 25.14 -9.17 12.26
CA ASN A 223 23.76 -9.04 12.70
C ASN A 223 22.74 -9.57 11.68
N ASP A 224 21.81 -10.38 12.16
CA ASP A 224 20.75 -10.94 11.34
C ASP A 224 19.42 -10.81 12.09
N GLY A 225 18.30 -11.07 11.41
CA GLY A 225 17.02 -10.99 12.07
C GLY A 225 16.21 -9.74 11.74
N PHE A 226 16.23 -9.33 10.46
CA PHE A 226 15.48 -8.18 10.01
C PHE A 226 14.50 -8.61 8.93
N ILE A 227 13.20 -8.46 9.17
CA ILE A 227 12.20 -8.90 8.20
C ILE A 227 11.45 -7.78 7.50
N SER A 228 11.41 -7.87 6.16
CA SER A 228 10.70 -6.90 5.36
C SER A 228 10.01 -7.60 4.17
N GLY A 229 9.31 -6.81 3.35
CA GLY A 229 8.59 -7.35 2.22
C GLY A 229 7.49 -8.30 2.64
N ILE A 230 6.24 -7.88 2.46
CA ILE A 230 5.10 -8.72 2.81
C ILE A 230 3.84 -8.25 2.09
N ILE A 231 3.14 -9.16 1.45
CA ILE A 231 1.91 -8.82 0.78
C ILE A 231 0.78 -9.47 1.55
N TYR A 232 -0.42 -8.92 1.52
CA TYR A 232 -1.52 -9.54 2.22
C TYR A 232 -2.87 -9.05 1.75
N LEU A 233 -3.84 -9.95 1.77
CA LEU A 233 -5.20 -9.63 1.36
C LEU A 233 -6.15 -9.82 2.53
N TYR A 234 -6.94 -8.79 2.83
CA TYR A 234 -7.88 -8.85 3.93
C TYR A 234 -9.31 -8.62 3.45
N ARG A 235 -10.26 -9.28 4.11
CA ARG A 235 -11.67 -9.11 3.78
C ARG A 235 -12.24 -7.96 4.60
N LYS A 236 -13.23 -7.26 4.07
CA LYS A 236 -13.80 -6.13 4.79
C LYS A 236 -15.02 -6.53 5.63
N GLN A 237 -15.09 -5.97 6.83
CA GLN A 237 -16.18 -6.22 7.77
C GLN A 237 -16.63 -7.67 7.77
N GLU A 238 -16.14 -8.42 8.74
CA GLU A 238 -16.48 -9.82 8.91
C GLU A 238 -16.38 -10.20 10.38
N THR A 239 -16.93 -11.34 10.76
CA THR A 239 -16.87 -11.77 12.16
C THR A 239 -16.14 -13.09 12.30
N VAL A 240 -15.17 -13.14 13.23
CA VAL A 240 -14.39 -14.35 13.47
C VAL A 240 -14.55 -14.83 14.91
N GLY A 1 8.41 21.95 16.23
CA GLY A 1 9.47 21.16 15.55
C GLY A 1 8.91 20.00 14.74
N ALA A 2 9.70 19.50 13.78
CA ALA A 2 9.25 18.39 12.95
C ALA A 2 8.95 17.15 13.80
N MET A 3 9.80 16.88 14.80
CA MET A 3 9.60 15.72 15.67
C MET A 3 9.63 14.43 14.85
N ALA A 4 10.55 14.35 13.89
CA ALA A 4 10.66 13.18 13.04
C ALA A 4 9.43 13.07 12.15
N GLN A 5 9.30 14.02 11.23
CA GLN A 5 8.17 14.05 10.31
C GLN A 5 6.84 14.00 11.06
N GLU A 6 6.82 14.57 12.28
CA GLU A 6 5.62 14.55 13.12
C GLU A 6 5.41 13.14 13.68
N GLU A 7 6.36 12.71 14.51
CA GLU A 7 6.31 11.38 15.15
C GLU A 7 5.80 10.28 14.20
N ALA A 8 5.96 10.48 12.90
CA ALA A 8 5.48 9.47 11.95
C ALA A 8 6.24 9.52 10.63
N GLY A 9 5.91 10.45 9.73
CA GLY A 9 6.59 10.51 8.46
C GLY A 9 6.22 11.70 7.61
N ARG A 10 6.87 11.84 6.46
CA ARG A 10 6.67 12.98 5.58
C ARG A 10 5.24 13.14 5.07
N LEU A 11 4.55 12.06 4.73
CA LEU A 11 3.18 12.16 4.19
C LEU A 11 2.29 13.21 4.88
N PRO A 12 2.18 13.20 6.21
CA PRO A 12 1.32 14.17 6.90
C PRO A 12 1.74 15.60 6.61
N GLN A 13 3.04 15.79 6.36
CA GLN A 13 3.55 17.11 6.02
C GLN A 13 2.88 17.62 4.74
N VAL A 14 2.68 16.72 3.77
CA VAL A 14 2.07 17.10 2.50
C VAL A 14 0.66 17.66 2.70
N LEU A 15 -0.20 16.95 3.45
CA LEU A 15 -1.56 17.46 3.65
C LEU A 15 -1.48 18.81 4.34
N ALA A 16 -0.56 18.92 5.29
CA ALA A 16 -0.37 20.17 6.00
C ALA A 16 -0.12 21.28 4.98
N ARG A 17 0.79 21.03 4.04
CA ARG A 17 1.07 21.99 2.98
C ARG A 17 -0.13 22.07 2.01
N VAL A 18 -0.81 20.93 1.80
CA VAL A 18 -1.96 20.85 0.90
C VAL A 18 -3.08 21.77 1.35
N GLY A 19 -3.30 21.84 2.66
CA GLY A 19 -4.38 22.67 3.18
C GLY A 19 -4.35 24.09 2.64
N THR A 20 -3.16 24.67 2.51
CA THR A 20 -3.05 26.03 1.97
C THR A 20 -3.52 26.06 0.52
N SER A 21 -3.14 25.04 -0.23
CA SER A 21 -3.51 24.93 -1.64
C SER A 21 -3.25 26.25 -2.38
N HIS A 22 -3.85 26.42 -3.56
CA HIS A 22 -3.67 27.62 -4.36
C HIS A 22 -2.19 27.84 -4.71
N GLY A 23 -1.51 26.74 -5.04
CA GLY A 23 -0.11 26.82 -5.40
C GLY A 23 0.38 25.53 -6.03
N ILE A 24 -0.28 25.12 -7.10
CA ILE A 24 0.06 23.88 -7.79
C ILE A 24 1.50 23.92 -8.32
N THR A 25 1.92 25.08 -8.83
CA THR A 25 3.29 25.23 -9.36
C THR A 25 4.33 24.52 -8.49
N ASP A 26 4.56 25.01 -7.27
CA ASP A 26 5.54 24.37 -6.39
C ASP A 26 5.06 23.00 -5.92
N LEU A 27 3.75 22.80 -5.90
CA LEU A 27 3.21 21.50 -5.49
C LEU A 27 3.77 20.43 -6.43
N ALA A 28 3.90 20.80 -7.70
CA ALA A 28 4.53 19.93 -8.69
C ALA A 28 6.03 19.86 -8.39
N CYS A 29 6.57 20.99 -7.93
CA CYS A 29 7.99 21.10 -7.60
C CYS A 29 8.33 20.12 -6.49
N LYS A 30 7.53 20.08 -5.43
CA LYS A 30 7.78 19.15 -4.33
C LYS A 30 7.75 17.72 -4.87
N LEU A 31 6.74 17.42 -5.68
CA LEU A 31 6.60 16.10 -6.29
C LEU A 31 7.81 15.78 -7.17
N ARG A 32 8.29 16.80 -7.90
CA ARG A 32 9.46 16.64 -8.78
C ARG A 32 10.69 16.22 -8.00
N PHE A 33 10.81 16.67 -6.75
CA PHE A 33 11.95 16.28 -5.94
C PHE A 33 11.83 14.81 -5.57
N TYR A 34 10.61 14.38 -5.27
CA TYR A 34 10.38 12.98 -4.92
C TYR A 34 10.61 12.10 -6.14
N ASP A 35 10.16 12.54 -7.32
CA ASP A 35 10.33 11.78 -8.55
C ASP A 35 11.81 11.71 -8.97
N ASP A 36 12.63 12.60 -8.40
CA ASP A 36 14.06 12.58 -8.72
C ASP A 36 14.65 11.22 -8.35
N TRP A 37 14.40 10.81 -7.11
CA TRP A 37 14.85 9.51 -6.61
C TRP A 37 14.06 8.35 -7.25
N ALA A 38 12.79 8.63 -7.60
CA ALA A 38 11.88 7.64 -8.18
C ALA A 38 12.59 6.50 -8.92
N PRO A 39 13.39 6.79 -9.97
CA PRO A 39 14.09 5.75 -10.73
C PRO A 39 14.84 4.79 -9.80
N GLU A 40 15.46 5.37 -8.76
CA GLU A 40 16.19 4.58 -7.77
C GLU A 40 15.23 3.76 -6.91
N TYR A 41 14.01 4.28 -6.74
CA TYR A 41 12.99 3.57 -5.97
C TYR A 41 12.52 2.34 -6.74
N ASP A 42 12.37 2.48 -8.06
CA ASP A 42 11.90 1.37 -8.88
C ASP A 42 12.84 0.18 -8.74
N GLN A 43 14.14 0.39 -8.95
CA GLN A 43 15.10 -0.70 -8.81
C GLN A 43 15.08 -1.25 -7.39
N ASP A 44 14.71 -0.41 -6.42
CA ASP A 44 14.65 -0.82 -5.03
C ASP A 44 13.65 -1.95 -4.83
N VAL A 45 12.51 -1.90 -5.54
CA VAL A 45 11.53 -2.96 -5.41
C VAL A 45 12.07 -4.27 -6.00
N ALA A 46 12.78 -4.19 -7.13
CA ALA A 46 13.37 -5.36 -7.74
C ALA A 46 14.52 -5.88 -6.87
N ALA A 47 15.23 -4.94 -6.24
CA ALA A 47 16.36 -5.27 -5.38
C ALA A 47 15.93 -6.16 -4.21
N LEU A 48 14.70 -5.96 -3.70
CA LEU A 48 14.20 -6.77 -2.61
C LEU A 48 13.29 -7.90 -3.11
N LYS A 49 13.02 -7.92 -4.43
CA LYS A 49 12.18 -8.96 -5.02
C LYS A 49 10.77 -8.96 -4.44
N TYR A 50 10.05 -7.84 -4.59
CA TYR A 50 8.68 -7.76 -4.07
C TYR A 50 7.75 -8.52 -5.00
N ARG A 51 7.46 -9.78 -4.64
CA ARG A 51 6.56 -10.62 -5.42
C ARG A 51 5.11 -10.12 -5.31
N ALA A 52 4.79 -9.46 -4.19
CA ALA A 52 3.45 -8.94 -3.92
C ALA A 52 2.69 -8.52 -5.18
N PRO A 53 3.24 -7.61 -6.00
CA PRO A 53 2.56 -7.14 -7.22
C PRO A 53 2.06 -8.31 -8.08
N ARG A 54 2.86 -9.36 -8.15
CA ARG A 54 2.50 -10.55 -8.92
C ARG A 54 1.35 -11.30 -8.24
N LEU A 55 1.55 -11.63 -6.97
CA LEU A 55 0.57 -12.33 -6.16
C LEU A 55 -0.63 -11.43 -5.82
N ALA A 56 -0.36 -10.13 -5.69
CA ALA A 56 -1.40 -9.18 -5.35
C ALA A 56 -2.54 -9.24 -6.36
N VAL A 57 -2.21 -8.97 -7.62
CA VAL A 57 -3.23 -8.99 -8.67
C VAL A 57 -3.86 -10.38 -8.83
N ASP A 58 -3.03 -11.43 -8.91
CA ASP A 58 -3.56 -12.78 -9.10
C ASP A 58 -4.29 -13.32 -7.88
N CYS A 59 -3.77 -13.06 -6.68
CA CYS A 59 -4.41 -13.56 -5.47
C CYS A 59 -5.73 -12.85 -5.20
N LEU A 60 -5.78 -11.54 -5.41
CA LEU A 60 -7.01 -10.79 -5.17
C LEU A 60 -8.13 -11.32 -6.04
N SER A 61 -7.86 -11.49 -7.33
CA SER A 61 -8.85 -12.04 -8.26
C SER A 61 -9.22 -13.46 -7.87
N ARG A 62 -8.23 -14.24 -7.41
CA ARG A 62 -8.45 -15.62 -7.01
C ARG A 62 -9.47 -15.66 -5.87
N ALA A 63 -9.23 -14.83 -4.85
CA ALA A 63 -10.15 -14.73 -3.72
C ALA A 63 -11.44 -14.05 -4.18
N PHE A 64 -11.27 -13.02 -5.01
CA PHE A 64 -12.39 -12.25 -5.56
C PHE A 64 -13.16 -13.11 -6.56
N ARG A 65 -14.38 -13.53 -6.19
CA ARG A 65 -15.19 -14.38 -7.06
C ARG A 65 -16.22 -13.59 -7.87
N GLY A 66 -16.61 -12.42 -7.37
CA GLY A 66 -17.59 -11.63 -8.09
C GLY A 66 -17.03 -11.10 -9.38
N SER A 67 -17.84 -10.36 -10.14
CA SER A 67 -17.37 -9.82 -11.40
C SER A 67 -16.66 -8.49 -11.22
N PRO A 68 -15.34 -8.46 -11.48
CA PRO A 68 -14.56 -7.21 -11.38
C PRO A 68 -15.08 -6.15 -12.35
N HIS A 69 -15.99 -6.55 -13.24
CA HIS A 69 -16.61 -5.63 -14.18
C HIS A 69 -17.62 -4.76 -13.44
N ASP A 70 -18.45 -5.40 -12.62
CA ASP A 70 -19.48 -4.70 -11.85
C ASP A 70 -18.93 -4.26 -10.49
N ALA A 71 -17.70 -4.67 -10.15
CA ALA A 71 -17.09 -4.29 -8.90
C ALA A 71 -16.11 -3.16 -9.18
N LEU A 72 -16.04 -2.17 -8.30
CA LEU A 72 -15.13 -1.05 -8.53
C LEU A 72 -13.86 -1.21 -7.71
N ILE A 73 -12.74 -1.36 -8.40
CA ILE A 73 -11.45 -1.55 -7.73
C ILE A 73 -10.79 -0.20 -7.43
N LEU A 74 -9.94 -0.17 -6.41
CA LEU A 74 -9.25 1.06 -6.03
C LEU A 74 -7.76 0.83 -5.82
N ASP A 75 -6.95 1.77 -6.27
CA ASP A 75 -5.51 1.69 -6.04
C ASP A 75 -5.05 3.02 -5.47
N VAL A 76 -4.06 2.98 -4.61
CA VAL A 76 -3.57 4.20 -3.99
C VAL A 76 -2.39 4.79 -4.75
N ALA A 77 -1.78 5.83 -4.18
CA ALA A 77 -0.65 6.50 -4.80
C ALA A 77 0.43 5.53 -5.23
N CYS A 78 0.49 4.38 -4.58
CA CYS A 78 1.48 3.38 -4.93
C CYS A 78 0.93 2.43 -6.01
N GLY A 79 -0.11 2.87 -6.72
CA GLY A 79 -0.69 2.06 -7.77
C GLY A 79 0.13 2.14 -9.04
N THR A 80 1.22 1.39 -9.09
CA THR A 80 2.10 1.40 -10.26
C THR A 80 1.34 0.96 -11.50
N GLY A 81 1.53 1.69 -12.59
CA GLY A 81 0.83 1.39 -13.82
C GLY A 81 0.86 -0.08 -14.18
N LEU A 82 2.02 -0.73 -14.05
CA LEU A 82 2.14 -2.14 -14.40
C LEU A 82 1.20 -3.01 -13.58
N VAL A 83 1.05 -2.73 -12.29
CA VAL A 83 0.15 -3.51 -11.47
C VAL A 83 -1.27 -3.42 -12.04
N ALA A 84 -1.64 -2.22 -12.50
CA ALA A 84 -2.94 -2.02 -13.11
C ALA A 84 -3.00 -2.71 -14.47
N VAL A 85 -1.90 -2.63 -15.24
CA VAL A 85 -1.86 -3.26 -16.57
C VAL A 85 -2.08 -4.76 -16.38
N GLU A 86 -1.48 -5.30 -15.33
CA GLU A 86 -1.66 -6.71 -14.98
C GLU A 86 -3.10 -6.89 -14.46
N LEU A 87 -3.55 -5.88 -13.71
CA LEU A 87 -4.91 -5.89 -13.15
C LEU A 87 -5.94 -5.94 -14.28
N GLN A 88 -5.76 -5.11 -15.31
CA GLN A 88 -6.70 -5.08 -16.43
C GLN A 88 -6.78 -6.46 -17.09
N ALA A 89 -5.61 -7.03 -17.41
CA ALA A 89 -5.54 -8.34 -18.02
C ALA A 89 -6.08 -9.40 -17.06
N ARG A 90 -5.90 -9.16 -15.77
CA ARG A 90 -6.35 -10.07 -14.74
C ARG A 90 -7.87 -10.24 -14.84
N GLY A 91 -8.56 -9.15 -15.17
CA GLY A 91 -10.00 -9.20 -15.32
C GLY A 91 -10.74 -8.09 -14.58
N PHE A 92 -10.01 -7.08 -14.08
CA PHE A 92 -10.65 -5.97 -13.37
C PHE A 92 -10.86 -4.81 -14.34
N LEU A 93 -12.12 -4.60 -14.73
CA LEU A 93 -12.43 -3.54 -15.66
C LEU A 93 -12.42 -2.15 -15.03
N GLN A 94 -12.93 -2.02 -13.79
CA GLN A 94 -12.99 -0.71 -13.15
C GLN A 94 -11.90 -0.52 -12.10
N VAL A 95 -11.23 0.64 -12.13
CA VAL A 95 -10.21 0.96 -11.15
C VAL A 95 -10.26 2.45 -10.78
N GLN A 96 -10.25 2.72 -9.49
CA GLN A 96 -10.26 4.09 -8.98
C GLN A 96 -9.21 4.28 -7.91
N GLY A 97 -8.81 5.52 -7.63
CA GLY A 97 -7.79 5.69 -6.63
C GLY A 97 -7.26 7.10 -6.51
N VAL A 98 -6.15 7.22 -5.79
CA VAL A 98 -5.49 8.49 -5.58
C VAL A 98 -3.98 8.35 -5.59
N ASP A 99 -3.28 9.32 -6.18
CA ASP A 99 -1.82 9.28 -6.23
C ASP A 99 -1.27 10.69 -5.99
N GLY A 100 -0.02 10.81 -5.55
CA GLY A 100 0.54 12.11 -5.26
C GLY A 100 1.41 12.68 -6.36
N SER A 101 2.28 11.85 -6.94
CA SER A 101 3.17 12.30 -8.01
C SER A 101 2.51 12.17 -9.37
N PRO A 102 2.60 13.21 -10.23
CA PRO A 102 2.01 13.16 -11.57
C PRO A 102 2.64 12.02 -12.37
N GLU A 103 3.91 11.74 -12.12
CA GLU A 103 4.60 10.65 -12.79
C GLU A 103 3.88 9.34 -12.47
N MET A 104 3.47 9.24 -11.20
CA MET A 104 2.69 8.10 -10.74
C MET A 104 1.28 8.13 -11.34
N LEU A 105 0.71 9.34 -11.41
CA LEU A 105 -0.62 9.55 -11.99
C LEU A 105 -0.60 9.36 -13.50
N LYS A 106 0.46 9.86 -14.13
CA LYS A 106 0.60 9.79 -15.58
C LYS A 106 0.60 8.36 -16.08
N GLN A 107 1.42 7.50 -15.46
CA GLN A 107 1.46 6.11 -15.88
C GLN A 107 0.08 5.48 -15.71
N ALA A 108 -0.48 5.63 -14.52
CA ALA A 108 -1.80 5.06 -14.22
C ALA A 108 -2.90 5.68 -15.10
N ARG A 109 -2.96 7.02 -15.15
CA ARG A 109 -3.97 7.73 -15.94
C ARG A 109 -3.73 7.57 -17.45
N ALA A 110 -2.52 7.90 -17.91
CA ALA A 110 -2.20 7.80 -19.34
C ALA A 110 -2.39 6.37 -19.82
N ARG A 111 -2.10 5.43 -18.93
CA ARG A 111 -2.28 4.02 -19.22
C ARG A 111 -3.74 3.74 -19.57
N GLY A 112 -4.65 4.39 -18.83
CA GLY A 112 -6.07 4.20 -19.07
C GLY A 112 -6.64 3.04 -18.28
N LEU A 113 -5.91 2.60 -17.26
CA LEU A 113 -6.35 1.51 -16.40
C LEU A 113 -7.24 2.04 -15.29
N TYR A 114 -6.91 3.25 -14.82
CA TYR A 114 -7.65 3.86 -13.74
C TYR A 114 -8.77 4.75 -14.23
N HIS A 115 -10.01 4.35 -13.91
CA HIS A 115 -11.18 5.11 -14.30
C HIS A 115 -11.19 6.50 -13.68
N HIS A 116 -10.81 6.58 -12.41
CA HIS A 116 -10.78 7.86 -11.71
C HIS A 116 -9.58 7.94 -10.76
N LEU A 117 -8.72 8.91 -10.98
CA LEU A 117 -7.55 9.11 -10.13
C LEU A 117 -7.52 10.54 -9.61
N SER A 118 -6.98 10.74 -8.43
CA SER A 118 -6.92 12.07 -7.84
C SER A 118 -5.64 12.30 -7.05
N LEU A 119 -5.30 13.57 -6.88
CA LEU A 119 -4.13 13.97 -6.13
C LEU A 119 -4.52 14.24 -4.68
N CYS A 120 -3.88 13.54 -3.75
CA CYS A 120 -4.20 13.72 -2.34
C CYS A 120 -3.34 12.84 -1.45
N THR A 121 -2.08 13.23 -1.24
CA THR A 121 -1.20 12.44 -0.40
C THR A 121 -1.67 12.44 1.03
N LEU A 122 -2.12 11.28 1.52
CA LEU A 122 -2.59 11.20 2.89
C LEU A 122 -2.40 9.81 3.47
N GLY A 123 -2.69 9.69 4.77
CA GLY A 123 -2.54 8.43 5.44
C GLY A 123 -2.61 8.54 6.95
N GLN A 124 -2.33 9.71 7.54
CA GLN A 124 -2.49 9.89 8.98
C GLN A 124 -3.73 10.76 9.16
N GLU A 125 -4.43 10.96 8.03
CA GLU A 125 -5.65 11.72 7.92
C GLU A 125 -6.55 10.97 6.93
N PRO A 126 -7.84 11.32 6.84
CA PRO A 126 -8.76 10.62 5.94
C PRO A 126 -8.37 10.65 4.46
N LEU A 127 -8.70 9.56 3.76
CA LEU A 127 -8.42 9.40 2.33
C LEU A 127 -9.48 10.11 1.49
N PRO A 128 -9.16 10.42 0.23
CA PRO A 128 -10.07 11.13 -0.68
C PRO A 128 -11.41 10.44 -0.95
N ASP A 129 -11.40 9.11 -1.10
CA ASP A 129 -12.64 8.37 -1.40
C ASP A 129 -13.63 8.31 -0.24
N PRO A 130 -14.94 8.19 -0.55
CA PRO A 130 -16.02 8.08 0.43
C PRO A 130 -16.13 6.65 0.94
N GLU A 131 -17.02 6.39 1.90
CA GLU A 131 -17.19 5.03 2.42
C GLU A 131 -18.07 4.20 1.48
N GLY A 132 -17.90 2.87 1.49
CA GLY A 132 -18.70 2.01 0.63
C GLY A 132 -18.62 2.40 -0.83
N THR A 133 -17.46 2.92 -1.24
CA THR A 133 -17.26 3.36 -2.62
C THR A 133 -16.88 2.21 -3.55
N PHE A 134 -15.71 1.62 -3.30
CA PHE A 134 -15.18 0.55 -4.16
C PHE A 134 -15.19 -0.83 -3.51
N ASP A 135 -15.41 -1.84 -4.34
CA ASP A 135 -15.47 -3.24 -3.89
C ASP A 135 -14.10 -3.80 -3.50
N ALA A 136 -13.01 -3.15 -3.91
CA ALA A 136 -11.67 -3.64 -3.57
C ALA A 136 -10.61 -2.57 -3.80
N VAL A 137 -9.45 -2.74 -3.15
CA VAL A 137 -8.36 -1.79 -3.30
C VAL A 137 -7.01 -2.51 -3.37
N ILE A 138 -6.11 -2.08 -4.28
CA ILE A 138 -4.80 -2.72 -4.38
C ILE A 138 -3.67 -1.68 -4.46
N ILE A 139 -2.86 -1.61 -3.41
CA ILE A 139 -1.74 -0.65 -3.33
C ILE A 139 -0.44 -1.40 -3.06
N VAL A 140 0.69 -0.91 -3.61
CA VAL A 140 1.96 -1.59 -3.40
C VAL A 140 3.11 -0.65 -3.01
N GLY A 141 3.87 -1.02 -1.97
CA GLY A 141 5.00 -0.22 -1.55
C GLY A 141 4.61 1.01 -0.74
N ALA A 142 3.56 0.91 0.06
CA ALA A 142 3.10 2.05 0.87
C ALA A 142 2.57 1.62 2.24
N LEU A 143 3.35 1.81 3.30
CA LEU A 143 2.91 1.45 4.65
C LEU A 143 3.30 2.48 5.70
N SER A 144 2.82 2.26 6.92
CA SER A 144 3.14 3.15 8.04
C SER A 144 4.64 3.28 8.18
N GLU A 145 5.19 4.41 7.72
CA GLU A 145 6.63 4.67 7.81
C GLU A 145 7.02 5.83 6.90
N GLY A 146 6.26 6.92 6.96
CA GLY A 146 6.54 8.08 6.13
C GLY A 146 5.83 8.05 4.78
N GLN A 147 5.22 6.91 4.44
CA GLN A 147 4.51 6.79 3.17
C GLN A 147 2.99 6.71 3.37
N VAL A 148 2.48 5.53 3.72
CA VAL A 148 1.05 5.36 3.93
C VAL A 148 0.76 4.76 5.32
N PRO A 149 0.46 5.65 6.28
CA PRO A 149 0.16 5.28 7.66
C PRO A 149 -0.89 4.17 7.79
N CYS A 150 -0.40 3.00 8.13
CA CYS A 150 -1.23 1.79 8.26
C CYS A 150 -2.58 2.03 8.92
N SER A 151 -2.78 3.10 9.70
CA SER A 151 -4.09 3.36 10.30
C SER A 151 -5.08 3.78 9.23
N ALA A 152 -4.58 4.50 8.20
CA ALA A 152 -5.41 4.98 7.10
C ALA A 152 -5.87 3.83 6.22
N ILE A 153 -5.00 2.83 6.01
CA ILE A 153 -5.34 1.69 5.15
C ILE A 153 -6.76 1.19 5.46
N PRO A 154 -7.05 0.92 6.75
CA PRO A 154 -8.39 0.48 7.18
C PRO A 154 -9.48 1.45 6.71
N GLU A 155 -9.10 2.72 6.50
CA GLU A 155 -10.02 3.71 5.96
C GLU A 155 -10.28 3.36 4.49
N LEU A 156 -9.22 2.94 3.80
CA LEU A 156 -9.34 2.51 2.41
C LEU A 156 -10.30 1.33 2.38
N LEU A 157 -10.24 0.52 3.44
CA LEU A 157 -11.14 -0.60 3.60
C LEU A 157 -12.54 -0.06 3.88
N ARG A 158 -12.60 1.01 4.68
CA ARG A 158 -13.87 1.65 5.02
C ARG A 158 -14.56 2.15 3.74
N VAL A 159 -13.78 2.70 2.81
CA VAL A 159 -14.33 3.14 1.52
C VAL A 159 -14.60 1.91 0.63
N THR A 160 -14.05 0.79 1.07
CA THR A 160 -14.24 -0.48 0.43
C THR A 160 -15.47 -1.13 1.07
N LYS A 161 -16.27 -1.88 0.31
CA LYS A 161 -17.47 -2.50 0.87
C LYS A 161 -17.10 -3.74 1.68
N PRO A 162 -17.91 -4.09 2.70
CA PRO A 162 -17.64 -5.28 3.51
C PRO A 162 -17.61 -6.51 2.62
N GLY A 163 -16.65 -7.41 2.85
CA GLY A 163 -16.50 -8.57 2.00
C GLY A 163 -15.57 -8.26 0.83
N GLY A 164 -15.22 -6.97 0.67
CA GLY A 164 -14.34 -6.56 -0.40
C GLY A 164 -12.89 -6.94 -0.13
N LEU A 165 -12.07 -6.95 -1.17
CA LEU A 165 -10.68 -7.33 -1.03
C LEU A 165 -9.74 -6.14 -1.13
N VAL A 166 -8.72 -6.12 -0.27
CA VAL A 166 -7.73 -5.05 -0.27
C VAL A 166 -6.33 -5.67 -0.32
N CYS A 167 -5.50 -5.22 -1.24
CA CYS A 167 -4.16 -5.80 -1.38
C CYS A 167 -3.04 -4.77 -1.19
N LEU A 168 -2.06 -5.10 -0.35
CA LEU A 168 -0.96 -4.18 -0.09
C LEU A 168 0.37 -4.90 0.11
N THR A 169 1.48 -4.18 -0.14
CA THR A 169 2.83 -4.72 0.02
C THR A 169 3.81 -3.63 0.43
N THR A 170 4.86 -4.00 1.18
CA THR A 170 5.87 -3.04 1.64
C THR A 170 6.86 -3.77 2.58
N ARG A 171 7.73 -3.06 3.30
CA ARG A 171 8.65 -3.73 4.20
C ARG A 171 7.91 -4.13 5.48
N THR A 172 7.79 -5.44 5.71
CA THR A 172 7.06 -5.96 6.86
C THR A 172 7.50 -5.29 8.15
N ASN A 173 8.77 -5.38 8.48
CA ASN A 173 9.27 -4.76 9.70
C ASN A 173 10.65 -4.15 9.51
N PRO A 174 10.74 -3.06 8.72
CA PRO A 174 12.00 -2.35 8.51
C PRO A 174 12.54 -1.83 9.83
N SER A 175 11.62 -1.54 10.74
CA SER A 175 11.94 -1.06 12.07
C SER A 175 10.99 -1.72 13.06
N ASN A 176 11.34 -1.77 14.35
CA ASN A 176 10.46 -2.40 15.32
C ASN A 176 10.26 -3.87 14.94
N LEU A 177 11.38 -4.56 14.69
CA LEU A 177 11.36 -5.96 14.26
C LEU A 177 10.33 -6.79 15.04
N PRO A 178 10.47 -6.91 16.38
CA PRO A 178 9.52 -7.68 17.20
C PRO A 178 8.10 -7.13 17.11
N TYR A 179 7.98 -5.82 16.90
CA TYR A 179 6.67 -5.18 16.82
C TYR A 179 5.82 -5.72 15.67
N LYS A 180 6.44 -6.40 14.69
CA LYS A 180 5.65 -6.97 13.60
C LYS A 180 4.64 -7.95 14.16
N GLU A 181 5.13 -8.85 15.03
CA GLU A 181 4.24 -9.82 15.66
C GLU A 181 3.19 -9.04 16.45
N THR A 182 3.63 -7.96 17.10
CA THR A 182 2.71 -7.09 17.83
C THR A 182 1.70 -6.53 16.82
N LEU A 183 2.21 -6.14 15.65
CA LEU A 183 1.38 -5.63 14.56
C LEU A 183 0.35 -6.68 14.13
N GLU A 184 0.81 -7.92 14.00
CA GLU A 184 -0.07 -9.02 13.59
C GLU A 184 -1.21 -9.18 14.59
N ALA A 185 -0.89 -9.05 15.88
CA ALA A 185 -1.92 -9.14 16.90
C ALA A 185 -2.97 -8.04 16.71
N THR A 186 -2.51 -6.86 16.28
CA THR A 186 -3.43 -5.73 16.06
C THR A 186 -4.48 -6.07 15.01
N LEU A 187 -4.07 -6.73 13.93
CA LEU A 187 -5.02 -7.10 12.89
C LEU A 187 -6.09 -8.02 13.49
N ASP A 188 -5.63 -8.94 14.33
CA ASP A 188 -6.53 -9.91 14.96
C ASP A 188 -7.58 -9.17 15.80
N SER A 189 -7.18 -8.12 16.51
CA SER A 189 -8.14 -7.36 17.31
C SER A 189 -9.23 -6.78 16.42
N LEU A 190 -8.83 -6.30 15.24
CA LEU A 190 -9.77 -5.75 14.28
C LEU A 190 -10.70 -6.85 13.77
N GLU A 191 -10.14 -8.04 13.54
CA GLU A 191 -10.93 -9.18 13.10
C GLU A 191 -11.94 -9.52 14.19
N ARG A 192 -11.44 -9.55 15.42
CA ARG A 192 -12.26 -9.86 16.59
C ARG A 192 -13.40 -8.84 16.72
N ALA A 193 -13.09 -7.58 16.45
CA ALA A 193 -14.09 -6.52 16.53
C ALA A 193 -15.12 -6.68 15.41
N GLY A 194 -14.74 -7.40 14.34
CA GLY A 194 -15.64 -7.61 13.23
C GLY A 194 -15.41 -6.65 12.08
N VAL A 195 -14.54 -5.65 12.26
CA VAL A 195 -14.29 -4.67 11.20
C VAL A 195 -13.75 -5.35 9.93
N TRP A 196 -12.79 -6.26 10.07
CA TRP A 196 -12.21 -6.93 8.91
C TRP A 196 -11.61 -8.29 9.27
N GLU A 197 -11.48 -9.19 8.30
CA GLU A 197 -10.88 -10.50 8.56
C GLU A 197 -9.87 -10.86 7.47
N CYS A 198 -8.60 -11.01 7.85
CA CYS A 198 -7.56 -11.32 6.87
C CYS A 198 -7.89 -12.62 6.15
N LEU A 199 -8.08 -12.54 4.83
CA LEU A 199 -8.38 -13.72 4.04
C LEU A 199 -7.13 -14.58 3.83
N VAL A 200 -6.12 -13.98 3.20
CA VAL A 200 -4.87 -14.68 2.93
C VAL A 200 -3.67 -13.73 2.90
N THR A 201 -2.48 -14.28 3.12
CA THR A 201 -1.24 -13.51 3.07
C THR A 201 -0.20 -14.30 2.28
N GLN A 202 0.27 -13.74 1.16
CA GLN A 202 1.23 -14.45 0.33
C GLN A 202 2.67 -14.24 0.80
N PRO A 203 3.51 -15.29 0.63
CA PRO A 203 4.92 -15.27 1.03
C PRO A 203 5.78 -14.34 0.18
N VAL A 204 6.89 -13.88 0.78
CA VAL A 204 7.81 -12.95 0.14
C VAL A 204 9.26 -13.32 0.47
N ASP A 205 10.20 -12.37 0.31
CA ASP A 205 11.60 -12.62 0.64
C ASP A 205 11.93 -12.04 2.03
N HIS A 206 10.89 -11.61 2.74
CA HIS A 206 11.05 -11.01 4.05
C HIS A 206 11.81 -11.92 5.01
N TRP A 207 11.60 -13.22 4.92
CA TRP A 207 12.28 -14.14 5.83
C TRP A 207 13.80 -14.04 5.71
N GLU A 208 14.33 -14.15 4.49
CA GLU A 208 15.77 -14.15 4.25
C GLU A 208 16.51 -12.91 4.74
N LEU A 209 15.91 -11.72 4.66
CA LEU A 209 16.62 -10.53 5.10
C LEU A 209 16.99 -10.63 6.57
N ALA A 210 16.07 -11.10 7.41
CA ALA A 210 16.35 -11.27 8.83
C ALA A 210 17.17 -12.53 9.09
N THR A 211 16.86 -13.60 8.38
CA THR A 211 17.56 -14.85 8.58
C THR A 211 18.63 -15.05 7.51
N SER A 212 19.87 -15.16 7.96
CA SER A 212 21.01 -15.36 7.06
C SER A 212 21.98 -16.36 7.67
N GLU A 213 23.17 -16.50 7.08
CA GLU A 213 24.15 -17.44 7.61
C GLU A 213 24.48 -17.08 9.06
N GLN A 214 24.51 -18.10 9.93
CA GLN A 214 24.79 -17.88 11.35
C GLN A 214 26.16 -17.24 11.54
N GLU A 215 26.21 -16.16 12.33
CA GLU A 215 27.47 -15.48 12.62
C GLU A 215 27.55 -15.14 14.10
N THR A 216 28.67 -15.50 14.73
CA THR A 216 28.84 -15.26 16.17
C THR A 216 28.76 -13.76 16.49
N GLY A 217 29.38 -12.93 15.65
CA GLY A 217 29.41 -11.47 15.84
C GLY A 217 28.51 -10.91 16.92
N LEU A 218 28.73 -11.31 18.16
CA LEU A 218 27.96 -10.81 19.29
C LEU A 218 26.46 -11.11 19.14
N GLY A 219 26.13 -12.30 18.64
CA GLY A 219 24.72 -12.66 18.49
C GLY A 219 24.24 -12.62 17.04
N THR A 220 23.53 -13.66 16.63
CA THR A 220 22.99 -13.75 15.28
C THR A 220 21.96 -12.63 15.02
N CYS A 221 21.14 -12.35 16.03
CA CYS A 221 20.11 -11.31 15.91
C CYS A 221 20.73 -9.92 15.85
N ALA A 222 21.98 -9.79 16.32
CA ALA A 222 22.67 -8.51 16.28
C ALA A 222 22.98 -8.12 14.84
N ASN A 223 23.72 -8.99 14.15
CA ASN A 223 24.10 -8.76 12.75
C ASN A 223 22.90 -8.87 11.81
N ASP A 224 22.04 -9.84 12.08
CA ASP A 224 20.87 -10.08 11.23
C ASP A 224 19.57 -9.93 12.02
N GLY A 225 18.44 -10.08 11.34
CA GLY A 225 17.15 -9.97 12.00
C GLY A 225 16.29 -8.82 11.47
N PHE A 226 16.40 -8.55 10.17
CA PHE A 226 15.60 -7.50 9.55
C PHE A 226 14.72 -8.09 8.45
N ILE A 227 13.40 -8.11 8.67
CA ILE A 227 12.49 -8.70 7.71
C ILE A 227 11.65 -7.64 7.00
N SER A 228 11.59 -7.71 5.67
CA SER A 228 10.83 -6.74 4.89
C SER A 228 10.18 -7.36 3.65
N GLY A 229 9.38 -6.55 2.97
CA GLY A 229 8.69 -7.00 1.78
C GLY A 229 7.71 -8.12 2.10
N ILE A 230 6.42 -7.86 1.94
CA ILE A 230 5.39 -8.87 2.17
C ILE A 230 4.07 -8.43 1.62
N ILE A 231 3.30 -9.36 1.09
CA ILE A 231 2.03 -9.05 0.52
C ILE A 231 0.94 -9.72 1.34
N TYR A 232 -0.25 -9.14 1.34
CA TYR A 232 -1.36 -9.73 2.06
C TYR A 232 -2.69 -9.11 1.66
N LEU A 233 -3.76 -9.88 1.76
CA LEU A 233 -5.08 -9.39 1.40
C LEU A 233 -6.06 -9.54 2.56
N TYR A 234 -6.73 -8.45 2.90
CA TYR A 234 -7.72 -8.47 3.98
C TYR A 234 -9.10 -8.18 3.44
N ARG A 235 -10.12 -8.70 4.12
CA ARG A 235 -11.50 -8.47 3.72
C ARG A 235 -12.15 -7.49 4.67
N LYS A 236 -13.24 -6.87 4.23
CA LYS A 236 -13.93 -5.90 5.06
C LYS A 236 -15.11 -6.52 5.80
N GLN A 237 -15.28 -6.09 7.05
CA GLN A 237 -16.34 -6.56 7.93
C GLN A 237 -16.56 -8.07 7.81
N GLU A 238 -15.90 -8.81 8.69
CA GLU A 238 -16.02 -10.25 8.72
C GLU A 238 -15.82 -10.78 10.14
N THR A 239 -16.10 -12.06 10.36
CA THR A 239 -15.96 -12.65 11.68
C THR A 239 -14.61 -13.36 11.82
N VAL A 240 -13.81 -12.90 12.78
CA VAL A 240 -12.49 -13.48 13.02
C VAL A 240 -12.57 -15.01 13.12
N GLY A 1 16.59 10.83 15.86
CA GLY A 1 15.40 10.04 16.28
C GLY A 1 14.12 10.50 15.60
N ALA A 2 13.20 11.07 16.39
CA ALA A 2 11.93 11.55 15.85
C ALA A 2 11.14 10.43 15.19
N MET A 3 11.16 9.25 15.81
CA MET A 3 10.43 8.09 15.27
C MET A 3 8.94 8.39 15.18
N ALA A 4 8.39 9.07 16.19
CA ALA A 4 6.97 9.38 16.20
C ALA A 4 6.59 10.21 14.97
N GLN A 5 7.33 11.29 14.72
CA GLN A 5 7.05 12.14 13.57
C GLN A 5 7.19 11.34 12.28
N GLU A 6 8.20 10.47 12.22
CA GLU A 6 8.43 9.65 11.02
C GLU A 6 7.21 8.77 10.75
N GLU A 7 6.61 8.22 11.80
CA GLU A 7 5.43 7.38 11.65
C GLU A 7 4.30 8.17 11.00
N ALA A 8 4.16 9.43 11.40
CA ALA A 8 3.14 10.30 10.82
C ALA A 8 3.38 10.43 9.33
N GLY A 9 4.63 10.75 8.99
CA GLY A 9 5.02 10.89 7.59
C GLY A 9 4.77 12.28 7.05
N ARG A 10 5.48 12.63 5.97
CA ARG A 10 5.39 13.96 5.35
C ARG A 10 3.98 14.34 4.87
N LEU A 11 3.25 13.39 4.28
CA LEU A 11 1.92 13.69 3.71
C LEU A 11 1.08 14.67 4.55
N PRO A 12 1.05 14.59 5.89
CA PRO A 12 0.29 15.54 6.71
C PRO A 12 0.66 16.96 6.31
N GLN A 13 1.96 17.15 6.07
CA GLN A 13 2.50 18.43 5.67
C GLN A 13 1.87 18.86 4.34
N VAL A 14 1.68 17.91 3.42
CA VAL A 14 1.08 18.24 2.12
C VAL A 14 -0.34 18.76 2.31
N LEU A 15 -1.20 18.02 3.01
CA LEU A 15 -2.58 18.50 3.24
C LEU A 15 -2.50 19.82 3.99
N ALA A 16 -1.59 19.88 4.96
CA ALA A 16 -1.43 21.10 5.75
C ALA A 16 -1.04 22.25 4.82
N ARG A 17 -0.06 22.02 3.94
CA ARG A 17 0.35 23.04 2.97
C ARG A 17 -0.74 23.26 1.91
N VAL A 18 -1.49 22.19 1.59
CA VAL A 18 -2.56 22.26 0.59
C VAL A 18 -3.65 23.24 1.04
N GLY A 19 -3.97 23.23 2.33
CA GLY A 19 -5.03 24.09 2.83
C GLY A 19 -4.86 25.54 2.39
N THR A 20 -3.65 26.07 2.45
CA THR A 20 -3.41 27.45 2.02
C THR A 20 -3.60 27.55 0.51
N SER A 21 -3.09 26.56 -0.22
CA SER A 21 -3.19 26.55 -1.68
C SER A 21 -2.65 27.86 -2.27
N HIS A 22 -3.04 28.17 -3.52
CA HIS A 22 -2.56 29.37 -4.19
C HIS A 22 -1.04 29.33 -4.35
N GLY A 23 -0.54 28.14 -4.69
CA GLY A 23 0.89 27.94 -4.89
C GLY A 23 1.18 26.58 -5.48
N ILE A 24 0.40 26.21 -6.50
CA ILE A 24 0.53 24.91 -7.16
C ILE A 24 1.90 24.71 -7.81
N THR A 25 2.59 25.79 -8.16
CA THR A 25 3.91 25.65 -8.78
C THR A 25 4.85 24.89 -7.85
N ASP A 26 4.93 25.33 -6.58
CA ASP A 26 5.79 24.65 -5.62
C ASP A 26 5.16 23.32 -5.20
N LEU A 27 3.83 23.21 -5.32
CA LEU A 27 3.16 21.97 -4.99
C LEU A 27 3.72 20.86 -5.87
N ALA A 28 3.95 21.21 -7.15
CA ALA A 28 4.57 20.29 -8.11
C ALA A 28 6.06 20.15 -7.81
N CYS A 29 6.63 21.19 -7.18
CA CYS A 29 8.04 21.20 -6.83
C CYS A 29 8.36 20.04 -5.89
N LYS A 30 7.57 19.88 -4.82
CA LYS A 30 7.80 18.79 -3.88
C LYS A 30 7.69 17.46 -4.61
N LEU A 31 6.63 17.31 -5.38
CA LEU A 31 6.40 16.10 -6.17
C LEU A 31 7.56 15.89 -7.16
N ARG A 32 8.01 17.01 -7.75
CA ARG A 32 9.10 16.99 -8.71
C ARG A 32 10.39 16.44 -8.10
N PHE A 33 10.65 16.75 -6.83
CA PHE A 33 11.85 16.25 -6.17
C PHE A 33 11.76 14.74 -5.98
N TYR A 34 10.57 14.26 -5.62
CA TYR A 34 10.38 12.84 -5.39
C TYR A 34 10.48 12.04 -6.70
N ASP A 35 9.92 12.59 -7.78
CA ASP A 35 9.93 11.91 -9.09
C ASP A 35 11.34 11.68 -9.65
N ASP A 36 12.37 12.27 -9.03
CA ASP A 36 13.73 12.06 -9.53
C ASP A 36 14.22 10.65 -9.16
N TRP A 37 13.99 10.27 -7.91
CA TRP A 37 14.39 8.95 -7.41
C TRP A 37 13.43 7.84 -7.88
N ALA A 38 12.15 8.19 -8.07
CA ALA A 38 11.11 7.22 -8.46
C ALA A 38 11.65 6.06 -9.29
N PRO A 39 12.20 6.33 -10.50
CA PRO A 39 12.74 5.26 -11.36
C PRO A 39 13.71 4.36 -10.59
N GLU A 40 14.52 4.98 -9.75
CA GLU A 40 15.48 4.25 -8.92
C GLU A 40 14.78 3.39 -7.88
N TYR A 41 13.62 3.87 -7.40
CA TYR A 41 12.83 3.11 -6.43
C TYR A 41 12.19 1.88 -7.08
N ASP A 42 11.74 2.02 -8.33
CA ASP A 42 11.10 0.90 -9.00
C ASP A 42 12.07 -0.27 -9.10
N GLN A 43 13.25 -0.07 -9.66
CA GLN A 43 14.22 -1.14 -9.76
C GLN A 43 14.59 -1.68 -8.38
N ASP A 44 14.48 -0.83 -7.36
CA ASP A 44 14.80 -1.23 -6.00
C ASP A 44 13.93 -2.38 -5.53
N VAL A 45 12.65 -2.38 -5.88
CA VAL A 45 11.78 -3.47 -5.46
C VAL A 45 12.19 -4.78 -6.14
N ALA A 46 12.55 -4.69 -7.42
CA ALA A 46 13.00 -5.88 -8.15
C ALA A 46 14.31 -6.38 -7.56
N ALA A 47 15.20 -5.45 -7.21
CA ALA A 47 16.49 -5.78 -6.62
C ALA A 47 16.32 -6.53 -5.31
N LEU A 48 15.28 -6.19 -4.55
CA LEU A 48 15.01 -6.85 -3.28
C LEU A 48 14.15 -8.09 -3.47
N LYS A 49 13.61 -8.29 -4.68
CA LYS A 49 12.78 -9.46 -4.98
C LYS A 49 11.47 -9.45 -4.22
N TYR A 50 10.65 -8.40 -4.39
CA TYR A 50 9.36 -8.34 -3.71
C TYR A 50 8.32 -9.19 -4.43
N ARG A 51 7.95 -10.30 -3.82
CA ARG A 51 6.95 -11.22 -4.36
C ARG A 51 5.55 -10.59 -4.30
N ALA A 52 5.32 -9.77 -3.28
CA ALA A 52 4.04 -9.10 -3.05
C ALA A 52 3.33 -8.74 -4.36
N PRO A 53 3.95 -7.92 -5.21
CA PRO A 53 3.36 -7.51 -6.49
C PRO A 53 2.85 -8.71 -7.31
N ARG A 54 3.60 -9.80 -7.26
CA ARG A 54 3.22 -11.02 -7.97
C ARG A 54 2.00 -11.67 -7.31
N LEU A 55 2.13 -11.95 -6.02
CA LEU A 55 1.05 -12.56 -5.23
C LEU A 55 -0.10 -11.57 -5.01
N ALA A 56 0.23 -10.29 -4.94
CA ALA A 56 -0.78 -9.26 -4.73
C ALA A 56 -1.86 -9.33 -5.80
N VAL A 57 -1.45 -9.16 -7.05
CA VAL A 57 -2.40 -9.21 -8.15
C VAL A 57 -3.09 -10.57 -8.28
N ASP A 58 -2.32 -11.67 -8.28
CA ASP A 58 -2.91 -13.00 -8.42
C ASP A 58 -3.72 -13.43 -7.20
N CYS A 59 -3.22 -13.14 -6.00
CA CYS A 59 -3.94 -13.55 -4.79
C CYS A 59 -5.26 -12.80 -4.68
N LEU A 60 -5.24 -11.52 -4.99
CA LEU A 60 -6.45 -10.70 -4.90
C LEU A 60 -7.52 -11.26 -5.83
N SER A 61 -7.16 -11.52 -7.08
CA SER A 61 -8.11 -12.06 -8.04
C SER A 61 -8.61 -13.44 -7.61
N ARG A 62 -7.70 -14.27 -7.10
CA ARG A 62 -8.07 -15.61 -6.64
C ARG A 62 -8.93 -15.54 -5.37
N ALA A 63 -8.57 -14.63 -4.46
CA ALA A 63 -9.32 -14.45 -3.23
C ALA A 63 -10.61 -13.67 -3.48
N PHE A 64 -10.55 -12.77 -4.46
CA PHE A 64 -11.71 -11.94 -4.80
C PHE A 64 -12.70 -12.72 -5.67
N ARG A 65 -13.78 -13.18 -5.04
CA ARG A 65 -14.81 -13.94 -5.74
C ARG A 65 -15.56 -13.09 -6.75
N GLY A 66 -15.80 -11.82 -6.40
CA GLY A 66 -16.49 -10.94 -7.31
C GLY A 66 -15.65 -10.61 -8.53
N SER A 67 -16.26 -10.06 -9.56
CA SER A 67 -15.54 -9.72 -10.77
C SER A 67 -15.09 -8.26 -10.76
N PRO A 68 -13.78 -7.99 -10.89
CA PRO A 68 -13.26 -6.62 -10.94
C PRO A 68 -13.95 -5.84 -12.07
N HIS A 69 -14.46 -6.59 -13.05
CA HIS A 69 -15.18 -6.00 -14.18
C HIS A 69 -16.39 -5.23 -13.68
N ASP A 70 -17.18 -5.86 -12.80
CA ASP A 70 -18.37 -5.23 -12.24
C ASP A 70 -18.06 -4.58 -10.89
N ALA A 71 -16.99 -5.03 -10.22
CA ALA A 71 -16.61 -4.47 -8.93
C ALA A 71 -15.85 -3.17 -9.14
N LEU A 72 -15.71 -2.37 -8.09
CA LEU A 72 -14.97 -1.11 -8.21
C LEU A 72 -13.72 -1.14 -7.32
N ILE A 73 -12.56 -1.21 -7.96
CA ILE A 73 -11.29 -1.30 -7.23
C ILE A 73 -10.66 0.06 -6.95
N LEU A 74 -9.96 0.16 -5.82
CA LEU A 74 -9.28 1.40 -5.42
C LEU A 74 -7.79 1.17 -5.27
N ASP A 75 -7.00 2.14 -5.73
CA ASP A 75 -5.55 2.06 -5.61
C ASP A 75 -5.02 3.37 -5.03
N VAL A 76 -3.94 3.30 -4.28
CA VAL A 76 -3.38 4.49 -3.66
C VAL A 76 -2.20 5.03 -4.50
N ALA A 77 -1.47 5.99 -3.93
CA ALA A 77 -0.35 6.60 -4.62
C ALA A 77 0.69 5.58 -5.07
N CYS A 78 0.75 4.44 -4.41
CA CYS A 78 1.71 3.41 -4.77
C CYS A 78 1.13 2.46 -5.82
N GLY A 79 0.10 2.90 -6.53
CA GLY A 79 -0.50 2.09 -7.57
C GLY A 79 0.40 2.11 -8.78
N THR A 80 1.49 1.34 -8.72
CA THR A 80 2.46 1.31 -9.82
C THR A 80 1.77 0.89 -11.12
N GLY A 81 2.15 1.56 -12.21
CA GLY A 81 1.54 1.28 -13.51
C GLY A 81 1.43 -0.19 -13.84
N LEU A 82 2.49 -0.95 -13.61
CA LEU A 82 2.47 -2.38 -13.95
C LEU A 82 1.37 -3.11 -13.19
N VAL A 83 1.11 -2.73 -11.95
CA VAL A 83 0.05 -3.39 -11.18
C VAL A 83 -1.27 -3.20 -11.93
N ALA A 84 -1.45 -2.03 -12.53
CA ALA A 84 -2.66 -1.76 -13.30
C ALA A 84 -2.64 -2.60 -14.58
N VAL A 85 -1.46 -2.70 -15.21
CA VAL A 85 -1.33 -3.49 -16.43
C VAL A 85 -1.68 -4.95 -16.12
N GLU A 86 -1.18 -5.43 -14.98
CA GLU A 86 -1.48 -6.77 -14.52
C GLU A 86 -2.95 -6.83 -14.10
N LEU A 87 -3.39 -5.76 -13.45
CA LEU A 87 -4.77 -5.66 -13.00
C LEU A 87 -5.72 -5.76 -14.19
N GLN A 88 -5.39 -5.06 -15.28
CA GLN A 88 -6.21 -5.09 -16.47
C GLN A 88 -6.32 -6.52 -17.00
N ALA A 89 -5.18 -7.20 -17.11
CA ALA A 89 -5.16 -8.59 -17.58
C ALA A 89 -5.91 -9.51 -16.63
N ARG A 90 -5.78 -9.25 -15.33
CA ARG A 90 -6.48 -10.05 -14.32
C ARG A 90 -8.00 -9.97 -14.52
N GLY A 91 -8.45 -8.86 -15.12
CA GLY A 91 -9.87 -8.68 -15.37
C GLY A 91 -10.47 -7.50 -14.61
N PHE A 92 -9.67 -6.44 -14.42
CA PHE A 92 -10.15 -5.26 -13.71
C PHE A 92 -10.51 -4.17 -14.69
N LEU A 93 -11.81 -3.89 -14.82
CA LEU A 93 -12.26 -2.85 -15.72
C LEU A 93 -12.84 -1.66 -14.96
N GLN A 94 -12.66 -1.64 -13.64
CA GLN A 94 -13.14 -0.53 -12.83
C GLN A 94 -12.14 -0.23 -11.70
N VAL A 95 -11.40 0.89 -11.80
CA VAL A 95 -10.45 1.22 -10.76
C VAL A 95 -10.43 2.73 -10.45
N GLN A 96 -10.34 3.04 -9.16
CA GLN A 96 -10.28 4.42 -8.67
C GLN A 96 -9.17 4.56 -7.65
N GLY A 97 -8.68 5.79 -7.41
CA GLY A 97 -7.61 5.93 -6.44
C GLY A 97 -7.02 7.33 -6.35
N VAL A 98 -5.91 7.42 -5.61
CA VAL A 98 -5.20 8.67 -5.41
C VAL A 98 -3.69 8.47 -5.46
N ASP A 99 -2.96 9.40 -6.08
CA ASP A 99 -1.51 9.31 -6.14
C ASP A 99 -0.88 10.68 -5.96
N GLY A 100 0.31 10.73 -5.37
CA GLY A 100 0.97 11.99 -5.15
C GLY A 100 1.93 12.39 -6.25
N SER A 101 2.70 11.42 -6.74
CA SER A 101 3.66 11.68 -7.81
C SER A 101 3.02 11.54 -9.19
N PRO A 102 3.22 12.51 -10.10
CA PRO A 102 2.66 12.42 -11.44
C PRO A 102 3.21 11.19 -12.16
N GLU A 103 4.43 10.80 -11.83
CA GLU A 103 5.05 9.61 -12.42
C GLU A 103 4.21 8.37 -12.08
N MET A 104 3.69 8.35 -10.85
CA MET A 104 2.80 7.28 -10.43
C MET A 104 1.46 7.44 -11.15
N LEU A 105 1.03 8.69 -11.28
CA LEU A 105 -0.21 9.03 -11.98
C LEU A 105 -0.11 8.77 -13.47
N LYS A 106 1.05 9.10 -14.06
CA LYS A 106 1.23 8.92 -15.50
C LYS A 106 1.06 7.47 -15.89
N GLN A 107 1.75 6.57 -15.20
CA GLN A 107 1.62 5.15 -15.54
C GLN A 107 0.18 4.70 -15.37
N ALA A 108 -0.40 5.02 -14.23
CA ALA A 108 -1.78 4.64 -13.95
C ALA A 108 -2.76 5.28 -14.94
N ARG A 109 -2.68 6.61 -15.08
CA ARG A 109 -3.57 7.35 -15.98
C ARG A 109 -3.27 7.05 -17.46
N ALA A 110 -2.00 7.19 -17.86
CA ALA A 110 -1.61 6.93 -19.25
C ALA A 110 -1.93 5.49 -19.62
N ARG A 111 -1.79 4.59 -18.65
CA ARG A 111 -2.11 3.19 -18.86
C ARG A 111 -3.58 3.05 -19.25
N GLY A 112 -4.44 3.85 -18.59
CA GLY A 112 -5.86 3.80 -18.85
C GLY A 112 -6.55 2.72 -18.05
N LEU A 113 -5.89 2.28 -16.98
CA LEU A 113 -6.44 1.25 -16.10
C LEU A 113 -7.36 1.87 -15.05
N TYR A 114 -6.96 3.03 -14.56
CA TYR A 114 -7.70 3.72 -13.51
C TYR A 114 -8.76 4.67 -14.07
N HIS A 115 -10.02 4.42 -13.72
CA HIS A 115 -11.11 5.28 -14.18
C HIS A 115 -10.89 6.70 -13.69
N HIS A 116 -10.61 6.84 -12.40
CA HIS A 116 -10.39 8.15 -11.83
C HIS A 116 -9.27 8.13 -10.79
N LEU A 117 -8.25 8.96 -10.99
CA LEU A 117 -7.15 9.07 -10.05
C LEU A 117 -7.09 10.49 -9.53
N SER A 118 -6.82 10.63 -8.24
CA SER A 118 -6.75 11.96 -7.63
C SER A 118 -5.41 12.21 -6.97
N LEU A 119 -4.91 13.44 -7.10
CA LEU A 119 -3.65 13.83 -6.48
C LEU A 119 -3.94 14.35 -5.09
N CYS A 120 -3.28 13.79 -4.08
CA CYS A 120 -3.49 14.24 -2.70
C CYS A 120 -2.73 13.38 -1.70
N THR A 121 -1.47 13.72 -1.42
CA THR A 121 -0.70 12.93 -0.48
C THR A 121 -1.26 13.05 0.92
N LEU A 122 -1.80 11.94 1.43
CA LEU A 122 -2.37 11.94 2.76
C LEU A 122 -2.40 10.53 3.34
N GLY A 123 -2.89 10.42 4.57
CA GLY A 123 -2.93 9.12 5.20
C GLY A 123 -2.98 9.19 6.72
N GLN A 124 -2.62 10.34 7.32
CA GLN A 124 -2.75 10.52 8.75
C GLN A 124 -3.98 11.42 8.94
N GLU A 125 -4.70 11.60 7.81
CA GLU A 125 -5.91 12.38 7.71
C GLU A 125 -6.81 11.67 6.70
N PRO A 126 -8.11 11.99 6.64
CA PRO A 126 -9.05 11.33 5.71
C PRO A 126 -8.64 11.47 4.22
N LEU A 127 -9.19 10.56 3.40
CA LEU A 127 -8.92 10.53 1.96
C LEU A 127 -10.19 10.88 1.17
N PRO A 128 -10.06 11.11 -0.16
CA PRO A 128 -11.19 11.46 -1.03
C PRO A 128 -12.17 10.30 -1.32
N ASP A 129 -11.98 9.15 -0.69
CA ASP A 129 -12.86 8.02 -0.92
C ASP A 129 -13.88 7.85 0.22
N PRO A 130 -15.19 7.90 -0.10
CA PRO A 130 -16.25 7.74 0.89
C PRO A 130 -16.39 6.27 1.31
N GLU A 131 -17.23 5.99 2.31
CA GLU A 131 -17.42 4.60 2.75
C GLU A 131 -18.35 3.87 1.77
N GLY A 132 -18.24 2.53 1.70
CA GLY A 132 -19.10 1.79 0.80
C GLY A 132 -18.93 2.24 -0.65
N THR A 133 -17.75 2.78 -0.96
CA THR A 133 -17.45 3.26 -2.29
C THR A 133 -17.02 2.14 -3.25
N PHE A 134 -15.84 1.58 -3.00
CA PHE A 134 -15.28 0.56 -3.87
C PHE A 134 -15.35 -0.85 -3.27
N ASP A 135 -15.59 -1.84 -4.14
CA ASP A 135 -15.69 -3.24 -3.72
C ASP A 135 -14.35 -3.83 -3.28
N ALA A 136 -13.26 -3.20 -3.69
CA ALA A 136 -11.93 -3.69 -3.32
C ALA A 136 -10.85 -2.64 -3.56
N VAL A 137 -9.72 -2.79 -2.91
CA VAL A 137 -8.61 -1.86 -3.08
C VAL A 137 -7.29 -2.62 -3.14
N ILE A 138 -6.41 -2.25 -4.07
CA ILE A 138 -5.12 -2.93 -4.19
C ILE A 138 -3.97 -1.93 -4.30
N ILE A 139 -3.14 -1.86 -3.26
CA ILE A 139 -2.02 -0.93 -3.24
C ILE A 139 -0.72 -1.64 -2.87
N VAL A 140 0.42 -1.18 -3.41
CA VAL A 140 1.70 -1.82 -3.11
C VAL A 140 2.76 -0.82 -2.65
N GLY A 141 3.29 -0.99 -1.45
CA GLY A 141 4.34 -0.12 -0.97
C GLY A 141 3.85 1.12 -0.24
N ALA A 142 2.55 1.41 -0.24
CA ALA A 142 2.02 2.61 0.41
C ALA A 142 1.59 2.35 1.86
N LEU A 143 2.53 2.32 2.79
CA LEU A 143 2.20 2.10 4.21
C LEU A 143 2.77 3.20 5.10
N SER A 144 2.51 3.09 6.41
CA SER A 144 2.99 4.06 7.38
C SER A 144 4.50 4.20 7.29
N GLU A 145 4.96 5.40 6.91
CA GLU A 145 6.40 5.71 6.80
C GLU A 145 6.62 6.87 5.84
N GLY A 146 5.83 7.93 6.00
CA GLY A 146 5.94 9.09 5.13
C GLY A 146 5.05 8.99 3.91
N GLN A 147 4.56 7.78 3.60
CA GLN A 147 3.69 7.59 2.43
C GLN A 147 2.22 7.42 2.82
N VAL A 148 1.80 6.23 3.26
CA VAL A 148 0.39 6.01 3.62
C VAL A 148 0.28 5.41 5.03
N PRO A 149 0.07 6.28 6.04
CA PRO A 149 -0.05 5.87 7.44
C PRO A 149 -1.12 4.81 7.68
N CYS A 150 -0.68 3.67 8.22
CA CYS A 150 -1.54 2.52 8.47
C CYS A 150 -2.91 2.89 9.01
N SER A 151 -3.09 4.05 9.65
CA SER A 151 -4.42 4.42 10.14
C SER A 151 -5.33 4.79 8.97
N ALA A 152 -4.71 5.36 7.91
CA ALA A 152 -5.45 5.77 6.72
C ALA A 152 -5.92 4.56 5.93
N ILE A 153 -5.08 3.52 5.82
CA ILE A 153 -5.45 2.34 5.04
C ILE A 153 -6.87 1.92 5.40
N PRO A 154 -7.18 1.80 6.71
CA PRO A 154 -8.52 1.46 7.18
C PRO A 154 -9.58 2.39 6.58
N GLU A 155 -9.17 3.58 6.16
CA GLU A 155 -10.09 4.48 5.48
C GLU A 155 -10.38 3.87 4.12
N LEU A 156 -9.30 3.39 3.49
CA LEU A 156 -9.39 2.72 2.21
C LEU A 156 -10.28 1.49 2.38
N LEU A 157 -10.09 0.81 3.51
CA LEU A 157 -10.88 -0.38 3.82
C LEU A 157 -12.32 0.04 4.13
N ARG A 158 -12.48 1.15 4.85
CA ARG A 158 -13.79 1.68 5.19
C ARG A 158 -14.58 2.03 3.92
N VAL A 159 -13.88 2.55 2.90
CA VAL A 159 -14.51 2.87 1.61
C VAL A 159 -14.81 1.56 0.86
N THR A 160 -14.12 0.50 1.28
CA THR A 160 -14.32 -0.82 0.73
C THR A 160 -15.59 -1.39 1.37
N LYS A 161 -16.41 -2.10 0.60
CA LYS A 161 -17.65 -2.65 1.14
C LYS A 161 -17.43 -3.99 1.82
N PRO A 162 -18.19 -4.29 2.89
CA PRO A 162 -18.08 -5.56 3.61
C PRO A 162 -18.09 -6.74 2.64
N GLY A 163 -17.17 -7.70 2.85
CA GLY A 163 -17.07 -8.84 1.96
C GLY A 163 -16.09 -8.57 0.82
N GLY A 164 -15.66 -7.31 0.67
CA GLY A 164 -14.74 -6.95 -0.38
C GLY A 164 -13.34 -7.49 -0.15
N LEU A 165 -12.40 -7.13 -1.04
CA LEU A 165 -11.02 -7.60 -0.91
C LEU A 165 -10.03 -6.45 -0.98
N VAL A 166 -9.05 -6.45 -0.07
CA VAL A 166 -8.03 -5.42 -0.04
C VAL A 166 -6.63 -6.04 -0.05
N CYS A 167 -5.77 -5.57 -0.95
CA CYS A 167 -4.43 -6.09 -1.07
C CYS A 167 -3.38 -4.99 -0.88
N LEU A 168 -2.44 -5.21 0.05
CA LEU A 168 -1.41 -4.21 0.29
C LEU A 168 -0.05 -4.86 0.62
N THR A 169 1.04 -4.10 0.40
CA THR A 169 2.40 -4.59 0.65
C THR A 169 3.26 -3.51 1.30
N THR A 170 4.25 -3.89 2.12
CA THR A 170 5.12 -2.91 2.80
C THR A 170 6.45 -3.52 3.22
N ARG A 171 7.27 -2.71 3.90
CA ARG A 171 8.55 -3.18 4.41
C ARG A 171 8.38 -3.55 5.87
N THR A 172 8.61 -4.83 6.22
CA THR A 172 8.41 -5.28 7.60
C THR A 172 9.69 -5.73 8.31
N ASN A 173 10.68 -6.23 7.57
CA ASN A 173 11.90 -6.70 8.21
C ASN A 173 13.00 -5.65 8.35
N PRO A 174 12.92 -4.47 7.71
CA PRO A 174 13.96 -3.45 7.86
C PRO A 174 14.06 -3.04 9.33
N SER A 175 12.93 -3.11 10.03
CA SER A 175 12.88 -2.77 11.44
C SER A 175 11.73 -3.51 12.11
N ASN A 176 11.81 -3.66 13.43
CA ASN A 176 10.76 -4.33 14.18
C ASN A 176 10.53 -5.79 13.72
N LEU A 177 11.60 -6.59 13.70
CA LEU A 177 11.50 -7.99 13.28
C LEU A 177 10.31 -8.70 13.95
N PRO A 178 10.31 -8.79 15.30
CA PRO A 178 9.24 -9.43 16.05
C PRO A 178 7.88 -8.77 15.82
N TYR A 179 7.90 -7.47 15.56
CA TYR A 179 6.67 -6.72 15.32
C TYR A 179 5.79 -7.40 14.26
N LYS A 180 6.38 -8.25 13.42
CA LYS A 180 5.60 -8.94 12.40
C LYS A 180 4.45 -9.72 13.06
N GLU A 181 4.78 -10.55 14.05
CA GLU A 181 3.78 -11.32 14.76
C GLU A 181 2.83 -10.36 15.47
N THR A 182 3.40 -9.29 16.03
CA THR A 182 2.60 -8.27 16.72
C THR A 182 1.61 -7.67 15.73
N LEU A 183 2.10 -7.32 14.54
CA LEU A 183 1.25 -6.74 13.49
C LEU A 183 0.14 -7.73 13.12
N GLU A 184 0.51 -9.01 13.03
CA GLU A 184 -0.45 -10.05 12.70
C GLU A 184 -1.57 -10.10 13.73
N ALA A 185 -1.22 -9.93 15.01
CA ALA A 185 -2.21 -9.93 16.07
C ALA A 185 -3.15 -8.73 15.96
N THR A 186 -2.61 -7.58 15.52
CA THR A 186 -3.41 -6.37 15.39
C THR A 186 -4.56 -6.59 14.40
N LEU A 187 -4.26 -7.26 13.28
CA LEU A 187 -5.30 -7.55 12.29
C LEU A 187 -6.37 -8.43 12.91
N ASP A 188 -5.92 -9.40 13.73
CA ASP A 188 -6.82 -10.34 14.38
C ASP A 188 -7.81 -9.60 15.27
N SER A 189 -7.34 -8.57 15.98
CA SER A 189 -8.23 -7.79 16.85
C SER A 189 -9.35 -7.17 16.01
N LEU A 190 -8.99 -6.59 14.86
CA LEU A 190 -9.98 -6.01 13.96
C LEU A 190 -10.89 -7.10 13.42
N GLU A 191 -10.30 -8.26 13.10
CA GLU A 191 -11.05 -9.39 12.61
C GLU A 191 -12.09 -9.82 13.64
N ARG A 192 -11.60 -10.00 14.87
CA ARG A 192 -12.45 -10.39 15.98
C ARG A 192 -13.54 -9.35 16.23
N ALA A 193 -13.16 -8.07 16.11
CA ALA A 193 -14.11 -6.97 16.31
C ALA A 193 -15.21 -7.01 15.25
N GLY A 194 -14.91 -7.55 14.08
CA GLY A 194 -15.89 -7.63 13.01
C GLY A 194 -15.59 -6.69 11.85
N VAL A 195 -14.69 -5.72 12.07
CA VAL A 195 -14.36 -4.77 11.01
C VAL A 195 -13.98 -5.48 9.71
N TRP A 196 -12.95 -6.32 9.78
CA TRP A 196 -12.46 -7.06 8.61
C TRP A 196 -11.86 -8.39 9.02
N GLU A 197 -11.93 -9.42 8.17
CA GLU A 197 -11.36 -10.73 8.51
C GLU A 197 -10.31 -11.18 7.50
N CYS A 198 -9.08 -11.38 7.97
CA CYS A 198 -7.98 -11.80 7.10
C CYS A 198 -8.27 -13.13 6.40
N LEU A 199 -8.19 -13.13 5.07
CA LEU A 199 -8.40 -14.35 4.29
C LEU A 199 -7.12 -15.16 4.25
N VAL A 200 -6.08 -14.55 3.71
CA VAL A 200 -4.79 -15.19 3.58
C VAL A 200 -3.66 -14.16 3.64
N THR A 201 -2.46 -14.61 3.94
CA THR A 201 -1.31 -13.71 3.99
C THR A 201 -0.14 -14.36 3.26
N GLN A 202 0.38 -13.68 2.24
CA GLN A 202 1.49 -14.20 1.48
C GLN A 202 2.81 -13.60 1.93
N PRO A 203 3.71 -14.40 2.51
CA PRO A 203 5.00 -13.90 2.96
C PRO A 203 5.84 -13.48 1.77
N VAL A 204 6.61 -12.41 1.93
CA VAL A 204 7.44 -11.91 0.84
C VAL A 204 8.93 -12.13 1.15
N ASP A 205 9.76 -11.10 1.02
CA ASP A 205 11.17 -11.21 1.34
C ASP A 205 11.31 -11.26 2.86
N HIS A 206 10.26 -10.80 3.55
CA HIS A 206 10.24 -10.75 5.00
C HIS A 206 10.41 -12.14 5.60
N TRP A 207 9.76 -13.14 5.01
CA TRP A 207 9.86 -14.50 5.50
C TRP A 207 11.03 -15.24 4.85
N GLU A 208 11.58 -14.67 3.76
CA GLU A 208 12.69 -15.28 3.05
C GLU A 208 13.93 -15.46 3.93
N LEU A 209 14.30 -14.42 4.67
CA LEU A 209 15.49 -14.49 5.52
C LEU A 209 15.14 -14.21 6.99
N ALA A 210 14.68 -12.99 7.28
CA ALA A 210 14.28 -12.63 8.65
C ALA A 210 15.29 -13.16 9.69
N THR A 211 14.77 -13.68 10.81
CA THR A 211 15.60 -14.25 11.85
C THR A 211 15.26 -15.73 11.99
N SER A 212 16.28 -16.58 11.98
CA SER A 212 16.05 -18.02 12.07
C SER A 212 16.46 -18.54 13.45
N GLU A 213 15.92 -19.72 13.81
CA GLU A 213 16.18 -20.31 15.11
C GLU A 213 17.43 -21.21 15.11
N GLN A 214 18.60 -20.59 15.00
CA GLN A 214 19.88 -21.30 15.02
C GLN A 214 20.01 -22.32 13.88
N GLU A 215 19.27 -22.12 12.79
CA GLU A 215 19.32 -23.00 11.63
C GLU A 215 20.09 -22.35 10.48
N THR A 216 21.27 -22.88 10.15
CA THR A 216 22.10 -22.29 9.09
C THR A 216 21.38 -22.27 7.75
N GLY A 217 20.65 -23.33 7.42
CA GLY A 217 19.94 -23.35 6.13
C GLY A 217 19.05 -22.13 5.98
N LEU A 218 19.08 -21.51 4.80
CA LEU A 218 18.29 -20.31 4.56
C LEU A 218 18.71 -19.21 5.54
N GLY A 219 20.02 -19.03 5.67
CA GLY A 219 20.57 -18.04 6.58
C GLY A 219 22.02 -18.33 6.93
N THR A 220 22.83 -18.58 5.90
CA THR A 220 24.26 -18.87 6.08
C THR A 220 25.03 -17.60 6.45
N CYS A 221 24.44 -16.45 6.15
CA CYS A 221 25.06 -15.15 6.45
C CYS A 221 25.29 -14.99 7.96
N ALA A 222 24.33 -15.46 8.76
CA ALA A 222 24.44 -15.38 10.22
C ALA A 222 23.14 -15.80 10.92
N ASN A 223 22.40 -16.73 10.30
CA ASN A 223 21.13 -17.15 10.88
C ASN A 223 20.24 -15.93 11.09
N ASP A 224 20.28 -15.02 10.11
CA ASP A 224 19.52 -13.79 10.15
C ASP A 224 19.46 -13.16 8.76
N GLY A 225 18.92 -11.96 8.67
CA GLY A 225 18.81 -11.29 7.38
C GLY A 225 17.44 -10.71 7.21
N PHE A 226 17.14 -9.71 8.02
CA PHE A 226 15.83 -9.06 7.96
C PHE A 226 15.73 -8.23 6.71
N ILE A 227 14.76 -8.56 5.86
CA ILE A 227 14.55 -7.81 4.65
C ILE A 227 13.05 -7.60 4.39
N SER A 228 12.67 -6.36 4.19
CA SER A 228 11.29 -5.96 3.99
C SER A 228 10.43 -6.89 3.11
N GLY A 229 9.23 -6.38 2.83
CA GLY A 229 8.28 -7.04 1.97
C GLY A 229 7.31 -7.98 2.68
N ILE A 230 6.05 -7.58 2.67
CA ILE A 230 4.97 -8.37 3.26
C ILE A 230 3.66 -7.99 2.61
N ILE A 231 2.96 -8.96 2.03
CA ILE A 231 1.70 -8.68 1.37
C ILE A 231 0.59 -9.44 2.09
N TYR A 232 -0.64 -8.99 1.96
CA TYR A 232 -1.75 -9.70 2.60
C TYR A 232 -3.10 -9.23 2.06
N LEU A 233 -4.07 -10.15 2.05
CA LEU A 233 -5.39 -9.85 1.56
C LEU A 233 -6.45 -10.06 2.65
N TYR A 234 -7.31 -9.07 2.84
CA TYR A 234 -8.34 -9.12 3.86
C TYR A 234 -9.72 -8.81 3.29
N ARG A 235 -10.77 -9.26 3.99
CA ARG A 235 -12.14 -8.98 3.59
C ARG A 235 -12.76 -7.91 4.47
N LYS A 236 -13.84 -7.29 4.01
CA LYS A 236 -14.48 -6.24 4.77
C LYS A 236 -15.62 -6.76 5.63
N GLN A 237 -15.71 -6.22 6.84
CA GLN A 237 -16.73 -6.60 7.80
C GLN A 237 -16.97 -8.10 7.80
N GLU A 238 -16.25 -8.80 8.66
CA GLU A 238 -16.38 -10.24 8.81
C GLU A 238 -16.11 -10.62 10.25
N THR A 239 -16.41 -11.86 10.61
CA THR A 239 -16.21 -12.30 11.99
C THR A 239 -15.15 -13.40 12.07
N VAL A 240 -14.19 -13.22 12.96
CA VAL A 240 -13.11 -14.18 13.16
C VAL A 240 -12.64 -14.78 11.83
N GLY A 1 4.43 11.43 21.81
CA GLY A 1 4.70 10.76 20.51
C GLY A 1 4.85 11.74 19.36
N ALA A 2 5.48 12.88 19.60
CA ALA A 2 5.68 13.88 18.56
C ALA A 2 6.53 13.30 17.43
N MET A 3 7.59 12.57 17.81
CA MET A 3 8.47 11.94 16.83
C MET A 3 7.69 10.96 15.95
N ALA A 4 6.78 10.22 16.57
CA ALA A 4 5.95 9.26 15.84
C ALA A 4 4.99 10.01 14.91
N GLN A 5 4.16 10.85 15.51
CA GLN A 5 3.17 11.61 14.76
C GLN A 5 3.82 12.50 13.71
N GLU A 6 4.95 13.12 14.04
CA GLU A 6 5.66 13.95 13.06
C GLU A 6 6.30 13.06 11.99
N GLU A 7 7.19 12.18 12.43
CA GLU A 7 7.92 11.30 11.51
C GLU A 7 6.97 10.41 10.71
N ALA A 8 5.92 9.90 11.34
CA ALA A 8 4.95 9.06 10.63
C ALA A 8 3.78 9.90 10.10
N GLY A 9 3.82 11.22 10.36
CA GLY A 9 2.77 12.10 9.89
C GLY A 9 3.20 12.98 8.73
N ARG A 10 4.31 12.64 8.06
CA ARG A 10 4.81 13.47 6.97
C ARG A 10 3.71 13.86 5.98
N LEU A 11 3.04 12.90 5.35
CA LEU A 11 1.98 13.22 4.36
C LEU A 11 1.05 14.30 4.87
N PRO A 12 0.47 14.13 6.07
CA PRO A 12 -0.42 15.11 6.64
C PRO A 12 0.16 16.51 6.48
N GLN A 13 1.48 16.61 6.64
CA GLN A 13 2.16 17.88 6.48
C GLN A 13 1.95 18.38 5.05
N VAL A 14 2.00 17.46 4.08
CA VAL A 14 1.80 17.81 2.68
C VAL A 14 0.39 18.39 2.49
N LEU A 15 -0.63 17.66 2.93
CA LEU A 15 -2.00 18.16 2.79
C LEU A 15 -2.12 19.48 3.54
N ALA A 16 -1.50 19.54 4.72
CA ALA A 16 -1.52 20.76 5.51
C ALA A 16 -0.98 21.92 4.66
N ARG A 17 0.14 21.69 3.97
CA ARG A 17 0.69 22.72 3.09
C ARG A 17 -0.20 22.90 1.87
N VAL A 18 -0.83 21.81 1.41
CA VAL A 18 -1.71 21.84 0.26
C VAL A 18 -2.92 22.73 0.53
N GLY A 19 -3.45 22.66 1.75
CA GLY A 19 -4.62 23.46 2.09
C GLY A 19 -4.46 24.91 1.68
N THR A 20 -3.30 25.50 1.94
CA THR A 20 -3.06 26.88 1.55
C THR A 20 -3.18 27.01 0.03
N SER A 21 -2.50 26.10 -0.68
CA SER A 21 -2.54 26.08 -2.14
C SER A 21 -2.03 27.40 -2.72
N HIS A 22 -2.38 27.68 -3.98
CA HIS A 22 -1.91 28.90 -4.67
C HIS A 22 -0.44 28.76 -5.04
N GLY A 23 -0.01 27.52 -5.28
CA GLY A 23 1.36 27.26 -5.66
C GLY A 23 1.45 26.00 -6.51
N ILE A 24 0.77 26.00 -7.66
CA ILE A 24 0.76 24.84 -8.54
C ILE A 24 2.17 24.50 -9.00
N THR A 25 2.97 25.52 -9.33
CA THR A 25 4.34 25.27 -9.76
C THR A 25 5.12 24.54 -8.68
N ASP A 26 4.94 24.96 -7.42
CA ASP A 26 5.63 24.30 -6.30
C ASP A 26 5.01 22.94 -5.99
N LEU A 27 3.72 22.79 -6.27
CA LEU A 27 3.05 21.50 -6.02
C LEU A 27 3.77 20.41 -6.83
N ALA A 28 4.25 20.81 -8.00
CA ALA A 28 5.05 19.92 -8.85
C ALA A 28 6.48 19.84 -8.30
N CYS A 29 6.91 20.94 -7.69
CA CYS A 29 8.25 21.01 -7.12
C CYS A 29 8.43 19.94 -6.03
N LYS A 30 7.49 19.87 -5.09
CA LYS A 30 7.56 18.87 -4.02
C LYS A 30 7.33 17.46 -4.56
N LEU A 31 6.39 17.32 -5.48
CA LEU A 31 6.08 16.01 -6.06
C LEU A 31 7.21 15.53 -6.96
N ARG A 32 7.78 16.45 -7.74
CA ARG A 32 8.90 16.14 -8.61
C ARG A 32 10.14 15.79 -7.77
N PHE A 33 10.23 16.41 -6.58
CA PHE A 33 11.31 16.12 -5.66
C PHE A 33 11.31 14.64 -5.28
N TYR A 34 10.14 14.14 -4.89
CA TYR A 34 10.01 12.74 -4.49
C TYR A 34 10.20 11.83 -5.70
N ASP A 35 9.65 12.23 -6.85
CA ASP A 35 9.79 11.45 -8.09
C ASP A 35 11.25 11.42 -8.58
N ASP A 36 12.10 12.26 -7.99
CA ASP A 36 13.51 12.29 -8.36
C ASP A 36 14.13 10.92 -8.08
N TRP A 37 13.90 10.42 -6.87
CA TRP A 37 14.41 9.11 -6.45
C TRP A 37 13.33 8.01 -6.53
N ALA A 38 12.05 8.42 -6.61
CA ALA A 38 10.93 7.48 -6.66
C ALA A 38 11.17 6.30 -7.60
N PRO A 39 11.57 6.55 -8.87
CA PRO A 39 11.81 5.47 -9.83
C PRO A 39 12.79 4.42 -9.30
N GLU A 40 13.80 4.89 -8.57
CA GLU A 40 14.80 3.99 -8.00
C GLU A 40 14.20 3.15 -6.87
N TYR A 41 13.10 3.62 -6.29
CA TYR A 41 12.41 2.84 -5.26
C TYR A 41 11.73 1.63 -5.89
N ASP A 42 11.16 1.83 -7.09
CA ASP A 42 10.46 0.75 -7.77
C ASP A 42 11.42 -0.41 -8.02
N GLN A 43 12.59 -0.13 -8.59
CA GLN A 43 13.57 -1.18 -8.83
C GLN A 43 14.03 -1.79 -7.49
N ASP A 44 13.93 -0.99 -6.44
CA ASP A 44 14.32 -1.43 -5.10
C ASP A 44 13.50 -2.64 -4.65
N VAL A 45 12.20 -2.65 -4.97
CA VAL A 45 11.36 -3.79 -4.57
C VAL A 45 11.77 -5.02 -5.38
N ALA A 46 12.06 -4.84 -6.67
CA ALA A 46 12.51 -5.95 -7.52
C ALA A 46 13.90 -6.39 -7.09
N ALA A 47 14.73 -5.41 -6.72
CA ALA A 47 16.10 -5.67 -6.29
C ALA A 47 16.11 -6.61 -5.08
N LEU A 48 15.08 -6.52 -4.24
CA LEU A 48 14.97 -7.38 -3.07
C LEU A 48 14.14 -8.64 -3.40
N LYS A 49 13.66 -8.72 -4.65
CA LYS A 49 12.87 -9.86 -5.10
C LYS A 49 11.53 -9.99 -4.39
N TYR A 50 10.69 -8.97 -4.48
CA TYR A 50 9.38 -9.02 -3.85
C TYR A 50 8.32 -9.46 -4.86
N ARG A 51 7.76 -10.65 -4.65
CA ARG A 51 6.73 -11.17 -5.54
C ARG A 51 5.37 -10.57 -5.17
N ALA A 52 5.30 -9.88 -4.02
CA ALA A 52 4.08 -9.26 -3.55
C ALA A 52 3.29 -8.62 -4.70
N PRO A 53 3.91 -7.71 -5.47
CA PRO A 53 3.25 -7.05 -6.61
C PRO A 53 2.74 -8.05 -7.65
N ARG A 54 3.46 -9.16 -7.81
CA ARG A 54 3.06 -10.21 -8.74
C ARG A 54 1.87 -10.99 -8.17
N LEU A 55 2.00 -11.39 -6.92
CA LEU A 55 0.94 -12.11 -6.21
C LEU A 55 -0.21 -11.18 -5.84
N ALA A 56 0.12 -9.91 -5.63
CA ALA A 56 -0.86 -8.90 -5.24
C ALA A 56 -1.97 -8.73 -6.28
N VAL A 57 -1.62 -8.75 -7.56
CA VAL A 57 -2.63 -8.61 -8.60
C VAL A 57 -3.32 -9.94 -8.92
N ASP A 58 -2.54 -11.00 -9.14
CA ASP A 58 -3.10 -12.31 -9.48
C ASP A 58 -3.85 -12.95 -8.32
N CYS A 59 -3.32 -12.85 -7.11
CA CYS A 59 -3.99 -13.46 -5.96
C CYS A 59 -5.33 -12.79 -5.70
N LEU A 60 -5.38 -11.47 -5.81
CA LEU A 60 -6.62 -10.74 -5.58
C LEU A 60 -7.69 -11.22 -6.56
N SER A 61 -7.34 -11.26 -7.85
CA SER A 61 -8.28 -11.70 -8.87
C SER A 61 -8.72 -13.15 -8.64
N ARG A 62 -7.76 -13.99 -8.23
CA ARG A 62 -8.05 -15.40 -7.97
C ARG A 62 -8.91 -15.57 -6.72
N ALA A 63 -8.61 -14.79 -5.67
CA ALA A 63 -9.35 -14.86 -4.42
C ALA A 63 -10.65 -14.04 -4.49
N PHE A 64 -10.57 -12.86 -5.10
CA PHE A 64 -11.73 -11.98 -5.21
C PHE A 64 -12.88 -12.67 -5.94
N ARG A 65 -13.81 -13.21 -5.16
CA ARG A 65 -14.96 -13.93 -5.72
C ARG A 65 -15.83 -13.04 -6.59
N GLY A 66 -16.03 -11.79 -6.18
CA GLY A 66 -16.85 -10.89 -6.97
C GLY A 66 -16.26 -10.62 -8.33
N SER A 67 -17.11 -10.33 -9.31
CA SER A 67 -16.62 -10.07 -10.65
C SER A 67 -16.11 -8.63 -10.77
N PRO A 68 -14.82 -8.46 -11.07
CA PRO A 68 -14.21 -7.14 -11.24
C PRO A 68 -14.96 -6.30 -12.28
N HIS A 69 -15.72 -6.97 -13.15
CA HIS A 69 -16.52 -6.28 -14.15
C HIS A 69 -17.56 -5.40 -13.47
N ASP A 70 -18.29 -5.99 -12.51
CA ASP A 70 -19.32 -5.27 -11.77
C ASP A 70 -18.81 -4.75 -10.42
N ALA A 71 -17.55 -5.05 -10.10
CA ALA A 71 -16.96 -4.59 -8.86
C ALA A 71 -16.05 -3.41 -9.13
N LEU A 72 -16.01 -2.42 -8.23
CA LEU A 72 -15.17 -1.26 -8.45
C LEU A 72 -13.88 -1.37 -7.64
N ILE A 73 -12.74 -1.43 -8.33
CA ILE A 73 -11.44 -1.58 -7.68
C ILE A 73 -10.81 -0.22 -7.35
N LEU A 74 -9.99 -0.20 -6.30
CA LEU A 74 -9.31 1.02 -5.88
C LEU A 74 -7.80 0.82 -5.80
N ASP A 75 -7.06 1.81 -6.27
CA ASP A 75 -5.62 1.77 -6.21
C ASP A 75 -5.13 3.09 -5.62
N VAL A 76 -4.10 3.05 -4.80
CA VAL A 76 -3.61 4.26 -4.16
C VAL A 76 -2.47 4.90 -4.97
N ALA A 77 -1.77 5.84 -4.36
CA ALA A 77 -0.68 6.55 -4.99
C ALA A 77 0.40 5.60 -5.47
N CYS A 78 0.66 4.56 -4.69
CA CYS A 78 1.67 3.58 -5.08
C CYS A 78 1.12 2.56 -6.08
N GLY A 79 0.08 2.96 -6.84
CA GLY A 79 -0.49 2.08 -7.83
C GLY A 79 0.28 2.15 -9.13
N THR A 80 1.56 1.76 -9.09
CA THR A 80 2.43 1.80 -10.27
C THR A 80 1.66 1.45 -11.53
N GLY A 81 1.81 2.28 -12.57
CA GLY A 81 1.08 2.04 -13.81
C GLY A 81 1.15 0.60 -14.27
N LEU A 82 2.31 -0.04 -14.15
CA LEU A 82 2.46 -1.43 -14.60
C LEU A 82 1.51 -2.36 -13.86
N VAL A 83 1.30 -2.13 -12.56
CA VAL A 83 0.38 -2.99 -11.81
C VAL A 83 -1.01 -2.88 -12.43
N ALA A 84 -1.36 -1.66 -12.86
CA ALA A 84 -2.64 -1.45 -13.51
C ALA A 84 -2.66 -2.19 -14.85
N VAL A 85 -1.54 -2.17 -15.56
CA VAL A 85 -1.45 -2.88 -16.84
C VAL A 85 -1.70 -4.37 -16.56
N GLU A 86 -1.14 -4.84 -15.45
CA GLU A 86 -1.35 -6.21 -15.01
C GLU A 86 -2.79 -6.37 -14.57
N LEU A 87 -3.37 -5.26 -14.07
CA LEU A 87 -4.74 -5.22 -13.60
C LEU A 87 -5.70 -5.59 -14.74
N GLN A 88 -5.53 -4.97 -15.91
CA GLN A 88 -6.40 -5.26 -17.05
C GLN A 88 -6.32 -6.73 -17.46
N ALA A 89 -5.13 -7.31 -17.45
CA ALA A 89 -4.97 -8.71 -17.84
C ALA A 89 -5.79 -9.63 -16.95
N ARG A 90 -5.83 -9.34 -15.65
CA ARG A 90 -6.61 -10.15 -14.72
C ARG A 90 -8.08 -10.12 -15.13
N GLY A 91 -8.55 -8.95 -15.54
CA GLY A 91 -9.92 -8.82 -15.97
C GLY A 91 -10.75 -7.86 -15.12
N PHE A 92 -10.12 -6.82 -14.57
CA PHE A 92 -10.87 -5.85 -13.78
C PHE A 92 -11.20 -4.66 -14.65
N LEU A 93 -12.47 -4.49 -14.96
CA LEU A 93 -12.91 -3.40 -15.81
C LEU A 93 -12.86 -2.03 -15.13
N GLN A 94 -13.24 -1.97 -13.86
CA GLN A 94 -13.28 -0.69 -13.17
C GLN A 94 -12.13 -0.50 -12.19
N VAL A 95 -11.53 0.70 -12.20
CA VAL A 95 -10.45 1.00 -11.28
C VAL A 95 -10.50 2.48 -10.86
N GLN A 96 -10.29 2.72 -9.59
CA GLN A 96 -10.29 4.07 -9.02
C GLN A 96 -9.22 4.22 -7.96
N GLY A 97 -8.87 5.46 -7.63
CA GLY A 97 -7.85 5.63 -6.63
C GLY A 97 -7.37 7.07 -6.48
N VAL A 98 -6.23 7.21 -5.81
CA VAL A 98 -5.62 8.51 -5.60
C VAL A 98 -4.11 8.39 -5.56
N ASP A 99 -3.41 9.37 -6.14
CA ASP A 99 -1.96 9.35 -6.14
C ASP A 99 -1.44 10.76 -5.86
N GLY A 100 -0.27 10.86 -5.23
CA GLY A 100 0.27 12.17 -4.91
C GLY A 100 1.16 12.73 -5.99
N SER A 101 2.05 11.91 -6.55
CA SER A 101 2.95 12.39 -7.59
C SER A 101 2.35 12.24 -8.98
N PRO A 102 2.46 13.27 -9.84
CA PRO A 102 1.93 13.22 -11.20
C PRO A 102 2.56 12.10 -12.00
N GLU A 103 3.84 11.83 -11.76
CA GLU A 103 4.55 10.74 -12.44
C GLU A 103 3.85 9.42 -12.13
N MET A 104 3.42 9.29 -10.88
CA MET A 104 2.67 8.13 -10.44
C MET A 104 1.28 8.15 -11.09
N LEU A 105 0.71 9.35 -11.17
CA LEU A 105 -0.59 9.55 -11.79
C LEU A 105 -0.49 9.36 -13.30
N LYS A 106 0.65 9.77 -13.87
CA LYS A 106 0.87 9.66 -15.30
C LYS A 106 0.80 8.21 -15.74
N GLN A 107 1.50 7.33 -15.05
CA GLN A 107 1.47 5.91 -15.42
C GLN A 107 0.03 5.40 -15.33
N ALA A 108 -0.61 5.68 -14.20
CA ALA A 108 -1.98 5.24 -13.97
C ALA A 108 -2.97 5.91 -14.93
N ARG A 109 -2.96 7.25 -14.98
CA ARG A 109 -3.86 8.00 -15.86
C ARG A 109 -3.53 7.80 -17.35
N ALA A 110 -2.27 8.03 -17.71
CA ALA A 110 -1.83 7.88 -19.11
C ALA A 110 -2.08 6.46 -19.61
N ARG A 111 -1.92 5.50 -18.70
CA ARG A 111 -2.15 4.10 -19.03
C ARG A 111 -3.60 3.92 -19.47
N GLY A 112 -4.51 4.61 -18.78
CA GLY A 112 -5.92 4.49 -19.07
C GLY A 112 -6.51 3.30 -18.34
N LEU A 113 -5.78 2.87 -17.31
CA LEU A 113 -6.18 1.75 -16.48
C LEU A 113 -7.14 2.18 -15.38
N TYR A 114 -6.90 3.37 -14.85
CA TYR A 114 -7.71 3.90 -13.75
C TYR A 114 -8.86 4.77 -14.25
N HIS A 115 -10.08 4.36 -13.92
CA HIS A 115 -11.27 5.10 -14.32
C HIS A 115 -11.22 6.51 -13.76
N HIS A 116 -10.91 6.63 -12.47
CA HIS A 116 -10.83 7.94 -11.83
C HIS A 116 -9.71 8.01 -10.81
N LEU A 117 -8.85 9.00 -10.97
CA LEU A 117 -7.74 9.22 -10.04
C LEU A 117 -7.73 10.67 -9.57
N SER A 118 -7.25 10.89 -8.36
CA SER A 118 -7.21 12.23 -7.81
C SER A 118 -6.01 12.46 -6.91
N LEU A 119 -5.45 13.66 -6.99
CA LEU A 119 -4.32 14.02 -6.15
C LEU A 119 -4.80 14.19 -4.72
N CYS A 120 -4.21 13.47 -3.78
CA CYS A 120 -4.63 13.57 -2.39
C CYS A 120 -3.54 13.15 -1.43
N THR A 121 -2.53 14.00 -1.26
CA THR A 121 -1.44 13.67 -0.37
C THR A 121 -1.92 13.55 1.07
N LEU A 122 -1.79 12.35 1.64
CA LEU A 122 -2.23 12.11 2.99
C LEU A 122 -1.65 10.81 3.52
N GLY A 123 -2.01 10.43 4.75
CA GLY A 123 -1.48 9.20 5.31
C GLY A 123 -1.82 9.02 6.78
N GLN A 124 -1.76 10.08 7.56
CA GLN A 124 -2.12 10.02 8.97
C GLN A 124 -3.45 10.76 9.12
N GLU A 125 -4.16 10.87 7.99
CA GLU A 125 -5.45 11.51 7.89
C GLU A 125 -6.31 10.65 6.93
N PRO A 126 -7.64 10.80 6.94
CA PRO A 126 -8.53 9.99 6.09
C PRO A 126 -8.29 10.15 4.59
N LEU A 127 -8.58 9.08 3.85
CA LEU A 127 -8.42 9.07 2.40
C LEU A 127 -9.58 9.78 1.71
N PRO A 128 -9.36 10.27 0.49
CA PRO A 128 -10.36 11.02 -0.29
C PRO A 128 -11.64 10.26 -0.63
N ASP A 129 -11.58 8.93 -0.79
CA ASP A 129 -12.77 8.17 -1.15
C ASP A 129 -13.69 7.88 0.03
N PRO A 130 -15.01 7.78 -0.23
CA PRO A 130 -16.02 7.50 0.79
C PRO A 130 -16.02 6.02 1.19
N GLU A 131 -16.84 5.65 2.17
CA GLU A 131 -16.94 4.26 2.60
C GLU A 131 -17.94 3.50 1.72
N GLY A 132 -17.75 2.18 1.59
CA GLY A 132 -18.66 1.41 0.75
C GLY A 132 -18.63 1.88 -0.69
N THR A 133 -17.51 2.49 -1.09
CA THR A 133 -17.36 3.01 -2.44
C THR A 133 -16.94 1.90 -3.42
N PHE A 134 -15.73 1.36 -3.22
CA PHE A 134 -15.19 0.34 -4.12
C PHE A 134 -15.19 -1.05 -3.49
N ASP A 135 -15.48 -2.06 -4.33
CA ASP A 135 -15.53 -3.45 -3.90
C ASP A 135 -14.15 -4.04 -3.56
N ALA A 136 -13.07 -3.38 -3.97
CA ALA A 136 -11.73 -3.88 -3.68
C ALA A 136 -10.65 -2.83 -3.95
N VAL A 137 -9.47 -3.03 -3.37
CA VAL A 137 -8.37 -2.11 -3.58
C VAL A 137 -7.04 -2.87 -3.77
N ILE A 138 -6.21 -2.43 -4.71
CA ILE A 138 -4.93 -3.10 -4.94
C ILE A 138 -3.77 -2.09 -4.98
N ILE A 139 -2.90 -2.14 -3.98
CA ILE A 139 -1.77 -1.22 -3.88
C ILE A 139 -0.45 -1.97 -3.70
N VAL A 140 0.64 -1.42 -4.27
CA VAL A 140 1.93 -2.08 -4.18
C VAL A 140 3.00 -1.23 -3.47
N GLY A 141 3.60 -1.80 -2.41
CA GLY A 141 4.66 -1.11 -1.68
C GLY A 141 4.32 0.31 -1.30
N ALA A 142 3.26 0.50 -0.53
CA ALA A 142 2.88 1.84 -0.09
C ALA A 142 2.58 1.89 1.41
N LEU A 143 3.60 1.62 2.21
CA LEU A 143 3.46 1.67 3.67
C LEU A 143 4.84 1.84 4.30
N SER A 144 5.20 3.08 4.65
CA SER A 144 6.49 3.34 5.27
C SER A 144 6.33 4.41 6.35
N GLU A 145 7.26 4.46 7.30
CA GLU A 145 7.19 5.45 8.35
C GLU A 145 7.32 6.86 7.77
N GLY A 146 6.19 7.57 7.71
CA GLY A 146 6.20 8.92 7.17
C GLY A 146 5.71 9.00 5.74
N GLN A 147 5.78 7.90 4.99
CA GLN A 147 5.30 7.91 3.60
C GLN A 147 3.83 7.53 3.57
N VAL A 148 3.52 6.24 3.65
CA VAL A 148 2.13 5.81 3.69
C VAL A 148 1.87 5.16 5.05
N PRO A 149 1.19 5.87 5.97
CA PRO A 149 0.93 5.40 7.34
C PRO A 149 -0.05 4.26 7.43
N CYS A 150 0.47 3.09 7.76
CA CYS A 150 -0.32 1.86 7.85
C CYS A 150 -1.70 2.04 8.49
N SER A 151 -1.95 3.12 9.25
CA SER A 151 -3.28 3.31 9.84
C SER A 151 -4.27 3.82 8.80
N ALA A 152 -3.80 4.62 7.84
CA ALA A 152 -4.66 5.17 6.79
C ALA A 152 -5.24 4.09 5.89
N ILE A 153 -4.42 3.08 5.55
CA ILE A 153 -4.88 1.98 4.68
C ILE A 153 -6.28 1.53 5.10
N PRO A 154 -6.48 1.22 6.40
CA PRO A 154 -7.77 0.80 6.94
C PRO A 154 -8.92 1.74 6.52
N GLU A 155 -8.60 2.99 6.19
CA GLU A 155 -9.62 3.93 5.70
C GLU A 155 -10.04 3.45 4.31
N LEU A 156 -9.03 3.02 3.54
CA LEU A 156 -9.28 2.45 2.22
C LEU A 156 -10.16 1.23 2.37
N LEU A 157 -9.90 0.46 3.43
CA LEU A 157 -10.72 -0.69 3.74
C LEU A 157 -12.13 -0.19 4.05
N ARG A 158 -12.18 0.94 4.77
CA ARG A 158 -13.43 1.59 5.10
C ARG A 158 -14.13 2.06 3.83
N VAL A 159 -13.35 2.53 2.84
CA VAL A 159 -13.90 2.97 1.56
C VAL A 159 -14.26 1.73 0.70
N THR A 160 -13.95 0.57 1.24
CA THR A 160 -14.25 -0.71 0.62
C THR A 160 -15.46 -1.30 1.30
N LYS A 161 -16.33 -1.97 0.55
CA LYS A 161 -17.54 -2.56 1.14
C LYS A 161 -17.21 -3.82 1.94
N PRO A 162 -18.03 -4.15 2.95
CA PRO A 162 -17.83 -5.34 3.78
C PRO A 162 -17.81 -6.60 2.92
N GLY A 163 -16.80 -7.45 3.09
CA GLY A 163 -16.68 -8.64 2.29
C GLY A 163 -15.71 -8.41 1.12
N GLY A 164 -15.48 -7.14 0.78
CA GLY A 164 -14.58 -6.81 -0.29
C GLY A 164 -13.16 -7.28 -0.03
N LEU A 165 -12.28 -7.06 -1.00
CA LEU A 165 -10.89 -7.48 -0.86
C LEU A 165 -9.94 -6.30 -0.91
N VAL A 166 -8.95 -6.31 -0.03
CA VAL A 166 -7.95 -5.27 0.03
C VAL A 166 -6.57 -5.87 -0.21
N CYS A 167 -5.89 -5.42 -1.26
CA CYS A 167 -4.57 -5.95 -1.59
C CYS A 167 -3.48 -4.90 -1.44
N LEU A 168 -2.45 -5.23 -0.66
CA LEU A 168 -1.35 -4.30 -0.46
C LEU A 168 -0.04 -5.03 -0.20
N THR A 169 1.08 -4.32 -0.41
CA THR A 169 2.40 -4.88 -0.17
C THR A 169 3.32 -3.80 0.41
N THR A 170 4.31 -4.19 1.20
CA THR A 170 5.22 -3.23 1.79
C THR A 170 6.36 -3.91 2.54
N ARG A 171 7.14 -3.11 3.26
CA ARG A 171 8.23 -3.64 4.05
C ARG A 171 7.72 -4.01 5.44
N THR A 172 7.82 -5.31 5.78
CA THR A 172 7.32 -5.83 7.05
C THR A 172 8.06 -5.29 8.27
N ASN A 173 9.37 -5.16 8.18
CA ASN A 173 10.12 -4.69 9.34
C ASN A 173 11.08 -3.55 9.02
N PRO A 174 10.57 -2.44 8.51
CA PRO A 174 11.41 -1.26 8.25
C PRO A 174 12.06 -0.78 9.55
N SER A 175 11.34 -1.02 10.64
CA SER A 175 11.77 -0.66 11.98
C SER A 175 10.91 -1.43 12.97
N ASN A 176 11.20 -1.32 14.27
CA ASN A 176 10.40 -2.03 15.27
C ASN A 176 10.26 -3.51 14.89
N LEU A 177 11.41 -4.13 14.63
CA LEU A 177 11.45 -5.53 14.20
C LEU A 177 10.46 -6.43 14.94
N PRO A 178 10.60 -6.59 16.27
CA PRO A 178 9.70 -7.44 17.05
C PRO A 178 8.26 -6.96 16.96
N TYR A 179 8.09 -5.66 16.77
CA TYR A 179 6.76 -5.07 16.68
C TYR A 179 5.94 -5.66 15.52
N LYS A 180 6.59 -6.30 14.53
CA LYS A 180 5.82 -6.88 13.43
C LYS A 180 4.86 -7.92 13.99
N GLU A 181 5.37 -8.83 14.81
CA GLU A 181 4.53 -9.84 15.43
C GLU A 181 3.45 -9.13 16.24
N THR A 182 3.87 -8.06 16.92
CA THR A 182 2.93 -7.24 17.69
C THR A 182 1.87 -6.69 16.74
N LEU A 183 2.33 -6.23 15.56
CA LEU A 183 1.43 -5.70 14.53
C LEU A 183 0.45 -6.76 14.08
N GLU A 184 0.94 -7.99 13.90
CA GLU A 184 0.09 -9.10 13.46
C GLU A 184 -1.02 -9.33 14.46
N ALA A 185 -0.70 -9.23 15.75
CA ALA A 185 -1.71 -9.38 16.79
C ALA A 185 -2.80 -8.32 16.63
N THR A 186 -2.39 -7.11 16.23
CA THR A 186 -3.33 -6.00 16.05
C THR A 186 -4.39 -6.34 15.00
N LEU A 187 -3.98 -6.95 13.89
CA LEU A 187 -4.94 -7.33 12.85
C LEU A 187 -5.96 -8.29 13.44
N ASP A 188 -5.46 -9.23 14.25
CA ASP A 188 -6.32 -10.22 14.88
C ASP A 188 -7.36 -9.53 15.76
N SER A 189 -6.96 -8.48 16.48
CA SER A 189 -7.91 -7.74 17.33
C SER A 189 -9.04 -7.18 16.47
N LEU A 190 -8.69 -6.61 15.33
CA LEU A 190 -9.68 -6.07 14.41
C LEU A 190 -10.52 -7.20 13.82
N GLU A 191 -9.84 -8.32 13.50
CA GLU A 191 -10.52 -9.48 12.94
C GLU A 191 -11.52 -10.01 13.95
N ARG A 192 -11.04 -10.26 15.17
CA ARG A 192 -11.89 -10.75 16.24
C ARG A 192 -12.99 -9.72 16.54
N ALA A 193 -12.63 -8.44 16.48
CA ALA A 193 -13.58 -7.36 16.74
C ALA A 193 -14.75 -7.40 15.76
N GLY A 194 -14.46 -7.70 14.49
CA GLY A 194 -15.52 -7.77 13.50
C GLY A 194 -15.33 -6.80 12.33
N VAL A 195 -14.46 -5.80 12.47
CA VAL A 195 -14.25 -4.83 11.40
C VAL A 195 -13.76 -5.49 10.11
N TRP A 196 -12.77 -6.39 10.21
CA TRP A 196 -12.24 -7.05 9.01
C TRP A 196 -11.60 -8.40 9.35
N GLU A 197 -11.55 -9.32 8.38
CA GLU A 197 -10.95 -10.64 8.61
C GLU A 197 -9.98 -11.01 7.48
N CYS A 198 -8.72 -11.23 7.81
CA CYS A 198 -7.71 -11.59 6.81
C CYS A 198 -8.14 -12.84 6.03
N LEU A 199 -8.40 -12.68 4.73
CA LEU A 199 -8.78 -13.81 3.89
C LEU A 199 -7.58 -14.73 3.67
N VAL A 200 -6.52 -14.17 3.10
CA VAL A 200 -5.30 -14.92 2.84
C VAL A 200 -4.06 -14.01 2.89
N THR A 201 -2.90 -14.60 3.13
CA THR A 201 -1.65 -13.86 3.15
C THR A 201 -0.59 -14.59 2.32
N GLN A 202 -0.17 -13.99 1.22
CA GLN A 202 0.80 -14.64 0.35
C GLN A 202 2.23 -14.45 0.84
N PRO A 203 3.03 -15.54 0.85
CA PRO A 203 4.42 -15.50 1.30
C PRO A 203 5.28 -14.56 0.46
N VAL A 204 6.29 -14.00 1.12
CA VAL A 204 7.20 -13.04 0.52
C VAL A 204 8.62 -13.31 1.00
N ASP A 205 9.49 -12.29 1.02
CA ASP A 205 10.83 -12.46 1.54
C ASP A 205 10.80 -12.46 3.07
N HIS A 206 9.65 -12.09 3.64
CA HIS A 206 9.47 -12.00 5.09
C HIS A 206 10.13 -13.15 5.86
N TRP A 207 10.35 -14.29 5.22
CA TRP A 207 10.97 -15.43 5.89
C TRP A 207 12.51 -15.35 5.95
N GLU A 208 13.17 -15.40 4.79
CA GLU A 208 14.65 -15.50 4.69
C GLU A 208 15.52 -14.39 5.30
N LEU A 209 15.17 -13.11 5.23
CA LEU A 209 16.08 -12.10 5.79
C LEU A 209 16.35 -12.44 7.25
N ALA A 210 15.33 -12.88 7.96
CA ALA A 210 15.46 -13.30 9.34
C ALA A 210 14.11 -13.78 9.88
N THR A 211 14.12 -14.85 10.68
CA THR A 211 12.88 -15.42 11.22
C THR A 211 12.86 -15.36 12.76
N SER A 212 11.77 -14.81 13.32
CA SER A 212 11.64 -14.72 14.77
C SER A 212 10.57 -15.69 15.29
N GLU A 213 10.74 -16.11 16.55
CA GLU A 213 9.80 -17.03 17.19
C GLU A 213 9.62 -16.66 18.65
N GLN A 214 8.48 -17.05 19.23
CA GLN A 214 8.21 -16.75 20.64
C GLN A 214 9.27 -17.38 21.54
N GLU A 215 9.69 -18.60 21.21
CA GLU A 215 10.72 -19.29 21.98
C GLU A 215 12.05 -18.54 21.93
N THR A 216 12.37 -18.01 20.74
CA THR A 216 13.62 -17.26 20.56
C THR A 216 13.45 -15.80 20.99
N GLY A 217 12.19 -15.35 21.13
CA GLY A 217 11.92 -13.98 21.52
C GLY A 217 12.54 -13.61 22.86
N LEU A 218 12.89 -12.33 23.02
CA LEU A 218 13.46 -11.82 24.26
C LEU A 218 14.78 -12.52 24.63
N GLY A 219 15.47 -13.11 23.65
CA GLY A 219 16.74 -13.78 23.93
C GLY A 219 17.76 -13.56 22.84
N THR A 220 18.81 -14.39 22.83
CA THR A 220 19.85 -14.29 21.81
C THR A 220 19.31 -14.72 20.45
N CYS A 221 18.44 -15.74 20.47
CA CYS A 221 17.83 -16.25 19.26
C CYS A 221 16.83 -15.25 18.67
N ALA A 222 16.44 -14.25 19.47
CA ALA A 222 15.51 -13.22 19.00
C ALA A 222 16.16 -12.24 18.03
N ASN A 223 17.43 -12.50 17.67
CA ASN A 223 18.13 -11.66 16.72
C ASN A 223 17.51 -11.79 15.33
N ASP A 224 16.73 -12.85 15.13
CA ASP A 224 16.08 -13.10 13.86
C ASP A 224 14.65 -12.50 13.85
N GLY A 225 14.01 -12.57 12.69
CA GLY A 225 12.68 -12.00 12.52
C GLY A 225 12.76 -10.64 11.84
N PHE A 226 13.87 -10.40 11.15
CA PHE A 226 14.14 -9.15 10.44
C PHE A 226 14.00 -9.33 8.94
N ILE A 227 12.98 -8.70 8.35
CA ILE A 227 12.75 -8.84 6.93
C ILE A 227 11.81 -7.74 6.39
N SER A 228 11.75 -7.62 5.06
CA SER A 228 10.88 -6.65 4.42
C SER A 228 10.05 -7.33 3.31
N GLY A 229 9.08 -6.59 2.80
CA GLY A 229 8.22 -7.09 1.74
C GLY A 229 7.28 -8.18 2.20
N ILE A 230 5.97 -7.92 2.10
CA ILE A 230 4.94 -8.89 2.45
C ILE A 230 3.64 -8.53 1.78
N ILE A 231 3.00 -9.48 1.15
CA ILE A 231 1.74 -9.23 0.48
C ILE A 231 0.62 -9.90 1.26
N TYR A 232 -0.55 -9.30 1.23
CA TYR A 232 -1.69 -9.88 1.93
C TYR A 232 -2.99 -9.22 1.53
N LEU A 233 -4.07 -9.99 1.60
CA LEU A 233 -5.38 -9.47 1.25
C LEU A 233 -6.35 -9.69 2.40
N TYR A 234 -7.04 -8.62 2.80
CA TYR A 234 -7.99 -8.71 3.89
C TYR A 234 -9.39 -8.37 3.41
N ARG A 235 -10.39 -8.93 4.08
CA ARG A 235 -11.77 -8.67 3.74
C ARG A 235 -12.37 -7.68 4.73
N LYS A 236 -13.45 -7.03 4.34
CA LYS A 236 -14.08 -6.05 5.20
C LYS A 236 -15.23 -6.65 6.01
N GLN A 237 -15.35 -6.17 7.25
CA GLN A 237 -16.39 -6.61 8.18
C GLN A 237 -16.55 -8.12 8.17
N GLU A 238 -15.77 -8.77 9.02
CA GLU A 238 -15.82 -10.22 9.17
C GLU A 238 -15.48 -10.57 10.62
N THR A 239 -15.86 -11.76 11.06
CA THR A 239 -15.61 -12.13 12.46
C THR A 239 -14.74 -13.37 12.60
N VAL A 240 -13.98 -13.41 13.70
CA VAL A 240 -13.09 -14.53 14.01
C VAL A 240 -12.84 -14.63 15.51
N GLY A 1 9.12 11.35 18.25
CA GLY A 1 8.04 12.18 17.67
C GLY A 1 8.55 13.12 16.59
N ALA A 2 8.94 14.32 17.00
CA ALA A 2 9.45 15.32 16.05
C ALA A 2 10.70 14.81 15.33
N MET A 3 11.57 14.12 16.06
CA MET A 3 12.80 13.59 15.47
C MET A 3 12.50 12.58 14.36
N ALA A 4 13.28 12.65 13.28
CA ALA A 4 13.10 11.77 12.13
C ALA A 4 11.89 12.19 11.31
N GLN A 5 11.89 13.44 10.86
CA GLN A 5 10.82 13.97 10.02
C GLN A 5 9.45 13.67 10.63
N GLU A 6 9.34 13.75 11.96
CA GLU A 6 8.09 13.42 12.65
C GLU A 6 7.93 11.90 12.57
N GLU A 7 8.95 11.19 13.03
CA GLU A 7 8.97 9.73 13.02
C GLU A 7 8.38 9.19 11.72
N ALA A 8 8.83 9.73 10.59
CA ALA A 8 8.29 9.31 9.30
C ALA A 8 6.81 9.68 9.21
N GLY A 9 6.54 10.97 9.05
CA GLY A 9 5.15 11.41 8.98
C GLY A 9 4.93 12.67 8.16
N ARG A 10 5.64 12.84 7.05
CA ARG A 10 5.49 14.06 6.25
C ARG A 10 4.06 14.23 5.75
N LEU A 11 3.44 13.17 5.23
CA LEU A 11 2.06 13.21 4.71
C LEU A 11 1.12 14.24 5.37
N PRO A 12 0.93 14.22 6.71
CA PRO A 12 0.02 15.16 7.36
C PRO A 12 0.46 16.59 7.11
N GLN A 13 1.76 16.78 6.94
CA GLN A 13 2.30 18.09 6.63
C GLN A 13 1.76 18.53 5.26
N VAL A 14 1.57 17.55 4.36
CA VAL A 14 1.08 17.86 3.01
C VAL A 14 -0.29 18.54 3.08
N LEU A 15 -1.24 17.96 3.83
CA LEU A 15 -2.57 18.57 3.91
C LEU A 15 -2.42 19.99 4.45
N ALA A 16 -1.52 20.14 5.42
CA ALA A 16 -1.25 21.44 5.98
C ALA A 16 -0.82 22.39 4.87
N ARG A 17 0.14 21.93 4.04
CA ARG A 17 0.60 22.74 2.90
C ARG A 17 -0.49 22.83 1.83
N VAL A 18 -1.31 21.77 1.71
CA VAL A 18 -2.38 21.71 0.72
C VAL A 18 -3.43 22.79 0.99
N GLY A 19 -3.75 23.00 2.27
CA GLY A 19 -4.76 23.99 2.62
C GLY A 19 -4.51 25.32 1.95
N THR A 20 -3.28 25.83 2.04
CA THR A 20 -2.95 27.10 1.40
C THR A 20 -3.19 27.00 -0.11
N SER A 21 -2.79 25.86 -0.68
CA SER A 21 -2.95 25.63 -2.11
C SER A 21 -2.38 26.78 -2.93
N HIS A 22 -2.71 26.81 -4.23
CA HIS A 22 -2.22 27.86 -5.11
C HIS A 22 -0.69 27.85 -5.16
N GLY A 23 -0.12 26.65 -5.20
CA GLY A 23 1.32 26.49 -5.26
C GLY A 23 1.70 25.23 -6.00
N ILE A 24 1.16 25.06 -7.19
CA ILE A 24 1.41 23.86 -8.00
C ILE A 24 2.88 23.69 -8.32
N THR A 25 3.60 24.79 -8.56
CA THR A 25 5.02 24.69 -8.90
C THR A 25 5.80 24.01 -7.78
N ASP A 26 5.64 24.46 -6.53
CA ASP A 26 6.32 23.83 -5.40
C ASP A 26 5.69 22.49 -5.06
N LEU A 27 4.39 22.36 -5.32
CA LEU A 27 3.71 21.10 -5.08
C LEU A 27 4.38 20.03 -5.93
N ALA A 28 4.73 20.41 -7.16
CA ALA A 28 5.44 19.52 -8.08
C ALA A 28 6.91 19.36 -7.63
N CYS A 29 7.37 20.30 -6.81
CA CYS A 29 8.73 20.26 -6.28
C CYS A 29 8.89 19.04 -5.37
N LYS A 30 7.97 18.88 -4.42
CA LYS A 30 8.04 17.73 -3.52
C LYS A 30 7.85 16.44 -4.32
N LEU A 31 6.94 16.47 -5.28
CA LEU A 31 6.68 15.32 -6.14
C LEU A 31 7.89 15.04 -7.03
N ARG A 32 8.48 16.12 -7.53
CA ARG A 32 9.67 16.04 -8.38
C ARG A 32 10.82 15.35 -7.64
N PHE A 33 10.91 15.60 -6.33
CA PHE A 33 11.94 14.96 -5.52
C PHE A 33 11.75 13.45 -5.53
N TYR A 34 10.49 13.01 -5.41
CA TYR A 34 10.19 11.58 -5.42
C TYR A 34 10.42 11.00 -6.81
N ASP A 35 9.91 11.69 -7.84
CA ASP A 35 10.05 11.24 -9.22
C ASP A 35 11.52 11.12 -9.65
N ASP A 36 12.36 12.01 -9.12
CA ASP A 36 13.78 11.96 -9.45
C ASP A 36 14.35 10.60 -9.05
N TRP A 37 14.08 10.20 -7.80
CA TRP A 37 14.54 8.91 -7.28
C TRP A 37 13.60 7.76 -7.68
N ALA A 38 12.33 8.10 -7.95
CA ALA A 38 11.30 7.11 -8.30
C ALA A 38 11.85 5.95 -9.14
N PRO A 39 12.42 6.24 -10.32
CA PRO A 39 12.96 5.18 -11.18
C PRO A 39 13.89 4.26 -10.41
N GLU A 40 14.69 4.84 -9.52
CA GLU A 40 15.62 4.08 -8.68
C GLU A 40 14.84 3.26 -7.65
N TYR A 41 13.68 3.77 -7.23
CA TYR A 41 12.81 3.05 -6.30
C TYR A 41 12.09 1.89 -7.00
N ASP A 42 11.72 2.11 -8.27
CA ASP A 42 11.00 1.06 -9.00
C ASP A 42 11.84 -0.20 -9.06
N GLN A 43 13.10 -0.09 -9.46
CA GLN A 43 13.97 -1.26 -9.52
C GLN A 43 14.19 -1.81 -8.11
N ASP A 44 14.04 -0.93 -7.11
CA ASP A 44 14.19 -1.33 -5.71
C ASP A 44 13.19 -2.41 -5.32
N VAL A 45 11.96 -2.32 -5.83
CA VAL A 45 10.97 -3.35 -5.51
C VAL A 45 11.37 -4.66 -6.19
N ALA A 46 11.85 -4.58 -7.43
CA ALA A 46 12.31 -5.77 -8.14
C ALA A 46 13.59 -6.30 -7.50
N ALA A 47 14.41 -5.38 -7.01
CA ALA A 47 15.66 -5.74 -6.35
C ALA A 47 15.37 -6.59 -5.12
N LEU A 48 14.22 -6.37 -4.49
CA LEU A 48 13.80 -7.15 -3.34
C LEU A 48 12.87 -8.30 -3.79
N LYS A 49 12.64 -8.39 -5.10
CA LYS A 49 11.76 -9.41 -5.67
C LYS A 49 10.34 -9.20 -5.18
N TYR A 50 9.90 -7.94 -5.21
CA TYR A 50 8.56 -7.57 -4.76
C TYR A 50 7.49 -8.43 -5.45
N ARG A 51 7.18 -9.57 -4.83
CA ARG A 51 6.16 -10.47 -5.38
C ARG A 51 4.78 -9.85 -5.24
N ALA A 52 4.60 -9.03 -4.19
CA ALA A 52 3.33 -8.38 -3.90
C ALA A 52 2.53 -8.00 -5.15
N PRO A 53 3.06 -7.14 -6.04
CA PRO A 53 2.32 -6.73 -7.25
C PRO A 53 1.97 -7.90 -8.18
N ARG A 54 2.79 -8.95 -8.17
CA ARG A 54 2.52 -10.12 -9.00
C ARG A 54 1.38 -10.92 -8.37
N LEU A 55 1.59 -11.31 -7.12
CA LEU A 55 0.61 -12.05 -6.34
C LEU A 55 -0.57 -11.17 -5.97
N ALA A 56 -0.31 -9.87 -5.82
CA ALA A 56 -1.36 -8.91 -5.47
C ALA A 56 -2.53 -9.07 -6.43
N VAL A 57 -2.25 -8.86 -7.71
CA VAL A 57 -3.29 -8.97 -8.73
C VAL A 57 -3.87 -10.40 -8.79
N ASP A 58 -3.02 -11.43 -8.87
CA ASP A 58 -3.51 -12.81 -8.98
C ASP A 58 -4.15 -13.31 -7.68
N CYS A 59 -3.55 -13.00 -6.55
CA CYS A 59 -4.09 -13.44 -5.26
C CYS A 59 -5.41 -12.75 -4.96
N LEU A 60 -5.50 -11.46 -5.26
CA LEU A 60 -6.71 -10.70 -4.97
C LEU A 60 -7.91 -11.30 -5.69
N SER A 61 -7.76 -11.63 -6.98
CA SER A 61 -8.86 -12.24 -7.73
C SER A 61 -9.19 -13.62 -7.17
N ARG A 62 -8.17 -14.36 -6.72
CA ARG A 62 -8.39 -15.70 -6.16
C ARG A 62 -9.31 -15.59 -4.94
N ALA A 63 -9.10 -14.55 -4.14
CA ALA A 63 -9.92 -14.29 -2.97
C ALA A 63 -11.14 -13.45 -3.33
N PHE A 64 -10.98 -12.64 -4.38
CA PHE A 64 -12.03 -11.75 -4.88
C PHE A 64 -12.97 -12.56 -5.77
N ARG A 65 -14.04 -13.08 -5.16
CA ARG A 65 -15.01 -13.91 -5.87
C ARG A 65 -15.83 -13.11 -6.88
N GLY A 66 -16.20 -11.89 -6.49
CA GLY A 66 -16.99 -11.07 -7.38
C GLY A 66 -16.26 -10.79 -8.69
N SER A 67 -16.97 -10.23 -9.66
CA SER A 67 -16.38 -9.94 -10.95
C SER A 67 -15.79 -8.53 -10.97
N PRO A 68 -14.45 -8.41 -11.09
CA PRO A 68 -13.77 -7.11 -11.14
C PRO A 68 -14.33 -6.22 -12.26
N HIS A 69 -15.10 -6.82 -13.18
CA HIS A 69 -15.75 -6.07 -14.24
C HIS A 69 -16.95 -5.31 -13.67
N ASP A 70 -17.80 -6.04 -12.94
CA ASP A 70 -18.98 -5.47 -12.32
C ASP A 70 -18.64 -4.82 -10.98
N ALA A 71 -17.55 -5.24 -10.35
CA ALA A 71 -17.12 -4.67 -9.09
C ALA A 71 -16.35 -3.38 -9.34
N LEU A 72 -16.18 -2.54 -8.32
CA LEU A 72 -15.43 -1.31 -8.52
C LEU A 72 -14.14 -1.33 -7.70
N ILE A 73 -13.01 -1.35 -8.41
CA ILE A 73 -11.69 -1.45 -7.79
C ILE A 73 -11.09 -0.07 -7.47
N LEU A 74 -10.31 0.00 -6.40
CA LEU A 74 -9.65 1.25 -6.02
C LEU A 74 -8.14 1.08 -5.91
N ASP A 75 -7.40 2.08 -6.37
CA ASP A 75 -5.96 2.06 -6.28
C ASP A 75 -5.48 3.36 -5.66
N VAL A 76 -4.34 3.34 -4.99
CA VAL A 76 -3.83 4.53 -4.33
C VAL A 76 -2.58 5.06 -5.04
N ALA A 77 -2.02 6.15 -4.52
CA ALA A 77 -0.83 6.79 -5.10
C ALA A 77 0.28 5.78 -5.34
N CYS A 78 0.25 4.66 -4.63
CA CYS A 78 1.25 3.63 -4.84
C CYS A 78 0.79 2.64 -5.91
N GLY A 79 -0.13 3.09 -6.77
CA GLY A 79 -0.62 2.26 -7.85
C GLY A 79 0.29 2.33 -9.05
N THR A 80 1.38 1.56 -9.01
CA THR A 80 2.35 1.56 -10.10
C THR A 80 1.72 1.12 -11.43
N GLY A 81 2.12 1.80 -12.50
CA GLY A 81 1.56 1.51 -13.81
C GLY A 81 1.53 0.03 -14.14
N LEU A 82 2.65 -0.67 -13.96
CA LEU A 82 2.71 -2.10 -14.27
C LEU A 82 1.67 -2.87 -13.48
N VAL A 83 1.43 -2.47 -12.23
CA VAL A 83 0.44 -3.14 -11.41
C VAL A 83 -0.92 -3.05 -12.11
N ALA A 84 -1.19 -1.88 -12.69
CA ALA A 84 -2.44 -1.68 -13.43
C ALA A 84 -2.45 -2.50 -14.72
N VAL A 85 -1.31 -2.57 -15.41
CA VAL A 85 -1.22 -3.32 -16.66
C VAL A 85 -1.55 -4.79 -16.38
N GLU A 86 -1.05 -5.28 -15.25
CA GLU A 86 -1.33 -6.63 -14.81
C GLU A 86 -2.80 -6.72 -14.39
N LEU A 87 -3.26 -5.63 -13.79
CA LEU A 87 -4.63 -5.51 -13.31
C LEU A 87 -5.60 -5.68 -14.49
N GLN A 88 -5.31 -5.00 -15.60
CA GLN A 88 -6.17 -5.07 -16.80
C GLN A 88 -6.26 -6.50 -17.32
N ALA A 89 -5.12 -7.15 -17.49
CA ALA A 89 -5.08 -8.52 -17.98
C ALA A 89 -5.73 -9.48 -16.99
N ARG A 90 -5.64 -9.15 -15.71
CA ARG A 90 -6.20 -9.99 -14.67
C ARG A 90 -7.70 -10.17 -14.86
N GLY A 91 -8.38 -9.09 -15.26
CA GLY A 91 -9.81 -9.15 -15.48
C GLY A 91 -10.58 -8.06 -14.74
N PHE A 92 -9.89 -6.97 -14.39
CA PHE A 92 -10.53 -5.87 -13.69
C PHE A 92 -10.82 -4.74 -14.68
N LEU A 93 -12.10 -4.49 -14.93
CA LEU A 93 -12.52 -3.49 -15.88
C LEU A 93 -13.03 -2.21 -15.22
N GLN A 94 -12.93 -2.11 -13.90
CA GLN A 94 -13.37 -0.91 -13.21
C GLN A 94 -12.37 -0.56 -12.11
N VAL A 95 -11.80 0.64 -12.14
CA VAL A 95 -10.84 1.04 -11.13
C VAL A 95 -10.87 2.55 -10.87
N GLN A 96 -10.76 2.88 -9.60
CA GLN A 96 -10.72 4.26 -9.15
C GLN A 96 -9.59 4.44 -8.17
N GLY A 97 -9.12 5.67 -7.98
CA GLY A 97 -8.04 5.85 -7.04
C GLY A 97 -7.53 7.27 -6.94
N VAL A 98 -6.41 7.40 -6.24
CA VAL A 98 -5.77 8.68 -6.06
C VAL A 98 -4.26 8.53 -6.00
N ASP A 99 -3.53 9.50 -6.53
CA ASP A 99 -2.08 9.46 -6.50
C ASP A 99 -1.54 10.86 -6.27
N GLY A 100 -0.36 10.96 -5.67
CA GLY A 100 0.21 12.26 -5.39
C GLY A 100 1.19 12.73 -6.44
N SER A 101 2.03 11.82 -6.92
CA SER A 101 3.04 12.18 -7.92
C SER A 101 2.53 11.95 -9.34
N PRO A 102 2.70 12.95 -10.22
CA PRO A 102 2.28 12.85 -11.62
C PRO A 102 2.79 11.56 -12.24
N GLU A 103 4.02 11.20 -11.92
CA GLU A 103 4.62 9.98 -12.44
C GLU A 103 3.78 8.76 -12.03
N MET A 104 3.28 8.79 -10.78
CA MET A 104 2.39 7.72 -10.32
C MET A 104 1.04 7.84 -11.04
N LEU A 105 0.58 9.08 -11.21
CA LEU A 105 -0.68 9.36 -11.92
C LEU A 105 -0.55 9.08 -13.41
N LYS A 106 0.60 9.45 -13.97
CA LYS A 106 0.87 9.28 -15.39
C LYS A 106 0.80 7.82 -15.79
N GLN A 107 1.47 6.95 -15.06
CA GLN A 107 1.43 5.54 -15.40
C GLN A 107 0.01 5.02 -15.36
N ALA A 108 -0.67 5.24 -14.24
CA ALA A 108 -2.05 4.79 -14.08
C ALA A 108 -2.98 5.48 -15.08
N ARG A 109 -2.91 6.81 -15.17
CA ARG A 109 -3.77 7.57 -16.08
C ARG A 109 -3.44 7.29 -17.55
N ALA A 110 -2.17 7.45 -17.92
CA ALA A 110 -1.75 7.20 -19.31
C ALA A 110 -2.03 5.75 -19.68
N ARG A 111 -1.89 4.86 -18.70
CA ARG A 111 -2.16 3.44 -18.92
C ARG A 111 -3.62 3.27 -19.35
N GLY A 112 -4.50 4.04 -18.71
CA GLY A 112 -5.91 3.93 -19.01
C GLY A 112 -6.57 2.82 -18.21
N LEU A 113 -5.88 2.39 -17.15
CA LEU A 113 -6.38 1.34 -16.28
C LEU A 113 -7.30 1.92 -15.21
N TYR A 114 -6.93 3.09 -14.69
CA TYR A 114 -7.71 3.74 -13.65
C TYR A 114 -8.80 4.61 -14.28
N HIS A 115 -10.06 4.22 -14.06
CA HIS A 115 -11.19 4.99 -14.60
C HIS A 115 -11.23 6.41 -14.06
N HIS A 116 -10.96 6.57 -12.77
CA HIS A 116 -10.97 7.90 -12.16
C HIS A 116 -9.81 8.06 -11.19
N LEU A 117 -9.00 9.08 -11.42
CA LEU A 117 -7.85 9.35 -10.55
C LEU A 117 -7.80 10.81 -10.13
N SER A 118 -7.26 11.04 -8.94
CA SER A 118 -7.16 12.39 -8.40
C SER A 118 -5.90 12.59 -7.56
N LEU A 119 -5.52 13.85 -7.39
CA LEU A 119 -4.35 14.22 -6.61
C LEU A 119 -4.77 14.42 -5.17
N CYS A 120 -4.18 13.67 -4.23
CA CYS A 120 -4.54 13.82 -2.83
C CYS A 120 -3.49 13.28 -1.86
N THR A 121 -2.34 13.94 -1.80
CA THR A 121 -1.29 13.54 -0.85
C THR A 121 -1.87 13.66 0.55
N LEU A 122 -1.56 12.72 1.44
CA LEU A 122 -2.15 12.81 2.78
C LEU A 122 -1.61 11.77 3.76
N GLY A 123 -2.06 11.89 5.01
CA GLY A 123 -1.65 10.99 6.07
C GLY A 123 -2.76 10.85 7.10
N GLN A 124 -2.85 11.81 8.03
CA GLN A 124 -3.91 11.73 9.03
C GLN A 124 -5.23 11.75 8.26
N GLU A 125 -5.47 12.81 7.49
CA GLU A 125 -6.68 12.91 6.70
C GLU A 125 -6.72 11.73 5.72
N PRO A 126 -7.84 10.98 5.72
CA PRO A 126 -8.00 9.77 4.90
C PRO A 126 -8.38 9.95 3.43
N LEU A 127 -8.05 8.93 2.63
CA LEU A 127 -8.31 8.91 1.20
C LEU A 127 -9.67 9.57 0.89
N PRO A 128 -9.74 10.30 -0.24
CA PRO A 128 -10.95 11.03 -0.65
C PRO A 128 -12.22 10.22 -0.88
N ASP A 129 -12.14 8.95 -1.30
CA ASP A 129 -13.36 8.18 -1.60
C ASP A 129 -14.25 7.93 -0.36
N PRO A 130 -15.58 7.76 -0.61
CA PRO A 130 -16.57 7.51 0.43
C PRO A 130 -16.61 6.04 0.87
N GLU A 131 -17.47 5.74 1.84
CA GLU A 131 -17.60 4.36 2.35
C GLU A 131 -18.41 3.47 1.43
N GLY A 132 -18.22 2.15 1.57
CA GLY A 132 -18.94 1.19 0.75
C GLY A 132 -18.98 1.62 -0.72
N THR A 133 -17.91 2.27 -1.16
CA THR A 133 -17.82 2.77 -2.52
C THR A 133 -17.34 1.69 -3.50
N PHE A 134 -16.11 1.23 -3.28
CA PHE A 134 -15.51 0.25 -4.18
C PHE A 134 -15.40 -1.13 -3.53
N ASP A 135 -15.56 -2.16 -4.36
CA ASP A 135 -15.51 -3.55 -3.93
C ASP A 135 -14.11 -4.00 -3.51
N ALA A 136 -13.07 -3.26 -3.92
CA ALA A 136 -11.71 -3.64 -3.55
C ALA A 136 -10.71 -2.52 -3.81
N VAL A 137 -9.54 -2.59 -3.15
CA VAL A 137 -8.50 -1.59 -3.33
C VAL A 137 -7.12 -2.27 -3.39
N ILE A 138 -6.23 -1.80 -4.27
CA ILE A 138 -4.90 -2.42 -4.38
C ILE A 138 -3.76 -1.38 -4.38
N ILE A 139 -2.98 -1.36 -3.29
CA ILE A 139 -1.89 -0.40 -3.12
C ILE A 139 -0.55 -1.10 -2.81
N VAL A 140 0.56 -0.57 -3.35
CA VAL A 140 1.89 -1.18 -3.12
C VAL A 140 2.95 -0.17 -2.64
N GLY A 141 3.60 -0.48 -1.51
CA GLY A 141 4.69 0.38 -1.03
C GLY A 141 4.26 1.49 -0.06
N ALA A 142 2.96 1.70 0.11
CA ALA A 142 2.50 2.78 0.99
C ALA A 142 2.09 2.28 2.39
N LEU A 143 2.91 2.60 3.39
CA LEU A 143 2.61 2.22 4.77
C LEU A 143 3.02 3.33 5.74
N SER A 144 2.61 3.19 7.00
CA SER A 144 2.96 4.17 8.02
C SER A 144 4.46 4.31 8.11
N GLU A 145 5.01 5.31 7.41
CA GLU A 145 6.44 5.59 7.42
C GLU A 145 6.71 6.85 6.57
N GLY A 146 5.87 7.87 6.74
CA GLY A 146 6.02 9.09 5.96
C GLY A 146 5.18 9.08 4.68
N GLN A 147 4.73 7.90 4.24
CA GLN A 147 3.92 7.78 3.02
C GLN A 147 2.42 7.71 3.34
N VAL A 148 1.94 6.54 3.79
CA VAL A 148 0.54 6.34 4.16
C VAL A 148 0.43 5.79 5.59
N PRO A 149 -0.24 6.48 6.51
CA PRO A 149 -0.37 6.05 7.90
C PRO A 149 -1.32 4.88 8.10
N CYS A 150 -0.77 3.74 8.52
CA CYS A 150 -1.54 2.52 8.73
C CYS A 150 -2.89 2.77 9.39
N SER A 151 -3.07 3.87 10.14
CA SER A 151 -4.37 4.16 10.74
C SER A 151 -5.34 4.63 9.66
N ALA A 152 -4.80 5.37 8.68
CA ALA A 152 -5.58 5.89 7.56
C ALA A 152 -6.01 4.76 6.61
N ILE A 153 -5.15 3.76 6.41
CA ILE A 153 -5.46 2.65 5.49
C ILE A 153 -6.87 2.11 5.74
N PRO A 154 -7.21 1.82 7.00
CA PRO A 154 -8.55 1.35 7.38
C PRO A 154 -9.66 2.22 6.78
N GLU A 155 -9.28 3.45 6.36
CA GLU A 155 -10.22 4.34 5.69
C GLU A 155 -10.51 3.74 4.31
N LEU A 156 -9.44 3.22 3.68
CA LEU A 156 -9.57 2.55 2.39
C LEU A 156 -10.50 1.37 2.54
N LEU A 157 -10.36 0.69 3.68
CA LEU A 157 -11.22 -0.43 4.00
C LEU A 157 -12.62 0.10 4.28
N ARG A 158 -12.64 1.25 4.98
CA ARG A 158 -13.89 1.94 5.32
C ARG A 158 -14.65 2.33 4.03
N VAL A 159 -13.89 2.78 3.00
CA VAL A 159 -14.48 3.13 1.70
C VAL A 159 -14.78 1.86 0.88
N THR A 160 -14.28 0.75 1.40
CA THR A 160 -14.48 -0.55 0.79
C THR A 160 -15.68 -1.22 1.47
N LYS A 161 -16.48 -1.97 0.71
CA LYS A 161 -17.65 -2.64 1.28
C LYS A 161 -17.24 -3.95 1.95
N PRO A 162 -17.97 -4.39 3.00
CA PRO A 162 -17.66 -5.64 3.69
C PRO A 162 -17.61 -6.81 2.71
N GLY A 163 -16.65 -7.71 2.90
CA GLY A 163 -16.51 -8.83 2.00
C GLY A 163 -15.57 -8.50 0.83
N GLY A 164 -15.21 -7.22 0.70
CA GLY A 164 -14.33 -6.79 -0.37
C GLY A 164 -12.90 -7.22 -0.13
N LEU A 165 -11.98 -6.77 -0.99
CA LEU A 165 -10.57 -7.14 -0.85
C LEU A 165 -9.67 -5.91 -0.83
N VAL A 166 -8.75 -5.87 0.15
CA VAL A 166 -7.82 -4.76 0.25
C VAL A 166 -6.39 -5.29 0.10
N CYS A 167 -5.66 -4.77 -0.89
CA CYS A 167 -4.30 -5.24 -1.16
C CYS A 167 -3.23 -4.21 -0.79
N LEU A 168 -2.46 -4.52 0.26
CA LEU A 168 -1.38 -3.63 0.71
C LEU A 168 -0.08 -4.41 0.91
N THR A 169 1.05 -3.79 0.56
CA THR A 169 2.36 -4.44 0.69
C THR A 169 3.47 -3.42 0.99
N THR A 170 4.51 -3.86 1.70
CA THR A 170 5.66 -3.02 2.06
C THR A 170 6.62 -3.83 2.94
N ARG A 171 7.55 -3.16 3.61
CA ARG A 171 8.44 -3.86 4.52
C ARG A 171 7.61 -4.21 5.75
N THR A 172 7.30 -5.49 5.91
CA THR A 172 6.45 -5.93 7.01
C THR A 172 7.07 -5.59 8.35
N ASN A 173 8.37 -5.84 8.51
CA ASN A 173 9.03 -5.54 9.77
C ASN A 173 10.40 -4.90 9.57
N PRO A 174 10.43 -3.67 9.04
CA PRO A 174 11.68 -2.93 8.83
C PRO A 174 12.41 -2.74 10.17
N SER A 175 11.61 -2.65 11.23
CA SER A 175 12.10 -2.48 12.59
C SER A 175 11.12 -3.16 13.55
N ASN A 176 11.49 -3.28 14.83
CA ASN A 176 10.60 -3.93 15.78
C ASN A 176 10.32 -5.36 15.34
N LEU A 177 11.39 -6.13 15.15
CA LEU A 177 11.28 -7.51 14.70
C LEU A 177 10.38 -8.33 15.61
N PRO A 178 10.62 -8.31 16.93
CA PRO A 178 9.78 -9.05 17.88
C PRO A 178 8.35 -8.57 17.79
N TYR A 179 8.17 -7.30 17.42
CA TYR A 179 6.86 -6.71 17.30
C TYR A 179 6.05 -7.35 16.17
N LYS A 180 6.69 -8.13 15.29
CA LYS A 180 5.95 -8.78 14.21
C LYS A 180 4.89 -9.68 14.83
N GLU A 181 5.30 -10.51 15.77
CA GLU A 181 4.37 -11.39 16.46
C GLU A 181 3.32 -10.53 17.16
N THR A 182 3.79 -9.42 17.74
CA THR A 182 2.89 -8.47 18.39
C THR A 182 1.93 -7.91 17.33
N LEU A 183 2.52 -7.59 16.17
CA LEU A 183 1.78 -7.07 15.02
C LEU A 183 0.72 -8.07 14.56
N GLU A 184 1.12 -9.34 14.50
CA GLU A 184 0.20 -10.39 14.05
C GLU A 184 -1.01 -10.45 14.97
N ALA A 185 -0.78 -10.29 16.27
CA ALA A 185 -1.88 -10.28 17.22
C ALA A 185 -2.80 -9.09 16.95
N THR A 186 -2.19 -7.95 16.59
CA THR A 186 -2.96 -6.73 16.32
C THR A 186 -3.95 -6.96 15.17
N LEU A 187 -3.52 -7.65 14.11
CA LEU A 187 -4.42 -7.94 12.99
C LEU A 187 -5.60 -8.75 13.50
N ASP A 188 -5.31 -9.72 14.35
CA ASP A 188 -6.33 -10.61 14.89
C ASP A 188 -7.37 -9.79 15.66
N SER A 189 -6.93 -8.78 16.42
CA SER A 189 -7.87 -7.94 17.15
C SER A 189 -8.84 -7.26 16.18
N LEU A 190 -8.29 -6.79 15.05
CA LEU A 190 -9.12 -6.15 14.03
C LEU A 190 -10.14 -7.13 13.50
N GLU A 191 -9.72 -8.38 13.31
CA GLU A 191 -10.63 -9.42 12.83
C GLU A 191 -11.66 -9.69 13.92
N ARG A 192 -11.18 -9.74 15.17
CA ARG A 192 -12.05 -9.96 16.31
C ARG A 192 -13.09 -8.84 16.42
N ALA A 193 -12.65 -7.61 16.15
CA ALA A 193 -13.53 -6.45 16.19
C ALA A 193 -14.56 -6.51 15.07
N GLY A 194 -14.21 -7.18 13.97
CA GLY A 194 -15.13 -7.29 12.85
C GLY A 194 -14.79 -6.38 11.69
N VAL A 195 -13.83 -5.46 11.87
CA VAL A 195 -13.47 -4.53 10.79
C VAL A 195 -12.97 -5.28 9.55
N TRP A 196 -12.08 -6.27 9.73
CA TRP A 196 -11.55 -7.00 8.58
C TRP A 196 -11.07 -8.40 8.96
N GLU A 197 -10.97 -9.31 7.98
CA GLU A 197 -10.49 -10.66 8.25
C GLU A 197 -9.42 -11.05 7.24
N CYS A 198 -8.18 -11.20 7.68
CA CYS A 198 -7.08 -11.53 6.79
C CYS A 198 -7.32 -12.84 6.03
N LEU A 199 -7.08 -12.81 4.72
CA LEU A 199 -7.25 -13.99 3.88
C LEU A 199 -5.95 -14.76 3.71
N VAL A 200 -4.98 -14.11 3.08
CA VAL A 200 -3.67 -14.72 2.83
C VAL A 200 -2.55 -13.67 2.82
N THR A 201 -1.32 -14.11 3.03
CA THR A 201 -0.18 -13.20 3.00
C THR A 201 0.90 -13.80 2.08
N GLN A 202 1.24 -13.07 1.02
CA GLN A 202 2.19 -13.58 0.04
C GLN A 202 3.66 -13.30 0.41
N PRO A 203 4.45 -14.40 0.53
CA PRO A 203 5.88 -14.35 0.84
C PRO A 203 6.73 -13.58 -0.18
N VAL A 204 7.81 -12.98 0.30
CA VAL A 204 8.74 -12.21 -0.54
C VAL A 204 10.20 -12.54 -0.13
N ASP A 205 11.11 -11.56 -0.17
CA ASP A 205 12.52 -11.79 0.21
C ASP A 205 12.74 -11.64 1.71
N HIS A 206 11.67 -11.38 2.46
CA HIS A 206 11.76 -11.16 3.89
C HIS A 206 12.46 -12.31 4.63
N TRP A 207 12.29 -13.55 4.17
CA TRP A 207 12.90 -14.66 4.87
C TRP A 207 14.41 -14.49 4.99
N GLU A 208 15.11 -14.40 3.86
CA GLU A 208 16.57 -14.32 3.88
C GLU A 208 17.09 -13.16 4.73
N LEU A 209 16.46 -11.99 4.65
CA LEU A 209 16.92 -10.87 5.47
C LEU A 209 16.82 -11.25 6.95
N ALA A 210 15.69 -11.87 7.32
CA ALA A 210 15.43 -12.29 8.69
C ALA A 210 16.18 -13.56 9.09
N THR A 211 16.33 -14.49 8.16
CA THR A 211 17.02 -15.75 8.47
C THR A 211 18.41 -15.52 9.02
N SER A 212 18.76 -16.28 10.06
CA SER A 212 20.07 -16.17 10.69
C SER A 212 20.60 -17.54 11.10
N GLU A 213 21.92 -17.65 11.17
CA GLU A 213 22.55 -18.91 11.55
C GLU A 213 22.30 -19.20 13.03
N GLN A 214 22.11 -20.48 13.34
CA GLN A 214 21.86 -20.90 14.72
C GLN A 214 23.02 -20.50 15.63
N GLU A 215 24.24 -20.66 15.14
CA GLU A 215 25.43 -20.33 15.92
C GLU A 215 25.70 -18.82 15.90
N THR A 216 26.32 -18.34 16.99
CA THR A 216 26.64 -16.91 17.10
C THR A 216 27.58 -16.50 15.96
N GLY A 217 28.59 -17.32 15.69
CA GLY A 217 29.54 -17.02 14.63
C GLY A 217 28.86 -16.72 13.31
N LEU A 218 29.46 -15.82 12.52
CA LEU A 218 28.91 -15.45 11.23
C LEU A 218 27.43 -15.08 11.35
N GLY A 219 27.08 -14.37 12.43
CA GLY A 219 25.71 -13.95 12.63
C GLY A 219 25.59 -12.51 13.06
N THR A 220 26.26 -12.17 14.17
CA THR A 220 26.23 -10.80 14.68
C THR A 220 26.78 -9.83 13.63
N CYS A 221 27.85 -10.23 12.94
CA CYS A 221 28.45 -9.40 11.90
C CYS A 221 27.43 -9.12 10.78
N ALA A 222 26.64 -10.14 10.45
CA ALA A 222 25.62 -9.98 9.42
C ALA A 222 24.57 -8.96 9.85
N ASN A 223 24.06 -9.13 11.08
CA ASN A 223 23.00 -8.28 11.62
C ASN A 223 21.68 -8.60 10.93
N ASP A 224 21.49 -9.89 10.65
CA ASP A 224 20.28 -10.36 9.99
C ASP A 224 19.12 -10.47 10.97
N GLY A 225 17.96 -10.88 10.48
CA GLY A 225 16.79 -10.97 11.34
C GLY A 225 15.80 -9.86 11.07
N PHE A 226 15.66 -9.46 9.80
CA PHE A 226 14.73 -8.41 9.42
C PHE A 226 13.78 -8.91 8.32
N ILE A 227 12.47 -8.86 8.60
CA ILE A 227 11.46 -9.34 7.66
C ILE A 227 10.75 -8.19 6.95
N SER A 228 10.81 -8.16 5.61
CA SER A 228 10.19 -7.09 4.86
C SER A 228 9.72 -7.50 3.43
N GLY A 229 9.09 -6.53 2.74
CA GLY A 229 8.65 -6.70 1.36
C GLY A 229 7.37 -7.51 1.17
N ILE A 230 6.67 -7.89 2.25
CA ILE A 230 5.49 -8.73 2.10
C ILE A 230 4.19 -7.99 1.83
N ILE A 231 3.37 -8.62 0.99
CA ILE A 231 2.06 -8.11 0.60
C ILE A 231 0.98 -8.65 1.57
N TYR A 232 -0.17 -7.99 1.60
CA TYR A 232 -1.25 -8.43 2.49
C TYR A 232 -2.64 -8.29 1.85
N LEU A 233 -3.31 -9.42 1.58
CA LEU A 233 -4.66 -9.37 1.03
C LEU A 233 -5.67 -9.59 2.14
N TYR A 234 -6.53 -8.60 2.38
CA TYR A 234 -7.52 -8.69 3.44
C TYR A 234 -8.92 -8.37 2.94
N ARG A 235 -9.92 -8.81 3.70
CA ARG A 235 -11.31 -8.52 3.36
C ARG A 235 -11.85 -7.44 4.26
N LYS A 236 -12.93 -6.79 3.84
CA LYS A 236 -13.51 -5.74 4.64
C LYS A 236 -14.66 -6.25 5.50
N GLN A 237 -14.63 -5.87 6.77
CA GLN A 237 -15.66 -6.26 7.73
C GLN A 237 -15.95 -7.75 7.67
N GLU A 238 -15.30 -8.49 8.58
CA GLU A 238 -15.50 -9.92 8.69
C GLU A 238 -15.18 -10.41 10.10
N THR A 239 -15.63 -11.62 10.42
CA THR A 239 -15.40 -12.18 11.74
C THR A 239 -14.23 -13.15 11.75
N VAL A 240 -13.35 -13.02 12.74
CA VAL A 240 -12.19 -13.89 12.87
C VAL A 240 -12.61 -15.34 13.07
N GLY A 1 5.74 8.94 20.69
CA GLY A 1 4.90 10.08 20.23
C GLY A 1 5.71 11.19 19.60
N ALA A 2 5.49 11.44 18.31
CA ALA A 2 6.20 12.49 17.61
C ALA A 2 5.30 13.15 16.55
N MET A 3 5.76 14.27 15.99
CA MET A 3 4.97 15.01 15.01
C MET A 3 4.81 14.27 13.67
N ALA A 4 3.68 14.54 13.01
CA ALA A 4 3.36 13.95 11.70
C ALA A 4 3.59 12.44 11.68
N GLN A 5 2.96 11.70 12.59
CA GLN A 5 3.12 10.25 12.63
C GLN A 5 4.61 9.91 12.78
N GLU A 6 5.13 10.22 13.98
CA GLU A 6 6.52 9.95 14.35
C GLU A 6 7.49 9.92 13.16
N GLU A 7 7.53 10.98 12.36
CA GLU A 7 8.42 11.02 11.21
C GLU A 7 8.09 9.89 10.23
N ALA A 8 6.81 9.79 9.91
CA ALA A 8 6.30 8.77 8.99
C ALA A 8 5.22 9.34 8.07
N GLY A 9 4.22 9.95 8.66
CA GLY A 9 3.13 10.51 7.89
C GLY A 9 3.54 11.69 7.00
N ARG A 10 4.69 11.62 6.36
CA ARG A 10 5.17 12.73 5.55
C ARG A 10 4.22 13.10 4.41
N LEU A 11 3.70 12.12 3.64
CA LEU A 11 2.80 12.45 2.53
C LEU A 11 1.54 13.19 2.98
N PRO A 12 0.87 12.75 4.05
CA PRO A 12 -0.34 13.42 4.52
C PRO A 12 -0.06 14.86 4.90
N GLN A 13 1.16 15.13 5.33
CA GLN A 13 1.56 16.48 5.63
C GLN A 13 1.40 17.30 4.35
N VAL A 14 1.75 16.66 3.22
CA VAL A 14 1.65 17.30 1.91
C VAL A 14 0.22 17.72 1.59
N LEU A 15 -0.79 16.89 1.88
CA LEU A 15 -2.17 17.30 1.60
C LEU A 15 -2.47 18.57 2.40
N ALA A 16 -2.09 18.56 3.66
CA ALA A 16 -2.31 19.71 4.53
C ALA A 16 -1.67 20.95 3.92
N ARG A 17 -0.45 20.81 3.39
CA ARG A 17 0.22 21.93 2.74
C ARG A 17 -0.49 22.27 1.41
N VAL A 18 -1.01 21.23 0.72
CA VAL A 18 -1.73 21.43 -0.53
C VAL A 18 -3.08 22.13 -0.29
N GLY A 19 -3.75 21.74 0.79
CA GLY A 19 -5.06 22.31 1.10
C GLY A 19 -5.05 23.83 1.08
N THR A 20 -3.95 24.44 1.53
CA THR A 20 -3.86 25.90 1.54
C THR A 20 -4.00 26.44 0.13
N SER A 21 -3.22 25.88 -0.80
CA SER A 21 -3.26 26.29 -2.20
C SER A 21 -2.50 27.60 -2.42
N HIS A 22 -2.59 28.13 -3.64
CA HIS A 22 -1.87 29.35 -3.99
C HIS A 22 -0.36 29.12 -3.92
N GLY A 23 0.05 27.94 -4.39
CA GLY A 23 1.45 27.57 -4.40
C GLY A 23 1.65 26.26 -5.15
N ILE A 24 0.98 26.14 -6.30
CA ILE A 24 1.02 24.94 -7.12
C ILE A 24 2.45 24.62 -7.59
N THR A 25 3.21 25.65 -7.95
CA THR A 25 4.58 25.43 -8.43
C THR A 25 5.42 24.75 -7.36
N ASP A 26 5.26 25.16 -6.10
CA ASP A 26 5.98 24.53 -5.01
C ASP A 26 5.42 23.14 -4.73
N LEU A 27 4.12 22.96 -5.03
CA LEU A 27 3.48 21.67 -4.83
C LEU A 27 4.20 20.63 -5.70
N ALA A 28 4.56 21.04 -6.91
CA ALA A 28 5.32 20.18 -7.82
C ALA A 28 6.75 20.03 -7.31
N CYS A 29 7.20 21.04 -6.55
CA CYS A 29 8.55 21.04 -5.98
C CYS A 29 8.72 19.84 -5.07
N LYS A 30 7.86 19.69 -4.07
CA LYS A 30 7.98 18.56 -3.16
C LYS A 30 7.84 17.24 -3.92
N LEU A 31 6.90 17.20 -4.86
CA LEU A 31 6.68 16.00 -5.66
C LEU A 31 7.90 15.65 -6.52
N ARG A 32 8.55 16.66 -7.09
CA ARG A 32 9.72 16.43 -7.93
C ARG A 32 10.88 15.87 -7.10
N PHE A 33 10.96 16.26 -5.82
CA PHE A 33 12.01 15.74 -4.95
C PHE A 33 11.81 14.24 -4.71
N TYR A 34 10.55 13.86 -4.46
CA TYR A 34 10.25 12.46 -4.21
C TYR A 34 10.41 11.63 -5.48
N ASP A 35 9.95 12.15 -6.62
CA ASP A 35 10.05 11.43 -7.89
C ASP A 35 11.51 11.14 -8.26
N ASP A 36 12.44 11.81 -7.57
CA ASP A 36 13.86 11.56 -7.81
C ASP A 36 14.16 10.09 -7.50
N TRP A 37 13.66 9.62 -6.34
CA TRP A 37 13.87 8.25 -5.90
C TRP A 37 12.80 7.28 -6.45
N ALA A 38 11.71 7.81 -7.02
CA ALA A 38 10.63 6.97 -7.54
C ALA A 38 11.13 5.84 -8.42
N PRO A 39 11.82 6.14 -9.54
CA PRO A 39 12.33 5.10 -10.44
C PRO A 39 13.30 4.18 -9.71
N GLU A 40 14.06 4.75 -8.77
CA GLU A 40 14.99 3.98 -7.96
C GLU A 40 14.24 3.08 -7.00
N TYR A 41 13.04 3.52 -6.58
CA TYR A 41 12.19 2.74 -5.69
C TYR A 41 11.62 1.52 -6.39
N ASP A 42 11.23 1.68 -7.67
CA ASP A 42 10.65 0.56 -8.41
C ASP A 42 11.65 -0.58 -8.50
N GLN A 43 12.85 -0.31 -9.01
CA GLN A 43 13.86 -1.36 -9.11
C GLN A 43 14.19 -1.93 -7.74
N ASP A 44 14.05 -1.11 -6.70
CA ASP A 44 14.34 -1.54 -5.34
C ASP A 44 13.47 -2.73 -4.93
N VAL A 45 12.19 -2.72 -5.29
CA VAL A 45 11.33 -3.84 -4.93
C VAL A 45 11.73 -5.10 -5.70
N ALA A 46 11.98 -4.94 -7.01
CA ALA A 46 12.38 -6.06 -7.85
C ALA A 46 13.80 -6.52 -7.51
N ALA A 47 14.66 -5.56 -7.19
CA ALA A 47 16.05 -5.86 -6.83
C ALA A 47 16.09 -6.77 -5.62
N LEU A 48 15.13 -6.62 -4.71
CA LEU A 48 15.04 -7.45 -3.52
C LEU A 48 14.19 -8.71 -3.80
N LYS A 49 13.72 -8.85 -5.06
CA LYS A 49 12.91 -9.99 -5.47
C LYS A 49 11.56 -9.95 -4.77
N TYR A 50 10.84 -8.83 -4.93
CA TYR A 50 9.54 -8.67 -4.29
C TYR A 50 8.44 -9.45 -5.02
N ARG A 51 7.97 -10.52 -4.37
CA ARG A 51 6.91 -11.34 -4.93
C ARG A 51 5.57 -10.57 -4.91
N ALA A 52 5.36 -9.81 -3.83
CA ALA A 52 4.14 -9.01 -3.63
C ALA A 52 3.44 -8.65 -4.94
N PRO A 53 4.06 -7.82 -5.80
CA PRO A 53 3.45 -7.39 -7.08
C PRO A 53 2.92 -8.57 -7.91
N ARG A 54 3.68 -9.66 -7.92
CA ARG A 54 3.27 -10.85 -8.67
C ARG A 54 2.06 -11.49 -7.99
N LEU A 55 2.23 -11.79 -6.71
CA LEU A 55 1.17 -12.41 -5.90
C LEU A 55 0.02 -11.44 -5.62
N ALA A 56 0.34 -10.15 -5.56
CA ALA A 56 -0.66 -9.12 -5.29
C ALA A 56 -1.78 -9.16 -6.32
N VAL A 57 -1.43 -8.95 -7.59
CA VAL A 57 -2.43 -8.93 -8.65
C VAL A 57 -3.07 -10.31 -8.86
N ASP A 58 -2.26 -11.37 -8.99
CA ASP A 58 -2.79 -12.72 -9.24
C ASP A 58 -3.69 -13.21 -8.09
N CYS A 59 -3.21 -13.11 -6.85
CA CYS A 59 -3.98 -13.61 -5.71
C CYS A 59 -5.27 -12.85 -5.52
N LEU A 60 -5.25 -11.53 -5.70
CA LEU A 60 -6.45 -10.73 -5.53
C LEU A 60 -7.54 -11.21 -6.49
N SER A 61 -7.17 -11.39 -7.76
CA SER A 61 -8.13 -11.86 -8.75
C SER A 61 -8.63 -13.27 -8.40
N ARG A 62 -7.71 -14.12 -7.92
CA ARG A 62 -8.07 -15.48 -7.53
C ARG A 62 -8.92 -15.49 -6.26
N ALA A 63 -8.58 -14.62 -5.31
CA ALA A 63 -9.32 -14.54 -4.05
C ALA A 63 -10.56 -13.66 -4.20
N PHE A 64 -10.55 -12.76 -5.19
CA PHE A 64 -11.67 -11.87 -5.41
C PHE A 64 -12.81 -12.57 -6.13
N ARG A 65 -13.74 -13.12 -5.34
CA ARG A 65 -14.88 -13.84 -5.87
C ARG A 65 -15.76 -12.96 -6.74
N GLY A 66 -15.94 -11.70 -6.33
CA GLY A 66 -16.75 -10.79 -7.10
C GLY A 66 -16.13 -10.48 -8.44
N SER A 67 -16.95 -10.08 -9.40
CA SER A 67 -16.45 -9.77 -10.73
C SER A 67 -15.93 -8.33 -10.80
N PRO A 68 -14.64 -8.16 -11.13
CA PRO A 68 -14.02 -6.83 -11.25
C PRO A 68 -14.71 -5.96 -12.32
N HIS A 69 -15.49 -6.61 -13.18
CA HIS A 69 -16.25 -5.89 -14.21
C HIS A 69 -17.37 -5.08 -13.55
N ASP A 70 -18.10 -5.74 -12.65
CA ASP A 70 -19.22 -5.10 -11.95
C ASP A 70 -18.78 -4.51 -10.60
N ALA A 71 -17.64 -4.96 -10.07
CA ALA A 71 -17.13 -4.44 -8.81
C ALA A 71 -16.36 -3.16 -9.06
N LEU A 72 -16.11 -2.38 -8.02
CA LEU A 72 -15.36 -1.14 -8.18
C LEU A 72 -14.05 -1.24 -7.40
N ILE A 73 -12.95 -1.35 -8.14
CA ILE A 73 -11.62 -1.48 -7.54
C ILE A 73 -11.00 -0.11 -7.23
N LEU A 74 -10.20 -0.07 -6.16
CA LEU A 74 -9.53 1.17 -5.77
C LEU A 74 -8.01 1.00 -5.80
N ASP A 75 -7.32 1.99 -6.31
CA ASP A 75 -5.88 1.96 -6.34
C ASP A 75 -5.35 3.30 -5.83
N VAL A 76 -4.25 3.27 -5.09
CA VAL A 76 -3.72 4.50 -4.52
C VAL A 76 -2.52 5.02 -5.33
N ALA A 77 -1.80 5.99 -4.75
CA ALA A 77 -0.65 6.61 -5.40
C ALA A 77 0.40 5.58 -5.73
N CYS A 78 0.51 4.55 -4.91
CA CYS A 78 1.46 3.49 -5.13
C CYS A 78 0.92 2.50 -6.18
N GLY A 79 -0.10 2.93 -6.94
CA GLY A 79 -0.68 2.08 -7.95
C GLY A 79 0.12 2.16 -9.25
N THR A 80 1.18 1.36 -9.33
CA THR A 80 2.03 1.35 -10.52
C THR A 80 1.25 0.95 -11.77
N GLY A 81 1.48 1.68 -12.86
CA GLY A 81 0.77 1.43 -14.10
C GLY A 81 0.77 -0.03 -14.50
N LEU A 82 1.93 -0.70 -14.46
CA LEU A 82 2.01 -2.10 -14.85
C LEU A 82 1.07 -2.95 -14.02
N VAL A 83 0.93 -2.62 -12.74
CA VAL A 83 0.00 -3.35 -11.88
C VAL A 83 -1.39 -3.19 -12.49
N ALA A 84 -1.68 -1.97 -12.96
CA ALA A 84 -2.96 -1.68 -13.60
C ALA A 84 -3.05 -2.42 -14.94
N VAL A 85 -1.96 -2.44 -15.70
CA VAL A 85 -1.95 -3.14 -16.99
C VAL A 85 -2.21 -4.61 -16.75
N GLU A 86 -1.61 -5.13 -15.67
CA GLU A 86 -1.82 -6.50 -15.25
C GLU A 86 -3.25 -6.63 -14.73
N LEU A 87 -3.70 -5.57 -14.04
CA LEU A 87 -5.06 -5.56 -13.49
C LEU A 87 -6.06 -5.72 -14.63
N GLN A 88 -5.83 -5.03 -15.75
CA GLN A 88 -6.73 -5.16 -16.89
C GLN A 88 -6.80 -6.60 -17.37
N ALA A 89 -5.64 -7.22 -17.55
CA ALA A 89 -5.57 -8.62 -18.00
C ALA A 89 -6.27 -9.54 -17.02
N ARG A 90 -6.14 -9.28 -15.72
CA ARG A 90 -6.78 -10.09 -14.71
C ARG A 90 -8.30 -10.06 -14.90
N GLY A 91 -8.80 -8.94 -15.41
CA GLY A 91 -10.22 -8.80 -15.67
C GLY A 91 -10.87 -7.66 -14.89
N PHE A 92 -10.08 -6.67 -14.45
CA PHE A 92 -10.64 -5.55 -13.71
C PHE A 92 -11.01 -4.42 -14.67
N LEU A 93 -12.31 -4.19 -14.82
CA LEU A 93 -12.81 -3.16 -15.72
C LEU A 93 -13.29 -1.92 -14.97
N GLN A 94 -13.07 -1.86 -13.66
CA GLN A 94 -13.48 -0.70 -12.89
C GLN A 94 -12.43 -0.38 -11.82
N VAL A 95 -11.79 0.78 -11.90
CA VAL A 95 -10.81 1.14 -10.90
C VAL A 95 -10.84 2.65 -10.58
N GLN A 96 -10.73 2.94 -9.29
CA GLN A 96 -10.71 4.31 -8.80
C GLN A 96 -9.55 4.51 -7.85
N GLY A 97 -9.08 5.74 -7.66
CA GLY A 97 -7.97 5.92 -6.76
C GLY A 97 -7.44 7.34 -6.67
N VAL A 98 -6.28 7.46 -6.03
CA VAL A 98 -5.61 8.74 -5.87
C VAL A 98 -4.10 8.58 -5.90
N ASP A 99 -3.39 9.52 -6.48
CA ASP A 99 -1.93 9.47 -6.53
C ASP A 99 -1.36 10.86 -6.30
N GLY A 100 -0.11 10.95 -5.83
CA GLY A 100 0.48 12.26 -5.56
C GLY A 100 1.38 12.77 -6.66
N SER A 101 2.21 11.91 -7.22
CA SER A 101 3.13 12.33 -8.28
C SER A 101 2.50 12.20 -9.66
N PRO A 102 2.58 13.26 -10.49
CA PRO A 102 2.04 13.25 -11.85
C PRO A 102 2.53 12.02 -12.61
N GLU A 103 3.80 11.67 -12.41
CA GLU A 103 4.37 10.50 -13.07
C GLU A 103 3.60 9.24 -12.66
N MET A 104 3.17 9.21 -11.39
CA MET A 104 2.36 8.11 -10.88
C MET A 104 0.94 8.19 -11.45
N LEU A 105 0.41 9.42 -11.51
CA LEU A 105 -0.92 9.67 -12.07
C LEU A 105 -0.93 9.48 -13.59
N LYS A 106 0.12 9.96 -14.23
CA LYS A 106 0.26 9.88 -15.68
C LYS A 106 0.27 8.44 -16.18
N GLN A 107 1.09 7.59 -15.58
CA GLN A 107 1.16 6.20 -16.03
C GLN A 107 -0.22 5.56 -15.89
N ALA A 108 -0.78 5.66 -14.67
CA ALA A 108 -2.10 5.09 -14.40
C ALA A 108 -3.20 5.74 -15.26
N ARG A 109 -3.22 7.08 -15.26
CA ARG A 109 -4.22 7.83 -16.03
C ARG A 109 -4.01 7.64 -17.54
N ALA A 110 -2.79 7.90 -18.02
CA ALA A 110 -2.49 7.75 -19.44
C ALA A 110 -2.71 6.31 -19.88
N ARG A 111 -2.47 5.38 -18.95
CA ARG A 111 -2.67 3.97 -19.23
C ARG A 111 -4.14 3.73 -19.59
N GLY A 112 -5.03 4.42 -18.87
CA GLY A 112 -6.45 4.27 -19.11
C GLY A 112 -7.05 3.13 -18.31
N LEU A 113 -6.31 2.67 -17.30
CA LEU A 113 -6.77 1.59 -16.43
C LEU A 113 -7.63 2.14 -15.30
N TYR A 114 -7.28 3.33 -14.82
CA TYR A 114 -8.00 3.96 -13.71
C TYR A 114 -9.14 4.85 -14.22
N HIS A 115 -10.38 4.49 -13.88
CA HIS A 115 -11.54 5.27 -14.28
C HIS A 115 -11.51 6.68 -13.70
N HIS A 116 -11.13 6.79 -12.43
CA HIS A 116 -11.09 8.10 -11.77
C HIS A 116 -9.86 8.21 -10.88
N LEU A 117 -9.03 9.23 -11.14
CA LEU A 117 -7.85 9.46 -10.33
C LEU A 117 -7.79 10.89 -9.84
N SER A 118 -7.23 11.07 -8.65
CA SER A 118 -7.13 12.39 -8.06
C SER A 118 -5.79 12.60 -7.35
N LEU A 119 -5.40 13.86 -7.22
CA LEU A 119 -4.17 14.22 -6.54
C LEU A 119 -4.50 14.51 -5.08
N CYS A 120 -3.85 13.82 -4.14
CA CYS A 120 -4.15 14.05 -2.73
C CYS A 120 -3.26 13.26 -1.77
N THR A 121 -2.03 13.73 -1.56
CA THR A 121 -1.13 13.07 -0.61
C THR A 121 -1.85 12.87 0.71
N LEU A 122 -1.56 11.79 1.44
CA LEU A 122 -2.24 11.56 2.70
C LEU A 122 -1.64 10.39 3.47
N GLY A 123 -2.19 10.08 4.66
CA GLY A 123 -1.64 8.99 5.43
C GLY A 123 -1.99 9.04 6.92
N GLN A 124 -1.95 10.20 7.55
CA GLN A 124 -2.31 10.34 8.94
C GLN A 124 -3.62 11.13 9.00
N GLU A 125 -4.30 11.13 7.85
CA GLU A 125 -5.56 11.80 7.66
C GLU A 125 -6.42 10.91 6.76
N PRO A 126 -7.74 11.15 6.67
CA PRO A 126 -8.62 10.31 5.85
C PRO A 126 -8.27 10.32 4.36
N LEU A 127 -8.52 9.19 3.70
CA LEU A 127 -8.25 9.06 2.27
C LEU A 127 -9.35 9.71 1.42
N PRO A 128 -9.00 10.19 0.21
CA PRO A 128 -9.92 10.90 -0.69
C PRO A 128 -11.26 10.20 -0.96
N ASP A 129 -11.28 8.88 -1.13
CA ASP A 129 -12.53 8.18 -1.44
C ASP A 129 -13.48 8.07 -0.25
N PRO A 130 -14.79 7.85 -0.53
CA PRO A 130 -15.83 7.69 0.48
C PRO A 130 -15.85 6.27 1.06
N GLU A 131 -16.67 6.05 2.08
CA GLU A 131 -16.78 4.73 2.70
C GLU A 131 -17.67 3.81 1.88
N GLY A 132 -17.53 2.48 2.10
CA GLY A 132 -18.33 1.52 1.35
C GLY A 132 -18.50 1.91 -0.11
N THR A 133 -17.47 2.55 -0.66
CA THR A 133 -17.49 3.01 -2.03
C THR A 133 -17.05 1.92 -3.01
N PHE A 134 -15.80 1.50 -2.90
CA PHE A 134 -15.26 0.49 -3.81
C PHE A 134 -15.26 -0.91 -3.20
N ASP A 135 -15.52 -1.90 -4.04
CA ASP A 135 -15.58 -3.29 -3.62
C ASP A 135 -14.20 -3.85 -3.25
N ALA A 136 -13.14 -3.18 -3.69
CA ALA A 136 -11.79 -3.65 -3.37
C ALA A 136 -10.75 -2.56 -3.62
N VAL A 137 -9.57 -2.70 -3.01
CA VAL A 137 -8.49 -1.73 -3.20
C VAL A 137 -7.14 -2.44 -3.31
N ILE A 138 -6.27 -1.97 -4.21
CA ILE A 138 -4.97 -2.59 -4.38
C ILE A 138 -3.84 -1.55 -4.51
N ILE A 139 -2.98 -1.50 -3.49
CA ILE A 139 -1.88 -0.54 -3.46
C ILE A 139 -0.54 -1.23 -3.20
N VAL A 140 0.55 -0.72 -3.78
CA VAL A 140 1.86 -1.34 -3.60
C VAL A 140 2.94 -0.35 -3.11
N GLY A 141 3.59 -0.68 -1.99
CA GLY A 141 4.68 0.14 -1.50
C GLY A 141 4.30 1.33 -0.62
N ALA A 142 3.05 1.39 -0.14
CA ALA A 142 2.63 2.50 0.70
C ALA A 142 2.24 2.08 2.13
N LEU A 143 3.18 2.17 3.08
CA LEU A 143 2.89 1.82 4.49
C LEU A 143 3.48 2.86 5.45
N SER A 144 3.25 2.62 6.75
CA SER A 144 3.78 3.51 7.79
C SER A 144 5.30 3.55 7.73
N GLU A 145 5.86 4.56 7.07
CA GLU A 145 7.31 4.73 6.95
C GLU A 145 7.62 5.93 6.04
N GLY A 146 6.92 7.03 6.27
CA GLY A 146 7.10 8.20 5.43
C GLY A 146 6.15 8.19 4.24
N GLN A 147 5.64 6.99 3.90
CA GLN A 147 4.72 6.83 2.77
C GLN A 147 3.24 6.90 3.17
N VAL A 148 2.71 5.79 3.71
CA VAL A 148 1.30 5.74 4.09
C VAL A 148 1.10 5.21 5.52
N PRO A 149 1.01 6.11 6.50
CA PRO A 149 0.80 5.74 7.90
C PRO A 149 -0.28 4.67 8.06
N CYS A 150 0.16 3.48 8.46
CA CYS A 150 -0.71 2.31 8.62
C CYS A 150 -2.09 2.63 9.19
N SER A 151 -2.28 3.73 9.92
CA SER A 151 -3.61 4.07 10.43
C SER A 151 -4.53 4.47 9.30
N ALA A 152 -3.96 5.07 8.24
CA ALA A 152 -4.74 5.50 7.08
C ALA A 152 -5.26 4.32 6.27
N ILE A 153 -4.46 3.27 6.13
CA ILE A 153 -4.86 2.11 5.33
C ILE A 153 -6.29 1.71 5.67
N PRO A 154 -6.60 1.56 6.97
CA PRO A 154 -7.96 1.21 7.42
C PRO A 154 -9.01 2.16 6.83
N GLU A 155 -8.58 3.35 6.41
CA GLU A 155 -9.49 4.28 5.75
C GLU A 155 -9.81 3.72 4.36
N LEU A 156 -8.78 3.20 3.68
CA LEU A 156 -8.97 2.56 2.37
C LEU A 156 -9.86 1.35 2.57
N LEU A 157 -9.62 0.64 3.65
CA LEU A 157 -10.42 -0.52 3.99
C LEU A 157 -11.83 -0.02 4.31
N ARG A 158 -11.90 1.10 5.01
CA ARG A 158 -13.16 1.75 5.35
C ARG A 158 -13.87 2.17 4.06
N VAL A 159 -13.09 2.61 3.06
CA VAL A 159 -13.61 2.99 1.74
C VAL A 159 -14.06 1.73 0.96
N THR A 160 -13.63 0.59 1.48
CA THR A 160 -13.98 -0.71 0.91
C THR A 160 -15.22 -1.25 1.63
N LYS A 161 -16.12 -1.89 0.88
CA LYS A 161 -17.34 -2.44 1.49
C LYS A 161 -17.06 -3.80 2.11
N PRO A 162 -18.01 -4.33 2.88
CA PRO A 162 -17.87 -5.64 3.51
C PRO A 162 -17.67 -6.73 2.47
N GLY A 163 -16.94 -7.79 2.83
CA GLY A 163 -16.69 -8.84 1.87
C GLY A 163 -15.81 -8.37 0.72
N GLY A 164 -15.13 -7.24 0.90
CA GLY A 164 -14.28 -6.72 -0.15
C GLY A 164 -12.87 -7.29 -0.08
N LEU A 165 -12.04 -6.93 -1.06
CA LEU A 165 -10.67 -7.43 -1.09
C LEU A 165 -9.67 -6.28 -1.12
N VAL A 166 -8.71 -6.30 -0.22
CA VAL A 166 -7.69 -5.26 -0.17
C VAL A 166 -6.30 -5.88 -0.26
N CYS A 167 -5.49 -5.42 -1.21
CA CYS A 167 -4.15 -5.94 -1.40
C CYS A 167 -3.11 -4.85 -1.20
N LEU A 168 -2.15 -5.07 -0.29
CA LEU A 168 -1.14 -4.07 -0.02
C LEU A 168 0.25 -4.70 0.18
N THR A 169 1.30 -3.92 -0.10
CA THR A 169 2.68 -4.42 0.05
C THR A 169 3.65 -3.30 0.46
N THR A 170 4.68 -3.66 1.23
CA THR A 170 5.72 -2.71 1.69
C THR A 170 6.65 -3.43 2.68
N ARG A 171 7.51 -2.71 3.43
CA ARG A 171 8.37 -3.35 4.41
C ARG A 171 7.57 -3.66 5.67
N THR A 172 7.38 -4.95 5.95
CA THR A 172 6.59 -5.35 7.11
C THR A 172 7.19 -4.82 8.42
N ASN A 173 8.49 -4.98 8.60
CA ASN A 173 9.13 -4.52 9.83
C ASN A 173 10.46 -3.83 9.61
N PRO A 174 10.45 -2.60 9.10
CA PRO A 174 11.69 -1.84 8.91
C PRO A 174 12.36 -1.63 10.28
N SER A 175 11.52 -1.59 11.32
CA SER A 175 11.98 -1.43 12.70
C SER A 175 11.00 -2.16 13.62
N ASN A 176 11.37 -2.34 14.90
CA ASN A 176 10.48 -3.04 15.82
C ASN A 176 10.21 -4.45 15.31
N LEU A 177 11.29 -5.22 15.12
CA LEU A 177 11.16 -6.59 14.61
C LEU A 177 10.14 -7.40 15.41
N PRO A 178 10.27 -7.41 16.76
CA PRO A 178 9.34 -8.14 17.61
C PRO A 178 7.91 -7.63 17.44
N TYR A 179 7.80 -6.35 17.10
CA TYR A 179 6.50 -5.71 16.89
C TYR A 179 5.68 -6.41 15.81
N LYS A 180 6.31 -7.21 14.93
CA LYS A 180 5.55 -7.90 13.88
C LYS A 180 4.50 -8.81 14.53
N GLU A 181 4.94 -9.64 15.48
CA GLU A 181 4.00 -10.53 16.16
C GLU A 181 2.95 -9.65 16.85
N THR A 182 3.42 -8.55 17.43
CA THR A 182 2.52 -7.59 18.06
C THR A 182 1.55 -7.07 16.99
N LEU A 183 2.11 -6.77 15.81
CA LEU A 183 1.34 -6.30 14.66
C LEU A 183 0.29 -7.32 14.24
N GLU A 184 0.70 -8.57 14.15
CA GLU A 184 -0.21 -9.64 13.74
C GLU A 184 -1.37 -9.72 14.71
N ALA A 185 -1.07 -9.57 16.00
CA ALA A 185 -2.12 -9.59 17.02
C ALA A 185 -3.09 -8.43 16.79
N THR A 186 -2.56 -7.29 16.34
CA THR A 186 -3.39 -6.11 16.07
C THR A 186 -4.45 -6.41 15.02
N LEU A 187 -4.07 -7.10 13.95
CA LEU A 187 -5.02 -7.46 12.90
C LEU A 187 -6.13 -8.30 13.51
N ASP A 188 -5.73 -9.23 14.37
CA ASP A 188 -6.67 -10.14 15.01
C ASP A 188 -7.70 -9.34 15.82
N SER A 189 -7.26 -8.29 16.51
CA SER A 189 -8.18 -7.46 17.28
C SER A 189 -9.23 -6.86 16.34
N LEU A 190 -8.79 -6.32 15.20
CA LEU A 190 -9.71 -5.75 14.23
C LEU A 190 -10.66 -6.84 13.74
N GLU A 191 -10.09 -8.04 13.52
CA GLU A 191 -10.88 -9.18 13.09
C GLU A 191 -11.93 -9.51 14.15
N ARG A 192 -11.47 -9.57 15.39
CA ARG A 192 -12.36 -9.88 16.52
C ARG A 192 -13.47 -8.85 16.62
N ALA A 193 -13.13 -7.58 16.40
CA ALA A 193 -14.11 -6.51 16.45
C ALA A 193 -15.12 -6.63 15.31
N GLY A 194 -14.72 -7.33 14.25
CA GLY A 194 -15.61 -7.50 13.11
C GLY A 194 -15.29 -6.59 11.94
N VAL A 195 -14.34 -5.68 12.11
CA VAL A 195 -13.99 -4.73 11.04
C VAL A 195 -13.53 -5.47 9.78
N TRP A 196 -12.60 -6.40 9.94
CA TRP A 196 -12.07 -7.13 8.77
C TRP A 196 -11.53 -8.51 9.13
N GLU A 197 -11.50 -9.45 8.17
CA GLU A 197 -10.98 -10.79 8.40
C GLU A 197 -9.94 -11.16 7.35
N CYS A 198 -8.68 -11.32 7.78
CA CYS A 198 -7.60 -11.65 6.85
C CYS A 198 -7.83 -12.99 6.14
N LEU A 199 -7.73 -12.97 4.80
CA LEU A 199 -7.92 -14.19 4.01
C LEU A 199 -6.62 -14.97 3.86
N VAL A 200 -5.61 -14.32 3.28
CA VAL A 200 -4.33 -14.96 3.05
C VAL A 200 -3.18 -13.96 3.07
N THR A 201 -1.97 -14.46 3.30
CA THR A 201 -0.77 -13.62 3.28
C THR A 201 0.26 -14.28 2.38
N GLN A 202 0.60 -13.62 1.28
CA GLN A 202 1.55 -14.18 0.32
C GLN A 202 3.02 -14.01 0.75
N PRO A 203 3.81 -15.09 0.61
CA PRO A 203 5.24 -15.11 0.96
C PRO A 203 6.08 -14.09 0.19
N VAL A 204 7.15 -13.63 0.84
CA VAL A 204 8.05 -12.64 0.25
C VAL A 204 9.50 -12.95 0.65
N ASP A 205 10.41 -11.98 0.55
CA ASP A 205 11.80 -12.18 0.96
C ASP A 205 12.03 -11.55 2.34
N HIS A 206 10.94 -11.12 2.97
CA HIS A 206 11.01 -10.47 4.27
C HIS A 206 11.74 -11.32 5.30
N TRP A 207 11.58 -12.64 5.22
CA TRP A 207 12.23 -13.55 6.16
C TRP A 207 13.75 -13.42 6.09
N GLU A 208 14.31 -13.47 4.88
CA GLU A 208 15.76 -13.46 4.68
C GLU A 208 16.45 -12.22 5.25
N LEU A 209 15.86 -11.04 5.13
CA LEU A 209 16.52 -9.85 5.67
C LEU A 209 16.72 -10.01 7.18
N ALA A 210 15.68 -10.46 7.89
CA ALA A 210 15.80 -10.70 9.33
C ALA A 210 16.68 -11.92 9.59
N THR A 211 16.51 -12.95 8.76
CA THR A 211 17.27 -14.20 8.90
C THR A 211 18.75 -13.94 8.74
N SER A 212 19.56 -14.62 9.56
CA SER A 212 21.00 -14.47 9.51
C SER A 212 21.69 -15.83 9.59
N GLU A 213 22.90 -15.92 9.03
CA GLU A 213 23.65 -17.17 9.05
C GLU A 213 23.99 -17.57 10.48
N GLN A 214 24.04 -18.88 10.74
CA GLN A 214 24.33 -19.37 12.09
C GLN A 214 25.70 -18.89 12.58
N GLU A 215 26.67 -18.88 11.69
CA GLU A 215 28.02 -18.42 12.04
C GLU A 215 27.98 -16.96 12.50
N THR A 216 28.75 -16.64 13.53
CA THR A 216 28.77 -15.28 14.05
C THR A 216 29.22 -14.32 12.95
N GLY A 217 30.37 -14.62 12.33
CA GLY A 217 30.88 -13.78 11.26
C GLY A 217 31.03 -12.31 11.63
N LEU A 218 30.91 -11.97 12.93
CA LEU A 218 31.04 -10.59 13.36
C LEU A 218 29.97 -9.72 12.68
N GLY A 219 28.71 -10.11 12.82
CA GLY A 219 27.64 -9.33 12.22
C GLY A 219 26.40 -10.14 11.86
N THR A 220 25.95 -11.02 12.75
CA THR A 220 24.74 -11.81 12.48
C THR A 220 23.52 -10.90 12.48
N CYS A 221 23.49 -9.95 13.41
CA CYS A 221 22.39 -9.01 13.52
C CYS A 221 22.76 -7.67 12.87
N ALA A 222 23.98 -7.56 12.35
CA ALA A 222 24.44 -6.33 11.71
C ALA A 222 23.77 -6.12 10.35
N ASN A 223 23.93 -7.10 9.45
CA ASN A 223 23.33 -7.00 8.11
C ASN A 223 21.99 -7.74 8.07
N ASP A 224 21.73 -8.59 9.06
CA ASP A 224 20.49 -9.34 9.12
C ASP A 224 19.77 -9.10 10.44
N GLY A 225 18.45 -9.20 10.40
CA GLY A 225 17.65 -8.97 11.60
C GLY A 225 16.55 -7.95 11.38
N PHE A 226 16.25 -7.63 10.11
CA PHE A 226 15.21 -6.68 9.77
C PHE A 226 14.29 -7.30 8.73
N ILE A 227 12.97 -7.25 8.92
CA ILE A 227 12.06 -7.90 7.98
C ILE A 227 11.30 -6.85 7.17
N SER A 228 11.29 -7.04 5.85
CA SER A 228 10.63 -6.11 4.95
C SER A 228 10.00 -6.81 3.74
N GLY A 229 9.27 -6.02 2.94
CA GLY A 229 8.61 -6.53 1.77
C GLY A 229 7.74 -7.73 2.09
N ILE A 230 6.42 -7.55 2.08
CA ILE A 230 5.47 -8.63 2.29
C ILE A 230 4.13 -8.24 1.70
N ILE A 231 3.37 -9.19 1.16
CA ILE A 231 2.08 -8.86 0.58
C ILE A 231 1.00 -9.61 1.36
N TYR A 232 -0.22 -9.08 1.33
CA TYR A 232 -1.31 -9.76 2.01
C TYR A 232 -2.67 -9.18 1.62
N LEU A 233 -3.72 -9.99 1.75
CA LEU A 233 -5.06 -9.55 1.41
C LEU A 233 -6.03 -9.82 2.55
N TYR A 234 -6.86 -8.82 2.87
CA TYR A 234 -7.83 -8.94 3.95
C TYR A 234 -9.24 -8.64 3.45
N ARG A 235 -10.24 -9.24 4.10
CA ARG A 235 -11.63 -8.99 3.75
C ARG A 235 -12.17 -7.83 4.57
N LYS A 236 -13.12 -7.10 4.02
CA LYS A 236 -13.71 -5.99 4.74
C LYS A 236 -14.94 -6.44 5.52
N GLN A 237 -15.08 -5.92 6.74
CA GLN A 237 -16.19 -6.26 7.62
C GLN A 237 -16.49 -7.75 7.58
N GLU A 238 -15.81 -8.47 8.46
CA GLU A 238 -15.96 -9.91 8.61
C GLU A 238 -15.85 -10.31 10.06
N THR A 239 -16.17 -11.56 10.38
CA THR A 239 -16.13 -12.02 11.76
C THR A 239 -15.15 -13.18 11.94
N VAL A 240 -14.27 -13.04 12.94
CA VAL A 240 -13.27 -14.07 13.22
C VAL A 240 -12.44 -13.69 14.45
#